data_6TY1
#
_entry.id   6TY1
#
_cell.length_a   68.990
_cell.length_b   212.670
_cell.length_c   154.900
_cell.angle_alpha   90.000
_cell.angle_beta   101.580
_cell.angle_gamma   90.000
#
_symmetry.space_group_name_H-M   'P 1 21 1'
#
loop_
_entity.id
_entity.type
_entity.pdbx_description
1 polymer Hemagglutinin
2 polymer 'Hemagglutinin HA2'
3 branched 'N-acetyl-alpha-neuraminic acid-(2-6)-beta-D-galactopyranose-(1-4)-2-acetamido-2-deoxy-beta-D-glucopyranose'
4 branched 'N-acetyl-alpha-neuraminic acid-(2-6)-beta-D-galactopyranose'
5 non-polymer 2-acetamido-2-deoxy-beta-D-glucopyranose
6 non-polymer 'N-acetyl-alpha-neuraminic acid'
7 water water
#
loop_
_entity_poly.entity_id
_entity_poly.type
_entity_poly.pdbx_seq_one_letter_code
_entity_poly.pdbx_strand_id
1 'polypeptide(L)'
;DPDKICLGHHAVANGTIVKTLTNEQEEVTNATETVESTSLNRLCMKGRNHKDLGNCHPIGMLIGTPACDLHLTGTWDTLI
ERKNAIAYCYPGATVNEEALRQKIMESGGISKINTGFTYGSSINSAGTTKACMRNGGNSFYAELKWLVSKNKGQNFPQTT
NTYRNADTAEHLIMWGIHHPSSTQEKNDLYGTQSLSISVGSSTYKNNFVPVVGARPQVNGLSSRIDFHWTLVQPGDKITF
SHNGGLIAPSRVSKLIGRGLGIQSEAPIDNSCESKCFWRGGSINTRLPFQNLSPRTVGQCPKYVNKKSLMLATGMRNVPE
LVQGR
;
A,C,E,G,I,K
2 'polypeptide(L)'
;GLFGAIAGFIENGWEGMVDGWYGFRHQNAQGTGQAADYKSTQAAIDQITGKLNRIIKKTNTEFESIESEFSEIDHQIGNV
INWTKDSITDIWTYQAELLVAMENQHTIDMADSEMLNLYERVRKQLRQNAEEDGKGCFEIYHACDDSCMESIRNNTYDHS
QYREEALLNRLNINPVK
;
B,D,F,H,J,L
#
# COMPACT_ATOMS: atom_id res chain seq x y z
N ASP A 1 39.89 1.39 -53.97
CA ASP A 1 39.14 1.98 -55.13
C ASP A 1 37.63 2.05 -54.81
N PRO A 2 36.89 0.92 -54.63
CA PRO A 2 35.45 0.99 -54.39
C PRO A 2 35.08 1.23 -52.91
N ASP A 3 34.06 2.08 -52.65
CA ASP A 3 33.43 2.30 -51.32
C ASP A 3 33.02 0.94 -50.76
N LYS A 4 33.05 0.78 -49.43
CA LYS A 4 32.62 -0.44 -48.71
C LYS A 4 31.74 -0.08 -47.48
N ILE A 5 30.80 -0.99 -47.17
CA ILE A 5 30.07 -1.11 -45.87
C ILE A 5 30.22 -2.55 -45.39
N CYS A 6 30.66 -2.73 -44.13
CA CYS A 6 31.00 -4.04 -43.54
C CYS A 6 29.99 -4.45 -42.48
N LEU A 7 29.70 -5.74 -42.38
CA LEU A 7 28.87 -6.33 -41.29
C LEU A 7 29.75 -7.16 -40.36
N GLY A 8 29.41 -7.12 -39.07
CA GLY A 8 30.22 -7.73 -38.01
C GLY A 8 29.52 -7.79 -36.67
N HIS A 9 30.13 -8.54 -35.77
CA HIS A 9 29.61 -8.87 -34.43
C HIS A 9 30.65 -8.43 -33.39
N HIS A 10 30.21 -8.17 -32.17
CA HIS A 10 31.11 -7.72 -31.07
C HIS A 10 31.90 -8.93 -30.56
N ALA A 11 32.75 -8.67 -29.57
CA ALA A 11 33.70 -9.64 -28.98
C ALA A 11 34.34 -9.03 -27.72
N VAL A 12 35.23 -9.79 -27.07
CA VAL A 12 36.04 -9.36 -25.90
C VAL A 12 37.31 -10.22 -25.89
N ALA A 13 38.31 -9.89 -25.07
CA ALA A 13 39.59 -10.63 -25.03
C ALA A 13 39.48 -11.72 -23.97
N ASN A 14 38.85 -11.39 -22.84
CA ASN A 14 38.53 -12.33 -21.73
C ASN A 14 37.07 -12.77 -21.90
N GLY A 15 36.85 -13.84 -22.67
CA GLY A 15 35.54 -14.48 -22.88
C GLY A 15 35.44 -15.77 -22.08
N THR A 16 34.22 -16.20 -21.75
CA THR A 16 33.92 -17.39 -20.90
C THR A 16 33.77 -18.65 -21.75
N ILE A 17 34.09 -19.81 -21.16
CA ILE A 17 33.96 -21.15 -21.81
C ILE A 17 32.67 -21.80 -21.28
N VAL A 18 31.84 -22.31 -22.19
CA VAL A 18 30.61 -23.08 -21.84
C VAL A 18 30.62 -24.39 -22.61
N LYS A 19 29.66 -25.26 -22.30
CA LYS A 19 29.48 -26.57 -22.97
C LYS A 19 28.17 -26.54 -23.78
N THR A 20 28.24 -27.06 -25.01
CA THR A 20 27.09 -27.30 -25.94
C THR A 20 26.97 -28.79 -26.26
N LEU A 21 26.03 -29.16 -27.13
CA LEU A 21 25.79 -30.57 -27.54
C LEU A 21 27.01 -31.14 -28.27
N THR A 22 27.74 -30.26 -28.95
CA THR A 22 28.86 -30.62 -29.86
C THR A 22 30.19 -30.28 -29.18
N ASN A 23 30.33 -29.07 -28.64
CA ASN A 23 31.63 -28.58 -28.13
C ASN A 23 31.56 -28.54 -26.60
N GLU A 24 32.66 -28.93 -25.94
CA GLU A 24 32.80 -28.93 -24.46
C GLU A 24 33.69 -27.78 -24.02
N GLN A 25 34.23 -27.00 -24.98
CA GLN A 25 35.23 -25.92 -24.74
C GLN A 25 34.82 -24.68 -25.54
N GLU A 26 33.53 -24.48 -25.82
CA GLU A 26 33.04 -23.37 -26.69
C GLU A 26 33.14 -22.03 -25.92
N GLU A 27 33.88 -21.08 -26.50
CA GLU A 27 34.12 -19.73 -25.93
C GLU A 27 33.00 -18.79 -26.38
N VAL A 28 32.42 -18.02 -25.46
CA VAL A 28 31.29 -17.07 -25.75
C VAL A 28 31.56 -15.71 -25.08
N THR A 29 30.81 -14.68 -25.48
CA THR A 29 30.93 -13.28 -25.00
C THR A 29 30.64 -13.23 -23.50
N ASN A 30 29.39 -13.45 -23.07
CA ASN A 30 28.93 -13.44 -21.65
C ASN A 30 28.24 -14.79 -21.39
N ALA A 31 28.35 -15.29 -20.16
CA ALA A 31 27.64 -16.50 -19.67
C ALA A 31 27.28 -16.31 -18.19
N THR A 32 26.57 -17.27 -17.60
CA THR A 32 26.12 -17.21 -16.18
C THR A 32 26.06 -18.62 -15.58
N GLU A 33 26.18 -18.70 -14.26
CA GLU A 33 26.11 -19.96 -13.49
C GLU A 33 24.62 -20.33 -13.30
N THR A 34 24.32 -21.63 -13.26
CA THR A 34 22.97 -22.18 -12.98
C THR A 34 22.96 -23.04 -11.71
N VAL A 35 24.15 -23.44 -11.24
CA VAL A 35 24.35 -24.27 -10.01
C VAL A 35 24.90 -23.36 -8.91
N GLU A 36 24.14 -23.20 -7.80
CA GLU A 36 24.59 -22.44 -6.62
C GLU A 36 25.48 -23.35 -5.76
N SER A 37 26.71 -22.89 -5.50
CA SER A 37 27.77 -23.64 -4.76
C SER A 37 27.93 -23.06 -3.35
N THR A 38 27.38 -21.86 -3.11
CA THR A 38 27.59 -21.11 -1.85
C THR A 38 26.32 -21.17 -1.01
N SER A 39 26.47 -21.39 0.30
CA SER A 39 25.36 -21.49 1.29
C SER A 39 25.40 -20.29 2.24
N LEU A 40 24.33 -20.08 3.00
CA LEU A 40 24.33 -19.22 4.21
C LEU A 40 24.53 -20.10 5.46
N ASN A 41 25.41 -19.66 6.37
CA ASN A 41 25.70 -20.41 7.63
C ASN A 41 24.55 -20.25 8.62
N ARG A 42 23.46 -19.60 8.22
CA ARG A 42 22.36 -19.19 9.14
C ARG A 42 20.99 -19.61 8.58
N LEU A 43 20.02 -19.78 9.48
CA LEU A 43 18.58 -19.96 9.18
C LEU A 43 17.92 -18.60 9.08
N CYS A 44 17.08 -18.39 8.08
CA CYS A 44 16.55 -17.06 7.68
C CYS A 44 15.04 -16.98 7.97
N MET A 45 14.70 -16.55 9.19
CA MET A 45 13.31 -16.60 9.73
C MET A 45 12.66 -15.22 9.64
N LYS A 46 13.07 -14.38 8.68
CA LYS A 46 12.36 -13.10 8.38
C LYS A 46 10.98 -13.49 7.86
N GLY A 47 9.97 -12.67 8.20
CA GLY A 47 8.57 -12.88 7.86
C GLY A 47 8.08 -14.28 8.21
N ARG A 48 8.75 -14.96 9.13
CA ARG A 48 8.35 -16.30 9.64
C ARG A 48 8.04 -16.20 11.15
N ASN A 49 6.84 -16.58 11.55
CA ASN A 49 6.45 -16.83 12.97
C ASN A 49 7.04 -18.19 13.38
N HIS A 50 8.36 -18.25 13.58
CA HIS A 50 9.11 -19.51 13.84
C HIS A 50 9.28 -19.75 15.33
N LYS A 51 9.60 -20.99 15.71
CA LYS A 51 9.91 -21.40 17.10
C LYS A 51 11.18 -22.24 17.05
N ASP A 52 12.28 -21.72 17.56
CA ASP A 52 13.53 -22.49 17.81
C ASP A 52 13.35 -23.26 19.12
N LEU A 53 13.59 -24.57 19.12
CA LEU A 53 13.38 -25.44 20.31
C LEU A 53 14.61 -25.44 21.20
N GLY A 54 15.79 -25.11 20.66
CA GLY A 54 17.05 -25.36 21.38
C GLY A 54 17.12 -26.83 21.75
N ASN A 55 17.53 -27.16 22.98
CA ASN A 55 17.80 -28.56 23.41
C ASN A 55 16.46 -29.26 23.73
N CYS A 56 15.31 -28.67 23.43
CA CYS A 56 13.99 -29.36 23.46
C CYS A 56 13.79 -30.14 22.15
N HIS A 57 13.47 -31.43 22.25
CA HIS A 57 13.14 -32.31 21.10
C HIS A 57 11.62 -32.27 20.90
N PRO A 58 11.14 -32.25 19.65
CA PRO A 58 9.71 -32.13 19.35
C PRO A 58 8.79 -33.01 20.21
N ILE A 59 9.16 -34.29 20.37
CA ILE A 59 8.38 -35.29 21.16
C ILE A 59 8.15 -34.70 22.56
N GLY A 60 9.24 -34.27 23.20
CA GLY A 60 9.25 -33.74 24.58
C GLY A 60 8.14 -32.74 24.81
N MET A 61 7.76 -31.97 23.78
CA MET A 61 6.74 -30.91 23.86
C MET A 61 5.39 -31.51 24.29
N LEU A 62 5.05 -32.71 23.79
CA LEU A 62 3.72 -33.31 24.00
C LEU A 62 3.65 -33.98 25.38
N ILE A 63 4.79 -34.43 25.89
CA ILE A 63 4.88 -35.16 27.19
C ILE A 63 5.34 -34.20 28.30
N GLY A 64 6.10 -33.16 27.94
CA GLY A 64 6.49 -32.06 28.85
C GLY A 64 7.75 -32.37 29.63
N THR A 65 8.81 -32.83 28.96
CA THR A 65 10.19 -32.95 29.49
C THR A 65 10.61 -31.60 30.09
N PRO A 66 11.52 -31.58 31.09
CA PRO A 66 11.91 -30.32 31.72
C PRO A 66 12.28 -29.26 30.69
N ALA A 67 13.19 -29.60 29.77
CA ALA A 67 13.70 -28.70 28.71
C ALA A 67 12.53 -28.02 27.99
N CYS A 68 11.53 -28.79 27.58
CA CYS A 68 10.46 -28.34 26.64
C CYS A 68 9.43 -27.48 27.38
N ASP A 69 9.60 -27.24 28.68
CA ASP A 69 8.63 -26.51 29.53
C ASP A 69 8.16 -25.23 28.84
N LEU A 70 9.03 -24.53 28.11
CA LEU A 70 8.72 -23.26 27.41
C LEU A 70 7.93 -23.53 26.12
N HIS A 71 7.91 -24.77 25.65
CA HIS A 71 7.37 -25.19 24.33
C HIS A 71 6.21 -26.18 24.49
N LEU A 72 5.51 -26.15 25.61
CA LEU A 72 4.36 -27.07 25.83
C LEU A 72 3.25 -26.74 24.84
N THR A 73 2.94 -25.44 24.65
CA THR A 73 1.93 -24.98 23.66
C THR A 73 2.52 -23.85 22.80
N GLY A 74 1.73 -23.36 21.85
CA GLY A 74 2.11 -22.26 20.93
C GLY A 74 1.65 -22.53 19.52
N THR A 75 1.70 -21.49 18.69
CA THR A 75 1.38 -21.50 17.24
C THR A 75 2.58 -20.90 16.50
N TRP A 76 2.96 -21.49 15.36
CA TRP A 76 4.09 -21.04 14.51
C TRP A 76 3.85 -21.45 13.04
N ASP A 77 4.88 -21.34 12.19
CA ASP A 77 4.86 -21.78 10.77
C ASP A 77 6.16 -22.53 10.47
N THR A 78 7.13 -22.46 11.39
CA THR A 78 8.46 -23.11 11.23
C THR A 78 8.97 -23.69 12.55
N LEU A 79 9.20 -25.01 12.58
CA LEU A 79 9.75 -25.73 13.75
C LEU A 79 11.22 -26.00 13.49
N ILE A 80 12.08 -25.78 14.49
CA ILE A 80 13.56 -25.92 14.34
C ILE A 80 14.09 -26.86 15.42
N GLU A 81 14.26 -28.14 15.10
CA GLU A 81 14.84 -29.16 16.01
C GLU A 81 16.35 -28.94 16.01
N ARG A 82 17.05 -29.36 17.07
CA ARG A 82 18.53 -29.21 17.21
C ARG A 82 19.15 -30.55 17.56
N LYS A 83 20.47 -30.63 17.61
CA LYS A 83 21.22 -31.90 17.82
C LYS A 83 21.19 -32.27 19.30
N ASN A 84 21.14 -33.58 19.59
CA ASN A 84 21.10 -34.15 20.95
C ASN A 84 19.92 -33.57 21.75
N ALA A 85 18.93 -32.97 21.09
CA ALA A 85 17.75 -32.37 21.73
C ALA A 85 17.13 -33.40 22.69
N ILE A 86 16.73 -32.97 23.88
CA ILE A 86 16.28 -33.85 25.00
C ILE A 86 14.75 -34.00 24.92
N ALA A 87 14.28 -35.24 24.80
CA ALA A 87 12.84 -35.60 24.75
C ALA A 87 12.49 -36.50 25.93
N TYR A 88 13.50 -37.07 26.60
CA TYR A 88 13.28 -38.11 27.64
C TYR A 88 14.21 -37.83 28.81
N CYS A 89 13.72 -37.12 29.84
CA CYS A 89 14.46 -36.92 31.11
C CYS A 89 14.69 -38.30 31.75
N TYR A 90 13.62 -39.08 31.93
CA TYR A 90 13.69 -40.47 32.45
C TYR A 90 13.94 -41.41 31.28
N PRO A 91 14.92 -42.33 31.39
CA PRO A 91 15.28 -43.21 30.28
C PRO A 91 14.06 -43.91 29.66
N GLY A 92 14.22 -44.32 28.40
CA GLY A 92 13.19 -44.91 27.55
C GLY A 92 13.20 -44.28 26.18
N ALA A 93 12.33 -44.77 25.29
CA ALA A 93 12.10 -44.19 23.95
C ALA A 93 10.63 -44.37 23.58
N THR A 94 10.11 -43.54 22.69
CA THR A 94 8.74 -43.61 22.14
C THR A 94 8.68 -44.71 21.08
N VAL A 95 7.69 -45.62 21.15
CA VAL A 95 7.46 -46.65 20.09
C VAL A 95 6.87 -45.92 18.89
N ASN A 96 7.44 -46.19 17.71
CA ASN A 96 7.10 -45.50 16.45
C ASN A 96 7.60 -44.05 16.55
N GLU A 97 8.84 -43.88 17.03
CA GLU A 97 9.43 -42.57 17.45
C GLU A 97 9.49 -41.63 16.26
N GLU A 98 10.14 -42.08 15.17
CA GLU A 98 10.45 -41.22 14.01
C GLU A 98 9.14 -40.62 13.50
N ALA A 99 8.15 -41.48 13.25
CA ALA A 99 6.83 -41.09 12.73
C ALA A 99 6.31 -39.88 13.53
N LEU A 100 6.43 -39.93 14.85
CA LEU A 100 5.87 -38.90 15.77
C LEU A 100 6.58 -37.57 15.48
N ARG A 101 7.90 -37.54 15.60
CA ARG A 101 8.71 -36.33 15.34
C ARG A 101 8.21 -35.70 14.04
N GLN A 102 8.21 -36.47 12.95
CA GLN A 102 7.86 -36.00 11.57
C GLN A 102 6.47 -35.36 11.61
N LYS A 103 5.54 -35.92 12.38
CA LYS A 103 4.13 -35.43 12.51
C LYS A 103 4.15 -34.08 13.24
N ILE A 104 4.96 -34.00 14.29
CA ILE A 104 5.14 -32.78 15.13
C ILE A 104 5.84 -31.73 14.27
N MET A 105 6.87 -32.12 13.51
CA MET A 105 7.69 -31.17 12.69
C MET A 105 6.83 -30.59 11.58
N GLU A 106 5.93 -31.40 10.98
CA GLU A 106 5.05 -30.88 9.90
C GLU A 106 3.89 -30.12 10.52
N SER A 107 3.65 -30.18 11.82
CA SER A 107 2.59 -29.41 12.52
C SER A 107 2.99 -27.94 12.61
N GLY A 108 2.00 -27.07 12.59
CA GLY A 108 2.18 -25.62 12.68
C GLY A 108 2.00 -25.11 14.08
N GLY A 109 1.52 -25.90 15.03
CA GLY A 109 1.34 -25.45 16.42
C GLY A 109 0.86 -26.58 17.32
N ILE A 110 0.78 -26.32 18.64
CA ILE A 110 0.29 -27.31 19.65
C ILE A 110 -0.71 -26.62 20.61
N SER A 111 -1.93 -27.15 20.72
CA SER A 111 -2.90 -26.93 21.82
C SER A 111 -2.74 -28.06 22.82
N LYS A 112 -3.08 -27.83 24.09
CA LYS A 112 -3.18 -28.90 25.12
C LYS A 112 -4.60 -28.87 25.69
N ILE A 113 -5.25 -30.04 25.77
CA ILE A 113 -6.55 -30.22 26.49
C ILE A 113 -6.31 -31.23 27.63
N ASN A 114 -6.98 -31.02 28.76
CA ASN A 114 -6.84 -31.83 29.99
C ASN A 114 -7.67 -33.10 29.85
N THR A 115 -7.13 -34.24 30.29
CA THR A 115 -7.82 -35.56 30.30
C THR A 115 -8.95 -35.53 31.33
N GLY A 116 -8.70 -34.89 32.48
CA GLY A 116 -9.63 -34.83 33.62
C GLY A 116 -9.46 -36.01 34.57
N PHE A 117 -8.71 -37.04 34.14
CA PHE A 117 -8.56 -38.34 34.83
C PHE A 117 -8.31 -38.16 36.32
N THR A 118 -9.12 -38.82 37.15
CA THR A 118 -8.97 -38.87 38.63
C THR A 118 -8.95 -40.33 39.08
N TYR A 119 -8.31 -40.59 40.21
CA TYR A 119 -8.01 -41.96 40.74
C TYR A 119 -8.28 -42.00 42.25
N GLY A 120 -8.80 -43.13 42.76
CA GLY A 120 -8.98 -43.38 44.21
C GLY A 120 -7.63 -43.30 44.93
N SER A 121 -7.64 -42.94 46.22
CA SER A 121 -6.43 -42.55 46.99
C SER A 121 -5.63 -43.79 47.46
N SER A 122 -5.98 -44.99 47.00
CA SER A 122 -5.11 -46.20 47.03
C SER A 122 -3.96 -46.02 46.03
N ILE A 123 -4.07 -45.02 45.13
CA ILE A 123 -3.12 -44.67 44.02
C ILE A 123 -2.43 -43.33 44.34
N ASN A 124 -1.13 -43.24 44.01
CA ASN A 124 -0.28 -42.03 44.17
C ASN A 124 0.10 -41.48 42.79
N SER A 125 -0.66 -40.48 42.31
CA SER A 125 -0.58 -39.87 40.96
C SER A 125 0.40 -38.69 40.97
N ALA A 126 0.96 -38.37 42.13
CA ALA A 126 1.95 -37.27 42.31
C ALA A 126 3.38 -37.81 42.15
N GLY A 127 3.55 -39.02 41.58
CA GLY A 127 4.82 -39.78 41.61
C GLY A 127 5.89 -39.12 40.77
N THR A 128 6.94 -38.60 41.40
CA THR A 128 8.04 -37.83 40.74
C THR A 128 9.31 -38.67 40.69
N THR A 129 10.39 -38.13 40.12
CA THR A 129 11.70 -38.82 39.96
C THR A 129 12.85 -37.80 39.94
N LYS A 130 14.08 -38.29 40.16
CA LYS A 130 15.33 -37.49 40.14
C LYS A 130 15.67 -37.17 38.68
N ALA A 131 15.32 -38.07 37.75
CA ALA A 131 15.68 -37.99 36.31
C ALA A 131 15.13 -36.70 35.71
N CYS A 132 13.92 -36.28 36.09
CA CYS A 132 13.23 -35.06 35.57
C CYS A 132 13.20 -33.95 36.63
N MET A 133 14.32 -33.25 36.81
CA MET A 133 14.48 -32.18 37.82
C MET A 133 13.68 -30.93 37.41
N ARG A 134 13.11 -30.22 38.37
CA ARG A 134 12.37 -28.94 38.17
C ARG A 134 12.39 -28.13 39.47
N ASN A 135 12.96 -26.92 39.44
CA ASN A 135 13.20 -26.04 40.62
C ASN A 135 14.00 -26.80 41.66
N GLY A 136 15.11 -27.42 41.25
CA GLY A 136 16.05 -28.13 42.13
C GLY A 136 15.38 -29.20 42.97
N GLY A 137 14.27 -29.77 42.47
CA GLY A 137 13.49 -30.81 43.16
C GLY A 137 12.97 -31.84 42.17
N ASN A 138 12.80 -33.09 42.61
CA ASN A 138 12.21 -34.20 41.81
C ASN A 138 10.86 -33.77 41.20
N SER A 139 10.65 -34.12 39.94
CA SER A 139 9.42 -33.81 39.16
C SER A 139 9.27 -34.85 38.05
N PHE A 140 8.29 -34.66 37.18
CA PHE A 140 7.94 -35.62 36.09
C PHE A 140 7.51 -34.84 34.86
N TYR A 141 7.33 -35.57 33.76
CA TYR A 141 6.71 -35.08 32.50
C TYR A 141 5.38 -34.38 32.84
N ALA A 142 5.29 -33.08 32.55
CA ALA A 142 4.17 -32.18 32.95
C ALA A 142 2.83 -32.72 32.46
N GLU A 143 2.82 -33.39 31.30
CA GLU A 143 1.60 -33.81 30.58
C GLU A 143 1.28 -35.27 30.91
N LEU A 144 2.05 -35.90 31.80
CA LEU A 144 1.82 -37.29 32.28
C LEU A 144 1.84 -37.32 33.81
N LYS A 145 1.21 -38.35 34.39
CA LYS A 145 1.20 -38.64 35.84
C LYS A 145 1.85 -40.01 36.05
N TRP A 146 2.73 -40.13 37.05
CA TRP A 146 3.25 -41.46 37.49
C TRP A 146 2.28 -42.05 38.52
N LEU A 147 1.56 -43.11 38.11
CA LEU A 147 0.60 -43.88 38.94
C LEU A 147 1.33 -45.05 39.61
N VAL A 148 1.54 -44.96 40.92
CA VAL A 148 2.04 -46.05 41.82
C VAL A 148 1.07 -46.20 43.00
N SER A 149 1.08 -47.36 43.68
CA SER A 149 0.21 -47.61 44.86
C SER A 149 0.72 -46.79 46.05
N LYS A 150 -0.20 -46.43 46.95
CA LYS A 150 0.07 -45.51 48.10
C LYS A 150 0.94 -46.24 49.13
N ASN A 151 0.60 -47.49 49.46
CA ASN A 151 1.31 -48.30 50.49
C ASN A 151 2.31 -49.24 49.78
N LYS A 152 3.60 -49.06 50.05
CA LYS A 152 4.72 -49.81 49.40
C LYS A 152 4.48 -51.32 49.51
N GLY A 153 4.28 -52.01 48.38
CA GLY A 153 4.04 -53.46 48.34
C GLY A 153 2.59 -53.81 48.07
N GLN A 154 1.66 -52.92 48.44
CA GLN A 154 0.19 -53.09 48.20
C GLN A 154 -0.04 -53.22 46.68
N ASN A 155 -0.93 -54.13 46.27
CA ASN A 155 -1.29 -54.31 44.83
C ASN A 155 -2.03 -53.07 44.34
N PHE A 156 -1.67 -52.61 43.14
CA PHE A 156 -2.24 -51.38 42.50
C PHE A 156 -3.68 -51.67 42.12
N PRO A 157 -4.64 -50.79 42.51
CA PRO A 157 -6.06 -51.00 42.21
C PRO A 157 -6.37 -50.95 40.72
N GLN A 158 -7.19 -51.90 40.25
CA GLN A 158 -7.81 -51.90 38.91
C GLN A 158 -8.52 -50.56 38.71
N THR A 159 -8.10 -49.78 37.71
CA THR A 159 -8.71 -48.47 37.37
C THR A 159 -9.06 -48.47 35.88
N THR A 160 -10.08 -47.67 35.53
CA THR A 160 -10.51 -47.37 34.16
C THR A 160 -10.68 -45.85 34.02
N ASN A 161 -9.80 -45.23 33.21
CA ASN A 161 -9.80 -43.79 32.83
C ASN A 161 -10.08 -43.68 31.33
N THR A 162 -10.97 -42.75 30.93
CA THR A 162 -11.47 -42.64 29.52
C THR A 162 -11.54 -41.16 29.12
N TYR A 163 -10.80 -40.76 28.08
CA TYR A 163 -10.82 -39.40 27.51
C TYR A 163 -11.77 -39.34 26.31
N ARG A 164 -12.57 -38.27 26.29
CA ARG A 164 -13.51 -37.95 25.19
C ARG A 164 -13.00 -36.72 24.43
N ASN A 165 -12.90 -36.79 23.10
CA ASN A 165 -12.51 -35.66 22.23
C ASN A 165 -13.70 -34.71 22.11
N ALA A 166 -13.71 -33.65 22.91
CA ALA A 166 -14.79 -32.62 22.94
C ALA A 166 -14.68 -31.71 21.70
N ASP A 167 -13.44 -31.41 21.29
CA ASP A 167 -13.06 -30.57 20.12
C ASP A 167 -13.56 -31.24 18.84
N THR A 168 -13.51 -30.52 17.72
CA THR A 168 -14.05 -30.94 16.40
C THR A 168 -12.91 -31.34 15.45
N ALA A 169 -11.65 -31.25 15.89
CA ALA A 169 -10.46 -31.74 15.16
C ALA A 169 -9.74 -32.77 16.06
N GLU A 170 -9.06 -33.74 15.46
CA GLU A 170 -8.43 -34.90 16.16
C GLU A 170 -7.37 -34.40 17.14
N HIS A 171 -7.25 -35.07 18.28
CA HIS A 171 -6.24 -34.81 19.35
C HIS A 171 -5.21 -35.94 19.35
N LEU A 172 -4.02 -35.70 19.88
CA LEU A 172 -2.91 -36.68 19.95
C LEU A 172 -2.68 -37.03 21.42
N ILE A 173 -3.18 -38.20 21.82
CA ILE A 173 -3.04 -38.71 23.21
C ILE A 173 -1.74 -39.52 23.30
N MET A 174 -0.92 -39.16 24.28
CA MET A 174 0.36 -39.85 24.53
C MET A 174 0.26 -40.47 25.92
N TRP A 175 0.87 -41.63 26.12
CA TRP A 175 1.03 -42.27 27.45
C TRP A 175 2.35 -43.06 27.51
N GLY A 176 2.65 -43.60 28.69
CA GLY A 176 3.89 -44.36 28.97
C GLY A 176 3.61 -45.63 29.76
N ILE A 177 4.45 -46.63 29.54
CA ILE A 177 4.51 -47.92 30.29
C ILE A 177 5.82 -47.90 31.09
N HIS A 178 5.80 -48.33 32.35
CA HIS A 178 6.99 -48.40 33.23
C HIS A 178 7.48 -49.84 33.31
N HIS A 179 8.77 -50.05 33.08
CA HIS A 179 9.44 -51.37 33.16
C HIS A 179 10.34 -51.38 34.38
N PRO A 180 10.08 -52.25 35.38
CA PRO A 180 10.89 -52.25 36.60
C PRO A 180 12.24 -52.96 36.38
N SER A 181 13.29 -52.42 36.98
CA SER A 181 14.66 -53.02 37.02
C SER A 181 14.57 -54.47 37.50
N SER A 182 13.96 -54.72 38.67
CA SER A 182 13.78 -56.07 39.27
C SER A 182 12.38 -56.18 39.90
N THR A 183 11.95 -57.40 40.25
CA THR A 183 10.59 -57.68 40.80
C THR A 183 10.44 -57.02 42.19
N GLN A 184 11.55 -56.77 42.91
CA GLN A 184 11.60 -56.02 44.19
C GLN A 184 10.96 -54.63 43.99
N GLU A 185 11.43 -53.90 42.97
CA GLU A 185 10.93 -52.56 42.54
C GLU A 185 9.48 -52.70 42.08
N LYS A 186 9.20 -53.73 41.27
CA LYS A 186 7.87 -53.99 40.63
C LYS A 186 6.80 -54.13 41.71
N ASN A 187 7.08 -54.93 42.75
CA ASN A 187 6.13 -55.28 43.83
C ASN A 187 6.00 -54.10 44.80
N ASP A 188 7.07 -53.32 44.98
CA ASP A 188 7.12 -52.16 45.92
C ASP A 188 6.17 -51.04 45.46
N LEU A 189 5.79 -51.01 44.17
CA LEU A 189 4.99 -49.91 43.57
C LEU A 189 3.62 -50.42 43.10
N TYR A 190 3.57 -51.60 42.46
CA TYR A 190 2.36 -52.15 41.79
C TYR A 190 1.91 -53.47 42.42
N GLY A 191 2.78 -54.12 43.20
CA GLY A 191 2.44 -55.35 43.94
C GLY A 191 2.78 -56.61 43.17
N THR A 192 2.57 -57.75 43.82
CA THR A 192 2.95 -59.11 43.36
C THR A 192 2.20 -59.48 42.10
N GLN A 193 0.91 -59.14 42.00
CA GLN A 193 0.01 -59.48 40.87
C GLN A 193 0.71 -59.12 39.55
N SER A 194 0.61 -59.97 38.52
CA SER A 194 1.05 -59.61 37.14
C SER A 194 0.09 -58.55 36.60
N LEU A 195 0.62 -57.60 35.83
CA LEU A 195 -0.07 -56.37 35.34
C LEU A 195 -0.33 -56.49 33.84
N SER A 196 -1.45 -55.92 33.41
CA SER A 196 -1.87 -55.86 32.00
C SER A 196 -2.59 -54.53 31.76
N ILE A 197 -2.12 -53.78 30.76
CA ILE A 197 -2.58 -52.39 30.46
C ILE A 197 -3.20 -52.39 29.07
N SER A 198 -4.51 -52.22 28.99
CA SER A 198 -5.30 -52.26 27.74
C SER A 198 -5.77 -50.83 27.43
N VAL A 199 -5.49 -50.40 26.19
CA VAL A 199 -5.93 -49.08 25.67
C VAL A 199 -6.83 -49.34 24.46
N GLY A 200 -7.96 -48.63 24.42
CA GLY A 200 -9.01 -48.87 23.40
C GLY A 200 -9.66 -47.58 22.97
N SER A 201 -9.91 -47.46 21.67
CA SER A 201 -10.68 -46.38 21.01
C SER A 201 -11.49 -47.01 19.89
N SER A 202 -12.25 -46.21 19.16
CA SER A 202 -13.00 -46.70 17.96
C SER A 202 -12.02 -47.26 16.92
N THR A 203 -10.80 -46.71 16.85
CA THR A 203 -9.82 -46.98 15.77
C THR A 203 -8.51 -47.53 16.34
N TYR A 204 -8.40 -47.69 17.67
CA TYR A 204 -7.17 -48.18 18.34
C TYR A 204 -7.50 -49.29 19.35
N LYS A 205 -6.72 -50.36 19.31
CA LYS A 205 -6.74 -51.49 20.29
C LYS A 205 -5.29 -51.90 20.54
N ASN A 206 -4.89 -52.06 21.80
CA ASN A 206 -3.50 -52.46 22.15
C ASN A 206 -3.41 -52.88 23.62
N ASN A 207 -2.68 -53.97 23.87
CA ASN A 207 -2.41 -54.51 25.23
C ASN A 207 -0.90 -54.44 25.49
N PHE A 208 -0.52 -53.98 26.69
CA PHE A 208 0.88 -53.75 27.13
C PHE A 208 1.13 -54.46 28.46
N VAL A 209 2.05 -55.43 28.46
CA VAL A 209 2.55 -56.14 29.67
C VAL A 209 3.93 -55.57 30.01
N PRO A 210 4.06 -54.78 31.11
CA PRO A 210 5.36 -54.32 31.60
C PRO A 210 6.33 -55.49 31.83
N VAL A 211 7.60 -55.32 31.45
CA VAL A 211 8.63 -56.40 31.53
C VAL A 211 9.66 -56.01 32.59
N VAL A 212 9.93 -56.93 33.52
CA VAL A 212 10.88 -56.79 34.66
C VAL A 212 12.19 -57.45 34.24
N GLY A 213 13.32 -57.03 34.82
CA GLY A 213 14.66 -57.52 34.45
C GLY A 213 15.56 -56.34 34.12
N ALA A 214 16.83 -56.40 34.56
CA ALA A 214 17.76 -55.25 34.58
C ALA A 214 18.27 -54.96 33.16
N ARG A 215 18.38 -53.66 32.82
CA ARG A 215 19.19 -53.14 31.70
C ARG A 215 20.45 -52.52 32.32
N PRO A 216 21.42 -52.07 31.51
CA PRO A 216 22.45 -51.14 31.98
C PRO A 216 21.85 -49.87 32.62
N GLN A 217 22.66 -49.21 33.44
CA GLN A 217 22.32 -47.99 34.21
C GLN A 217 22.36 -46.76 33.29
N VAL A 218 21.38 -45.87 33.39
CA VAL A 218 21.32 -44.54 32.69
C VAL A 218 20.73 -43.52 33.67
N ASN A 219 21.56 -42.61 34.21
CA ASN A 219 21.19 -41.61 35.26
C ASN A 219 20.88 -42.30 36.59
N GLY A 220 21.57 -43.42 36.90
CA GLY A 220 21.40 -44.17 38.16
C GLY A 220 20.24 -45.17 38.12
N LEU A 221 19.61 -45.32 36.95
CA LEU A 221 18.33 -46.08 36.75
C LEU A 221 18.51 -47.12 35.65
N SER A 222 18.22 -48.40 35.90
CA SER A 222 18.19 -49.48 34.88
C SER A 222 16.75 -49.77 34.46
N SER A 223 15.77 -49.09 35.06
CA SER A 223 14.33 -49.13 34.72
C SER A 223 14.05 -48.16 33.57
N ARG A 224 13.02 -48.43 32.77
CA ARG A 224 12.66 -47.69 31.53
C ARG A 224 11.21 -47.20 31.61
N ILE A 225 10.94 -46.00 31.09
CA ILE A 225 9.56 -45.50 30.77
C ILE A 225 9.51 -45.21 29.26
N ASP A 226 9.12 -46.23 28.50
CA ASP A 226 8.81 -46.17 27.06
C ASP A 226 7.41 -45.52 26.93
N PHE A 227 7.14 -44.82 25.82
CA PHE A 227 5.85 -44.13 25.54
C PHE A 227 5.28 -44.69 24.24
N HIS A 228 3.95 -44.72 24.13
CA HIS A 228 3.22 -44.96 22.85
C HIS A 228 2.24 -43.82 22.66
N TRP A 229 1.53 -43.83 21.52
CA TRP A 229 0.68 -42.70 21.09
C TRP A 229 -0.30 -43.16 20.02
N THR A 230 -1.29 -42.31 19.76
CA THR A 230 -2.32 -42.51 18.71
C THR A 230 -3.15 -41.22 18.62
N LEU A 231 -3.84 -41.04 17.50
CA LEU A 231 -4.82 -39.94 17.28
C LEU A 231 -6.17 -40.41 17.79
N VAL A 232 -6.85 -39.59 18.58
CA VAL A 232 -8.25 -39.86 19.04
C VAL A 232 -9.19 -38.96 18.23
N GLN A 233 -10.13 -39.56 17.48
CA GLN A 233 -10.95 -38.83 16.47
C GLN A 233 -12.00 -37.98 17.18
N PRO A 234 -12.46 -36.88 16.56
CA PRO A 234 -13.45 -36.01 17.19
C PRO A 234 -14.74 -36.77 17.55
N GLY A 235 -15.36 -36.38 18.68
CA GLY A 235 -16.50 -37.09 19.27
C GLY A 235 -16.23 -38.57 19.44
N ASP A 236 -15.12 -38.92 20.10
CA ASP A 236 -14.69 -40.33 20.32
C ASP A 236 -14.05 -40.43 21.72
N LYS A 237 -14.01 -41.64 22.24
CA LYS A 237 -13.48 -41.96 23.59
C LYS A 237 -12.27 -42.88 23.43
N ILE A 238 -11.28 -42.70 24.28
CA ILE A 238 -10.15 -43.66 24.46
C ILE A 238 -10.14 -44.08 25.93
N THR A 239 -10.20 -45.39 26.18
CA THR A 239 -10.35 -46.03 27.51
C THR A 239 -9.01 -46.68 27.92
N PHE A 240 -8.58 -46.41 29.15
CA PHE A 240 -7.34 -46.93 29.76
C PHE A 240 -7.68 -47.94 30.84
N SER A 241 -7.55 -49.23 30.51
CA SER A 241 -7.60 -50.38 31.45
C SER A 241 -6.16 -50.66 31.93
N HIS A 242 -5.91 -50.58 33.25
CA HIS A 242 -4.56 -50.83 33.83
C HIS A 242 -4.65 -51.41 35.25
N ASN A 243 -3.77 -52.38 35.54
CA ASN A 243 -3.54 -53.01 36.87
C ASN A 243 -2.44 -52.25 37.61
N GLY A 244 -1.84 -51.24 36.97
CA GLY A 244 -0.70 -50.47 37.48
C GLY A 244 0.48 -50.52 36.54
N GLY A 245 1.40 -49.55 36.65
CA GLY A 245 2.57 -49.46 35.76
C GLY A 245 2.22 -48.73 34.49
N LEU A 246 1.09 -48.01 34.50
CA LEU A 246 0.67 -47.10 33.40
C LEU A 246 1.03 -45.68 33.83
N ILE A 247 1.90 -45.01 33.07
CA ILE A 247 2.16 -43.54 33.15
C ILE A 247 1.07 -42.87 32.30
N ALA A 248 0.08 -42.29 32.96
CA ALA A 248 -1.18 -41.84 32.33
C ALA A 248 -1.05 -40.38 31.91
N PRO A 249 -1.70 -39.99 30.81
CA PRO A 249 -1.77 -38.59 30.42
C PRO A 249 -2.65 -37.76 31.37
N SER A 250 -2.14 -36.61 31.81
CA SER A 250 -2.97 -35.49 32.34
C SER A 250 -3.42 -34.60 31.18
N ARG A 251 -2.70 -34.66 30.05
CA ARG A 251 -2.97 -33.79 28.88
C ARG A 251 -2.80 -34.56 27.54
N VAL A 252 -3.85 -34.43 26.71
CA VAL A 252 -3.80 -34.72 25.25
C VAL A 252 -3.23 -33.47 24.58
N SER A 253 -2.45 -33.68 23.51
CA SER A 253 -1.91 -32.64 22.63
C SER A 253 -2.79 -32.57 21.38
N LYS A 254 -3.05 -31.36 20.84
CA LYS A 254 -3.66 -31.17 19.49
C LYS A 254 -2.69 -30.39 18.59
N LEU A 255 -2.29 -30.99 17.47
CA LEU A 255 -1.37 -30.36 16.48
C LEU A 255 -2.17 -29.40 15.60
N ILE A 256 -1.81 -28.12 15.61
CA ILE A 256 -2.59 -27.02 14.95
C ILE A 256 -1.99 -26.79 13.57
N GLY A 257 -2.83 -26.84 12.53
CA GLY A 257 -2.45 -26.53 11.14
C GLY A 257 -1.21 -27.31 10.72
N ARG A 258 -0.39 -26.68 9.89
CA ARG A 258 0.87 -27.29 9.38
C ARG A 258 1.95 -26.22 9.38
N GLY A 259 3.22 -26.65 9.43
CA GLY A 259 4.42 -25.80 9.45
C GLY A 259 5.63 -26.53 8.87
N LEU A 260 6.65 -25.78 8.47
CA LEU A 260 7.90 -26.34 7.90
C LEU A 260 8.87 -26.72 9.02
N GLY A 261 9.32 -27.98 9.02
CA GLY A 261 10.27 -28.52 10.01
C GLY A 261 11.69 -28.51 9.48
N ILE A 262 12.57 -27.70 10.10
CA ILE A 262 14.02 -27.60 9.77
C ILE A 262 14.86 -28.29 10.86
N GLN A 263 15.50 -29.41 10.55
CA GLN A 263 16.58 -29.97 11.39
C GLN A 263 17.88 -29.28 10.97
N SER A 264 18.40 -28.37 11.83
CA SER A 264 19.60 -27.55 11.54
C SER A 264 20.50 -27.43 12.77
N GLU A 265 21.76 -27.03 12.56
CA GLU A 265 22.73 -26.70 13.64
C GLU A 265 23.09 -25.21 13.61
N ALA A 266 22.56 -24.46 12.64
CA ALA A 266 22.89 -23.05 12.35
C ALA A 266 22.08 -22.12 13.25
N PRO A 267 22.60 -20.91 13.57
CA PRO A 267 21.81 -19.91 14.31
C PRO A 267 20.73 -19.22 13.45
N ILE A 268 19.74 -18.63 14.10
CA ILE A 268 18.62 -17.86 13.48
C ILE A 268 19.17 -16.50 13.01
N ASP A 269 18.41 -15.85 12.12
CA ASP A 269 18.61 -14.45 11.65
C ASP A 269 17.25 -13.96 11.13
N ASN A 270 16.68 -12.89 11.71
CA ASN A 270 15.33 -12.38 11.34
C ASN A 270 15.46 -11.22 10.37
N SER A 271 16.69 -10.76 10.08
CA SER A 271 17.01 -9.79 8.99
C SER A 271 16.86 -10.50 7.65
N CYS A 272 17.24 -11.78 7.61
CA CYS A 272 17.37 -12.67 6.42
C CYS A 272 16.06 -13.46 6.17
N GLU A 273 15.66 -13.59 4.89
CA GLU A 273 14.43 -14.34 4.44
C GLU A 273 14.86 -15.48 3.52
N SER A 274 14.11 -16.60 3.48
CA SER A 274 14.37 -17.78 2.61
C SER A 274 13.14 -18.68 2.54
N LYS A 275 13.14 -19.62 1.59
CA LYS A 275 12.09 -20.69 1.41
C LYS A 275 12.78 -22.05 1.41
N CYS A 276 14.12 -22.06 1.48
CA CYS A 276 14.95 -23.29 1.39
C CYS A 276 15.89 -23.33 2.59
N PHE A 277 16.07 -24.52 3.19
CA PHE A 277 16.95 -24.76 4.36
C PHE A 277 17.55 -26.17 4.27
N TRP A 278 18.70 -26.35 4.93
CA TRP A 278 19.40 -27.66 5.09
C TRP A 278 20.22 -27.62 6.38
N ARG A 279 20.94 -28.69 6.72
CA ARG A 279 21.75 -28.74 7.97
C ARG A 279 22.55 -27.44 8.11
N GLY A 280 23.26 -27.06 7.03
CA GLY A 280 24.25 -25.96 6.98
C GLY A 280 23.64 -24.57 6.87
N GLY A 281 22.30 -24.47 6.73
CA GLY A 281 21.57 -23.20 6.89
C GLY A 281 20.59 -22.94 5.75
N SER A 282 20.52 -21.69 5.28
CA SER A 282 19.58 -21.18 4.24
C SER A 282 20.23 -21.24 2.85
N ILE A 283 19.39 -21.22 1.81
CA ILE A 283 19.75 -21.19 0.36
C ILE A 283 18.76 -20.24 -0.31
N ASN A 284 19.24 -19.14 -0.90
CA ASN A 284 18.37 -18.04 -1.39
C ASN A 284 18.39 -17.90 -2.91
N THR A 285 19.23 -18.67 -3.61
CA THR A 285 19.53 -18.41 -5.05
C THR A 285 18.25 -18.42 -5.89
N ARG A 286 18.12 -17.38 -6.71
CA ARG A 286 17.17 -17.34 -7.83
C ARG A 286 17.51 -18.51 -8.78
N LEU A 287 18.74 -19.02 -8.72
CA LEU A 287 19.27 -20.12 -9.58
C LEU A 287 18.36 -21.35 -9.49
N PRO A 288 18.37 -22.21 -10.53
CA PRO A 288 17.47 -23.36 -10.62
C PRO A 288 18.01 -24.68 -10.05
N PHE A 289 19.31 -24.70 -9.69
CA PHE A 289 20.03 -25.90 -9.20
C PHE A 289 20.96 -25.52 -8.05
N GLN A 290 21.58 -26.52 -7.42
CA GLN A 290 22.51 -26.36 -6.27
C GLN A 290 23.21 -27.70 -6.03
N ASN A 291 24.43 -27.66 -5.50
CA ASN A 291 25.29 -28.86 -5.24
C ASN A 291 25.73 -28.87 -3.78
N LEU A 292 24.97 -28.20 -2.90
CA LEU A 292 25.27 -28.07 -1.45
C LEU A 292 24.94 -29.37 -0.73
N SER A 293 23.72 -29.87 -0.87
CA SER A 293 23.22 -31.07 -0.15
C SER A 293 21.91 -31.53 -0.78
N PRO A 294 21.74 -32.86 -0.96
CA PRO A 294 20.47 -33.43 -1.40
C PRO A 294 19.40 -33.49 -0.32
N ARG A 295 19.77 -33.12 0.92
CA ARG A 295 18.82 -32.95 2.04
C ARG A 295 18.51 -31.46 2.18
N THR A 296 17.47 -31.01 1.48
CA THR A 296 16.88 -29.65 1.53
C THR A 296 15.44 -29.77 2.00
N VAL A 297 14.81 -28.66 2.37
CA VAL A 297 13.39 -28.59 2.79
C VAL A 297 12.81 -27.23 2.40
N GLY A 298 11.55 -27.22 1.93
CA GLY A 298 10.82 -26.04 1.45
C GLY A 298 10.87 -25.96 -0.07
N GLN A 299 10.66 -24.77 -0.64
CA GLN A 299 10.75 -24.56 -2.10
C GLN A 299 12.24 -24.42 -2.43
N CYS A 300 12.84 -25.37 -3.17
CA CYS A 300 14.31 -25.52 -3.28
C CYS A 300 14.77 -25.78 -4.72
N PRO A 301 15.94 -25.22 -5.11
CA PRO A 301 16.66 -25.64 -6.31
C PRO A 301 17.02 -27.13 -6.22
N LYS A 302 17.00 -27.79 -7.36
CA LYS A 302 17.19 -29.27 -7.42
C LYS A 302 18.68 -29.59 -7.23
N TYR A 303 18.99 -30.51 -6.32
CA TYR A 303 20.39 -30.94 -6.09
C TYR A 303 20.87 -31.64 -7.35
N VAL A 304 22.07 -31.29 -7.80
CA VAL A 304 22.78 -31.88 -8.97
C VAL A 304 24.20 -32.28 -8.55
N ASN A 305 24.82 -33.15 -9.33
CA ASN A 305 26.18 -33.67 -9.08
C ASN A 305 27.18 -32.85 -9.88
N LYS A 306 26.81 -31.64 -10.36
CA LYS A 306 27.74 -30.76 -11.10
C LYS A 306 28.18 -29.61 -10.20
N LYS A 307 29.49 -29.40 -10.12
CA LYS A 307 30.19 -28.20 -9.57
C LYS A 307 29.58 -26.94 -10.19
N SER A 308 29.53 -26.89 -11.53
CA SER A 308 29.16 -25.71 -12.35
C SER A 308 28.54 -26.15 -13.68
N LEU A 309 27.38 -25.56 -14.02
CA LEU A 309 26.82 -25.57 -15.40
C LEU A 309 26.70 -24.13 -15.90
N MET A 310 27.60 -23.76 -16.82
CA MET A 310 27.70 -22.39 -17.36
C MET A 310 26.75 -22.26 -18.54
N LEU A 311 25.77 -21.36 -18.42
CA LEU A 311 24.74 -21.08 -19.45
C LEU A 311 25.15 -19.84 -20.24
N ALA A 312 25.33 -19.99 -21.55
CA ALA A 312 25.66 -18.89 -22.47
C ALA A 312 24.54 -17.85 -22.45
N THR A 313 24.90 -16.60 -22.17
CA THR A 313 24.02 -15.40 -22.18
C THR A 313 24.48 -14.42 -23.26
N GLY A 314 25.09 -14.96 -24.34
CA GLY A 314 25.73 -14.15 -25.41
C GLY A 314 26.36 -15.03 -26.48
N MET A 315 26.85 -14.40 -27.56
CA MET A 315 27.23 -15.10 -28.81
C MET A 315 28.60 -15.77 -28.70
N ARG A 316 29.01 -16.48 -29.75
CA ARG A 316 30.39 -16.99 -29.85
C ARG A 316 31.34 -15.78 -29.81
N ASN A 317 32.36 -15.86 -28.99
CA ASN A 317 33.42 -14.83 -28.91
C ASN A 317 34.53 -15.23 -29.88
N VAL A 318 34.80 -14.40 -30.89
CA VAL A 318 35.92 -14.63 -31.83
C VAL A 318 36.90 -13.46 -31.73
N PRO A 319 38.13 -13.73 -31.25
CA PRO A 319 39.03 -12.66 -30.84
C PRO A 319 39.87 -12.14 -32.01
N GLU A 320 40.59 -11.02 -31.80
CA GLU A 320 41.49 -10.37 -32.79
C GLU A 320 42.93 -10.83 -32.52
N GLY B 1 29.25 -21.20 -37.86
CA GLY B 1 28.24 -21.99 -37.11
C GLY B 1 27.28 -22.69 -38.05
N LEU B 2 26.02 -22.83 -37.65
CA LEU B 2 24.90 -23.33 -38.49
C LEU B 2 24.67 -22.36 -39.65
N PHE B 3 24.75 -21.06 -39.36
CA PHE B 3 24.38 -19.99 -40.32
C PHE B 3 25.63 -19.47 -41.01
N GLY B 4 26.81 -19.83 -40.49
CA GLY B 4 28.11 -19.58 -41.15
C GLY B 4 28.53 -18.14 -41.00
N ALA B 5 27.66 -17.28 -40.47
CA ALA B 5 27.89 -15.83 -40.35
C ALA B 5 29.00 -15.60 -39.31
N ILE B 6 28.80 -16.11 -38.10
CA ILE B 6 29.69 -15.85 -36.93
C ILE B 6 30.68 -17.01 -36.84
N ALA B 7 31.94 -16.71 -36.57
CA ALA B 7 33.02 -17.71 -36.64
C ALA B 7 32.98 -18.43 -37.99
N GLY B 8 32.38 -17.80 -39.00
CA GLY B 8 32.25 -18.36 -40.37
C GLY B 8 32.92 -17.46 -41.39
N PHE B 9 32.16 -16.95 -42.37
CA PHE B 9 32.67 -16.05 -43.43
C PHE B 9 33.10 -14.71 -42.82
N ILE B 10 32.56 -14.31 -41.68
CA ILE B 10 33.12 -13.14 -40.92
C ILE B 10 34.33 -13.64 -40.14
N GLU B 11 35.53 -13.24 -40.60
CA GLU B 11 36.87 -13.62 -40.07
C GLU B 11 36.83 -13.62 -38.53
N ASN B 12 36.28 -12.56 -37.91
CA ASN B 12 36.28 -12.39 -36.44
C ASN B 12 35.43 -11.18 -36.04
N GLY B 13 35.33 -10.97 -34.72
CA GLY B 13 34.51 -9.92 -34.11
C GLY B 13 35.33 -8.70 -33.80
N TRP B 14 34.67 -7.68 -33.28
CA TRP B 14 35.13 -6.28 -33.20
C TRP B 14 35.17 -5.84 -31.74
N GLU B 15 36.31 -6.02 -31.05
CA GLU B 15 36.44 -5.71 -29.59
C GLU B 15 36.05 -4.25 -29.39
N GLY B 16 36.36 -3.42 -30.39
CA GLY B 16 35.97 -2.00 -30.47
C GLY B 16 34.47 -1.78 -30.32
N MET B 17 33.62 -2.72 -30.74
CA MET B 17 32.15 -2.48 -30.84
C MET B 17 31.49 -2.79 -29.50
N VAL B 18 31.32 -1.77 -28.67
CA VAL B 18 30.88 -1.91 -27.25
C VAL B 18 29.49 -1.24 -27.09
N ASP B 19 28.86 -0.82 -28.20
CA ASP B 19 27.57 -0.08 -28.16
C ASP B 19 26.45 -0.98 -28.67
N GLY B 20 26.76 -2.27 -28.86
CA GLY B 20 25.86 -3.30 -29.41
C GLY B 20 26.62 -4.59 -29.70
N TRP B 21 25.95 -5.50 -30.41
CA TRP B 21 26.38 -6.89 -30.72
C TRP B 21 26.70 -7.02 -32.22
N TYR B 22 25.81 -6.48 -33.04
CA TYR B 22 25.84 -6.50 -34.52
C TYR B 22 25.94 -5.08 -35.05
N GLY B 23 26.85 -4.82 -35.99
CA GLY B 23 27.08 -3.44 -36.47
C GLY B 23 27.73 -3.36 -37.84
N PHE B 24 28.02 -2.13 -38.25
CA PHE B 24 28.58 -1.76 -39.57
C PHE B 24 29.94 -1.07 -39.42
N ARG B 25 30.72 -1.13 -40.50
CA ARG B 25 31.99 -0.41 -40.71
C ARG B 25 32.08 -0.03 -42.19
N HIS B 26 31.79 1.23 -42.51
CA HIS B 26 31.94 1.82 -43.87
C HIS B 26 33.31 2.48 -43.99
N GLN B 27 33.92 2.42 -45.17
CA GLN B 27 35.05 3.30 -45.57
C GLN B 27 34.71 3.88 -46.95
N ASN B 28 34.80 5.20 -47.08
CA ASN B 28 34.34 5.94 -48.28
C ASN B 28 35.23 7.16 -48.45
N ALA B 29 34.86 8.02 -49.41
CA ALA B 29 35.52 9.29 -49.74
C ALA B 29 35.77 10.08 -48.44
N GLN B 30 34.70 10.37 -47.68
CA GLN B 30 34.78 11.17 -46.43
C GLN B 30 35.74 10.47 -45.46
N GLY B 31 35.71 9.15 -45.35
CA GLY B 31 36.62 8.35 -44.50
C GLY B 31 35.88 7.38 -43.61
N THR B 32 36.59 6.62 -42.76
CA THR B 32 36.07 5.42 -42.03
C THR B 32 35.10 5.84 -40.90
N GLY B 33 34.49 4.86 -40.23
CA GLY B 33 33.42 5.10 -39.25
C GLY B 33 32.66 3.84 -38.89
N GLN B 34 32.42 3.61 -37.60
CA GLN B 34 31.76 2.40 -37.03
C GLN B 34 30.43 2.82 -36.41
N ALA B 35 29.45 1.90 -36.35
CA ALA B 35 28.13 2.11 -35.75
C ALA B 35 27.40 0.76 -35.60
N ALA B 36 26.77 0.52 -34.45
CA ALA B 36 26.07 -0.74 -34.13
C ALA B 36 24.62 -0.65 -34.64
N ASP B 37 24.01 -1.81 -34.97
CA ASP B 37 22.58 -1.93 -35.39
C ASP B 37 21.76 -2.39 -34.19
N TYR B 38 20.90 -1.52 -33.68
CA TYR B 38 20.09 -1.74 -32.46
C TYR B 38 19.09 -2.87 -32.70
N LYS B 39 18.30 -2.75 -33.77
CA LYS B 39 17.09 -3.59 -33.99
C LYS B 39 17.49 -5.07 -33.96
N SER B 40 18.66 -5.42 -34.50
CA SER B 40 19.18 -6.82 -34.52
C SER B 40 19.82 -7.15 -33.17
N THR B 41 20.73 -6.31 -32.68
CA THR B 41 21.39 -6.46 -31.35
C THR B 41 20.31 -6.71 -30.30
N GLN B 42 19.18 -6.00 -30.37
CA GLN B 42 18.08 -6.13 -29.37
C GLN B 42 17.43 -7.51 -29.51
N ALA B 43 17.08 -7.92 -30.73
CA ALA B 43 16.41 -9.20 -31.01
C ALA B 43 17.14 -10.37 -30.33
N ALA B 44 18.48 -10.38 -30.37
CA ALA B 44 19.35 -11.46 -29.80
C ALA B 44 19.29 -11.42 -28.28
N ILE B 45 19.48 -10.24 -27.71
CA ILE B 45 19.31 -9.96 -26.26
C ILE B 45 17.89 -10.39 -25.83
N ASP B 46 16.84 -9.75 -26.36
CA ASP B 46 15.43 -10.06 -26.03
C ASP B 46 15.24 -11.59 -25.94
N GLN B 47 15.87 -12.34 -26.84
CA GLN B 47 15.77 -13.83 -26.91
C GLN B 47 16.52 -14.45 -25.73
N ILE B 48 17.73 -13.99 -25.42
CA ILE B 48 18.51 -14.53 -24.27
C ILE B 48 17.81 -14.13 -22.98
N THR B 49 17.40 -12.86 -22.84
CA THR B 49 16.52 -12.41 -21.71
C THR B 49 15.47 -13.48 -21.48
N GLY B 50 14.70 -13.80 -22.52
CA GLY B 50 13.61 -14.78 -22.48
C GLY B 50 14.08 -16.15 -22.05
N LYS B 51 15.25 -16.60 -22.55
CA LYS B 51 15.88 -17.90 -22.20
C LYS B 51 16.10 -17.87 -20.68
N LEU B 52 16.81 -16.85 -20.22
CA LEU B 52 17.20 -16.75 -18.79
C LEU B 52 15.96 -16.81 -17.90
N ASN B 53 14.90 -16.06 -18.19
CA ASN B 53 13.71 -15.96 -17.30
C ASN B 53 13.16 -17.36 -16.99
N ARG B 54 12.90 -18.11 -18.05
CA ARG B 54 12.39 -19.51 -18.03
C ARG B 54 13.41 -20.42 -17.34
N ILE B 55 14.70 -20.33 -17.69
CA ILE B 55 15.74 -21.25 -17.13
C ILE B 55 16.05 -20.96 -15.65
N ILE B 56 16.14 -19.68 -15.27
CA ILE B 56 16.51 -19.26 -13.89
C ILE B 56 15.22 -19.24 -13.06
N LYS B 57 14.82 -20.44 -12.63
CA LYS B 57 13.60 -20.68 -11.85
C LYS B 57 13.72 -22.01 -11.09
N LYS B 58 13.24 -22.03 -9.86
CA LYS B 58 12.95 -23.26 -9.08
C LYS B 58 11.42 -23.43 -9.05
N THR B 59 10.94 -24.59 -8.58
CA THR B 59 9.51 -24.95 -8.49
C THR B 59 8.87 -24.16 -7.34
N ASN B 60 7.57 -24.32 -7.13
CA ASN B 60 6.86 -23.78 -5.95
C ASN B 60 6.43 -24.95 -5.06
N THR B 61 7.19 -26.05 -5.08
CA THR B 61 6.86 -27.33 -4.38
C THR B 61 7.50 -27.35 -2.99
N GLU B 62 6.70 -27.25 -1.93
CA GLU B 62 7.19 -27.27 -0.52
C GLU B 62 7.53 -28.73 -0.16
N PHE B 63 8.79 -29.06 0.07
CA PHE B 63 9.24 -30.44 0.42
C PHE B 63 9.47 -30.58 1.94
N GLU B 64 8.74 -31.48 2.60
CA GLU B 64 9.00 -31.96 3.99
C GLU B 64 10.31 -32.77 3.95
N SER B 65 11.03 -32.79 5.08
CA SER B 65 12.19 -33.68 5.35
C SER B 65 11.71 -35.13 5.49
N ILE B 66 12.32 -36.08 4.79
CA ILE B 66 12.04 -37.53 5.00
C ILE B 66 13.26 -38.20 5.63
N GLU B 67 14.32 -37.42 5.90
CA GLU B 67 15.60 -37.93 6.47
C GLU B 67 15.86 -37.15 7.75
N SER B 68 16.04 -37.83 8.89
CA SER B 68 16.44 -37.18 10.16
C SER B 68 17.95 -36.94 10.11
N GLU B 69 18.38 -35.70 10.35
CA GLU B 69 19.82 -35.29 10.29
C GLU B 69 20.46 -35.72 11.62
N PHE B 70 19.68 -35.87 12.70
CA PHE B 70 20.17 -36.18 14.08
C PHE B 70 19.82 -37.64 14.44
N SER B 71 18.56 -38.05 14.33
CA SER B 71 18.07 -39.45 14.58
C SER B 71 18.61 -40.38 13.47
N GLU B 72 18.60 -41.69 13.69
CA GLU B 72 18.94 -42.73 12.68
C GLU B 72 17.63 -43.38 12.21
N ILE B 73 17.36 -43.35 10.89
CA ILE B 73 16.08 -43.89 10.32
C ILE B 73 16.29 -45.37 10.01
N ASP B 74 15.21 -46.17 10.07
CA ASP B 74 15.21 -47.64 9.81
C ASP B 74 16.06 -47.92 8.54
N HIS B 75 16.89 -48.98 8.55
CA HIS B 75 17.85 -49.31 7.46
C HIS B 75 17.10 -49.67 6.16
N GLN B 76 15.97 -50.41 6.24
CA GLN B 76 15.18 -50.84 5.05
C GLN B 76 14.65 -49.59 4.33
N ILE B 77 13.87 -48.78 5.05
CA ILE B 77 13.23 -47.54 4.50
C ILE B 77 14.33 -46.55 4.08
N GLY B 78 15.35 -46.36 4.91
CA GLY B 78 16.46 -45.44 4.63
C GLY B 78 17.17 -45.80 3.34
N ASN B 79 17.44 -47.09 3.10
CA ASN B 79 18.11 -47.59 1.87
C ASN B 79 17.21 -47.22 0.68
N VAL B 80 15.88 -47.43 0.78
CA VAL B 80 14.91 -47.06 -0.29
C VAL B 80 15.07 -45.57 -0.59
N ILE B 81 14.93 -44.73 0.44
CA ILE B 81 15.05 -43.25 0.30
C ILE B 81 16.38 -42.95 -0.41
N ASN B 82 17.51 -43.44 0.11
CA ASN B 82 18.84 -43.17 -0.48
C ASN B 82 18.76 -43.44 -2.00
N TRP B 83 18.23 -44.61 -2.40
CA TRP B 83 18.10 -44.99 -3.83
C TRP B 83 17.15 -44.02 -4.55
N THR B 84 15.91 -43.88 -4.08
CA THR B 84 14.90 -42.93 -4.65
C THR B 84 15.63 -41.59 -4.93
N LYS B 85 16.28 -40.99 -3.92
CA LYS B 85 16.97 -39.69 -4.01
C LYS B 85 18.07 -39.77 -5.06
N ASP B 86 19.08 -40.61 -4.85
CA ASP B 86 20.24 -40.73 -5.77
C ASP B 86 19.75 -40.84 -7.22
N SER B 87 18.63 -41.53 -7.47
CA SER B 87 18.03 -41.70 -8.83
C SER B 87 17.45 -40.36 -9.31
N ILE B 88 16.79 -39.59 -8.42
CA ILE B 88 16.21 -38.24 -8.68
C ILE B 88 17.36 -37.29 -9.05
N THR B 89 18.32 -37.20 -8.13
CA THR B 89 19.57 -36.43 -8.23
C THR B 89 20.32 -36.81 -9.53
N ASP B 90 20.27 -38.08 -9.96
CA ASP B 90 20.95 -38.51 -11.21
C ASP B 90 20.19 -37.95 -12.41
N ILE B 91 18.86 -37.99 -12.39
CA ILE B 91 17.99 -37.37 -13.43
C ILE B 91 18.33 -35.88 -13.52
N TRP B 92 18.13 -35.12 -12.45
CA TRP B 92 18.30 -33.63 -12.47
C TRP B 92 19.71 -33.24 -12.91
N THR B 93 20.73 -34.00 -12.51
CA THR B 93 22.10 -33.87 -13.04
C THR B 93 22.03 -33.92 -14.57
N TYR B 94 21.39 -34.94 -15.13
CA TYR B 94 21.22 -35.15 -16.59
C TYR B 94 20.32 -34.07 -17.20
N GLN B 95 19.10 -33.92 -16.69
CA GLN B 95 18.06 -32.96 -17.19
C GLN B 95 18.69 -31.55 -17.32
N ALA B 96 19.70 -31.25 -16.50
CA ALA B 96 20.41 -29.95 -16.45
C ALA B 96 21.58 -29.95 -17.45
N GLU B 97 22.45 -30.96 -17.38
CA GLU B 97 23.63 -31.11 -18.29
C GLU B 97 23.15 -30.97 -19.74
N LEU B 98 22.01 -31.58 -20.06
CA LEU B 98 21.36 -31.50 -21.38
C LEU B 98 20.72 -30.12 -21.58
N LEU B 99 19.82 -29.68 -20.67
CA LEU B 99 19.16 -28.35 -20.81
C LEU B 99 20.24 -27.33 -21.20
N VAL B 100 21.26 -27.16 -20.36
CA VAL B 100 22.27 -26.09 -20.56
C VAL B 100 22.96 -26.35 -21.89
N ALA B 101 23.46 -27.55 -22.13
CA ALA B 101 24.21 -27.86 -23.36
C ALA B 101 23.38 -27.48 -24.58
N MET B 102 22.11 -27.89 -24.63
CA MET B 102 21.22 -27.64 -25.78
C MET B 102 20.97 -26.13 -25.90
N GLU B 103 20.57 -25.49 -24.80
CA GLU B 103 20.24 -24.04 -24.79
C GLU B 103 21.50 -23.27 -25.22
N ASN B 104 22.69 -23.72 -24.82
CA ASN B 104 23.97 -23.10 -25.25
C ASN B 104 24.09 -23.20 -26.77
N GLN B 105 23.89 -24.39 -27.32
CA GLN B 105 23.97 -24.60 -28.79
C GLN B 105 23.01 -23.65 -29.50
N HIS B 106 21.77 -23.58 -29.02
CA HIS B 106 20.70 -22.73 -29.60
C HIS B 106 21.09 -21.24 -29.45
N THR B 107 21.56 -20.82 -28.27
CA THR B 107 21.92 -19.41 -28.02
C THR B 107 22.94 -19.00 -29.07
N ILE B 108 24.04 -19.75 -29.19
CA ILE B 108 25.15 -19.51 -30.17
C ILE B 108 24.61 -19.30 -31.58
N ASP B 109 23.88 -20.32 -32.05
CA ASP B 109 23.40 -20.41 -33.45
C ASP B 109 22.32 -19.34 -33.62
N MET B 110 21.57 -19.01 -32.59
CA MET B 110 20.54 -17.95 -32.65
C MET B 110 21.24 -16.65 -32.99
N ALA B 111 22.33 -16.35 -32.29
CA ALA B 111 23.15 -15.14 -32.56
C ALA B 111 23.64 -15.21 -34.01
N ASP B 112 24.29 -16.34 -34.35
CA ASP B 112 24.81 -16.68 -35.70
C ASP B 112 23.78 -16.25 -36.74
N SER B 113 22.52 -16.66 -36.57
CA SER B 113 21.39 -16.33 -37.48
C SER B 113 21.18 -14.81 -37.51
N GLU B 114 21.02 -14.15 -36.36
CA GLU B 114 20.63 -12.72 -36.32
C GLU B 114 21.68 -11.87 -37.04
N MET B 115 22.89 -12.41 -37.23
CA MET B 115 23.95 -11.77 -38.06
C MET B 115 23.59 -11.96 -39.54
N LEU B 116 23.59 -13.21 -40.03
CA LEU B 116 23.24 -13.56 -41.44
C LEU B 116 21.97 -12.81 -41.81
N ASN B 117 20.98 -12.83 -40.93
CA ASN B 117 19.69 -12.11 -41.10
C ASN B 117 19.95 -10.64 -41.44
N LEU B 118 20.92 -10.00 -40.79
CA LEU B 118 21.30 -8.59 -41.11
C LEU B 118 21.93 -8.54 -42.50
N TYR B 119 23.07 -9.22 -42.71
CA TYR B 119 23.77 -9.33 -44.02
C TYR B 119 22.75 -9.45 -45.16
N GLU B 120 21.84 -10.42 -45.06
CA GLU B 120 20.80 -10.68 -46.10
C GLU B 120 19.88 -9.47 -46.24
N ARG B 121 19.40 -8.89 -45.14
CA ARG B 121 18.55 -7.66 -45.14
C ARG B 121 19.25 -6.58 -45.97
N VAL B 122 20.55 -6.37 -45.72
CA VAL B 122 21.36 -5.28 -46.33
C VAL B 122 21.63 -5.63 -47.80
N ARG B 123 22.16 -6.82 -48.07
CA ARG B 123 22.39 -7.34 -49.45
C ARG B 123 21.18 -7.00 -50.31
N LYS B 124 19.97 -7.25 -49.80
CA LYS B 124 18.70 -7.11 -50.58
C LYS B 124 18.37 -5.62 -50.80
N GLN B 125 18.74 -4.75 -49.85
CA GLN B 125 18.70 -3.27 -50.02
C GLN B 125 19.64 -2.84 -51.15
N LEU B 126 20.91 -3.22 -51.07
CA LEU B 126 21.97 -2.78 -52.03
C LEU B 126 21.72 -3.37 -53.42
N ARG B 127 20.84 -4.37 -53.55
CA ARG B 127 20.39 -4.94 -54.85
C ARG B 127 21.60 -5.16 -55.77
N GLN B 128 21.63 -4.50 -56.95
CA GLN B 128 22.67 -4.71 -57.99
C GLN B 128 23.72 -3.61 -57.90
N ASN B 129 23.70 -2.78 -56.87
CA ASN B 129 24.55 -1.57 -56.74
C ASN B 129 25.79 -1.89 -55.90
N ALA B 130 25.97 -3.16 -55.52
CA ALA B 130 27.13 -3.66 -54.74
C ALA B 130 27.33 -5.16 -54.96
N GLU B 131 28.42 -5.69 -54.42
CA GLU B 131 28.86 -7.09 -54.60
C GLU B 131 29.42 -7.60 -53.27
N GLU B 132 29.20 -8.90 -53.03
CA GLU B 132 29.64 -9.58 -51.78
C GLU B 132 31.12 -9.94 -51.94
N ASP B 133 31.95 -9.52 -50.98
CA ASP B 133 33.42 -9.72 -50.99
C ASP B 133 33.79 -11.05 -50.32
N GLY B 134 32.82 -11.68 -49.65
CA GLY B 134 32.95 -13.03 -49.06
C GLY B 134 33.41 -13.02 -47.62
N LYS B 135 33.75 -11.84 -47.10
CA LYS B 135 34.22 -11.62 -45.70
C LYS B 135 33.20 -10.74 -44.96
N GLY B 136 31.97 -10.66 -45.47
CA GLY B 136 30.86 -10.04 -44.74
C GLY B 136 30.77 -8.54 -44.96
N CYS B 137 31.42 -8.06 -46.03
CA CYS B 137 31.31 -6.67 -46.53
C CYS B 137 30.72 -6.66 -47.94
N PHE B 138 30.14 -5.52 -48.29
CA PHE B 138 29.72 -5.19 -49.65
C PHE B 138 30.65 -4.09 -50.19
N GLU B 139 31.43 -4.41 -51.23
CA GLU B 139 32.03 -3.39 -52.12
C GLU B 139 30.86 -2.71 -52.84
N ILE B 140 30.60 -1.45 -52.49
CA ILE B 140 29.59 -0.59 -53.18
C ILE B 140 30.25 -0.02 -54.43
N TYR B 141 29.61 -0.19 -55.58
CA TYR B 141 30.12 0.22 -56.91
C TYR B 141 29.54 1.58 -57.27
N HIS B 142 29.39 2.46 -56.28
CA HIS B 142 29.05 3.89 -56.50
C HIS B 142 29.58 4.72 -55.34
N ALA B 143 29.59 6.05 -55.52
CA ALA B 143 29.96 7.05 -54.49
C ALA B 143 28.92 6.99 -53.38
N CYS B 144 29.35 6.73 -52.14
CA CYS B 144 28.47 6.57 -50.96
C CYS B 144 29.07 7.35 -49.77
N ASP B 145 28.52 8.55 -49.53
CA ASP B 145 28.95 9.49 -48.45
C ASP B 145 28.31 9.04 -47.12
N ASP B 146 28.68 9.71 -46.03
CA ASP B 146 28.15 9.46 -44.67
C ASP B 146 26.62 9.58 -44.68
N SER B 147 26.05 10.37 -45.60
CA SER B 147 24.59 10.44 -45.85
C SER B 147 24.09 9.10 -46.40
N CYS B 148 24.70 8.64 -47.49
CA CYS B 148 24.37 7.38 -48.21
C CYS B 148 24.56 6.17 -47.28
N MET B 149 25.65 6.14 -46.49
CA MET B 149 25.95 5.03 -45.54
C MET B 149 24.84 4.96 -44.48
N GLU B 150 24.59 6.07 -43.77
CA GLU B 150 23.53 6.16 -42.73
C GLU B 150 22.18 5.75 -43.33
N SER B 151 22.01 5.90 -44.64
CA SER B 151 20.76 5.51 -45.34
C SER B 151 20.68 3.97 -45.47
N ILE B 152 21.82 3.27 -45.49
CA ILE B 152 21.87 1.78 -45.49
C ILE B 152 21.51 1.29 -44.09
N ARG B 153 22.28 1.70 -43.08
CA ARG B 153 22.10 1.35 -41.65
C ARG B 153 20.66 1.66 -41.20
N ASN B 154 20.01 2.69 -41.76
CA ASN B 154 18.64 3.17 -41.41
C ASN B 154 17.60 2.37 -42.21
N ASN B 155 18.05 1.49 -43.12
CA ASN B 155 17.22 0.71 -44.09
C ASN B 155 16.33 1.67 -44.90
N THR B 156 16.92 2.77 -45.41
CA THR B 156 16.23 3.79 -46.24
C THR B 156 16.88 3.86 -47.63
N TYR B 157 18.15 3.43 -47.76
CA TYR B 157 18.91 3.40 -49.03
C TYR B 157 18.02 2.85 -50.14
N ASP B 158 17.97 3.57 -51.27
CA ASP B 158 17.17 3.23 -52.48
C ASP B 158 18.14 2.90 -53.62
N HIS B 159 18.15 1.67 -54.12
CA HIS B 159 19.06 1.19 -55.20
C HIS B 159 18.84 2.00 -56.48
N SER B 160 17.58 2.24 -56.88
CA SER B 160 17.22 2.93 -58.15
C SER B 160 17.91 4.31 -58.21
N GLN B 161 18.02 4.98 -57.07
CA GLN B 161 18.63 6.33 -56.90
C GLN B 161 20.14 6.33 -57.22
N TYR B 162 20.81 5.17 -57.28
CA TYR B 162 22.25 5.06 -57.64
C TYR B 162 22.44 3.98 -58.71
N ARG B 163 21.35 3.40 -59.21
CA ARG B 163 21.37 2.07 -59.90
C ARG B 163 22.24 2.17 -61.16
N GLU B 164 21.99 3.20 -61.99
CA GLU B 164 22.70 3.36 -63.29
C GLU B 164 24.18 3.58 -62.95
N GLU B 165 24.48 4.58 -62.13
CA GLU B 165 25.87 4.93 -61.68
C GLU B 165 26.63 3.65 -61.30
N ALA B 166 25.99 2.77 -60.55
CA ALA B 166 26.60 1.53 -60.00
C ALA B 166 26.81 0.52 -61.12
N LEU B 167 25.75 0.20 -61.86
CA LEU B 167 25.74 -0.85 -62.91
C LEU B 167 26.84 -0.56 -63.94
N LEU B 168 27.12 0.71 -64.21
CA LEU B 168 28.13 1.14 -65.21
C LEU B 168 29.53 0.87 -64.63
N ASN B 169 29.79 1.36 -63.41
CA ASN B 169 31.08 1.14 -62.69
C ASN B 169 31.40 -0.37 -62.63
N ARG B 170 30.36 -1.21 -62.56
CA ARG B 170 30.45 -2.69 -62.40
C ARG B 170 30.90 -3.35 -63.71
N LEU B 171 30.29 -2.99 -64.84
CA LEU B 171 30.55 -3.61 -66.18
C LEU B 171 31.82 -3.00 -66.80
N ASN B 172 32.04 -1.71 -66.58
CA ASN B 172 33.33 -1.01 -66.86
C ASN B 172 33.63 -0.99 -68.36
N ASP C 1 -1.46 68.10 -39.89
CA ASP C 1 -2.24 68.84 -40.95
C ASP C 1 -3.71 68.96 -40.51
N PRO C 2 -4.52 67.88 -40.36
CA PRO C 2 -5.92 68.03 -39.97
C PRO C 2 -6.15 68.18 -38.45
N ASP C 3 -7.05 69.07 -38.03
CA ASP C 3 -7.55 69.20 -36.62
C ASP C 3 -8.04 67.81 -36.17
N LYS C 4 -7.87 67.46 -34.90
CA LYS C 4 -8.30 66.14 -34.35
C LYS C 4 -8.90 66.30 -32.95
N ILE C 5 -9.83 65.40 -32.60
CA ILE C 5 -10.46 65.23 -31.26
C ILE C 5 -10.27 63.79 -30.79
N CYS C 6 -9.77 63.61 -29.57
CA CYS C 6 -9.45 62.27 -28.99
C CYS C 6 -10.44 61.91 -27.88
N LEU C 7 -10.82 60.62 -27.83
CA LEU C 7 -11.62 60.07 -26.71
C LEU C 7 -10.75 59.13 -25.88
N GLY C 8 -11.01 59.11 -24.56
CA GLY C 8 -10.25 58.31 -23.59
C GLY C 8 -10.95 58.22 -22.24
N HIS C 9 -10.32 57.48 -21.36
CA HIS C 9 -10.80 57.11 -20.00
C HIS C 9 -9.73 57.53 -19.00
N HIS C 10 -10.10 57.75 -17.73
CA HIS C 10 -9.16 58.15 -16.67
C HIS C 10 -8.35 56.93 -16.22
N ALA C 11 -7.47 57.14 -15.25
CA ALA C 11 -6.54 56.14 -14.69
C ALA C 11 -5.86 56.72 -13.44
N VAL C 12 -4.96 55.94 -12.84
CA VAL C 12 -4.09 56.34 -11.69
C VAL C 12 -2.83 55.48 -11.75
N ALA C 13 -1.81 55.78 -10.95
CA ALA C 13 -0.55 55.00 -10.92
C ALA C 13 -0.68 53.92 -9.85
N ASN C 14 -1.32 54.26 -8.73
CA ASN C 14 -1.59 53.32 -7.61
C ASN C 14 -3.05 52.83 -7.74
N GLY C 15 -3.27 51.77 -8.51
CA GLY C 15 -4.57 51.11 -8.70
C GLY C 15 -4.65 49.80 -7.93
N THR C 16 -5.86 49.34 -7.57
CA THR C 16 -6.09 48.10 -6.77
C THR C 16 -6.30 46.88 -7.67
N ILE C 17 -5.95 45.70 -7.15
CA ILE C 17 -6.11 44.39 -7.83
C ILE C 17 -7.36 43.70 -7.31
N VAL C 18 -8.23 43.24 -8.21
CA VAL C 18 -9.47 42.47 -7.88
C VAL C 18 -9.49 41.20 -8.72
N LYS C 19 -10.47 40.33 -8.46
CA LYS C 19 -10.65 39.08 -9.23
C LYS C 19 -11.95 39.18 -10.03
N THR C 20 -11.89 38.71 -11.28
CA THR C 20 -13.05 38.48 -12.19
C THR C 20 -13.19 36.99 -12.52
N LEU C 21 -14.14 36.63 -13.39
CA LEU C 21 -14.38 35.23 -13.79
C LEU C 21 -13.18 34.67 -14.56
N THR C 22 -12.47 35.56 -15.25
CA THR C 22 -11.36 35.22 -16.18
C THR C 22 -10.02 35.55 -15.53
N ASN C 23 -9.86 36.75 -14.97
CA ASN C 23 -8.55 37.23 -14.46
C ASN C 23 -8.58 37.18 -12.93
N GLU C 24 -7.47 36.78 -12.33
CA GLU C 24 -7.31 36.70 -10.85
C GLU C 24 -6.43 37.85 -10.36
N GLN C 25 -5.92 38.68 -11.29
CA GLN C 25 -4.91 39.75 -11.03
C GLN C 25 -5.34 41.03 -11.74
N GLU C 26 -6.64 41.23 -11.99
CA GLU C 26 -7.16 42.37 -12.79
C GLU C 26 -7.05 43.67 -11.98
N GLU C 27 -6.32 44.64 -12.51
CA GLU C 27 -6.07 45.97 -11.89
C GLU C 27 -7.20 46.92 -12.29
N VAL C 28 -7.76 47.66 -11.33
CA VAL C 28 -8.89 48.64 -11.57
C VAL C 28 -8.59 49.96 -10.88
N THR C 29 -9.34 51.01 -11.22
CA THR C 29 -9.17 52.40 -10.71
C THR C 29 -9.39 52.44 -9.19
N ASN C 30 -10.62 52.22 -8.73
CA ASN C 30 -11.02 52.17 -7.29
C ASN C 30 -11.70 50.82 -7.03
N ALA C 31 -11.56 50.26 -5.82
CA ALA C 31 -12.29 49.05 -5.36
C ALA C 31 -12.61 49.18 -3.86
N THR C 32 -13.32 48.20 -3.30
CA THR C 32 -13.74 48.21 -1.87
C THR C 32 -13.81 46.79 -1.32
N GLU C 33 -13.66 46.66 0.00
CA GLU C 33 -13.72 45.37 0.73
C GLU C 33 -15.19 44.98 0.92
N THR C 34 -15.48 43.67 0.92
CA THR C 34 -16.82 43.10 1.22
C THR C 34 -16.79 42.20 2.46
N VAL C 35 -15.59 41.78 2.90
CA VAL C 35 -15.36 40.93 4.10
C VAL C 35 -14.79 41.80 5.23
N GLU C 36 -15.52 41.92 6.34
CA GLU C 36 -15.05 42.66 7.54
C GLU C 36 -14.13 41.74 8.36
N SER C 37 -12.90 42.19 8.61
CA SER C 37 -11.82 41.44 9.31
C SER C 37 -11.61 42.02 10.71
N THR C 38 -12.16 43.20 10.99
CA THR C 38 -11.96 43.94 12.26
C THR C 38 -13.22 43.81 13.12
N SER C 39 -13.03 43.54 14.41
CA SER C 39 -14.09 43.42 15.43
C SER C 39 -14.02 44.60 16.41
N LEU C 40 -15.07 44.79 17.20
CA LEU C 40 -15.06 45.62 18.44
C LEU C 40 -14.80 44.72 19.64
N ASN C 41 -13.92 45.16 20.54
CA ASN C 41 -13.55 44.41 21.77
C ASN C 41 -14.67 44.49 22.78
N ARG C 42 -15.79 45.14 22.45
CA ARG C 42 -16.88 45.49 23.42
C ARG C 42 -18.24 45.08 22.89
N LEU C 43 -19.18 44.86 23.81
CA LEU C 43 -20.62 44.68 23.55
C LEU C 43 -21.30 46.04 23.51
N CYS C 44 -22.16 46.27 22.54
CA CYS C 44 -22.71 47.61 22.21
C CYS C 44 -24.20 47.67 22.54
N MET C 45 -24.51 48.04 23.79
CA MET C 45 -25.88 47.96 24.39
C MET C 45 -26.54 49.33 24.37
N LYS C 46 -26.17 50.23 23.44
CA LYS C 46 -26.90 51.49 23.21
C LYS C 46 -28.30 51.12 22.73
N GLY C 47 -29.29 51.92 23.13
CA GLY C 47 -30.71 51.71 22.81
C GLY C 47 -31.18 50.29 23.14
N ARG C 48 -30.47 49.59 24.01
CA ARG C 48 -30.83 48.22 24.48
C ARG C 48 -31.06 48.24 25.99
N ASN C 49 -32.26 47.82 26.41
CA ASN C 49 -32.63 47.53 27.83
C ASN C 49 -32.02 46.17 28.21
N HIS C 50 -30.69 46.11 28.36
CA HIS C 50 -29.91 44.86 28.54
C HIS C 50 -29.69 44.57 30.03
N LYS C 51 -29.35 43.33 30.35
CA LYS C 51 -28.98 42.86 31.72
C LYS C 51 -27.69 42.04 31.59
N ASP C 52 -26.59 42.56 32.12
CA ASP C 52 -25.32 41.81 32.29
C ASP C 52 -25.46 40.98 33.56
N LEU C 53 -25.20 39.67 33.51
CA LEU C 53 -25.37 38.75 34.67
C LEU C 53 -24.09 38.72 35.53
N GLY C 54 -22.95 39.10 34.96
CA GLY C 54 -21.66 38.82 35.61
C GLY C 54 -21.55 37.34 35.91
N ASN C 55 -21.08 36.97 37.10
CA ASN C 55 -20.79 35.56 37.48
C ASN C 55 -22.10 34.81 37.82
N CYS C 56 -23.28 35.42 37.60
CA CYS C 56 -24.59 34.71 37.64
C CYS C 56 -24.82 33.97 36.31
N HIS C 57 -25.13 32.68 36.40
CA HIS C 57 -25.49 31.83 35.23
C HIS C 57 -27.01 31.87 35.10
N PRO C 58 -27.56 31.94 33.86
CA PRO C 58 -29.00 32.11 33.68
C PRO C 58 -29.87 31.18 34.53
N ILE C 59 -29.51 29.89 34.60
CA ILE C 59 -30.26 28.87 35.38
C ILE C 59 -30.44 29.39 36.82
N GLY C 60 -29.32 29.81 37.43
CA GLY C 60 -29.28 30.32 38.82
C GLY C 60 -30.39 31.31 39.10
N MET C 61 -30.80 32.08 38.10
CA MET C 61 -31.87 33.12 38.22
C MET C 61 -33.18 32.48 38.69
N LEU C 62 -33.50 31.28 38.19
CA LEU C 62 -34.82 30.63 38.40
C LEU C 62 -34.85 29.92 39.75
N ILE C 63 -33.68 29.52 40.25
CA ILE C 63 -33.53 28.76 41.53
C ILE C 63 -33.05 29.70 42.63
N GLY C 64 -32.31 30.75 42.28
CA GLY C 64 -31.91 31.82 43.22
C GLY C 64 -30.62 31.51 43.95
N THR C 65 -29.57 31.09 43.23
CA THR C 65 -28.17 30.99 43.71
C THR C 65 -27.77 32.32 44.33
N PRO C 66 -26.83 32.34 45.31
CA PRO C 66 -26.42 33.59 45.95
C PRO C 66 -26.09 34.67 44.92
N ALA C 67 -25.22 34.35 43.95
CA ALA C 67 -24.75 35.28 42.91
C ALA C 67 -25.95 35.98 42.25
N CYS C 68 -26.95 35.20 41.85
CA CYS C 68 -28.04 35.67 40.95
C CYS C 68 -29.06 36.50 41.74
N ASP C 69 -28.86 36.70 43.05
CA ASP C 69 -29.82 37.39 43.95
C ASP C 69 -30.32 38.69 43.31
N LEU C 70 -29.47 39.41 42.58
CA LEU C 70 -29.81 40.71 41.94
C LEU C 70 -30.65 40.46 40.67
N HIS C 71 -30.68 39.23 40.15
CA HIS C 71 -31.23 38.86 38.82
C HIS C 71 -32.38 37.84 38.97
N LEU C 72 -33.05 37.83 40.12
CA LEU C 72 -34.18 36.89 40.35
C LEU C 72 -35.31 37.25 39.38
N THR C 73 -35.65 38.54 39.23
CA THR C 73 -36.69 39.03 38.31
C THR C 73 -36.15 40.19 37.46
N GLY C 74 -37.00 40.74 36.58
CA GLY C 74 -36.69 41.87 35.69
C GLY C 74 -37.16 41.64 34.26
N THR C 75 -37.12 42.70 33.45
CA THR C 75 -37.45 42.68 32.01
C THR C 75 -36.27 43.26 31.22
N TRP C 76 -35.95 42.68 30.07
CA TRP C 76 -34.84 43.12 29.20
C TRP C 76 -35.14 42.78 27.74
N ASP C 77 -34.22 43.14 26.86
CA ASP C 77 -34.23 42.76 25.41
C ASP C 77 -32.92 42.03 25.07
N THR C 78 -31.96 42.02 26.01
CA THR C 78 -30.64 41.38 25.81
C THR C 78 -30.06 40.79 27.10
N LEU C 79 -29.83 39.47 27.09
CA LEU C 79 -29.21 38.73 28.21
C LEU C 79 -27.75 38.46 27.88
N ILE C 80 -26.86 38.65 28.84
CA ILE C 80 -25.38 38.52 28.64
C ILE C 80 -24.81 37.56 29.69
N GLU C 81 -24.65 36.29 29.32
CA GLU C 81 -24.03 35.26 30.20
C GLU C 81 -22.52 35.48 30.13
N ARG C 82 -21.77 35.02 31.14
CA ARG C 82 -20.30 35.20 31.23
C ARG C 82 -19.65 33.85 31.53
N LYS C 83 -18.30 33.84 31.57
CA LYS C 83 -17.50 32.59 31.73
C LYS C 83 -17.55 32.14 33.19
N ASN C 84 -17.53 30.82 33.39
CA ASN C 84 -17.52 30.16 34.73
C ASN C 84 -18.71 30.63 35.57
N ALA C 85 -19.73 31.25 34.97
CA ALA C 85 -20.91 31.80 35.68
C ALA C 85 -21.47 30.72 36.63
N ILE C 86 -21.82 31.11 37.86
CA ILE C 86 -22.21 30.18 38.96
C ILE C 86 -23.74 30.05 38.94
N ALA C 87 -24.22 28.81 38.81
CA ALA C 87 -25.66 28.46 38.82
C ALA C 87 -25.97 27.55 40.01
N TYR C 88 -24.96 26.97 40.64
CA TYR C 88 -25.14 25.93 41.68
C TYR C 88 -24.16 26.17 42.84
N CYS C 89 -24.62 26.86 43.89
CA CYS C 89 -23.85 27.03 45.15
C CYS C 89 -23.59 25.65 45.74
N TYR C 90 -24.66 24.86 45.95
CA TYR C 90 -24.58 23.46 46.43
C TYR C 90 -24.36 22.54 45.24
N PRO C 91 -23.38 21.62 45.30
CA PRO C 91 -23.05 20.75 44.17
C PRO C 91 -24.28 20.05 43.59
N GLY C 92 -24.15 19.67 42.31
CA GLY C 92 -25.21 19.07 41.49
C GLY C 92 -25.26 19.75 40.13
N ALA C 93 -26.14 19.28 39.25
CA ALA C 93 -26.43 19.90 37.94
C ALA C 93 -27.91 19.72 37.60
N THR C 94 -28.44 20.58 36.75
CA THR C 94 -29.84 20.51 36.24
C THR C 94 -29.91 19.44 35.14
N VAL C 95 -30.88 18.53 35.21
CA VAL C 95 -31.13 17.54 34.13
C VAL C 95 -31.77 18.31 32.96
N ASN C 96 -31.22 18.08 31.76
CA ASN C 96 -31.60 18.80 30.53
C ASN C 96 -31.11 20.25 30.65
N GLU C 97 -29.87 20.42 31.10
CA GLU C 97 -29.27 21.72 31.51
C GLU C 97 -29.27 22.70 30.32
N GLU C 98 -28.65 22.28 29.21
CA GLU C 98 -28.38 23.18 28.07
C GLU C 98 -29.72 23.79 27.62
N ALA C 99 -30.70 22.91 27.38
CA ALA C 99 -32.05 23.31 26.91
C ALA C 99 -32.56 24.50 27.76
N LEU C 100 -32.39 24.42 29.08
CA LEU C 100 -32.92 25.44 30.03
C LEU C 100 -32.26 26.78 29.73
N ARG C 101 -30.93 26.84 29.79
CA ARG C 101 -30.16 28.08 29.53
C ARG C 101 -30.71 28.71 28.26
N GLN C 102 -30.74 27.95 27.15
CA GLN C 102 -31.14 28.44 25.81
C GLN C 102 -32.54 29.05 25.91
N LYS C 103 -33.43 28.45 26.71
CA LYS C 103 -34.84 28.93 26.90
C LYS C 103 -34.83 30.26 27.64
N ILE C 104 -33.98 30.34 28.67
CA ILE C 104 -33.77 31.57 29.49
C ILE C 104 -33.15 32.64 28.60
N MET C 105 -32.15 32.29 27.80
CA MET C 105 -31.40 33.27 26.97
C MET C 105 -32.32 33.78 25.84
N GLU C 106 -33.22 32.94 25.32
CA GLU C 106 -34.28 33.25 24.30
C GLU C 106 -35.29 34.23 24.92
N SER C 107 -35.48 34.16 26.23
CA SER C 107 -36.47 34.97 26.99
C SER C 107 -36.02 36.43 27.11
N GLY C 108 -37.00 37.34 27.19
CA GLY C 108 -36.77 38.79 27.35
C GLY C 108 -37.16 39.26 28.73
N GLY C 109 -37.16 38.39 29.74
CA GLY C 109 -37.50 38.78 31.13
C GLY C 109 -37.97 37.62 31.99
N ILE C 110 -38.02 37.83 33.32
CA ILE C 110 -38.46 36.82 34.32
C ILE C 110 -39.43 37.47 35.33
N SER C 111 -40.64 36.92 35.47
CA SER C 111 -41.58 37.10 36.61
C SER C 111 -41.36 35.93 37.57
N LYS C 112 -41.66 36.14 38.85
CA LYS C 112 -41.71 35.04 39.86
C LYS C 112 -43.11 35.05 40.49
N ILE C 113 -43.75 33.88 40.55
CA ILE C 113 -45.03 33.68 41.30
C ILE C 113 -44.74 32.65 42.41
N ASN C 114 -45.39 32.83 43.57
CA ASN C 114 -45.21 31.99 44.77
C ASN C 114 -46.05 30.72 44.60
N THR C 115 -45.49 29.58 45.01
CA THR C 115 -46.17 28.25 45.00
C THR C 115 -47.29 28.25 46.04
N GLY C 116 -47.03 28.87 47.20
CA GLY C 116 -47.95 28.90 48.35
C GLY C 116 -47.76 27.68 49.26
N PHE C 117 -46.98 26.69 48.81
CA PHE C 117 -46.79 25.37 49.47
C PHE C 117 -46.51 25.55 50.96
N THR C 118 -47.28 24.86 51.80
CA THR C 118 -47.09 24.83 53.28
C THR C 118 -47.04 23.36 53.72
N TYR C 119 -46.36 23.11 54.84
CA TYR C 119 -46.04 21.75 55.35
C TYR C 119 -46.28 21.71 56.88
N GLY C 120 -46.78 20.57 57.38
CA GLY C 120 -46.93 20.30 58.83
C GLY C 120 -45.58 20.36 59.51
N SER C 121 -45.54 20.71 60.81
CA SER C 121 -44.30 21.10 61.53
C SER C 121 -43.49 19.87 61.98
N SER C 122 -43.85 18.67 61.51
CA SER C 122 -42.97 17.46 61.50
C SER C 122 -41.84 17.66 60.47
N ILE C 123 -41.99 18.66 59.58
CA ILE C 123 -41.07 19.03 58.45
C ILE C 123 -40.38 20.37 58.75
N ASN C 124 -39.10 20.47 58.39
CA ASN C 124 -38.23 21.68 58.53
C ASN C 124 -37.90 22.23 57.14
N SER C 125 -38.66 23.25 56.70
CA SER C 125 -38.60 23.89 55.36
C SER C 125 -37.62 25.05 55.35
N ALA C 126 -37.02 25.35 56.51
CA ALA C 126 -36.02 26.44 56.68
C ALA C 126 -34.60 25.88 56.51
N GLY C 127 -34.45 24.67 55.91
CA GLY C 127 -33.19 23.92 55.86
C GLY C 127 -32.15 24.61 55.00
N THR C 128 -31.07 25.12 55.60
CA THR C 128 -30.01 25.92 54.93
C THR C 128 -28.74 25.08 54.84
N THR C 129 -27.67 25.63 54.26
CA THR C 129 -26.36 24.95 54.05
C THR C 129 -25.23 25.98 54.01
N LYS C 130 -24.00 25.49 54.19
CA LYS C 130 -22.74 26.29 54.15
C LYS C 130 -22.43 26.64 52.69
N ALA C 131 -22.81 25.75 51.75
CA ALA C 131 -22.48 25.86 50.31
C ALA C 131 -23.06 27.16 49.73
N CYS C 132 -24.26 27.57 50.15
CA CYS C 132 -24.96 28.79 49.67
C CYS C 132 -24.96 29.89 50.76
N MET C 133 -23.83 30.59 50.91
CA MET C 133 -23.64 31.65 51.94
C MET C 133 -24.46 32.90 51.55
N ARG C 134 -25.01 33.60 52.55
CA ARG C 134 -25.76 34.87 52.37
C ARG C 134 -25.73 35.67 53.69
N ASN C 135 -25.17 36.89 53.67
CA ASN C 135 -24.94 37.74 54.87
C ASN C 135 -24.10 36.98 55.89
N GLY C 136 -22.98 36.38 55.43
CA GLY C 136 -22.01 35.64 56.25
C GLY C 136 -22.67 34.55 57.08
N GLY C 137 -23.78 33.99 56.61
CA GLY C 137 -24.53 32.92 57.31
C GLY C 137 -25.09 31.91 56.33
N ASN C 138 -25.27 30.66 56.78
CA ASN C 138 -25.85 29.56 55.96
C ASN C 138 -27.20 30.00 55.39
N SER C 139 -27.45 29.65 54.12
CA SER C 139 -28.69 29.96 53.37
C SER C 139 -28.85 28.94 52.26
N PHE C 140 -29.84 29.12 51.39
CA PHE C 140 -30.21 28.17 50.32
C PHE C 140 -30.69 28.96 49.11
N TYR C 141 -30.93 28.25 48.02
CA TYR C 141 -31.59 28.76 46.79
C TYR C 141 -32.90 29.45 47.19
N ALA C 142 -32.99 30.76 46.93
CA ALA C 142 -34.09 31.64 47.36
C ALA C 142 -35.45 31.11 46.89
N GLU C 143 -35.48 30.45 45.73
CA GLU C 143 -36.73 30.03 45.04
C GLU C 143 -37.05 28.57 45.36
N LEU C 144 -36.26 27.95 46.22
CA LEU C 144 -36.48 26.55 46.70
C LEU C 144 -36.42 26.50 48.22
N LYS C 145 -37.04 25.47 48.79
CA LYS C 145 -37.01 25.15 50.24
C LYS C 145 -36.35 23.78 50.40
N TRP C 146 -35.43 23.64 51.37
CA TRP C 146 -34.90 22.31 51.78
C TRP C 146 -35.83 21.71 52.82
N LEU C 147 -36.56 20.66 52.43
CA LEU C 147 -37.50 19.87 53.27
C LEU C 147 -36.75 18.69 53.89
N VAL C 148 -36.51 18.78 55.20
CA VAL C 148 -35.96 17.70 56.08
C VAL C 148 -36.89 17.54 57.29
N SER C 149 -36.86 16.39 57.97
CA SER C 149 -37.69 16.12 59.17
C SER C 149 -37.15 16.95 60.35
N LYS C 150 -38.05 17.33 61.28
CA LYS C 150 -37.74 18.26 62.40
C LYS C 150 -36.83 17.54 63.40
N ASN C 151 -37.16 16.29 63.76
CA ASN C 151 -36.40 15.47 64.73
C ASN C 151 -35.43 14.56 63.97
N LYS C 152 -34.11 14.75 64.20
CA LYS C 152 -33.01 14.00 63.51
C LYS C 152 -33.27 12.49 63.62
N GLY C 153 -33.50 11.81 62.50
CA GLY C 153 -33.71 10.35 62.46
C GLY C 153 -35.15 9.98 62.25
N GLN C 154 -36.09 10.86 62.65
CA GLN C 154 -37.56 10.67 62.46
C GLN C 154 -37.84 10.53 60.96
N ASN C 155 -38.74 9.60 60.57
CA ASN C 155 -39.15 9.41 59.16
C ASN C 155 -39.92 10.64 58.68
N PHE C 156 -39.60 11.11 57.47
CA PHE C 156 -40.18 12.33 56.85
C PHE C 156 -41.64 12.03 56.51
N PRO C 157 -42.59 12.90 56.92
CA PRO C 157 -44.00 12.67 56.64
C PRO C 157 -44.35 12.72 55.15
N GLN C 158 -45.15 11.76 54.68
CA GLN C 158 -45.81 11.76 53.36
C GLN C 158 -46.53 13.11 53.18
N THR C 159 -46.15 13.90 52.18
CA THR C 159 -46.77 15.23 51.89
C THR C 159 -47.17 15.28 50.42
N THR C 160 -48.19 16.09 50.13
CA THR C 160 -48.70 16.38 48.76
C THR C 160 -48.87 17.90 48.63
N ASN C 161 -48.02 18.50 47.78
CA ASN C 161 -48.02 19.95 47.41
C ASN C 161 -48.34 20.08 45.91
N THR C 162 -49.25 20.99 45.53
CA THR C 162 -49.78 21.14 44.15
C THR C 162 -49.87 22.61 43.76
N TYR C 163 -49.16 23.03 42.71
CA TYR C 163 -49.18 24.41 42.17
C TYR C 163 -50.15 24.49 41.00
N ARG C 164 -50.96 25.55 41.01
CA ARG C 164 -51.95 25.89 39.95
C ARG C 164 -51.46 27.15 39.22
N ASN C 165 -51.40 27.11 37.88
CA ASN C 165 -51.04 28.26 37.03
C ASN C 165 -52.22 29.23 36.98
N ALA C 166 -52.20 30.27 37.82
CA ALA C 166 -53.26 31.30 37.94
C ALA C 166 -53.21 32.24 36.73
N ASP C 167 -51.98 32.55 36.28
CA ASP C 167 -51.64 33.44 35.13
C ASP C 167 -52.17 32.82 33.84
N THR C 168 -52.15 33.58 32.75
CA THR C 168 -52.74 33.21 31.43
C THR C 168 -51.62 32.83 30.44
N ALA C 169 -50.36 32.91 30.85
CA ALA C 169 -49.17 32.45 30.08
C ALA C 169 -48.45 31.39 30.89
N GLU C 170 -47.79 30.43 30.22
CA GLU C 170 -47.13 29.27 30.87
C GLU C 170 -46.04 29.72 31.84
N HIS C 171 -45.91 29.00 32.97
CA HIS C 171 -44.88 29.23 34.01
C HIS C 171 -43.84 28.10 33.94
N LEU C 172 -42.65 28.36 34.48
CA LEU C 172 -41.54 27.38 34.51
C LEU C 172 -41.30 27.01 35.97
N ILE C 173 -41.77 25.83 36.36
CA ILE C 173 -41.57 25.29 37.73
C ILE C 173 -40.27 24.48 37.76
N MET C 174 -39.42 24.82 38.71
CA MET C 174 -38.14 24.13 38.93
C MET C 174 -38.19 23.49 40.32
N TRP C 175 -37.57 22.32 40.47
CA TRP C 175 -37.38 21.66 41.79
C TRP C 175 -36.06 20.88 41.81
N GLY C 176 -35.73 20.32 42.97
CA GLY C 176 -34.48 19.57 43.21
C GLY C 176 -34.72 18.28 43.99
N ILE C 177 -33.87 17.29 43.74
CA ILE C 177 -33.79 15.99 44.46
C ILE C 177 -32.46 16.00 45.21
N HIS C 178 -32.43 15.54 46.46
CA HIS C 178 -31.21 15.47 47.30
C HIS C 178 -30.71 14.04 47.35
N HIS C 179 -29.42 13.84 47.08
CA HIS C 179 -28.76 12.52 47.13
C HIS C 179 -27.81 12.52 48.33
N PRO C 180 -28.03 11.64 49.34
CA PRO C 180 -27.19 11.63 50.52
C PRO C 180 -25.85 10.93 50.27
N SER C 181 -24.78 11.47 50.85
CA SER C 181 -23.41 10.89 50.85
C SER C 181 -23.48 9.42 51.31
N SER C 182 -24.05 9.18 52.50
CA SER C 182 -24.21 7.83 53.13
C SER C 182 -25.59 7.71 53.79
N THR C 183 -26.01 6.49 54.13
CA THR C 183 -27.36 6.19 54.71
C THR C 183 -27.48 6.84 56.11
N GLN C 184 -26.35 7.09 56.79
CA GLN C 184 -26.29 7.82 58.10
C GLN C 184 -26.93 9.21 57.93
N GLU C 185 -26.48 9.95 56.90
CA GLU C 185 -27.01 11.29 56.50
C GLU C 185 -28.47 11.15 56.06
N LYS C 186 -28.77 10.12 55.25
CA LYS C 186 -30.11 9.85 54.65
C LYS C 186 -31.15 9.70 55.76
N ASN C 187 -30.83 8.90 56.78
CA ASN C 187 -31.75 8.53 57.89
C ASN C 187 -31.86 9.70 58.88
N ASP C 188 -30.79 10.50 59.03
CA ASP C 188 -30.73 11.65 59.96
C ASP C 188 -31.69 12.76 59.54
N LEU C 189 -32.11 12.80 58.27
CA LEU C 189 -32.95 13.88 57.69
C LEU C 189 -34.33 13.36 57.27
N TYR C 190 -34.38 12.20 56.62
CA TYR C 190 -35.61 11.63 55.99
C TYR C 190 -36.03 10.30 56.65
N GLY C 191 -35.13 9.66 57.39
CA GLY C 191 -35.43 8.42 58.14
C GLY C 191 -35.10 7.17 57.35
N THR C 192 -35.28 6.02 58.00
CA THR C 192 -34.90 4.68 57.49
C THR C 192 -35.71 4.33 56.24
N GLN C 193 -37.01 4.67 56.22
CA GLN C 193 -37.95 4.32 55.12
C GLN C 193 -37.32 4.70 53.78
N SER C 194 -37.45 3.85 52.75
CA SER C 194 -37.05 4.17 51.35
C SER C 194 -38.01 5.26 50.83
N LEU C 195 -37.47 6.19 50.03
CA LEU C 195 -38.15 7.42 49.56
C LEU C 195 -38.45 7.32 48.06
N SER C 196 -39.57 7.90 47.65
CA SER C 196 -40.04 7.98 46.25
C SER C 196 -40.77 9.30 46.05
N ILE C 197 -40.36 10.07 45.03
CA ILE C 197 -40.84 11.45 44.76
C ILE C 197 -41.49 11.46 43.37
N SER C 198 -42.81 11.61 43.35
CA SER C 198 -43.63 11.57 42.11
C SER C 198 -44.14 12.99 41.81
N VAL C 199 -43.90 13.44 40.59
CA VAL C 199 -44.36 14.76 40.09
C VAL C 199 -45.27 14.51 38.89
N GLY C 200 -46.40 15.22 38.86
CA GLY C 200 -47.46 15.01 37.86
C GLY C 200 -48.11 16.32 37.47
N SER C 201 -48.38 16.47 36.18
CA SER C 201 -49.17 17.57 35.57
C SER C 201 -49.98 16.97 34.43
N SER C 202 -50.77 17.79 33.73
CA SER C 202 -51.51 17.34 32.53
C SER C 202 -50.53 16.86 31.45
N THR C 203 -49.32 17.43 31.40
CA THR C 203 -48.33 17.21 30.30
C THR C 203 -47.04 16.58 30.84
N TYR C 204 -46.93 16.35 32.15
CA TYR C 204 -45.68 15.84 32.79
C TYR C 204 -46.00 14.72 33.76
N LYS C 205 -45.20 13.64 33.69
CA LYS C 205 -45.21 12.49 34.64
C LYS C 205 -43.75 12.09 34.87
N ASN C 206 -43.32 11.90 36.12
CA ASN C 206 -41.92 11.51 36.45
C ASN C 206 -41.81 11.06 37.91
N ASN C 207 -41.06 9.98 38.12
CA ASN C 207 -40.75 9.42 39.47
C ASN C 207 -39.24 9.51 39.71
N PHE C 208 -38.86 9.96 40.91
CA PHE C 208 -37.44 10.20 41.33
C PHE C 208 -37.17 9.44 42.64
N VAL C 209 -36.25 8.47 42.60
CA VAL C 209 -35.72 7.74 43.80
C VAL C 209 -34.34 8.31 44.11
N PRO C 210 -34.19 9.09 45.22
CA PRO C 210 -32.88 9.55 45.67
C PRO C 210 -31.90 8.39 45.89
N VAL C 211 -30.63 8.57 45.49
CA VAL C 211 -29.60 7.50 45.52
C VAL C 211 -28.54 7.90 46.56
N VAL C 212 -28.23 6.96 47.47
CA VAL C 212 -27.24 7.10 48.57
C VAL C 212 -25.93 6.45 48.09
N GLY C 213 -24.79 6.88 48.64
CA GLY C 213 -23.45 6.42 48.20
C GLY C 213 -22.58 7.61 47.87
N ALA C 214 -21.30 7.56 48.26
CA ALA C 214 -20.37 8.71 48.25
C ALA C 214 -19.90 9.01 46.82
N ARG C 215 -19.80 10.30 46.50
CA ARG C 215 -19.02 10.84 45.36
C ARG C 215 -17.76 11.47 45.93
N PRO C 216 -16.82 11.96 45.10
CA PRO C 216 -15.78 12.87 45.59
C PRO C 216 -16.36 14.11 46.28
N GLN C 217 -15.53 14.76 47.10
CA GLN C 217 -15.86 15.96 47.91
C GLN C 217 -15.85 17.21 47.00
N VAL C 218 -16.84 18.10 47.14
CA VAL C 218 -16.93 19.42 46.45
C VAL C 218 -17.49 20.44 47.46
N ASN C 219 -16.64 21.32 48.00
CA ASN C 219 -16.97 22.32 49.05
C ASN C 219 -17.27 21.61 50.39
N GLY C 220 -16.58 20.51 50.68
CA GLY C 220 -16.70 19.73 51.94
C GLY C 220 -17.84 18.71 51.90
N LEU C 221 -18.52 18.57 50.75
CA LEU C 221 -19.79 17.80 50.58
C LEU C 221 -19.64 16.79 49.44
N SER C 222 -19.92 15.50 49.68
CA SER C 222 -19.96 14.45 48.64
C SER C 222 -21.41 14.13 48.24
N SER C 223 -22.39 14.80 48.88
CA SER C 223 -23.83 14.77 48.57
C SER C 223 -24.16 15.75 47.44
N ARG C 224 -25.20 15.47 46.66
CA ARG C 224 -25.59 16.24 45.44
C ARG C 224 -27.05 16.71 45.56
N ILE C 225 -27.35 17.91 45.08
CA ILE C 225 -28.73 18.40 44.81
C ILE C 225 -28.84 18.72 43.32
N ASP C 226 -29.24 17.71 42.54
CA ASP C 226 -29.61 17.83 41.11
C ASP C 226 -31.00 18.48 41.05
N PHE C 227 -31.30 19.19 39.96
CA PHE C 227 -32.60 19.87 39.72
C PHE C 227 -33.21 19.33 38.42
N HIS C 228 -34.54 19.30 38.34
CA HIS C 228 -35.30 19.06 37.08
C HIS C 228 -36.29 20.21 36.92
N TRP C 229 -37.01 20.21 35.81
CA TRP C 229 -37.90 21.35 35.44
C TRP C 229 -38.91 20.91 34.39
N THR C 230 -39.92 21.76 34.19
CA THR C 230 -40.97 21.57 33.17
C THR C 230 -41.78 22.86 33.08
N LEU C 231 -42.47 23.06 31.95
CA LEU C 231 -43.42 24.18 31.75
C LEU C 231 -44.79 23.70 32.22
N VAL C 232 -45.47 24.49 33.04
CA VAL C 232 -46.84 24.17 33.54
C VAL C 232 -47.81 25.10 32.79
N GLN C 233 -48.78 24.53 32.08
CA GLN C 233 -49.63 25.29 31.13
C GLN C 233 -50.66 26.10 31.89
N PRO C 234 -51.14 27.24 31.34
CA PRO C 234 -52.12 28.08 32.03
C PRO C 234 -53.38 27.29 32.42
N GLY C 235 -53.97 27.62 33.57
CA GLY C 235 -55.09 26.88 34.18
C GLY C 235 -54.79 25.40 34.30
N ASP C 236 -53.66 25.05 34.91
CA ASP C 236 -53.22 23.65 35.10
C ASP C 236 -52.58 23.50 36.48
N LYS C 237 -52.53 22.27 36.98
CA LYS C 237 -51.95 21.93 38.31
C LYS C 237 -50.75 21.00 38.09
N ILE C 238 -49.72 21.17 38.91
CA ILE C 238 -48.59 20.21 39.04
C ILE C 238 -48.54 19.76 40.50
N THR C 239 -48.61 18.44 40.72
CA THR C 239 -48.72 17.78 42.05
C THR C 239 -47.39 17.13 42.42
N PHE C 240 -46.92 17.38 43.65
CA PHE C 240 -45.66 16.86 44.21
C PHE C 240 -45.95 15.83 45.30
N SER C 241 -45.83 14.55 44.96
CA SER C 241 -45.84 13.41 45.90
C SER C 241 -44.40 13.13 46.35
N HIS C 242 -44.10 13.21 47.66
CA HIS C 242 -42.75 12.95 48.21
C HIS C 242 -42.78 12.36 49.62
N ASN C 243 -41.88 11.40 49.89
CA ASN C 243 -41.61 10.74 51.20
C ASN C 243 -40.50 11.50 51.95
N GLY C 244 -39.93 12.54 51.30
CA GLY C 244 -38.77 13.30 51.79
C GLY C 244 -37.62 13.27 50.80
N GLY C 245 -36.72 14.25 50.89
CA GLY C 245 -35.58 14.36 49.96
C GLY C 245 -35.96 15.09 48.69
N LEU C 246 -37.10 15.80 48.74
CA LEU C 246 -37.55 16.72 47.67
C LEU C 246 -37.20 18.14 48.11
N ILE C 247 -36.36 18.83 47.34
CA ILE C 247 -36.11 20.30 47.45
C ILE C 247 -37.22 20.98 46.65
N ALA C 248 -38.20 21.54 47.35
CA ALA C 248 -39.48 22.00 46.76
C ALA C 248 -39.37 23.46 46.36
N PRO C 249 -40.06 23.86 45.28
CA PRO C 249 -40.13 25.27 44.90
C PRO C 249 -40.97 26.08 45.89
N SER C 250 -40.45 27.23 46.33
CA SER C 250 -41.26 28.32 46.90
C SER C 250 -41.75 29.23 45.77
N ARG C 251 -41.07 29.20 44.63
CA ARG C 251 -41.36 30.09 43.48
C ARG C 251 -41.23 29.34 42.13
N VAL C 252 -42.29 29.49 41.34
CA VAL C 252 -42.30 29.24 39.87
C VAL C 252 -41.75 30.50 39.20
N SER C 253 -41.00 30.31 38.11
CA SER C 253 -40.51 31.38 37.22
C SER C 253 -41.43 31.48 36.00
N LYS C 254 -41.71 32.69 35.49
CA LYS C 254 -42.36 32.92 34.17
C LYS C 254 -41.43 33.74 33.27
N LEU C 255 -41.08 33.20 32.10
CA LEU C 255 -40.21 33.87 31.10
C LEU C 255 -41.06 34.87 30.30
N ILE C 256 -40.71 36.16 30.34
CA ILE C 256 -41.51 37.28 29.76
C ILE C 256 -40.94 37.57 28.37
N GLY C 257 -41.83 37.57 27.36
CA GLY C 257 -41.51 37.88 25.96
C GLY C 257 -40.29 37.12 25.47
N ARG C 258 -39.50 37.78 24.64
CA ARG C 258 -38.27 37.19 24.05
C ARG C 258 -37.19 38.28 24.03
N GLY C 259 -35.93 37.85 24.00
CA GLY C 259 -34.76 38.73 23.97
C GLY C 259 -33.54 38.03 23.43
N LEU C 260 -32.52 38.80 23.04
CA LEU C 260 -31.28 38.26 22.43
C LEU C 260 -30.27 37.85 23.51
N GLY C 261 -29.81 36.59 23.46
CA GLY C 261 -28.82 36.03 24.38
C GLY C 261 -27.42 36.07 23.80
N ILE C 262 -26.53 36.86 24.40
CA ILE C 262 -25.09 36.98 24.02
C ILE C 262 -24.21 36.25 25.05
N GLN C 263 -23.58 35.14 24.67
CA GLN C 263 -22.47 34.54 25.46
C GLN C 263 -21.18 35.27 25.06
N SER C 264 -20.64 36.13 25.92
CA SER C 264 -19.47 37.01 25.63
C SER C 264 -18.53 37.10 26.83
N GLU C 265 -17.28 37.53 26.59
CA GLU C 265 -16.28 37.83 27.64
C GLU C 265 -15.93 39.33 27.64
N ALA C 266 -16.50 40.10 26.71
CA ALA C 266 -16.19 41.53 26.45
C ALA C 266 -16.97 42.42 27.40
N PRO C 267 -16.44 43.62 27.74
CA PRO C 267 -17.20 44.59 28.53
C PRO C 267 -18.31 45.30 27.76
N ILE C 268 -19.29 45.87 28.48
CA ILE C 268 -20.44 46.64 27.92
C ILE C 268 -19.92 48.02 27.48
N ASP C 269 -20.69 48.69 26.63
CA ASP C 269 -20.53 50.11 26.20
C ASP C 269 -21.92 50.60 25.74
N ASN C 270 -22.47 51.62 26.39
CA ASN C 270 -23.84 52.13 26.10
C ASN C 270 -23.77 53.34 25.16
N SER C 271 -22.55 53.82 24.85
CA SER C 271 -22.28 54.83 23.80
C SER C 271 -22.47 54.17 22.42
N CYS C 272 -22.07 52.91 22.32
CA CYS C 272 -21.97 52.07 21.10
C CYS C 272 -23.27 51.27 20.86
N GLU C 273 -23.71 51.16 19.60
CA GLU C 273 -24.92 50.43 19.14
C GLU C 273 -24.52 49.32 18.15
N SER C 274 -25.27 48.22 18.09
CA SER C 274 -25.01 47.06 17.19
C SER C 274 -26.24 46.15 17.11
N LYS C 275 -26.25 45.24 16.15
CA LYS C 275 -27.29 44.18 15.94
C LYS C 275 -26.61 42.81 15.89
N CYS C 276 -25.28 42.79 15.93
CA CYS C 276 -24.44 41.57 15.77
C CYS C 276 -23.47 41.50 16.95
N PHE C 277 -23.30 40.30 17.51
CA PHE C 277 -22.37 40.02 18.62
C PHE C 277 -21.76 38.62 18.47
N TRP C 278 -20.58 38.43 19.07
CA TRP C 278 -19.88 37.12 19.19
C TRP C 278 -19.03 37.13 20.45
N ARG C 279 -18.29 36.04 20.74
CA ARG C 279 -17.43 35.96 21.95
C ARG C 279 -16.64 37.27 22.12
N GLY C 280 -15.96 37.70 21.05
CA GLY C 280 -14.97 38.80 21.02
C GLY C 280 -15.61 40.19 20.95
N GLY C 281 -16.94 40.29 20.86
CA GLY C 281 -17.69 41.54 21.05
C GLY C 281 -18.70 41.83 19.95
N SER C 282 -18.79 43.10 19.54
CA SER C 282 -19.77 43.62 18.55
C SER C 282 -19.15 43.61 17.14
N ILE C 283 -20.02 43.64 16.12
CA ILE C 283 -19.70 43.72 14.67
C ILE C 283 -20.71 44.69 14.05
N ASN C 284 -20.26 45.80 13.49
CA ASN C 284 -21.16 46.90 13.04
C ASN C 284 -21.18 47.07 11.51
N THR C 285 -20.37 46.32 10.77
CA THR C 285 -20.11 46.60 9.34
C THR C 285 -21.39 46.59 8.53
N ARG C 286 -21.57 47.64 7.73
CA ARG C 286 -22.57 47.69 6.65
C ARG C 286 -22.22 46.59 5.65
N LEU C 287 -20.98 46.10 5.66
CA LEU C 287 -20.47 45.02 4.75
C LEU C 287 -21.36 43.79 4.80
N PRO C 288 -21.37 42.96 3.73
CA PRO C 288 -22.25 41.80 3.64
C PRO C 288 -21.68 40.47 4.15
N PHE C 289 -20.38 40.45 4.49
CA PHE C 289 -19.63 39.25 4.95
C PHE C 289 -18.70 39.60 6.10
N GLN C 290 -18.07 38.57 6.70
CA GLN C 290 -17.11 38.71 7.81
C GLN C 290 -16.39 37.37 8.00
N ASN C 291 -15.16 37.40 8.51
CA ASN C 291 -14.30 36.21 8.71
C ASN C 291 -13.82 36.16 10.16
N LEU C 292 -14.56 36.80 11.07
CA LEU C 292 -14.22 36.91 12.51
C LEU C 292 -14.53 35.57 13.22
N SER C 293 -15.76 35.08 13.08
CA SER C 293 -16.25 33.87 13.79
C SER C 293 -17.56 33.42 13.17
N PRO C 294 -17.74 32.10 12.97
CA PRO C 294 -19.02 31.54 12.53
C PRO C 294 -20.07 31.47 13.64
N ARG C 295 -19.68 31.82 14.87
CA ARG C 295 -20.60 31.91 16.03
C ARG C 295 -20.93 33.39 16.24
N THR C 296 -21.98 33.85 15.57
CA THR C 296 -22.56 35.21 15.66
C THR C 296 -23.99 35.09 16.16
N VAL C 297 -24.58 36.21 16.58
CA VAL C 297 -25.99 36.29 17.04
C VAL C 297 -26.57 37.65 16.69
N GLY C 298 -27.83 37.66 16.23
CA GLY C 298 -28.57 38.86 15.78
C GLY C 298 -28.55 38.98 14.28
N GLN C 299 -28.77 40.19 13.75
CA GLN C 299 -28.69 40.45 12.30
C GLN C 299 -27.20 40.60 11.94
N CYS C 300 -26.64 39.67 11.18
CA CYS C 300 -25.16 39.51 11.01
C CYS C 300 -24.75 39.25 9.56
N PRO C 301 -23.59 39.80 9.15
CA PRO C 301 -22.93 39.40 7.92
C PRO C 301 -22.59 37.93 7.95
N LYS C 302 -22.63 37.28 6.79
CA LYS C 302 -22.44 35.82 6.67
C LYS C 302 -20.94 35.50 6.82
N TYR C 303 -20.60 34.56 7.69
CA TYR C 303 -19.20 34.14 7.89
C TYR C 303 -18.75 33.46 6.61
N VAL C 304 -17.54 33.82 6.15
CA VAL C 304 -16.88 33.27 4.93
C VAL C 304 -15.44 32.89 5.28
N ASN C 305 -14.82 32.06 4.45
CA ASN C 305 -13.45 31.55 4.68
C ASN C 305 -12.47 32.41 3.89
N LYS C 306 -12.85 33.62 3.47
CA LYS C 306 -11.94 34.51 2.72
C LYS C 306 -11.48 35.64 3.63
N LYS C 307 -10.14 35.87 3.67
CA LYS C 307 -9.52 37.06 4.33
C LYS C 307 -10.12 38.33 3.72
N SER C 308 -10.17 38.41 2.38
CA SER C 308 -10.61 39.60 1.61
C SER C 308 -11.26 39.21 0.27
N LEU C 309 -12.42 39.80 -0.03
CA LEU C 309 -13.01 39.83 -1.40
C LEU C 309 -13.15 41.29 -1.86
N MET C 310 -12.29 41.69 -2.78
CA MET C 310 -12.21 43.08 -3.29
C MET C 310 -13.19 43.27 -4.44
N LEU C 311 -14.16 44.16 -4.25
CA LEU C 311 -15.22 44.49 -5.25
C LEU C 311 -14.84 45.75 -6.00
N ALA C 312 -14.67 45.66 -7.32
CA ALA C 312 -14.34 46.79 -8.20
C ALA C 312 -15.45 47.84 -8.12
N THR C 313 -15.07 49.07 -7.81
CA THR C 313 -15.95 50.29 -7.74
C THR C 313 -15.51 51.31 -8.79
N GLY C 314 -14.93 50.82 -9.90
CA GLY C 314 -14.34 51.64 -10.98
C GLY C 314 -13.78 50.78 -12.10
N MET C 315 -13.31 51.41 -13.17
CA MET C 315 -13.00 50.74 -14.47
C MET C 315 -11.64 50.05 -14.43
N ARG C 316 -11.28 49.36 -15.51
CA ARG C 316 -9.89 48.85 -15.69
C ARG C 316 -8.93 50.04 -15.63
N ASN C 317 -7.88 49.91 -14.83
CA ASN C 317 -6.84 50.94 -14.73
C ASN C 317 -5.74 50.57 -15.73
N VAL C 318 -5.49 51.43 -16.72
CA VAL C 318 -4.41 51.21 -17.71
C VAL C 318 -3.41 52.34 -17.60
N PRO C 319 -2.16 52.04 -17.21
CA PRO C 319 -1.20 53.07 -16.85
C PRO C 319 -0.43 53.60 -18.08
N GLU C 320 0.29 54.71 -17.92
CA GLU C 320 0.97 55.44 -19.01
C GLU C 320 2.46 55.05 -19.01
N GLY D 1 -11.31 44.91 -23.75
CA GLY D 1 -12.30 44.10 -23.00
C GLY D 1 -13.29 43.44 -23.93
N LEU D 2 -14.54 43.29 -23.50
CA LEU D 2 -15.68 42.84 -24.33
C LEU D 2 -15.95 43.84 -25.44
N PHE D 3 -15.86 45.13 -25.11
CA PHE D 3 -16.26 46.24 -26.01
C PHE D 3 -15.02 46.79 -26.72
N GLY D 4 -13.82 46.38 -26.26
CA GLY D 4 -12.55 46.66 -26.96
C GLY D 4 -12.11 48.10 -26.78
N ALA D 5 -12.96 48.95 -26.19
CA ALA D 5 -12.71 50.39 -26.01
C ALA D 5 -11.56 50.56 -25.01
N ILE D 6 -11.73 50.02 -23.81
CA ILE D 6 -10.80 50.22 -22.66
C ILE D 6 -9.81 49.06 -22.65
N ALA D 7 -8.54 49.35 -22.40
CA ALA D 7 -7.46 48.34 -22.54
C ALA D 7 -7.54 47.68 -23.92
N GLY D 8 -8.18 48.35 -24.88
CA GLY D 8 -8.35 47.83 -26.26
C GLY D 8 -7.72 48.76 -27.27
N PHE D 9 -8.50 49.30 -28.21
CA PHE D 9 -8.02 50.24 -29.27
C PHE D 9 -7.56 51.55 -28.64
N ILE D 10 -8.06 51.92 -27.46
CA ILE D 10 -7.48 53.05 -26.68
C ILE D 10 -6.24 52.54 -25.95
N GLU D 11 -5.06 52.93 -26.44
CA GLU D 11 -3.71 52.54 -25.93
C GLU D 11 -3.73 52.54 -24.39
N ASN D 12 -4.25 53.58 -23.76
CA ASN D 12 -4.22 53.73 -22.29
C ASN D 12 -5.09 54.92 -21.84
N GLY D 13 -5.17 55.07 -20.52
CA GLY D 13 -5.99 56.08 -19.84
C GLY D 13 -5.17 57.28 -19.47
N TRP D 14 -5.83 58.29 -18.90
CA TRP D 14 -5.33 59.67 -18.77
C TRP D 14 -5.23 60.09 -17.30
N GLU D 15 -4.06 59.86 -16.67
CA GLU D 15 -3.85 60.11 -15.22
C GLU D 15 -4.23 61.58 -14.95
N GLY D 16 -3.94 62.44 -15.94
CA GLY D 16 -4.29 63.87 -15.93
C GLY D 16 -5.78 64.12 -15.73
N MET D 17 -6.65 63.22 -16.18
CA MET D 17 -8.12 63.48 -16.21
C MET D 17 -8.76 63.12 -14.87
N VAL D 18 -8.89 64.10 -13.98
CA VAL D 18 -9.30 63.92 -12.57
C VAL D 18 -10.66 64.59 -12.35
N ASP D 19 -11.32 65.05 -13.42
CA ASP D 19 -12.63 65.78 -13.32
C ASP D 19 -13.74 64.86 -13.86
N GLY D 20 -13.41 63.59 -14.11
CA GLY D 20 -14.31 62.58 -14.69
C GLY D 20 -13.58 61.29 -15.02
N TRP D 21 -14.28 60.39 -15.72
CA TRP D 21 -13.86 59.01 -16.08
C TRP D 21 -13.59 58.92 -17.59
N TYR D 22 -14.52 59.49 -18.36
CA TYR D 22 -14.54 59.53 -19.84
C TYR D 22 -14.45 60.99 -20.30
N GLY D 23 -13.57 61.28 -21.25
CA GLY D 23 -13.37 62.67 -21.70
C GLY D 23 -12.75 62.76 -23.08
N PHE D 24 -12.48 64.01 -23.48
CA PHE D 24 -11.96 64.39 -24.81
C PHE D 24 -10.62 65.10 -24.68
N ARG D 25 -9.86 65.04 -25.77
CA ARG D 25 -8.59 65.79 -26.00
C ARG D 25 -8.56 66.18 -27.48
N HIS D 26 -8.87 67.44 -27.76
CA HIS D 26 -8.78 68.06 -29.11
C HIS D 26 -7.41 68.72 -29.27
N GLN D 27 -6.84 68.67 -30.47
CA GLN D 27 -5.73 69.57 -30.89
C GLN D 27 -6.11 70.15 -32.26
N ASN D 28 -6.02 71.47 -32.38
CA ASN D 28 -6.49 72.24 -33.56
C ASN D 28 -5.54 73.41 -33.77
N ALA D 29 -5.93 74.32 -34.68
CA ALA D 29 -5.24 75.61 -34.93
C ALA D 29 -4.97 76.30 -33.58
N GLN D 30 -6.03 76.54 -32.78
CA GLN D 30 -5.98 77.16 -31.44
C GLN D 30 -4.96 76.43 -30.57
N GLY D 31 -4.93 75.09 -30.57
CA GLY D 31 -3.95 74.26 -29.82
C GLY D 31 -4.64 73.21 -28.96
N THR D 32 -3.91 72.53 -28.07
CA THR D 32 -4.44 71.40 -27.24
C THR D 32 -5.41 71.92 -26.16
N GLY D 33 -6.07 70.99 -25.48
CA GLY D 33 -7.10 71.25 -24.44
C GLY D 33 -7.85 69.97 -24.09
N GLN D 34 -8.06 69.73 -22.78
CA GLN D 34 -8.72 68.52 -22.23
C GLN D 34 -10.05 68.95 -21.58
N ALA D 35 -11.04 68.04 -21.56
CA ALA D 35 -12.33 68.21 -20.87
C ALA D 35 -13.06 66.87 -20.76
N ALA D 36 -13.63 66.59 -19.60
CA ALA D 36 -14.32 65.31 -19.29
C ALA D 36 -15.78 65.39 -19.74
N ASP D 37 -16.38 64.25 -20.08
CA ASP D 37 -17.82 64.13 -20.42
C ASP D 37 -18.59 63.61 -19.22
N TYR D 38 -19.43 64.44 -18.62
CA TYR D 38 -20.16 64.15 -17.36
C TYR D 38 -21.19 63.05 -17.63
N LYS D 39 -22.02 63.24 -18.65
CA LYS D 39 -23.23 62.41 -18.89
C LYS D 39 -22.84 60.93 -18.93
N SER D 40 -21.70 60.58 -19.53
CA SER D 40 -21.18 59.19 -19.62
C SER D 40 -20.50 58.79 -18.31
N THR D 41 -19.57 59.61 -17.83
CA THR D 41 -18.86 59.42 -16.52
C THR D 41 -19.90 59.12 -15.44
N GLN D 42 -21.04 59.82 -15.45
CA GLN D 42 -22.11 59.67 -14.42
C GLN D 42 -22.77 58.31 -14.60
N ALA D 43 -23.16 57.96 -15.82
CA ALA D 43 -23.85 56.69 -16.13
C ALA D 43 -23.11 55.48 -15.53
N ALA D 44 -21.77 55.47 -15.58
CA ALA D 44 -20.91 54.37 -15.08
C ALA D 44 -20.92 54.36 -13.55
N ILE D 45 -20.71 55.51 -12.95
CA ILE D 45 -20.86 55.76 -11.49
C ILE D 45 -22.26 55.33 -11.04
N ASP D 46 -23.32 55.99 -11.53
CA ASP D 46 -24.74 55.67 -11.18
C ASP D 46 -24.94 54.15 -11.13
N GLN D 47 -24.34 53.40 -12.06
CA GLN D 47 -24.45 51.93 -12.18
C GLN D 47 -23.69 51.27 -11.04
N ILE D 48 -22.46 51.70 -10.74
CA ILE D 48 -21.65 51.14 -9.62
C ILE D 48 -22.34 51.51 -8.29
N THR D 49 -22.75 52.77 -8.12
CA THR D 49 -23.57 53.22 -6.96
C THR D 49 -24.60 52.15 -6.68
N GLY D 50 -25.42 51.83 -7.69
CA GLY D 50 -26.53 50.87 -7.58
C GLY D 50 -26.06 49.49 -7.14
N LYS D 51 -24.92 49.05 -7.72
CA LYS D 51 -24.27 47.73 -7.42
C LYS D 51 -23.96 47.73 -5.93
N LEU D 52 -23.24 48.75 -5.47
CA LEU D 52 -22.81 48.89 -4.06
C LEU D 52 -24.05 48.83 -3.15
N ASN D 53 -25.12 49.57 -3.47
CA ASN D 53 -26.36 49.58 -2.66
C ASN D 53 -26.86 48.14 -2.48
N ARG D 54 -26.98 47.39 -3.57
CA ARG D 54 -27.50 46.00 -3.57
C ARG D 54 -26.52 45.09 -2.81
N ILE D 55 -25.23 45.17 -3.10
CA ILE D 55 -24.20 44.21 -2.58
C ILE D 55 -23.85 44.51 -1.12
N ILE D 56 -23.77 45.77 -0.73
CA ILE D 56 -23.40 46.23 0.64
C ILE D 56 -24.67 46.20 1.50
N LYS D 57 -24.99 45.00 1.96
CA LYS D 57 -26.24 44.70 2.70
C LYS D 57 -26.06 43.38 3.47
N LYS D 58 -26.56 43.31 4.70
CA LYS D 58 -26.71 42.02 5.45
C LYS D 58 -28.21 41.79 5.63
N THR D 59 -28.60 40.56 5.97
CA THR D 59 -30.03 40.16 6.16
C THR D 59 -30.56 40.80 7.44
N ASN D 60 -31.88 40.76 7.65
CA ASN D 60 -32.48 41.24 8.93
C ASN D 60 -32.98 40.02 9.69
N THR D 61 -32.26 38.90 9.56
CA THR D 61 -32.55 37.61 10.24
C THR D 61 -31.82 37.57 11.58
N GLU D 62 -32.59 37.62 12.68
CA GLU D 62 -32.08 37.45 14.08
C GLU D 62 -31.73 35.97 14.25
N PHE D 63 -30.47 35.64 14.45
CA PHE D 63 -30.00 34.26 14.74
C PHE D 63 -29.73 34.13 16.25
N GLU D 64 -30.46 33.25 16.94
CA GLU D 64 -30.14 32.79 18.31
C GLU D 64 -28.88 31.91 18.23
N SER D 65 -28.11 31.84 19.31
CA SER D 65 -26.92 30.96 19.46
C SER D 65 -27.36 29.50 19.59
N ILE D 66 -26.79 28.59 18.82
CA ILE D 66 -27.04 27.13 18.97
C ILE D 66 -25.77 26.45 19.49
N GLU D 67 -24.71 27.22 19.74
CA GLU D 67 -23.42 26.70 20.31
C GLU D 67 -23.13 27.47 21.59
N SER D 68 -22.92 26.78 22.71
CA SER D 68 -22.54 27.39 24.00
C SER D 68 -21.04 27.69 23.96
N GLU D 69 -20.66 28.93 24.24
CA GLU D 69 -19.26 29.43 24.19
C GLU D 69 -18.59 28.99 25.50
N PHE D 70 -19.35 28.77 26.58
CA PHE D 70 -18.82 28.37 27.92
C PHE D 70 -19.07 26.89 28.22
N SER D 71 -20.32 26.42 28.10
CA SER D 71 -20.73 25.00 28.30
C SER D 71 -20.17 24.14 27.15
N GLU D 72 -20.11 22.82 27.32
CA GLU D 72 -19.84 21.84 26.24
C GLU D 72 -21.16 21.17 25.88
N ILE D 73 -21.58 21.21 24.61
CA ILE D 73 -22.88 20.67 24.12
C ILE D 73 -22.66 19.21 23.72
N ASP D 74 -23.72 18.39 23.77
CA ASP D 74 -23.70 16.94 23.44
C ASP D 74 -22.91 16.72 22.13
N HIS D 75 -22.06 15.68 22.07
CA HIS D 75 -21.13 15.42 20.94
C HIS D 75 -21.92 15.05 19.66
N GLN D 76 -23.03 14.28 19.76
CA GLN D 76 -23.83 13.86 18.58
C GLN D 76 -24.44 15.10 17.93
N ILE D 77 -25.22 15.88 18.70
CA ILE D 77 -25.89 17.12 18.20
C ILE D 77 -24.83 18.15 17.76
N GLY D 78 -23.78 18.34 18.56
CA GLY D 78 -22.69 19.28 18.24
C GLY D 78 -22.03 18.96 16.92
N ASN D 79 -21.75 17.67 16.64
CA ASN D 79 -21.14 17.20 15.36
C ASN D 79 -22.09 17.61 14.22
N VAL D 80 -23.40 17.39 14.37
CA VAL D 80 -24.43 17.78 13.35
C VAL D 80 -24.30 19.28 13.09
N ILE D 81 -24.40 20.09 14.14
CA ILE D 81 -24.30 21.56 14.04
C ILE D 81 -23.00 21.89 13.30
N ASN D 82 -21.84 21.39 13.75
CA ASN D 82 -20.53 21.69 13.10
C ASN D 82 -20.68 21.45 11.59
N TRP D 83 -21.21 20.31 11.17
CA TRP D 83 -21.41 19.99 9.74
C TRP D 83 -22.39 20.99 9.10
N THR D 84 -23.62 21.11 9.63
CA THR D 84 -24.64 22.09 9.15
C THR D 84 -23.93 23.43 8.89
N LYS D 85 -23.24 23.99 9.90
CA LYS D 85 -22.55 25.30 9.84
C LYS D 85 -21.50 25.27 8.72
N ASP D 86 -20.47 24.42 8.87
CA ASP D 86 -19.36 24.36 7.90
C ASP D 86 -19.91 24.30 6.46
N SER D 87 -21.04 23.61 6.23
CA SER D 87 -21.68 23.49 4.89
C SER D 87 -22.30 24.84 4.48
N ILE D 88 -22.91 25.57 5.43
CA ILE D 88 -23.50 26.93 5.22
C ILE D 88 -22.36 27.89 4.85
N THR D 89 -21.37 27.95 5.74
CA THR D 89 -20.12 28.73 5.61
C THR D 89 -19.43 28.38 4.28
N ASP D 90 -19.50 27.14 3.81
CA ASP D 90 -18.87 26.75 2.53
C ASP D 90 -19.66 27.36 1.37
N ILE D 91 -20.99 27.32 1.42
CA ILE D 91 -21.88 27.99 0.44
C ILE D 91 -21.54 29.48 0.39
N TRP D 92 -21.69 30.19 1.49
CA TRP D 92 -21.53 31.68 1.52
C TRP D 92 -20.14 32.08 1.04
N THR D 93 -19.11 31.31 1.38
CA THR D 93 -17.74 31.46 0.84
C THR D 93 -17.85 31.46 -0.68
N TYR D 94 -18.51 30.46 -1.26
CA TYR D 94 -18.68 30.29 -2.73
C TYR D 94 -19.59 31.40 -3.28
N GLN D 95 -20.81 31.54 -2.74
CA GLN D 95 -21.84 32.51 -3.21
C GLN D 95 -21.22 33.91 -3.32
N ALA D 96 -20.22 34.20 -2.48
CA ALA D 96 -19.50 35.50 -2.38
C ALA D 96 -18.36 35.55 -3.41
N GLU D 97 -17.49 34.54 -3.39
CA GLU D 97 -16.31 34.45 -4.32
C GLU D 97 -16.79 34.63 -5.76
N LEU D 98 -17.93 34.02 -6.07
CA LEU D 98 -18.57 34.13 -7.39
C LEU D 98 -19.27 35.49 -7.56
N LEU D 99 -20.14 35.91 -6.63
CA LEU D 99 -20.81 37.23 -6.71
C LEU D 99 -19.76 38.26 -7.06
N VAL D 100 -18.73 38.41 -6.24
CA VAL D 100 -17.73 39.50 -6.43
C VAL D 100 -17.06 39.30 -7.79
N ALA D 101 -16.55 38.11 -8.07
CA ALA D 101 -15.84 37.84 -9.34
C ALA D 101 -16.70 38.24 -10.53
N MET D 102 -17.97 37.81 -10.55
CA MET D 102 -18.89 38.09 -11.68
C MET D 102 -19.19 39.60 -11.75
N GLU D 103 -19.56 40.20 -10.63
CA GLU D 103 -19.91 41.63 -10.57
C GLU D 103 -18.67 42.44 -11.00
N ASN D 104 -17.48 42.01 -10.62
CA ASN D 104 -16.21 42.66 -11.06
C ASN D 104 -16.10 42.58 -12.58
N GLN D 105 -16.30 41.41 -13.18
CA GLN D 105 -16.22 41.24 -14.64
C GLN D 105 -17.22 42.19 -15.30
N HIS D 106 -18.45 42.23 -14.80
CA HIS D 106 -19.54 43.09 -15.35
C HIS D 106 -19.17 44.57 -15.16
N THR D 107 -18.69 44.96 -13.98
CA THR D 107 -18.31 46.36 -13.68
C THR D 107 -17.32 46.81 -14.75
N ILE D 108 -16.22 46.07 -14.93
CA ILE D 108 -15.13 46.36 -15.91
C ILE D 108 -15.72 46.61 -17.31
N ASP D 109 -16.44 45.61 -17.80
CA ASP D 109 -16.97 45.57 -19.18
C ASP D 109 -18.05 46.65 -19.28
N MET D 110 -18.78 46.93 -18.21
CA MET D 110 -19.82 47.99 -18.22
C MET D 110 -19.11 49.32 -18.50
N ALA D 111 -18.01 49.59 -17.82
CA ALA D 111 -17.20 50.80 -18.06
C ALA D 111 -16.74 50.80 -19.53
N ASP D 112 -16.11 49.69 -19.93
CA ASP D 112 -15.63 49.39 -21.31
C ASP D 112 -16.69 49.87 -22.31
N SER D 113 -17.95 49.46 -22.12
CA SER D 113 -19.11 49.83 -22.96
C SER D 113 -19.32 51.34 -22.92
N GLU D 114 -19.41 51.96 -21.75
CA GLU D 114 -19.80 53.39 -21.63
C GLU D 114 -18.77 54.26 -22.36
N MET D 115 -17.58 53.73 -22.62
CA MET D 115 -16.55 54.38 -23.47
C MET D 115 -16.97 54.27 -24.93
N LEU D 116 -17.01 53.05 -25.47
CA LEU D 116 -17.41 52.75 -26.88
C LEU D 116 -18.70 53.49 -27.18
N ASN D 117 -19.64 53.46 -26.25
CA ASN D 117 -20.94 54.18 -26.34
C ASN D 117 -20.70 55.66 -26.66
N LEU D 118 -19.70 56.28 -26.03
CA LEU D 118 -19.34 57.70 -26.33
C LEU D 118 -18.75 57.79 -27.75
N TYR D 119 -17.63 57.11 -28.01
CA TYR D 119 -16.97 57.03 -29.35
C TYR D 119 -18.02 56.95 -30.46
N GLU D 120 -18.94 55.99 -30.36
CA GLU D 120 -19.99 55.75 -31.38
C GLU D 120 -20.92 56.97 -31.46
N ARG D 121 -21.37 57.50 -30.32
CA ARG D 121 -22.21 58.74 -30.27
C ARG D 121 -21.53 59.84 -31.10
N VAL D 122 -20.23 60.04 -30.87
CA VAL D 122 -19.44 61.16 -31.47
C VAL D 122 -19.21 60.85 -32.95
N ARG D 123 -18.68 59.67 -33.28
CA ARG D 123 -18.48 59.21 -34.68
C ARG D 123 -19.72 59.58 -35.51
N LYS D 124 -20.91 59.31 -34.98
CA LYS D 124 -22.19 59.47 -35.70
C LYS D 124 -22.53 60.97 -35.86
N GLN D 125 -22.14 61.81 -34.89
CA GLN D 125 -22.19 63.29 -34.99
C GLN D 125 -21.28 63.77 -36.13
N LEU D 126 -19.99 63.39 -36.11
CA LEU D 126 -18.97 63.86 -37.08
C LEU D 126 -19.25 63.34 -38.48
N ARG D 127 -20.13 62.35 -38.63
CA ARG D 127 -20.62 61.82 -39.94
C ARG D 127 -19.44 61.64 -40.91
N GLN D 128 -19.45 62.35 -42.05
CA GLN D 128 -18.44 62.18 -43.12
C GLN D 128 -17.36 63.27 -43.02
N ASN D 129 -17.35 64.06 -41.96
CA ASN D 129 -16.49 65.26 -41.81
C ASN D 129 -15.24 64.91 -41.00
N ALA D 130 -15.05 63.62 -40.68
CA ALA D 130 -13.87 63.11 -39.93
C ALA D 130 -13.68 61.61 -40.22
N GLU D 131 -12.57 61.06 -39.73
CA GLU D 131 -12.19 59.64 -39.90
C GLU D 131 -11.59 59.11 -38.59
N GLU D 132 -11.82 57.83 -38.33
CA GLU D 132 -11.29 57.08 -37.18
C GLU D 132 -9.82 56.74 -37.45
N ASP D 133 -8.95 57.11 -36.51
CA ASP D 133 -7.47 56.91 -36.58
C ASP D 133 -7.08 55.56 -35.98
N GLY D 134 -8.02 54.90 -35.28
CA GLY D 134 -7.87 53.53 -34.78
C GLY D 134 -7.35 53.47 -33.35
N LYS D 135 -7.00 54.63 -32.78
CA LYS D 135 -6.56 54.78 -31.38
C LYS D 135 -7.57 55.61 -30.59
N GLY D 136 -8.81 55.71 -31.08
CA GLY D 136 -9.92 56.28 -30.31
C GLY D 136 -10.00 57.79 -30.45
N CYS D 137 -9.36 58.32 -31.51
CA CYS D 137 -9.46 59.75 -31.93
C CYS D 137 -10.09 59.83 -33.32
N PHE D 138 -10.69 60.98 -33.60
CA PHE D 138 -11.16 61.38 -34.94
C PHE D 138 -10.25 62.49 -35.47
N GLU D 139 -9.50 62.21 -36.53
CA GLU D 139 -8.91 63.26 -37.39
C GLU D 139 -10.10 63.95 -38.07
N ILE D 140 -10.35 65.21 -37.68
CA ILE D 140 -11.37 66.09 -38.32
C ILE D 140 -10.74 66.70 -39.56
N TYR D 141 -11.42 66.56 -40.70
CA TYR D 141 -10.93 67.00 -42.03
C TYR D 141 -11.51 68.39 -42.34
N HIS D 142 -11.64 69.24 -41.32
CA HIS D 142 -11.97 70.67 -41.47
C HIS D 142 -11.40 71.47 -40.30
N ALA D 143 -11.40 72.78 -40.43
CA ALA D 143 -11.01 73.75 -39.38
C ALA D 143 -12.03 73.67 -38.25
N CYS D 144 -11.57 73.34 -37.03
CA CYS D 144 -12.43 73.13 -35.84
C CYS D 144 -11.80 73.84 -34.65
N ASP D 145 -12.32 75.04 -34.34
CA ASP D 145 -11.85 75.92 -33.23
C ASP D 145 -12.44 75.41 -31.91
N ASP D 146 -12.01 76.01 -30.80
CA ASP D 146 -12.50 75.69 -29.43
C ASP D 146 -14.03 75.86 -29.37
N SER D 147 -14.62 76.69 -30.23
CA SER D 147 -16.09 76.79 -30.43
C SER D 147 -16.64 75.49 -31.02
N CYS D 148 -16.06 75.06 -32.15
CA CYS D 148 -16.43 73.84 -32.91
C CYS D 148 -16.21 72.59 -32.04
N MET D 149 -15.10 72.51 -31.31
CA MET D 149 -14.77 71.35 -30.42
C MET D 149 -15.84 71.25 -29.32
N GLU D 150 -16.05 72.33 -28.56
CA GLU D 150 -17.06 72.38 -27.46
C GLU D 150 -18.44 72.02 -28.03
N SER D 151 -18.67 72.21 -29.33
CA SER D 151 -19.94 71.86 -30.01
C SER D 151 -20.04 70.34 -30.20
N ILE D 152 -18.90 69.64 -30.28
CA ILE D 152 -18.86 68.14 -30.33
C ILE D 152 -19.20 67.59 -28.94
N ARG D 153 -18.39 67.97 -27.95
CA ARG D 153 -18.54 67.55 -26.52
C ARG D 153 -19.95 67.86 -26.01
N ASN D 154 -20.60 68.92 -26.52
CA ASN D 154 -21.95 69.40 -26.11
C ASN D 154 -23.03 68.64 -26.91
N ASN D 155 -22.61 67.79 -27.87
CA ASN D 155 -23.48 67.06 -28.84
C ASN D 155 -24.38 68.05 -29.58
N THR D 156 -23.81 69.15 -30.07
CA THR D 156 -24.50 70.22 -30.84
C THR D 156 -23.89 70.33 -32.25
N TYR D 157 -22.62 69.89 -32.43
CA TYR D 157 -21.88 69.90 -33.72
C TYR D 157 -22.81 69.40 -34.83
N ASP D 158 -22.89 70.17 -35.93
CA ASP D 158 -23.73 69.90 -37.11
C ASP D 158 -22.80 69.61 -38.30
N HIS D 159 -22.82 68.39 -38.84
CA HIS D 159 -21.94 67.96 -39.97
C HIS D 159 -22.20 68.83 -41.20
N SER D 160 -23.47 69.10 -41.55
CA SER D 160 -23.86 69.83 -42.78
C SER D 160 -23.17 71.21 -42.81
N GLN D 161 -23.01 71.84 -41.63
CA GLN D 161 -22.39 73.17 -41.44
C GLN D 161 -20.90 73.18 -41.81
N TYR D 162 -20.24 72.02 -41.93
CA TYR D 162 -18.81 71.92 -42.34
C TYR D 162 -18.65 70.88 -43.46
N ARG D 163 -19.75 70.32 -43.95
CA ARG D 163 -19.75 69.03 -44.69
C ARG D 163 -18.91 69.15 -45.95
N GLU D 164 -19.17 70.21 -46.73
CA GLU D 164 -18.50 70.46 -48.04
C GLU D 164 -17.00 70.64 -47.74
N GLU D 165 -16.67 71.59 -46.86
CA GLU D 165 -15.27 71.92 -46.47
C GLU D 165 -14.51 70.61 -46.18
N ALA D 166 -15.13 69.71 -45.43
CA ALA D 166 -14.52 68.44 -44.97
C ALA D 166 -14.35 67.48 -46.12
N LEU D 167 -15.45 67.19 -46.84
CA LEU D 167 -15.50 66.19 -47.94
C LEU D 167 -14.40 66.49 -48.98
N LEU D 168 -14.11 67.77 -49.20
CA LEU D 168 -13.12 68.21 -50.22
C LEU D 168 -11.71 67.90 -49.69
N ASN D 169 -11.41 68.35 -48.46
CA ASN D 169 -10.12 68.08 -47.77
C ASN D 169 -9.82 66.59 -47.76
N ARG D 170 -10.86 65.76 -47.70
CA ARG D 170 -10.78 64.28 -47.57
C ARG D 170 -10.36 63.64 -48.89
N LEU D 171 -11.00 64.02 -50.00
CA LEU D 171 -10.76 63.43 -51.34
C LEU D 171 -9.48 64.01 -51.97
N ASN D 172 -9.22 65.30 -51.74
CA ASN D 172 -7.91 65.97 -51.99
C ASN D 172 -7.56 65.95 -53.48
N ASP E 1 55.15 44.06 -46.74
CA ASP E 1 55.64 44.04 -48.16
C ASP E 1 56.01 42.62 -48.56
N PRO E 2 57.01 41.91 -47.94
CA PRO E 2 57.25 40.48 -48.21
C PRO E 2 56.29 39.54 -47.46
N ASP E 3 55.81 38.48 -48.15
CA ASP E 3 54.99 37.37 -47.56
C ASP E 3 55.72 36.81 -46.33
N LYS E 4 54.98 36.40 -45.30
CA LYS E 4 55.57 35.95 -44.00
C LYS E 4 54.81 34.73 -43.46
N ILE E 5 55.54 33.88 -42.71
CA ILE E 5 55.03 32.66 -42.02
C ILE E 5 55.44 32.75 -40.55
N CYS E 6 54.47 32.57 -39.64
CA CYS E 6 54.66 32.74 -38.18
C CYS E 6 54.61 31.39 -37.47
N LEU E 7 55.45 31.23 -36.44
CA LEU E 7 55.35 30.10 -35.48
C LEU E 7 54.86 30.61 -34.12
N GLY E 8 54.12 29.76 -33.41
CA GLY E 8 53.35 30.11 -32.21
C GLY E 8 52.82 28.86 -31.50
N HIS E 9 52.30 29.08 -30.30
CA HIS E 9 51.86 28.02 -29.36
C HIS E 9 50.42 28.35 -28.96
N HIS E 10 49.66 27.34 -28.52
CA HIS E 10 48.25 27.51 -28.09
C HIS E 10 48.21 28.16 -26.72
N ALA E 11 46.99 28.37 -26.22
CA ALA E 11 46.69 29.14 -24.99
C ALA E 11 45.19 29.07 -24.69
N VAL E 12 44.79 29.63 -23.55
CA VAL E 12 43.38 29.66 -23.04
C VAL E 12 43.25 30.85 -22.09
N ALA E 13 42.03 31.22 -21.71
CA ALA E 13 41.77 32.43 -20.89
C ALA E 13 41.74 32.02 -19.43
N ASN E 14 41.12 30.87 -19.14
CA ASN E 14 41.08 30.26 -17.78
C ASN E 14 42.15 29.16 -17.73
N GLY E 15 43.39 29.53 -17.38
CA GLY E 15 44.52 28.60 -17.22
C GLY E 15 44.82 28.36 -15.75
N THR E 16 45.41 27.21 -15.42
CA THR E 16 45.68 26.76 -14.03
C THR E 16 47.07 27.19 -13.57
N ILE E 17 47.21 27.38 -12.26
CA ILE E 17 48.49 27.78 -11.59
C ILE E 17 49.12 26.54 -10.98
N VAL E 18 50.40 26.30 -11.25
CA VAL E 18 51.18 25.16 -10.65
C VAL E 18 52.46 25.72 -10.07
N LYS E 19 53.17 24.86 -9.36
CA LYS E 19 54.48 25.19 -8.75
C LYS E 19 55.56 24.38 -9.44
N THR E 20 56.66 25.07 -9.77
CA THR E 20 57.92 24.53 -10.33
C THR E 20 59.07 24.78 -9.35
N LEU E 21 60.29 24.40 -9.75
CA LEU E 21 61.53 24.54 -8.95
C LEU E 21 61.82 26.03 -8.72
N THR E 22 61.42 26.88 -9.67
CA THR E 22 61.71 28.33 -9.67
C THR E 22 60.47 29.11 -9.27
N ASN E 23 59.34 28.85 -9.92
CA ASN E 23 58.13 29.70 -9.77
C ASN E 23 57.10 28.94 -8.94
N GLU E 24 56.41 29.66 -8.05
CA GLU E 24 55.35 29.10 -7.17
C GLU E 24 53.99 29.60 -7.66
N GLN E 25 53.95 30.39 -8.74
CA GLN E 25 52.72 31.00 -9.31
C GLN E 25 52.70 30.82 -10.83
N GLU E 26 53.36 29.77 -11.35
CA GLU E 26 53.50 29.56 -12.82
C GLU E 26 52.15 29.11 -13.43
N GLU E 27 51.61 29.89 -14.37
CA GLU E 27 50.32 29.63 -15.04
C GLU E 27 50.58 28.74 -16.26
N VAL E 28 49.80 27.67 -16.45
CA VAL E 28 49.98 26.69 -17.57
C VAL E 28 48.63 26.39 -18.23
N THR E 29 48.66 25.76 -19.41
CA THR E 29 47.47 25.46 -20.26
C THR E 29 46.52 24.53 -19.52
N ASN E 30 46.92 23.27 -19.30
CA ASN E 30 46.16 22.22 -18.55
C ASN E 30 47.06 21.72 -17.42
N ALA E 31 46.48 21.33 -16.29
CA ALA E 31 47.14 20.66 -15.16
C ALA E 31 46.18 19.65 -14.53
N THR E 32 46.64 18.88 -13.55
CA THR E 32 45.83 17.84 -12.86
C THR E 32 46.25 17.74 -11.39
N GLU E 33 45.33 17.26 -10.56
CA GLU E 33 45.54 17.02 -9.11
C GLU E 33 46.27 15.69 -8.95
N THR E 34 47.13 15.58 -7.93
CA THR E 34 47.86 14.33 -7.55
C THR E 34 47.48 13.90 -6.13
N VAL E 35 46.86 14.80 -5.35
CA VAL E 35 46.40 14.54 -3.96
C VAL E 35 44.88 14.39 -3.97
N GLU E 36 44.36 13.22 -3.58
CA GLU E 36 42.90 12.99 -3.46
C GLU E 36 42.43 13.52 -2.11
N SER E 37 41.45 14.45 -2.13
CA SER E 37 40.90 15.15 -0.95
C SER E 37 39.51 14.64 -0.63
N THR E 38 38.89 13.90 -1.55
CA THR E 38 37.49 13.41 -1.43
C THR E 38 37.52 11.93 -1.09
N SER E 39 36.69 11.51 -0.11
CA SER E 39 36.56 10.11 0.36
C SER E 39 35.19 9.57 -0.05
N LEU E 40 35.04 8.24 0.02
CA LEU E 40 33.72 7.57 0.01
C LEU E 40 33.26 7.33 1.45
N ASN E 41 31.98 7.63 1.71
CA ASN E 41 31.31 7.48 3.03
C ASN E 41 31.14 5.99 3.34
N ARG E 42 31.52 5.09 2.43
CA ARG E 42 31.17 3.65 2.48
C ARG E 42 32.39 2.77 2.30
N LEU E 43 32.29 1.53 2.83
CA LEU E 43 33.23 0.42 2.59
C LEU E 43 32.82 -0.32 1.32
N CYS E 44 33.78 -0.66 0.46
CA CYS E 44 33.54 -1.15 -0.91
C CYS E 44 33.95 -2.62 -1.03
N MET E 45 33.02 -3.53 -0.72
CA MET E 45 33.28 -4.98 -0.55
C MET E 45 32.84 -5.74 -1.81
N LYS E 46 32.83 -5.09 -2.98
CA LYS E 46 32.64 -5.79 -4.28
C LYS E 46 33.84 -6.72 -4.45
N GLY E 47 33.61 -7.88 -5.07
CA GLY E 47 34.61 -8.92 -5.31
C GLY E 47 35.36 -9.30 -4.03
N ARG E 48 34.79 -9.00 -2.85
CA ARG E 48 35.38 -9.37 -1.54
C ARG E 48 34.43 -10.31 -0.79
N ASN E 49 34.94 -11.50 -0.44
CA ASN E 49 34.28 -12.47 0.48
C ASN E 49 34.45 -11.93 1.92
N HIS E 50 33.73 -10.86 2.25
CA HIS E 50 33.91 -10.10 3.51
C HIS E 50 32.93 -10.59 4.57
N LYS E 51 33.23 -10.31 5.84
CA LYS E 51 32.30 -10.48 6.99
C LYS E 51 32.27 -9.16 7.76
N ASP E 52 31.16 -8.44 7.71
CA ASP E 52 30.85 -7.32 8.64
C ASP E 52 30.41 -7.95 9.97
N LEU E 53 31.01 -7.55 11.09
CA LEU E 53 30.70 -8.12 12.43
C LEU E 53 29.51 -7.39 13.07
N GLY E 54 29.21 -6.16 12.64
CA GLY E 54 28.28 -5.29 13.37
C GLY E 54 28.75 -5.16 14.79
N ASN E 55 27.84 -5.26 15.76
CA ASN E 55 28.16 -5.03 17.20
C ASN E 55 28.85 -6.25 17.81
N CYS E 56 29.23 -7.27 17.01
CA CYS E 56 30.15 -8.36 17.43
C CYS E 56 31.62 -7.88 17.37
N HIS E 57 32.35 -8.05 18.47
CA HIS E 57 33.81 -7.77 18.56
C HIS E 57 34.56 -9.06 18.24
N PRO E 58 35.68 -9.01 17.49
CA PRO E 58 36.37 -10.22 17.03
C PRO E 58 36.58 -11.29 18.10
N ILE E 59 37.04 -10.88 19.28
CA ILE E 59 37.27 -11.82 20.43
C ILE E 59 35.99 -12.62 20.68
N GLY E 60 34.85 -11.95 20.81
CA GLY E 60 33.53 -12.57 21.06
C GLY E 60 33.28 -13.77 20.17
N MET E 61 33.81 -13.78 18.93
CA MET E 61 33.66 -14.87 17.95
C MET E 61 34.21 -16.18 18.54
N LEU E 62 35.33 -16.13 19.27
CA LEU E 62 36.06 -17.33 19.75
C LEU E 62 35.43 -17.88 21.02
N ILE E 63 34.72 -17.04 21.77
CA ILE E 63 34.06 -17.41 23.06
C ILE E 63 32.55 -17.57 22.85
N GLY E 64 31.98 -16.84 21.89
CA GLY E 64 30.57 -17.00 21.47
C GLY E 64 29.61 -16.15 22.30
N THR E 65 29.91 -14.86 22.42
CA THR E 65 28.97 -13.84 22.96
C THR E 65 27.65 -13.90 22.18
N PRO E 66 26.50 -13.51 22.79
CA PRO E 66 25.21 -13.56 22.09
C PRO E 66 25.30 -12.90 20.71
N ALA E 67 25.78 -11.66 20.66
CA ALA E 67 25.92 -10.87 19.42
C ALA E 67 26.64 -11.69 18.33
N CYS E 68 27.75 -12.33 18.67
CA CYS E 68 28.67 -12.96 17.68
C CYS E 68 28.10 -14.29 17.16
N ASP E 69 26.94 -14.71 17.66
CA ASP E 69 26.33 -16.04 17.36
C ASP E 69 26.39 -16.33 15.85
N LEU E 70 26.19 -15.33 15.00
CA LEU E 70 26.16 -15.51 13.52
C LEU E 70 27.58 -15.67 12.97
N HIS E 71 28.60 -15.32 13.76
CA HIS E 71 30.02 -15.18 13.33
C HIS E 71 30.91 -16.14 14.10
N LEU E 72 30.38 -17.26 14.59
CA LEU E 72 31.19 -18.23 15.37
C LEU E 72 32.24 -18.84 14.43
N THR E 73 31.88 -19.25 13.21
CA THR E 73 32.85 -19.72 12.19
C THR E 73 32.61 -19.02 10.85
N GLY E 74 33.41 -19.36 9.84
CA GLY E 74 33.33 -18.84 8.47
C GLY E 74 34.72 -18.63 7.89
N THR E 75 34.79 -18.34 6.58
CA THR E 75 36.03 -18.02 5.85
C THR E 75 35.82 -16.68 5.12
N TRP E 76 36.83 -15.81 5.10
CA TRP E 76 36.73 -14.48 4.45
C TRP E 76 38.10 -14.02 3.96
N ASP E 77 38.10 -12.85 3.33
CA ASP E 77 39.30 -12.13 2.87
C ASP E 77 39.34 -10.75 3.54
N THR E 78 38.25 -10.35 4.20
CA THR E 78 38.09 -9.02 4.84
C THR E 78 37.21 -9.06 6.11
N LEU E 79 37.80 -8.70 7.26
CA LEU E 79 37.10 -8.58 8.57
C LEU E 79 36.84 -7.11 8.83
N ILE E 80 35.65 -6.78 9.32
CA ILE E 80 35.21 -5.38 9.58
C ILE E 80 34.72 -5.25 11.03
N GLU E 81 35.59 -4.82 11.93
CA GLU E 81 35.26 -4.56 13.35
C GLU E 81 34.52 -3.22 13.39
N ARG E 82 33.70 -2.99 14.42
CA ARG E 82 32.89 -1.74 14.57
C ARG E 82 33.16 -1.14 15.95
N LYS E 83 32.62 0.07 16.17
CA LYS E 83 32.79 0.83 17.44
C LYS E 83 31.90 0.21 18.52
N ASN E 84 32.36 0.23 19.77
CA ASN E 84 31.64 -0.27 20.97
C ASN E 84 31.23 -1.73 20.77
N ALA E 85 31.82 -2.45 19.80
CA ALA E 85 31.49 -3.87 19.49
C ALA E 85 31.57 -4.68 20.80
N ILE E 86 30.60 -5.59 21.03
CA ILE E 86 30.42 -6.34 22.30
C ILE E 86 31.18 -7.66 22.18
N ALA E 87 32.11 -7.91 23.11
CA ALA E 87 32.91 -9.16 23.17
C ALA E 87 32.53 -9.99 24.40
N TYR E 88 31.96 -9.37 25.42
CA TYR E 88 31.65 -10.09 26.68
C TYR E 88 30.29 -9.64 27.24
N CYS E 89 29.30 -10.51 27.11
CA CYS E 89 27.95 -10.38 27.70
C CYS E 89 28.08 -10.25 29.22
N TYR E 90 28.76 -11.20 29.87
CA TYR E 90 29.03 -11.21 31.34
C TYR E 90 30.24 -10.36 31.63
N PRO E 91 30.16 -9.41 32.61
CA PRO E 91 31.26 -8.49 32.89
C PRO E 91 32.60 -9.20 33.04
N GLY E 92 33.70 -8.49 32.75
CA GLY E 92 35.07 -9.03 32.74
C GLY E 92 35.83 -8.64 31.50
N ALA E 93 37.07 -9.09 31.35
CA ALA E 93 37.97 -8.71 30.23
C ALA E 93 38.96 -9.85 29.96
N THR E 94 39.44 -9.94 28.72
CA THR E 94 40.39 -11.00 28.28
C THR E 94 41.81 -10.51 28.58
N VAL E 95 42.62 -11.35 29.21
CA VAL E 95 44.07 -11.05 29.46
C VAL E 95 44.80 -11.14 28.11
N ASN E 96 45.59 -10.11 27.81
CA ASN E 96 46.34 -9.94 26.55
C ASN E 96 45.32 -9.69 25.43
N GLU E 97 44.33 -8.83 25.69
CA GLU E 97 43.14 -8.60 24.82
C GLU E 97 43.56 -8.13 23.42
N GLU E 98 44.33 -7.04 23.35
CA GLU E 98 44.61 -6.35 22.07
C GLU E 98 45.29 -7.36 21.14
N ALA E 99 46.33 -8.03 21.63
CA ALA E 99 47.08 -9.04 20.87
C ALA E 99 46.12 -9.98 20.14
N LEU E 100 45.09 -10.46 20.85
CA LEU E 100 44.12 -11.45 20.32
C LEU E 100 43.39 -10.83 19.12
N ARG E 101 42.73 -9.69 19.31
CA ARG E 101 41.94 -9.07 18.20
C ARG E 101 42.87 -8.91 16.99
N GLN E 102 44.08 -8.38 17.14
CA GLN E 102 45.03 -8.15 16.02
C GLN E 102 45.27 -9.49 15.29
N LYS E 103 45.36 -10.59 16.03
CA LYS E 103 45.62 -11.95 15.47
C LYS E 103 44.39 -12.41 14.68
N ILE E 104 43.20 -12.15 15.25
CA ILE E 104 41.87 -12.46 14.64
C ILE E 104 41.71 -11.59 13.38
N MET E 105 42.03 -10.30 13.44
CA MET E 105 41.81 -9.36 12.32
C MET E 105 42.81 -9.66 11.17
N GLU E 106 44.02 -10.15 11.50
CA GLU E 106 45.07 -10.63 10.54
C GLU E 106 44.57 -11.90 9.85
N SER E 107 43.73 -12.68 10.54
CA SER E 107 43.23 -14.00 10.07
C SER E 107 42.18 -13.83 8.95
N GLY E 108 42.09 -14.83 8.08
CA GLY E 108 41.15 -14.87 6.95
C GLY E 108 40.05 -15.89 7.17
N GLY E 109 39.73 -16.26 8.41
CA GLY E 109 38.66 -17.22 8.72
C GLY E 109 38.80 -17.91 10.07
N ILE E 110 37.74 -18.57 10.52
CA ILE E 110 37.69 -19.32 11.83
C ILE E 110 37.04 -20.70 11.61
N SER E 111 37.78 -21.76 11.97
CA SER E 111 37.25 -23.13 12.23
C SER E 111 37.00 -23.25 13.73
N LYS E 112 36.01 -24.07 14.12
CA LYS E 112 35.81 -24.48 15.53
C LYS E 112 35.93 -26.00 15.60
N ILE E 113 36.72 -26.50 16.55
CA ILE E 113 36.83 -27.95 16.88
C ILE E 113 36.35 -28.12 18.33
N ASN E 114 35.66 -29.22 18.60
CA ASN E 114 35.08 -29.55 19.93
C ASN E 114 36.20 -30.11 20.82
N THR E 115 36.21 -29.69 22.09
CA THR E 115 37.16 -30.17 23.13
C THR E 115 36.86 -31.64 23.45
N GLY E 116 35.57 -31.99 23.48
CA GLY E 116 35.06 -33.34 23.83
C GLY E 116 34.85 -33.48 25.33
N PHE E 117 35.34 -32.52 26.12
CA PHE E 117 35.37 -32.54 27.61
C PHE E 117 34.01 -32.96 28.16
N THR E 118 34.01 -33.98 29.03
CA THR E 118 32.82 -34.45 29.77
C THR E 118 33.20 -34.51 31.26
N TYR E 119 32.19 -34.41 32.14
CA TYR E 119 32.35 -34.25 33.60
C TYR E 119 31.34 -35.17 34.31
N GLY E 120 31.73 -35.75 35.46
CA GLY E 120 30.83 -36.51 36.35
C GLY E 120 29.67 -35.65 36.79
N SER E 121 28.48 -36.24 37.07
CA SER E 121 27.21 -35.49 37.22
C SER E 121 27.08 -34.89 38.64
N SER E 122 28.14 -34.92 39.44
CA SER E 122 28.33 -34.04 40.62
C SER E 122 28.54 -32.58 40.17
N ILE E 123 28.82 -32.38 38.87
CA ILE E 123 29.11 -31.08 38.18
C ILE E 123 27.95 -30.71 37.23
N ASN E 124 27.62 -29.41 37.18
CA ASN E 124 26.56 -28.80 36.35
C ASN E 124 27.20 -27.90 35.27
N SER E 125 27.37 -28.45 34.06
CA SER E 125 28.06 -27.79 32.90
C SER E 125 27.04 -26.98 32.07
N ALA E 126 25.77 -27.00 32.45
CA ALA E 126 24.68 -26.25 31.81
C ALA E 126 24.47 -24.89 32.53
N GLY E 127 25.47 -24.41 33.27
CA GLY E 127 25.40 -23.16 34.06
C GLY E 127 25.18 -21.93 33.19
N THR E 128 24.06 -21.25 33.38
CA THR E 128 23.66 -20.07 32.55
C THR E 128 23.59 -18.82 33.42
N THR E 129 23.35 -17.67 32.81
CA THR E 129 23.27 -16.34 33.48
C THR E 129 22.33 -15.41 32.72
N LYS E 130 21.89 -14.35 33.38
CA LYS E 130 20.99 -13.31 32.81
C LYS E 130 21.82 -12.40 31.90
N ALA E 131 23.11 -12.23 32.19
CA ALA E 131 24.04 -11.32 31.45
C ALA E 131 24.09 -11.70 29.97
N CYS E 132 24.09 -13.00 29.65
CA CYS E 132 24.14 -13.53 28.25
C CYS E 132 22.78 -14.11 27.82
N MET E 133 21.82 -13.25 27.48
CA MET E 133 20.44 -13.64 27.10
C MET E 133 20.46 -14.32 25.71
N ARG E 134 19.60 -15.32 25.50
CA ARG E 134 19.42 -16.03 24.21
C ARG E 134 18.03 -16.67 24.15
N ASN E 135 17.21 -16.31 23.16
CA ASN E 135 15.79 -16.73 23.01
C ASN E 135 15.01 -16.34 24.28
N GLY E 136 15.16 -15.10 24.73
CA GLY E 136 14.48 -14.52 25.91
C GLY E 136 14.66 -15.37 27.16
N GLY E 137 15.77 -16.10 27.27
CA GLY E 137 16.09 -16.97 28.41
C GLY E 137 17.57 -16.93 28.74
N ASN E 138 17.94 -17.16 29.98
CA ASN E 138 19.35 -17.14 30.47
C ASN E 138 20.16 -18.14 29.64
N SER E 139 21.40 -17.77 29.29
CA SER E 139 22.34 -18.58 28.48
C SER E 139 23.78 -18.15 28.81
N PHE E 140 24.75 -18.67 28.07
CA PHE E 140 26.20 -18.44 28.30
C PHE E 140 26.94 -18.39 26.97
N TYR E 141 28.23 -18.02 27.03
CA TYR E 141 29.19 -18.08 25.90
C TYR E 141 29.13 -19.48 25.26
N ALA E 142 28.74 -19.55 23.98
CA ALA E 142 28.46 -20.79 23.23
C ALA E 142 29.67 -21.73 23.23
N GLU E 143 30.89 -21.18 23.26
CA GLU E 143 32.15 -21.95 23.10
C GLU E 143 32.75 -22.28 24.46
N LEU E 144 32.06 -21.90 25.54
CA LEU E 144 32.48 -22.20 26.93
C LEU E 144 31.31 -22.81 27.71
N LYS E 145 31.63 -23.53 28.78
CA LYS E 145 30.67 -24.14 29.73
C LYS E 145 30.93 -23.53 31.11
N TRP E 146 29.85 -23.15 31.83
CA TRP E 146 29.95 -22.76 33.25
C TRP E 146 29.84 -24.01 34.12
N LEU E 147 30.97 -24.37 34.75
CA LEU E 147 31.12 -25.54 35.66
C LEU E 147 30.88 -25.11 37.10
N VAL E 148 29.74 -25.52 37.66
CA VAL E 148 29.35 -25.38 39.10
C VAL E 148 28.89 -26.75 39.61
N SER E 149 28.91 -26.97 40.93
CA SER E 149 28.46 -28.23 41.57
C SER E 149 26.93 -28.34 41.45
N LYS E 150 26.42 -29.57 41.39
CA LYS E 150 24.98 -29.89 41.15
C LYS E 150 24.19 -29.51 42.41
N ASN E 151 24.68 -29.88 43.60
CA ASN E 151 23.97 -29.68 44.89
C ASN E 151 24.47 -28.38 45.55
N LYS E 152 23.57 -27.41 45.74
CA LYS E 152 23.89 -26.01 46.17
C LYS E 152 24.68 -26.07 47.49
N GLY E 153 25.94 -25.61 47.49
CA GLY E 153 26.78 -25.62 48.71
C GLY E 153 27.81 -26.73 48.71
N GLN E 154 27.53 -27.84 48.02
CA GLN E 154 28.44 -29.03 47.93
C GLN E 154 29.77 -28.60 47.31
N ASN E 155 30.90 -29.10 47.82
CA ASN E 155 32.25 -28.76 47.31
C ASN E 155 32.45 -29.33 45.91
N PHE E 156 32.98 -28.52 44.98
CA PHE E 156 33.08 -28.83 43.53
C PHE E 156 34.12 -29.93 43.34
N PRO E 157 33.78 -31.03 42.62
CA PRO E 157 34.69 -32.17 42.48
C PRO E 157 35.95 -31.85 41.66
N GLN E 158 37.10 -32.29 42.17
CA GLN E 158 38.39 -32.30 41.45
C GLN E 158 38.21 -32.99 40.10
N THR E 159 38.45 -32.26 39.00
CA THR E 159 38.35 -32.82 37.62
C THR E 159 39.64 -32.49 36.86
N THR E 160 39.94 -33.33 35.86
CA THR E 160 41.05 -33.16 34.89
C THR E 160 40.48 -33.38 33.47
N ASN E 161 40.45 -32.31 32.66
CA ASN E 161 40.05 -32.27 31.24
C ASN E 161 41.26 -31.90 30.37
N THR E 162 41.49 -32.62 29.27
CA THR E 162 42.70 -32.48 28.41
C THR E 162 42.33 -32.52 26.93
N TYR E 163 42.62 -31.46 26.18
CA TYR E 163 42.38 -31.34 24.72
C TYR E 163 43.65 -31.69 23.94
N ARG E 164 43.48 -32.50 22.90
CA ARG E 164 44.54 -32.91 21.96
C ARG E 164 44.30 -32.26 20.59
N ASN E 165 45.31 -31.61 20.02
CA ASN E 165 45.26 -30.99 18.67
C ASN E 165 45.32 -32.10 17.61
N ALA E 166 44.16 -32.52 17.09
CA ALA E 166 44.00 -33.59 16.07
C ALA E 166 44.50 -33.10 14.69
N ASP E 167 44.19 -31.84 14.39
CA ASP E 167 44.52 -31.10 13.14
C ASP E 167 46.04 -30.97 13.02
N THR E 168 46.53 -30.54 11.85
CA THR E 168 47.98 -30.44 11.52
C THR E 168 48.44 -28.97 11.55
N ALA E 169 47.54 -28.03 11.84
CA ALA E 169 47.86 -26.59 12.07
C ALA E 169 47.41 -26.21 13.49
N GLU E 170 48.08 -25.25 14.13
CA GLU E 170 47.86 -24.86 15.55
C GLU E 170 46.42 -24.35 15.76
N HIS E 171 45.83 -24.66 16.91
CA HIS E 171 44.47 -24.22 17.33
C HIS E 171 44.61 -23.18 18.45
N LEU E 172 43.56 -22.37 18.65
CA LEU E 172 43.55 -21.30 19.69
C LEU E 172 42.51 -21.68 20.74
N ILE E 173 42.99 -22.16 21.88
CA ILE E 173 42.12 -22.57 23.02
C ILE E 173 41.92 -21.35 23.94
N MET E 174 40.66 -21.05 24.23
CA MET E 174 40.29 -19.95 25.14
C MET E 174 39.56 -20.56 26.33
N TRP E 175 39.73 -19.99 27.53
CA TRP E 175 38.97 -20.35 28.75
C TRP E 175 38.78 -19.14 29.66
N GLY E 176 38.01 -19.33 30.75
CA GLY E 176 37.64 -18.24 31.67
C GLY E 176 37.68 -18.64 33.13
N ILE E 177 38.04 -17.70 34.00
CA ILE E 177 38.07 -17.86 35.48
C ILE E 177 36.96 -16.97 36.06
N HIS E 178 36.12 -17.52 36.93
CA HIS E 178 34.97 -16.80 37.51
C HIS E 178 35.30 -16.50 38.96
N HIS E 179 35.13 -15.25 39.39
CA HIS E 179 35.39 -14.78 40.77
C HIS E 179 34.03 -14.48 41.40
N PRO E 180 33.62 -15.14 42.49
CA PRO E 180 32.33 -14.89 43.12
C PRO E 180 32.32 -13.52 43.82
N SER E 181 31.19 -12.81 43.71
CA SER E 181 31.00 -11.45 44.24
C SER E 181 31.36 -11.44 45.73
N SER E 182 30.79 -12.36 46.51
CA SER E 182 31.00 -12.58 47.96
C SER E 182 31.09 -14.08 48.25
N THR E 183 31.51 -14.44 49.47
CA THR E 183 31.71 -15.85 49.93
C THR E 183 30.35 -16.58 49.95
N GLN E 184 29.22 -15.87 50.08
CA GLN E 184 27.84 -16.43 49.99
C GLN E 184 27.67 -17.13 48.63
N GLU E 185 28.01 -16.42 47.54
CA GLU E 185 28.00 -16.94 46.14
C GLU E 185 29.02 -18.08 46.02
N LYS E 186 30.23 -17.88 46.57
CA LYS E 186 31.38 -18.82 46.49
C LYS E 186 30.99 -20.18 47.07
N ASN E 187 30.35 -20.17 48.25
CA ASN E 187 29.98 -21.38 49.03
C ASN E 187 28.75 -22.04 48.41
N ASP E 188 27.85 -21.27 47.80
CA ASP E 188 26.58 -21.78 47.19
C ASP E 188 26.89 -22.64 45.98
N LEU E 189 28.08 -22.52 45.37
CA LEU E 189 28.46 -23.25 44.13
C LEU E 189 29.58 -24.26 44.45
N TYR E 190 30.65 -23.83 45.13
CA TYR E 190 31.88 -24.64 45.39
C TYR E 190 32.13 -24.78 46.89
N GLY E 191 31.57 -23.89 47.72
CA GLY E 191 31.78 -23.87 49.18
C GLY E 191 33.00 -23.03 49.58
N THR E 192 33.32 -23.04 50.87
CA THR E 192 34.39 -22.24 51.50
C THR E 192 35.76 -22.72 50.99
N GLN E 193 35.94 -24.02 50.73
CA GLN E 193 37.18 -24.68 50.24
C GLN E 193 37.88 -23.80 49.22
N SER E 194 39.20 -23.60 49.35
CA SER E 194 39.96 -22.70 48.45
C SER E 194 40.12 -23.45 47.12
N LEU E 195 40.03 -22.71 46.00
CA LEU E 195 40.06 -23.27 44.62
C LEU E 195 41.36 -22.84 43.94
N SER E 196 41.90 -23.74 43.11
CA SER E 196 43.16 -23.53 42.35
C SER E 196 43.03 -24.23 41.00
N ILE E 197 43.27 -23.48 39.92
CA ILE E 197 43.04 -23.93 38.52
C ILE E 197 44.37 -23.91 37.77
N SER E 198 44.89 -25.09 37.44
CA SER E 198 46.20 -25.25 36.76
C SER E 198 45.95 -25.69 35.30
N VAL E 199 46.57 -24.97 34.37
CA VAL E 199 46.52 -25.28 32.91
C VAL E 199 47.94 -25.54 32.42
N GLY E 200 48.12 -26.58 31.62
CA GLY E 200 49.43 -27.07 31.19
C GLY E 200 49.42 -27.60 29.77
N SER E 201 50.48 -27.32 29.02
CA SER E 201 50.75 -27.83 27.65
C SER E 201 52.27 -27.99 27.52
N SER E 202 52.75 -28.44 26.36
CA SER E 202 54.21 -28.54 26.09
C SER E 202 54.86 -27.16 26.19
N THR E 203 54.14 -26.09 25.85
CA THR E 203 54.71 -24.70 25.75
C THR E 203 53.98 -23.74 26.71
N TYR E 204 52.98 -24.20 27.46
CA TYR E 204 52.19 -23.33 28.39
C TYR E 204 52.09 -23.97 29.78
N LYS E 205 52.32 -23.13 30.80
CA LYS E 205 52.15 -23.44 32.25
C LYS E 205 51.57 -22.20 32.93
N ASN E 206 50.52 -22.37 33.74
CA ASN E 206 49.86 -21.23 34.44
C ASN E 206 48.89 -21.73 35.53
N ASN E 207 48.90 -21.08 36.68
CA ASN E 207 48.01 -21.35 37.84
C ASN E 207 47.14 -20.11 38.09
N PHE E 208 45.84 -20.31 38.31
CA PHE E 208 44.81 -19.25 38.48
C PHE E 208 44.02 -19.50 39.77
N VAL E 209 44.13 -18.56 40.74
CA VAL E 209 43.41 -18.60 42.04
C VAL E 209 42.26 -17.58 41.97
N PRO E 210 40.99 -18.06 41.90
CA PRO E 210 39.82 -17.18 42.00
C PRO E 210 39.84 -16.35 43.29
N VAL E 211 39.46 -15.08 43.20
CA VAL E 211 39.46 -14.09 44.30
C VAL E 211 37.99 -13.71 44.55
N VAL E 212 37.55 -13.78 45.82
CA VAL E 212 36.17 -13.41 46.28
C VAL E 212 36.23 -11.97 46.81
N GLY E 213 35.13 -11.23 46.76
CA GLY E 213 35.05 -9.83 47.22
C GLY E 213 34.46 -8.93 46.14
N ALA E 214 33.59 -8.00 46.54
CA ALA E 214 32.74 -7.20 45.63
C ALA E 214 33.58 -6.10 44.95
N ARG E 215 33.29 -5.89 43.66
CA ARG E 215 33.92 -4.88 42.76
C ARG E 215 32.82 -3.88 42.43
N PRO E 216 33.02 -2.90 41.51
CA PRO E 216 31.89 -2.09 41.02
C PRO E 216 30.78 -2.98 40.41
N GLN E 217 29.49 -2.63 40.59
CA GLN E 217 28.37 -3.45 40.06
C GLN E 217 28.21 -3.18 38.55
N VAL E 218 28.09 -4.24 37.73
CA VAL E 218 27.93 -4.13 36.25
C VAL E 218 26.79 -5.03 35.77
N ASN E 219 25.65 -4.42 35.40
CA ASN E 219 24.41 -5.09 34.91
C ASN E 219 23.73 -5.86 36.05
N GLY E 220 23.80 -5.33 37.28
CA GLY E 220 23.21 -5.91 38.50
C GLY E 220 24.06 -6.99 39.14
N LEU E 221 25.26 -7.25 38.57
CA LEU E 221 26.17 -8.37 38.94
C LEU E 221 27.56 -7.80 39.28
N SER E 222 28.00 -8.02 40.53
CA SER E 222 29.26 -7.42 41.05
C SER E 222 30.43 -8.35 40.72
N SER E 223 30.16 -9.65 40.52
CA SER E 223 31.16 -10.68 40.14
C SER E 223 31.63 -10.42 38.71
N ARG E 224 32.90 -10.72 38.42
CA ARG E 224 33.53 -10.52 37.08
C ARG E 224 34.11 -11.87 36.61
N ILE E 225 33.96 -12.20 35.32
CA ILE E 225 34.56 -13.41 34.67
C ILE E 225 35.56 -12.97 33.60
N ASP E 226 36.84 -13.19 33.85
CA ASP E 226 37.97 -12.84 32.96
C ASP E 226 38.32 -14.09 32.13
N PHE E 227 38.94 -13.92 30.96
CA PHE E 227 39.36 -15.03 30.05
C PHE E 227 40.85 -14.93 29.80
N HIS E 228 41.51 -16.07 29.57
CA HIS E 228 42.92 -16.16 29.08
C HIS E 228 42.92 -17.06 27.85
N TRP E 229 44.08 -17.21 27.21
CA TRP E 229 44.19 -17.96 25.94
C TRP E 229 45.64 -18.36 25.66
N THR E 230 45.82 -19.26 24.71
CA THR E 230 47.14 -19.73 24.24
C THR E 230 46.92 -20.53 22.95
N LEU E 231 47.99 -20.67 22.16
CA LEU E 231 48.02 -21.54 20.96
C LEU E 231 48.44 -22.94 21.40
N VAL E 232 47.70 -23.97 20.98
CA VAL E 232 48.07 -25.39 21.25
C VAL E 232 48.64 -25.98 19.96
N GLN E 233 49.88 -26.46 19.99
CA GLN E 233 50.63 -26.89 18.77
C GLN E 233 50.07 -28.21 18.27
N PRO E 234 50.17 -28.49 16.94
CA PRO E 234 49.66 -29.74 16.38
C PRO E 234 50.27 -30.97 17.05
N GLY E 235 49.47 -32.04 17.22
CA GLY E 235 49.82 -33.24 17.98
C GLY E 235 50.35 -32.89 19.37
N ASP E 236 49.56 -32.14 20.12
CA ASP E 236 49.89 -31.71 21.51
C ASP E 236 48.62 -31.74 22.37
N LYS E 237 48.81 -31.84 23.69
CA LYS E 237 47.71 -31.87 24.69
C LYS E 237 47.80 -30.61 25.56
N ILE E 238 46.64 -30.10 25.98
CA ILE E 238 46.53 -29.06 27.04
C ILE E 238 45.61 -29.62 28.12
N THR E 239 46.09 -29.65 29.37
CA THR E 239 45.45 -30.30 30.54
C THR E 239 44.90 -29.22 31.50
N PHE E 240 43.65 -29.37 31.92
CA PHE E 240 42.92 -28.44 32.82
C PHE E 240 42.71 -29.11 34.18
N SER E 241 43.54 -28.75 35.15
CA SER E 241 43.39 -29.09 36.59
C SER E 241 42.57 -27.99 37.28
N HIS E 242 41.40 -28.33 37.86
CA HIS E 242 40.51 -27.33 38.53
C HIS E 242 39.72 -27.94 39.69
N ASN E 243 39.57 -27.16 40.78
CA ASN E 243 38.74 -27.46 41.98
C ASN E 243 37.32 -26.94 41.81
N GLY E 244 37.04 -26.28 40.67
CA GLY E 244 35.83 -25.47 40.43
C GLY E 244 36.18 -24.01 40.16
N GLY E 245 35.28 -23.27 39.51
CA GLY E 245 35.43 -21.85 39.20
C GLY E 245 36.19 -21.68 37.90
N LEU E 246 36.32 -22.75 37.12
CA LEU E 246 36.90 -22.76 35.76
C LEU E 246 35.72 -22.78 34.77
N ILE E 247 35.63 -21.73 33.94
CA ILE E 247 34.73 -21.67 32.76
C ILE E 247 35.50 -22.35 31.61
N ALA E 248 35.11 -23.58 31.29
CA ALA E 248 35.88 -24.50 30.44
C ALA E 248 35.45 -24.32 28.99
N PRO E 249 36.38 -24.48 28.03
CA PRO E 249 36.02 -24.50 26.62
C PRO E 249 35.25 -25.78 26.25
N SER E 250 34.14 -25.62 25.54
CA SER E 250 33.52 -26.69 24.73
C SER E 250 34.15 -26.69 23.34
N ARG E 251 34.75 -25.55 22.94
CA ARG E 251 35.33 -25.36 21.58
C ARG E 251 36.65 -24.58 21.61
N VAL E 252 37.64 -25.18 20.95
CA VAL E 252 38.88 -24.51 20.48
C VAL E 252 38.56 -23.82 19.14
N SER E 253 39.16 -22.67 18.90
CA SER E 253 39.08 -21.90 17.62
C SER E 253 40.37 -22.16 16.82
N LYS E 254 40.29 -22.23 15.48
CA LYS E 254 41.47 -22.29 14.56
C LYS E 254 41.34 -21.18 13.51
N LEU E 255 42.35 -20.31 13.41
CA LEU E 255 42.39 -19.17 12.45
C LEU E 255 42.80 -19.68 11.07
N ILE E 256 41.95 -19.49 10.06
CA ILE E 256 42.16 -19.98 8.68
C ILE E 256 42.82 -18.87 7.85
N GLY E 257 43.95 -19.21 7.22
CA GLY E 257 44.72 -18.32 6.33
C GLY E 257 44.93 -16.94 6.92
N ARG E 258 44.86 -15.91 6.07
CA ARG E 258 45.05 -14.49 6.47
C ARG E 258 44.04 -13.65 5.68
N GLY E 259 43.70 -12.47 6.20
CA GLY E 259 42.70 -11.55 5.60
C GLY E 259 42.88 -10.13 6.09
N LEU E 260 42.33 -9.15 5.38
CA LEU E 260 42.49 -7.71 5.68
C LEU E 260 41.46 -7.28 6.74
N GLY E 261 41.94 -6.69 7.83
CA GLY E 261 41.11 -6.17 8.93
C GLY E 261 40.88 -4.68 8.77
N ILE E 262 39.63 -4.26 8.55
CA ILE E 262 39.19 -2.83 8.49
C ILE E 262 38.46 -2.44 9.78
N GLN E 263 39.02 -1.56 10.58
CA GLN E 263 38.29 -0.85 11.65
C GLN E 263 37.61 0.37 11.03
N SER E 264 36.29 0.32 10.85
CA SER E 264 35.49 1.41 10.20
C SER E 264 34.17 1.67 10.94
N GLU E 265 33.55 2.81 10.67
CA GLU E 265 32.19 3.17 11.17
C GLU E 265 31.22 3.31 9.99
N ALA E 266 31.69 3.15 8.75
CA ALA E 266 30.94 3.36 7.51
C ALA E 266 30.11 2.13 7.15
N PRO E 267 28.97 2.28 6.44
CA PRO E 267 28.21 1.13 5.93
C PRO E 267 28.85 0.43 4.72
N ILE E 268 28.47 -0.83 4.47
CA ILE E 268 28.99 -1.66 3.35
C ILE E 268 28.32 -1.20 2.04
N ASP E 269 28.91 -1.58 0.90
CA ASP E 269 28.36 -1.44 -0.48
C ASP E 269 29.06 -2.50 -1.34
N ASN E 270 28.30 -3.44 -1.93
CA ASN E 270 28.87 -4.55 -2.74
C ASN E 270 28.83 -4.20 -4.23
N SER E 271 28.22 -3.08 -4.60
CA SER E 271 28.29 -2.48 -5.97
C SER E 271 29.70 -1.91 -6.19
N CYS E 272 30.28 -1.35 -5.12
CA CYS E 272 31.55 -0.57 -5.06
C CYS E 272 32.74 -1.49 -4.75
N GLU E 273 33.88 -1.26 -5.42
CA GLU E 273 35.16 -2.01 -5.26
C GLU E 273 36.27 -1.04 -4.79
N SER E 274 37.26 -1.55 -4.06
CA SER E 274 38.42 -0.76 -3.54
C SER E 274 39.53 -1.70 -3.05
N LYS E 275 40.73 -1.16 -2.84
CA LYS E 275 41.91 -1.85 -2.23
C LYS E 275 42.41 -1.04 -1.02
N CYS E 276 41.78 0.11 -0.76
CA CYS E 276 42.18 1.08 0.29
C CYS E 276 40.97 1.40 1.17
N PHE E 277 41.17 1.46 2.49
CA PHE E 277 40.11 1.77 3.47
C PHE E 277 40.69 2.54 4.66
N TRP E 278 39.84 3.33 5.31
CA TRP E 278 40.13 4.04 6.57
C TRP E 278 38.84 4.18 7.39
N ARG E 279 38.91 4.81 8.56
CA ARG E 279 37.71 5.02 9.44
C ARG E 279 36.52 5.47 8.58
N GLY E 280 36.72 6.51 7.76
CA GLY E 280 35.69 7.26 7.00
C GLY E 280 35.25 6.56 5.72
N GLY E 281 35.89 5.44 5.36
CA GLY E 281 35.40 4.53 4.30
C GLY E 281 36.47 4.14 3.30
N SER E 282 36.09 4.10 2.01
CA SER E 282 36.95 3.63 0.89
C SER E 282 37.67 4.82 0.24
N ILE E 283 38.75 4.52 -0.46
CA ILE E 283 39.58 5.47 -1.26
C ILE E 283 39.94 4.77 -2.57
N ASN E 284 39.48 5.31 -3.72
CA ASN E 284 39.54 4.58 -5.01
C ASN E 284 40.50 5.22 -5.99
N THR E 285 41.05 6.40 -5.70
CA THR E 285 41.74 7.26 -6.69
C THR E 285 42.90 6.50 -7.34
N ARG E 286 42.94 6.60 -8.66
CA ARG E 286 44.12 6.29 -9.51
C ARG E 286 45.31 7.12 -9.01
N LEU E 287 45.01 8.27 -8.38
CA LEU E 287 45.99 9.28 -7.90
C LEU E 287 47.03 8.61 -6.99
N PRO E 288 48.25 9.20 -6.90
CA PRO E 288 49.37 8.60 -6.16
C PRO E 288 49.49 9.02 -4.68
N PHE E 289 48.69 10.01 -4.24
CA PHE E 289 48.69 10.60 -2.88
C PHE E 289 47.27 10.84 -2.37
N GLN E 290 47.15 11.24 -1.10
CA GLN E 290 45.85 11.55 -0.44
C GLN E 290 46.13 12.25 0.88
N ASN E 291 45.19 13.08 1.35
CA ASN E 291 45.34 13.88 2.60
C ASN E 291 44.15 13.60 3.53
N LEU E 292 43.51 12.44 3.35
CA LEU E 292 42.28 12.05 4.10
C LEU E 292 42.67 11.61 5.52
N SER E 293 43.61 10.68 5.64
CA SER E 293 44.04 10.10 6.95
C SER E 293 45.30 9.30 6.76
N PRO E 294 46.27 9.41 7.71
CA PRO E 294 47.46 8.56 7.73
C PRO E 294 47.19 7.14 8.28
N ARG E 295 45.97 6.86 8.68
CA ARG E 295 45.52 5.49 9.06
C ARG E 295 44.73 4.94 7.86
N THR E 296 45.44 4.31 6.92
CA THR E 296 44.88 3.57 5.77
C THR E 296 45.29 2.10 5.90
N VAL E 297 44.65 1.24 5.12
CA VAL E 297 44.95 -0.21 5.08
C VAL E 297 44.70 -0.74 3.66
N GLY E 298 45.60 -1.61 3.20
CA GLY E 298 45.58 -2.22 1.86
C GLY E 298 46.54 -1.52 0.93
N GLN E 299 46.34 -1.63 -0.38
CA GLN E 299 47.20 -0.93 -1.37
C GLN E 299 46.68 0.51 -1.46
N CYS E 300 47.47 1.49 -1.02
CA CYS E 300 46.98 2.87 -0.74
C CYS E 300 47.91 3.96 -1.26
N PRO E 301 47.32 5.09 -1.73
CA PRO E 301 48.06 6.32 -1.96
C PRO E 301 48.70 6.81 -0.67
N LYS E 302 49.90 7.40 -0.78
CA LYS E 302 50.70 7.79 0.40
C LYS E 302 50.11 9.07 1.00
N TYR E 303 49.87 9.07 2.31
CA TYR E 303 49.33 10.25 3.02
C TYR E 303 50.39 11.34 2.94
N VAL E 304 49.96 12.56 2.61
CA VAL E 304 50.80 13.78 2.49
C VAL E 304 50.12 14.92 3.25
N ASN E 305 50.90 15.96 3.54
CA ASN E 305 50.45 17.10 4.37
C ASN E 305 49.96 18.22 3.45
N LYS E 306 49.72 17.92 2.16
CA LYS E 306 49.31 18.98 1.20
C LYS E 306 47.82 18.80 0.87
N LYS E 307 47.06 19.90 0.95
CA LYS E 307 45.68 20.02 0.40
C LYS E 307 45.71 19.64 -1.08
N SER E 308 46.63 20.21 -1.87
CA SER E 308 46.73 20.03 -3.35
C SER E 308 48.18 20.10 -3.84
N LEU E 309 48.57 19.17 -4.71
CA LEU E 309 49.77 19.28 -5.60
C LEU E 309 49.32 19.21 -7.06
N MET E 310 49.33 20.36 -7.73
CA MET E 310 48.88 20.49 -9.14
C MET E 310 50.07 20.18 -10.06
N LEU E 311 49.93 19.12 -10.86
CA LEU E 311 50.94 18.64 -11.84
C LEU E 311 50.58 19.18 -13.22
N ALA E 312 51.47 19.97 -13.82
CA ALA E 312 51.33 20.56 -15.16
C ALA E 312 51.23 19.41 -16.15
N THR E 313 50.14 19.44 -16.95
CA THR E 313 49.86 18.52 -18.07
C THR E 313 49.84 19.31 -19.37
N GLY E 314 50.61 20.41 -19.43
CA GLY E 314 50.66 21.34 -20.58
C GLY E 314 51.65 22.47 -20.39
N MET E 315 51.79 23.31 -21.42
CA MET E 315 52.88 24.33 -21.52
C MET E 315 52.51 25.58 -20.73
N ARG E 316 53.42 26.57 -20.71
CA ARG E 316 53.11 27.92 -20.18
C ARG E 316 51.92 28.48 -20.94
N ASN E 317 50.94 28.98 -20.22
CA ASN E 317 49.77 29.68 -20.83
C ASN E 317 50.12 31.17 -20.90
N VAL E 318 50.21 31.73 -22.10
CA VAL E 318 50.41 33.19 -22.28
C VAL E 318 49.25 33.74 -23.09
N PRO E 319 48.41 34.60 -22.49
CA PRO E 319 47.16 35.00 -23.12
C PRO E 319 47.35 36.22 -24.06
N GLU E 320 46.30 36.57 -24.81
CA GLU E 320 46.20 37.84 -25.59
C GLU E 320 45.44 38.89 -24.73
N GLY F 1 61.40 30.92 -21.59
CA GLY F 1 61.80 29.79 -20.69
C GLY F 1 63.28 29.48 -20.80
N LEU F 2 63.66 28.20 -20.66
CA LEU F 2 65.03 27.70 -20.94
C LEU F 2 65.38 27.90 -22.43
N PHE F 3 64.41 27.66 -23.30
CA PHE F 3 64.63 27.63 -24.76
C PHE F 3 64.21 28.97 -25.36
N GLY F 4 63.54 29.81 -24.57
CA GLY F 4 63.26 31.22 -24.93
C GLY F 4 62.15 31.33 -25.95
N ALA F 5 61.70 30.19 -26.49
CA ALA F 5 60.66 30.12 -27.53
C ALA F 5 59.34 30.60 -26.94
N ILE F 6 58.89 29.93 -25.88
CA ILE F 6 57.53 30.10 -25.30
C ILE F 6 57.64 31.10 -24.16
N ALA F 7 56.67 32.02 -24.08
CA ALA F 7 56.73 33.17 -23.16
C ALA F 7 58.07 33.88 -23.31
N GLY F 8 58.75 33.71 -24.44
CA GLY F 8 60.07 34.31 -24.74
C GLY F 8 59.98 35.24 -25.93
N PHE F 9 60.73 34.97 -27.01
CA PHE F 9 60.71 35.77 -28.25
C PHE F 9 59.33 35.69 -28.92
N ILE F 10 58.56 34.62 -28.69
CA ILE F 10 57.14 34.59 -29.12
C ILE F 10 56.31 35.36 -28.09
N GLU F 11 55.87 36.57 -28.47
CA GLU F 11 55.08 37.53 -27.65
C GLU F 11 54.05 36.78 -26.80
N ASN F 12 53.28 35.87 -27.42
CA ASN F 12 52.19 35.14 -26.72
C ASN F 12 51.63 34.03 -27.64
N GLY F 13 50.68 33.27 -27.08
CA GLY F 13 50.06 32.11 -27.72
C GLY F 13 48.73 32.50 -28.35
N TRP F 14 48.09 31.51 -28.97
CA TRP F 14 46.99 31.72 -29.95
C TRP F 14 45.72 31.02 -29.44
N GLU F 15 44.87 31.75 -28.70
CA GLU F 15 43.60 31.19 -28.13
C GLU F 15 42.81 30.57 -29.29
N GLY F 16 42.90 31.21 -30.46
CA GLY F 16 42.31 30.74 -31.73
C GLY F 16 42.74 29.33 -32.12
N MET F 17 43.94 28.87 -31.74
CA MET F 17 44.51 27.60 -32.27
C MET F 17 44.04 26.42 -31.42
N VAL F 18 42.96 25.77 -31.85
CA VAL F 18 42.25 24.75 -31.03
C VAL F 18 42.42 23.36 -31.69
N ASP F 19 43.26 23.25 -32.71
CA ASP F 19 43.45 21.98 -33.47
C ASP F 19 44.82 21.39 -33.15
N GLY F 20 45.53 21.97 -32.17
CA GLY F 20 46.90 21.57 -31.79
C GLY F 20 47.51 22.52 -30.76
N TRP F 21 48.82 22.37 -30.55
CA TRP F 21 49.64 23.10 -29.54
C TRP F 21 50.60 24.08 -30.23
N TYR F 22 51.26 23.57 -31.27
CA TYR F 22 52.26 24.26 -32.10
C TYR F 22 51.73 24.36 -33.53
N GLY F 23 51.79 25.55 -34.13
CA GLY F 23 51.24 25.77 -35.47
C GLY F 23 51.83 26.98 -36.17
N PHE F 24 51.30 27.25 -37.36
CA PHE F 24 51.77 28.30 -38.29
C PHE F 24 50.67 29.32 -38.56
N ARG F 25 51.09 30.52 -38.98
CA ARG F 25 50.22 31.61 -39.46
C ARG F 25 50.96 32.35 -40.58
N HIS F 26 50.56 32.08 -41.82
CA HIS F 26 51.08 32.76 -43.04
C HIS F 26 50.13 33.92 -43.39
N GLN F 27 50.70 35.02 -43.91
CA GLN F 27 49.95 36.02 -44.69
C GLN F 27 50.75 36.25 -45.98
N ASN F 28 50.07 36.20 -47.12
CA ASN F 28 50.70 36.31 -48.47
C ASN F 28 49.74 37.09 -49.37
N ALA F 29 50.03 37.08 -50.68
CA ALA F 29 49.17 37.60 -51.76
C ALA F 29 47.71 37.17 -51.53
N GLN F 30 47.46 35.85 -51.46
CA GLN F 30 46.11 35.25 -51.23
C GLN F 30 45.47 35.90 -49.98
N GLY F 31 46.24 36.03 -48.89
CA GLY F 31 45.80 36.54 -47.58
C GLY F 31 46.11 35.55 -46.47
N THR F 32 45.49 35.74 -45.30
CA THR F 32 45.83 35.04 -44.04
C THR F 32 45.32 33.60 -44.06
N GLY F 33 45.66 32.83 -43.02
CA GLY F 33 45.34 31.40 -42.86
C GLY F 33 46.18 30.76 -41.75
N GLN F 34 45.56 29.96 -40.89
CA GLN F 34 46.19 29.29 -39.72
C GLN F 34 46.13 27.78 -39.94
N ALA F 35 47.07 27.02 -39.35
CA ALA F 35 47.13 25.55 -39.38
C ALA F 35 48.16 25.03 -38.37
N ALA F 36 47.80 23.98 -37.63
CA ALA F 36 48.61 23.40 -36.54
C ALA F 36 49.58 22.36 -37.12
N ASP F 37 50.72 22.16 -36.45
CA ASP F 37 51.73 21.11 -36.77
C ASP F 37 51.54 19.92 -35.84
N TYR F 38 51.08 18.79 -36.38
CA TYR F 38 50.73 17.58 -35.61
C TYR F 38 52.01 16.97 -35.04
N LYS F 39 53.02 16.74 -35.87
CA LYS F 39 54.21 15.93 -35.53
C LYS F 39 54.84 16.45 -34.23
N SER F 40 54.90 17.78 -34.05
CA SER F 40 55.46 18.44 -32.85
C SER F 40 54.43 18.44 -31.72
N THR F 41 53.20 18.89 -31.98
CA THR F 41 52.08 18.90 -31.00
C THR F 41 51.97 17.50 -30.37
N GLN F 42 52.13 16.44 -31.16
CA GLN F 42 51.99 15.04 -30.66
C GLN F 42 53.16 14.71 -29.74
N ALA F 43 54.39 15.00 -30.17
CA ALA F 43 55.63 14.69 -29.42
C ALA F 43 55.52 15.20 -27.97
N ALA F 44 54.95 16.40 -27.75
CA ALA F 44 54.82 17.06 -26.43
C ALA F 44 53.78 16.32 -25.59
N ILE F 45 52.62 16.09 -26.16
CA ILE F 45 51.54 15.24 -25.59
C ILE F 45 52.13 13.86 -25.24
N ASP F 46 52.56 13.08 -26.22
CA ASP F 46 53.13 11.72 -26.02
C ASP F 46 54.06 11.71 -24.80
N GLN F 47 54.85 12.78 -24.60
CA GLN F 47 55.82 12.91 -23.48
C GLN F 47 55.05 13.11 -22.16
N ILE F 48 54.05 13.99 -22.14
CA ILE F 48 53.23 14.22 -20.91
C ILE F 48 52.42 12.96 -20.61
N THR F 49 51.78 12.36 -21.61
CA THR F 49 51.10 11.04 -21.49
C THR F 49 52.01 10.13 -20.66
N GLY F 50 53.25 9.94 -21.11
CA GLY F 50 54.25 9.07 -20.46
C GLY F 50 54.50 9.45 -19.01
N LYS F 51 54.59 10.76 -18.74
CA LYS F 51 54.75 11.32 -17.37
C LYS F 51 53.58 10.83 -16.52
N LEU F 52 52.36 11.08 -16.98
CA LEU F 52 51.12 10.67 -16.26
C LEU F 52 51.16 9.16 -15.98
N ASN F 53 51.53 8.33 -16.96
CA ASN F 53 51.70 6.86 -16.78
C ASN F 53 52.63 6.58 -15.59
N ARG F 54 53.79 7.23 -15.53
CA ARG F 54 54.78 7.08 -14.42
C ARG F 54 54.17 7.57 -13.09
N ILE F 55 53.59 8.77 -13.09
CA ILE F 55 53.25 9.54 -11.86
C ILE F 55 51.94 9.04 -11.26
N ILE F 56 50.91 8.76 -12.09
CA ILE F 56 49.54 8.43 -11.57
C ILE F 56 49.51 6.93 -11.25
N LYS F 57 50.07 6.59 -10.10
CA LYS F 57 50.37 5.20 -9.69
C LYS F 57 50.50 5.17 -8.16
N LYS F 58 49.83 4.20 -7.54
CA LYS F 58 50.09 3.78 -6.15
C LYS F 58 50.82 2.45 -6.21
N THR F 59 51.41 2.02 -5.10
CA THR F 59 52.20 0.76 -4.99
C THR F 59 51.21 -0.43 -5.01
N ASN F 60 51.73 -1.65 -4.99
CA ASN F 60 50.93 -2.88 -4.81
C ASN F 60 51.31 -3.49 -3.46
N THR F 61 51.60 -2.64 -2.48
CA THR F 61 51.96 -3.01 -1.08
C THR F 61 50.67 -3.08 -0.23
N GLU F 62 50.33 -4.29 0.22
CA GLU F 62 49.26 -4.60 1.21
C GLU F 62 49.76 -4.08 2.58
N PHE F 63 49.10 -3.07 3.15
CA PHE F 63 49.42 -2.58 4.52
C PHE F 63 48.37 -3.11 5.51
N GLU F 64 48.76 -3.98 6.45
CA GLU F 64 47.94 -4.34 7.65
C GLU F 64 48.00 -3.12 8.58
N SER F 65 46.96 -2.90 9.39
CA SER F 65 46.84 -1.77 10.34
C SER F 65 47.76 -2.04 11.54
N ILE F 66 48.55 -1.05 11.97
CA ILE F 66 49.35 -1.17 13.23
C ILE F 66 48.79 -0.21 14.28
N GLU F 67 47.71 0.49 13.97
CA GLU F 67 47.00 1.37 14.95
C GLU F 67 45.55 0.90 15.06
N SER F 68 45.06 0.59 16.28
CA SER F 68 43.63 0.31 16.52
C SER F 68 42.86 1.64 16.57
N GLU F 69 41.81 1.77 15.76
CA GLU F 69 41.00 3.01 15.65
C GLU F 69 40.02 3.06 16.82
N PHE F 70 39.69 1.92 17.45
CA PHE F 70 38.76 1.84 18.61
C PHE F 70 39.50 1.59 19.93
N SER F 71 40.34 0.54 19.98
CA SER F 71 41.17 0.16 21.15
C SER F 71 42.27 1.21 21.36
N GLU F 72 42.85 1.27 22.56
CA GLU F 72 44.05 2.12 22.86
C GLU F 72 45.27 1.20 22.94
N ILE F 73 46.31 1.47 22.15
CA ILE F 73 47.57 0.67 22.06
C ILE F 73 48.54 1.23 23.11
N ASP F 74 49.49 0.40 23.61
CA ASP F 74 50.50 0.78 24.64
C ASP F 74 51.11 2.13 24.26
N HIS F 75 51.30 3.05 25.23
CA HIS F 75 51.71 4.46 24.97
C HIS F 75 53.16 4.51 24.45
N GLN F 76 54.07 3.65 24.95
CA GLN F 76 55.49 3.63 24.52
C GLN F 76 55.54 3.23 23.03
N ILE F 77 55.01 2.06 22.69
CA ILE F 77 54.98 1.55 21.29
C ILE F 77 54.19 2.50 20.38
N GLY F 78 53.03 2.96 20.82
CA GLY F 78 52.17 3.91 20.08
C GLY F 78 52.90 5.18 19.70
N ASN F 79 53.66 5.75 20.67
CA ASN F 79 54.47 6.98 20.45
C ASN F 79 55.51 6.67 19.36
N VAL F 80 56.18 5.51 19.41
CA VAL F 80 57.16 5.05 18.37
C VAL F 80 56.47 5.07 17.02
N ILE F 81 55.36 4.35 16.90
CA ILE F 81 54.56 4.28 15.64
C ILE F 81 54.27 5.71 15.19
N ASN F 82 53.68 6.57 16.03
CA ASN F 82 53.34 7.96 15.65
C ASN F 82 54.58 8.61 15.00
N TRP F 83 55.76 8.51 15.64
CA TRP F 83 57.02 9.07 15.10
C TRP F 83 57.39 8.37 13.78
N THR F 84 57.53 7.04 13.75
CA THR F 84 57.84 6.26 12.53
C THR F 84 56.96 6.77 11.38
N LYS F 85 55.63 6.80 11.58
CA LYS F 85 54.62 7.28 10.58
C LYS F 85 54.94 8.72 10.20
N ASP F 86 54.81 9.65 11.14
CA ASP F 86 54.98 11.10 10.86
C ASP F 86 56.29 11.33 10.08
N SER F 87 57.35 10.56 10.33
CA SER F 87 58.65 10.66 9.59
C SER F 87 58.46 10.19 8.13
N ILE F 88 57.70 9.12 7.93
CA ILE F 88 57.38 8.54 6.59
C ILE F 88 56.53 9.55 5.82
N THR F 89 55.42 9.95 6.43
CA THR F 89 54.47 10.99 5.97
C THR F 89 55.25 12.29 5.64
N ASP F 90 56.30 12.62 6.39
CA ASP F 90 57.09 13.84 6.13
C ASP F 90 57.92 13.65 4.86
N ILE F 91 58.55 12.48 4.70
CA ILE F 91 59.27 12.11 3.46
C ILE F 91 58.31 12.24 2.28
N TRP F 92 57.23 11.46 2.24
CA TRP F 92 56.33 11.38 1.06
C TRP F 92 55.75 12.77 0.72
N THR F 93 55.45 13.59 1.73
CA THR F 93 55.07 15.01 1.52
C THR F 93 56.15 15.67 0.68
N TYR F 94 57.41 15.54 1.10
CA TYR F 94 58.58 16.14 0.43
C TYR F 94 58.83 15.47 -0.93
N GLN F 95 58.98 14.14 -0.95
CA GLN F 95 59.30 13.33 -2.16
C GLN F 95 58.33 13.67 -3.29
N ALA F 96 57.10 14.10 -2.93
CA ALA F 96 55.99 14.44 -3.84
C ALA F 96 56.09 15.91 -4.24
N GLU F 97 56.22 16.81 -3.28
CA GLU F 97 56.37 18.27 -3.54
C GLU F 97 57.51 18.48 -4.55
N LEU F 98 58.57 17.68 -4.44
CA LEU F 98 59.72 17.64 -5.39
C LEU F 98 59.29 16.98 -6.71
N LEU F 99 58.78 15.73 -6.70
CA LEU F 99 58.34 15.04 -7.96
C LEU F 99 57.55 16.05 -8.79
N VAL F 100 56.45 16.57 -8.25
CA VAL F 100 55.54 17.45 -9.03
C VAL F 100 56.34 18.66 -9.49
N ALA F 101 56.99 19.37 -8.58
CA ALA F 101 57.67 20.64 -8.90
C ALA F 101 58.67 20.40 -10.03
N MET F 102 59.48 19.34 -9.95
CA MET F 102 60.52 19.05 -10.96
C MET F 102 59.85 18.67 -12.28
N GLU F 103 58.91 17.74 -12.26
CA GLU F 103 58.23 17.28 -13.49
C GLU F 103 57.50 18.49 -14.11
N ASN F 104 56.97 19.41 -13.31
CA ASN F 104 56.33 20.65 -13.81
C ASN F 104 57.37 21.47 -14.56
N GLN F 105 58.52 21.70 -13.95
CA GLN F 105 59.60 22.49 -14.59
C GLN F 105 59.98 21.85 -15.93
N HIS F 106 60.17 20.53 -15.93
CA HIS F 106 60.58 19.78 -17.14
C HIS F 106 59.45 19.82 -18.17
N THR F 107 58.19 19.62 -17.77
CA THR F 107 57.01 19.65 -18.69
C THR F 107 57.08 20.97 -19.44
N ILE F 108 57.09 22.10 -18.72
CA ILE F 108 57.10 23.48 -19.28
C ILE F 108 58.21 23.63 -20.34
N ASP F 109 59.43 23.36 -19.90
CA ASP F 109 60.66 23.60 -20.68
C ASP F 109 60.66 22.58 -21.84
N MET F 110 60.12 21.39 -21.64
CA MET F 110 60.06 20.37 -22.72
C MET F 110 59.19 20.96 -23.84
N ALA F 111 58.03 21.52 -23.50
CA ALA F 111 57.16 22.19 -24.49
C ALA F 111 57.96 23.32 -25.16
N ASP F 112 58.53 24.20 -24.34
CA ASP F 112 59.42 25.34 -24.73
C ASP F 112 60.35 24.87 -25.85
N SER F 113 61.04 23.74 -25.65
CA SER F 113 61.98 23.13 -26.63
C SER F 113 61.23 22.75 -27.90
N GLU F 114 60.14 21.99 -27.80
CA GLU F 114 59.46 21.43 -29.00
C GLU F 114 58.97 22.56 -29.90
N MET F 115 58.85 23.79 -29.36
CA MET F 115 58.57 25.01 -30.17
C MET F 115 59.85 25.40 -30.93
N LEU F 116 60.91 25.80 -30.21
CA LEU F 116 62.22 26.20 -30.78
C LEU F 116 62.62 25.16 -31.83
N ASN F 117 62.48 23.88 -31.48
CA ASN F 117 62.76 22.73 -32.38
C ASN F 117 62.04 22.92 -33.72
N LEU F 118 60.77 23.36 -33.70
CA LEU F 118 60.01 23.65 -34.93
C LEU F 118 60.64 24.86 -35.66
N TYR F 119 60.65 26.04 -35.03
CA TYR F 119 61.27 27.28 -35.57
C TYR F 119 62.58 26.96 -36.30
N GLU F 120 63.50 26.25 -35.63
CA GLU F 120 64.82 25.89 -36.18
C GLU F 120 64.66 24.99 -37.40
N ARG F 121 63.82 23.96 -37.31
CA ARG F 121 63.51 23.06 -38.46
C ARG F 121 63.12 23.91 -39.68
N VAL F 122 62.22 24.87 -39.48
CA VAL F 122 61.63 25.72 -40.55
C VAL F 122 62.70 26.70 -41.08
N ARG F 123 63.31 27.47 -40.19
CA ARG F 123 64.43 28.39 -40.53
C ARG F 123 65.39 27.68 -41.49
N LYS F 124 65.75 26.43 -41.21
CA LYS F 124 66.78 25.66 -41.96
C LYS F 124 66.23 25.27 -43.34
N GLN F 125 64.92 25.02 -43.44
CA GLN F 125 64.20 24.84 -44.73
C GLN F 125 64.27 26.11 -45.57
N LEU F 126 63.85 27.25 -45.01
CA LEU F 126 63.76 28.54 -45.73
C LEU F 126 65.16 29.06 -46.10
N ARG F 127 66.24 28.49 -45.54
CA ARG F 127 67.65 28.78 -45.90
C ARG F 127 67.86 30.30 -46.06
N GLN F 128 68.24 30.79 -47.24
CA GLN F 128 68.57 32.23 -47.48
C GLN F 128 67.37 32.96 -48.11
N ASN F 129 66.22 32.32 -48.17
CA ASN F 129 65.03 32.84 -48.90
C ASN F 129 64.09 33.59 -47.94
N ALA F 130 64.50 33.72 -46.67
CA ALA F 130 63.70 34.42 -45.62
C ALA F 130 64.61 34.87 -44.48
N GLU F 131 64.06 35.65 -43.56
CA GLU F 131 64.79 36.33 -42.45
C GLU F 131 63.94 36.31 -41.18
N GLU F 132 64.61 36.23 -40.04
CA GLU F 132 63.96 36.17 -38.70
C GLU F 132 63.59 37.59 -38.29
N ASP F 133 62.32 37.81 -37.95
CA ASP F 133 61.75 39.13 -37.54
C ASP F 133 61.89 39.33 -36.02
N GLY F 134 62.27 38.27 -35.30
CA GLY F 134 62.61 38.30 -33.87
C GLY F 134 61.43 37.97 -32.98
N LYS F 135 60.24 37.82 -33.56
CA LYS F 135 58.97 37.52 -32.84
C LYS F 135 58.46 36.14 -33.29
N GLY F 136 59.33 35.30 -33.88
CA GLY F 136 58.98 33.90 -34.15
C GLY F 136 58.29 33.74 -35.49
N CYS F 137 58.43 34.75 -36.36
CA CYS F 137 58.00 34.69 -37.78
C CYS F 137 59.22 34.84 -38.70
N PHE F 138 59.06 34.33 -39.91
CA PHE F 138 59.97 34.55 -41.05
C PHE F 138 59.27 35.46 -42.06
N GLU F 139 59.81 36.67 -42.26
CA GLU F 139 59.55 37.45 -43.50
C GLU F 139 60.17 36.66 -44.65
N ILE F 140 59.32 36.08 -45.51
CA ILE F 140 59.74 35.39 -46.76
C ILE F 140 59.93 36.47 -47.82
N TYR F 141 61.12 36.47 -48.45
CA TYR F 141 61.52 37.50 -49.44
C TYR F 141 61.24 36.97 -50.85
N HIS F 142 60.15 36.25 -51.02
CA HIS F 142 59.63 35.85 -52.36
C HIS F 142 58.11 35.65 -52.27
N ALA F 143 57.47 35.56 -53.43
CA ALA F 143 56.02 35.25 -53.55
C ALA F 143 55.80 33.82 -53.08
N CYS F 144 54.93 33.62 -52.08
CA CYS F 144 54.65 32.29 -51.46
C CYS F 144 53.12 32.12 -51.32
N ASP F 145 52.51 31.35 -52.23
CA ASP F 145 51.04 31.07 -52.24
C ASP F 145 50.72 29.98 -51.23
N ASP F 146 49.43 29.70 -51.02
CA ASP F 146 48.93 28.65 -50.10
C ASP F 146 49.54 27.29 -50.51
N SER F 147 49.93 27.10 -51.76
CA SER F 147 50.73 25.92 -52.23
C SER F 147 52.12 25.94 -51.59
N CYS F 148 52.83 27.05 -51.74
CA CYS F 148 54.22 27.29 -51.23
C CYS F 148 54.22 27.21 -49.70
N MET F 149 53.23 27.80 -49.02
CA MET F 149 53.10 27.78 -47.53
C MET F 149 52.93 26.34 -47.06
N GLU F 150 51.92 25.62 -47.57
CA GLU F 150 51.64 24.21 -47.21
C GLU F 150 52.88 23.36 -47.50
N SER F 151 53.77 23.80 -48.39
CA SER F 151 55.04 23.10 -48.71
C SER F 151 56.05 23.32 -47.58
N ILE F 152 55.95 24.42 -46.84
CA ILE F 152 56.79 24.70 -45.63
C ILE F 152 56.30 23.80 -44.49
N ARG F 153 55.02 23.95 -44.11
CA ARG F 153 54.34 23.17 -43.03
C ARG F 153 54.52 21.67 -43.25
N ASN F 154 54.61 21.21 -44.51
CA ASN F 154 54.71 19.78 -44.92
C ASN F 154 56.20 19.37 -44.93
N ASN F 155 57.12 20.32 -44.68
CA ASN F 155 58.59 20.15 -44.76
C ASN F 155 58.99 19.61 -46.14
N THR F 156 58.44 20.20 -47.20
CA THR F 156 58.70 19.84 -48.62
C THR F 156 59.31 21.04 -49.36
N TYR F 157 59.06 22.27 -48.88
CA TYR F 157 59.58 23.55 -49.46
C TYR F 157 61.05 23.38 -49.84
N ASP F 158 61.41 23.75 -51.07
CA ASP F 158 62.78 23.69 -51.64
C ASP F 158 63.27 25.13 -51.88
N HIS F 159 64.32 25.55 -51.16
CA HIS F 159 64.90 26.92 -51.24
C HIS F 159 65.38 27.23 -52.66
N SER F 160 66.08 26.29 -53.31
CA SER F 160 66.72 26.49 -54.66
C SER F 160 65.64 26.93 -55.66
N GLN F 161 64.43 26.38 -55.53
CA GLN F 161 63.25 26.64 -56.40
C GLN F 161 62.78 28.11 -56.31
N TYR F 162 63.18 28.87 -55.29
CA TYR F 162 62.82 30.31 -55.15
C TYR F 162 64.07 31.15 -54.86
N ARG F 163 65.25 30.53 -54.85
CA ARG F 163 66.46 31.07 -54.19
C ARG F 163 66.84 32.42 -54.81
N GLU F 164 66.93 32.46 -56.14
CA GLU F 164 67.37 33.65 -56.91
C GLU F 164 66.33 34.75 -56.65
N GLU F 165 65.05 34.46 -56.90
CA GLU F 165 63.91 35.41 -56.70
C GLU F 165 64.04 36.07 -55.33
N ALA F 166 64.35 35.28 -54.30
CA ALA F 166 64.44 35.73 -52.89
C ALA F 166 65.67 36.61 -52.69
N LEU F 167 66.85 36.10 -53.05
CA LEU F 167 68.16 36.76 -52.83
C LEU F 167 68.14 38.18 -53.42
N LEU F 168 67.45 38.36 -54.55
CA LEU F 168 67.36 39.66 -55.26
C LEU F 168 66.47 40.61 -54.45
N ASN F 169 65.25 40.17 -54.11
CA ASN F 169 64.29 40.95 -53.28
C ASN F 169 64.96 41.41 -51.97
N ARG F 170 65.91 40.61 -51.46
CA ARG F 170 66.60 40.83 -50.16
C ARG F 170 67.61 41.98 -50.28
N LEU F 171 68.46 41.96 -51.31
CA LEU F 171 69.57 42.93 -51.52
C LEU F 171 69.04 44.23 -52.13
N ASN F 172 68.00 44.16 -52.98
CA ASN F 172 67.11 45.31 -53.34
C ASN F 172 67.90 46.37 -54.14
N ASP G 1 -35.07 65.61 -47.46
CA ASP G 1 -34.59 65.57 -48.88
C ASP G 1 -34.32 64.12 -49.29
N PRO G 2 -33.32 63.38 -48.71
CA PRO G 2 -33.06 61.99 -49.08
C PRO G 2 -33.99 60.98 -48.38
N ASP G 3 -34.46 59.97 -49.12
CA ASP G 3 -35.25 58.81 -48.62
C ASP G 3 -34.48 58.19 -47.45
N LYS G 4 -35.19 57.70 -46.41
CA LYS G 4 -34.56 57.19 -45.15
C LYS G 4 -35.32 55.96 -44.65
N ILE G 5 -34.59 55.06 -43.98
CA ILE G 5 -35.09 53.82 -43.30
C ILE G 5 -34.61 53.89 -41.85
N CYS G 6 -35.54 53.72 -40.92
CA CYS G 6 -35.28 53.82 -39.46
C CYS G 6 -35.36 52.44 -38.82
N LEU G 7 -34.47 52.19 -37.85
CA LEU G 7 -34.56 51.01 -36.95
C LEU G 7 -34.97 51.47 -35.55
N GLY G 8 -35.70 50.60 -34.84
CA GLY G 8 -36.41 50.96 -33.60
C GLY G 8 -36.93 49.74 -32.86
N HIS G 9 -37.42 49.99 -31.64
CA HIS G 9 -37.89 48.94 -30.71
C HIS G 9 -39.32 49.29 -30.30
N HIS G 10 -40.10 48.30 -29.90
CA HIS G 10 -41.50 48.47 -29.46
C HIS G 10 -41.51 49.06 -28.05
N ALA G 11 -42.72 49.26 -27.52
CA ALA G 11 -42.94 49.92 -26.20
C ALA G 11 -44.39 49.74 -25.76
N VAL G 12 -44.72 50.29 -24.59
CA VAL G 12 -46.10 50.37 -24.03
C VAL G 12 -46.14 51.58 -23.10
N ALA G 13 -47.33 52.00 -22.66
CA ALA G 13 -47.50 53.17 -21.76
C ALA G 13 -47.49 52.66 -20.32
N ASN G 14 -48.12 51.50 -20.07
CA ASN G 14 -48.12 50.82 -18.76
C ASN G 14 -47.07 49.70 -18.79
N GLY G 15 -45.81 50.03 -18.46
CA GLY G 15 -44.69 49.07 -18.36
C GLY G 15 -44.37 48.75 -16.91
N THR G 16 -43.78 47.58 -16.63
CA THR G 16 -43.47 47.06 -15.27
C THR G 16 -42.06 47.46 -14.83
N ILE G 17 -41.86 47.59 -13.52
CA ILE G 17 -40.56 47.93 -12.88
C ILE G 17 -39.93 46.64 -12.35
N VAL G 18 -38.67 46.40 -12.67
CA VAL G 18 -37.87 45.25 -12.14
C VAL G 18 -36.57 45.78 -11.56
N LYS G 19 -35.82 44.88 -10.91
CA LYS G 19 -34.50 45.18 -10.34
C LYS G 19 -33.43 44.39 -11.10
N THR G 20 -32.34 45.09 -11.42
CA THR G 20 -31.10 44.56 -12.05
C THR G 20 -29.91 44.78 -11.12
N LEU G 21 -28.71 44.41 -11.58
CA LEU G 21 -27.44 44.52 -10.82
C LEU G 21 -27.13 46.00 -10.57
N THR G 22 -27.57 46.88 -11.46
CA THR G 22 -27.27 48.33 -11.44
C THR G 22 -28.49 49.11 -10.97
N ASN G 23 -29.65 48.86 -11.58
CA ASN G 23 -30.86 49.70 -11.34
C ASN G 23 -31.85 48.92 -10.50
N GLU G 24 -32.50 49.61 -9.56
CA GLU G 24 -33.52 49.05 -8.64
C GLU G 24 -34.90 49.54 -9.05
N GLN G 25 -34.99 50.36 -10.11
CA GLN G 25 -36.23 50.99 -10.61
C GLN G 25 -36.32 50.87 -12.14
N GLU G 26 -35.70 49.84 -12.72
CA GLU G 26 -35.60 49.69 -14.20
C GLU G 26 -36.97 49.28 -14.77
N GLU G 27 -37.51 50.12 -15.68
CA GLU G 27 -38.82 49.90 -16.34
C GLU G 27 -38.61 49.04 -17.59
N VAL G 28 -39.42 47.99 -17.79
CA VAL G 28 -39.30 47.04 -18.94
C VAL G 28 -40.68 46.80 -19.56
N THR G 29 -40.70 46.20 -20.76
CA THR G 29 -41.92 45.94 -21.58
C THR G 29 -42.85 44.97 -20.83
N ASN G 30 -42.44 43.70 -20.66
CA ASN G 30 -43.18 42.63 -19.94
C ASN G 30 -42.23 42.09 -18.86
N ALA G 31 -42.78 41.65 -17.72
CA ALA G 31 -42.06 40.92 -16.65
C ALA G 31 -43.01 39.90 -16.03
N THR G 32 -42.52 39.08 -15.09
CA THR G 32 -43.32 38.02 -14.43
C THR G 32 -42.85 37.82 -12.98
N GLU G 33 -43.74 37.31 -12.13
CA GLU G 33 -43.47 36.99 -10.72
C GLU G 33 -42.74 35.65 -10.64
N THR G 34 -41.84 35.49 -9.67
CA THR G 34 -41.10 34.23 -9.35
C THR G 34 -41.42 33.74 -7.93
N VAL G 35 -42.01 34.61 -7.11
CA VAL G 35 -42.44 34.32 -5.71
C VAL G 35 -43.96 34.17 -5.67
N GLU G 36 -44.47 32.98 -5.31
CA GLU G 36 -45.92 32.74 -5.13
C GLU G 36 -46.35 33.22 -3.75
N SER G 37 -47.32 34.13 -3.70
CA SER G 37 -47.85 34.80 -2.48
C SER G 37 -49.22 34.26 -2.13
N THR G 38 -49.87 33.55 -3.06
CA THR G 38 -51.27 33.08 -2.92
C THR G 38 -51.25 31.58 -2.65
N SER G 39 -52.06 31.13 -1.68
CA SER G 39 -52.17 29.70 -1.27
C SER G 39 -53.55 29.16 -1.66
N LEU G 40 -53.69 27.83 -1.63
CA LEU G 40 -55.01 27.16 -1.64
C LEU G 40 -55.44 26.86 -0.19
N ASN G 41 -56.70 27.15 0.12
CA ASN G 41 -57.31 26.94 1.46
C ASN G 41 -57.50 25.45 1.70
N ARG G 42 -57.14 24.58 0.74
CA ARG G 42 -57.50 23.14 0.75
C ARG G 42 -56.27 22.26 0.53
N LEU G 43 -56.36 21.02 1.01
CA LEU G 43 -55.43 19.90 0.71
C LEU G 43 -55.88 19.21 -0.57
N CYS G 44 -54.95 18.90 -1.46
CA CYS G 44 -55.24 18.46 -2.85
C CYS G 44 -54.83 17.00 -3.03
N MET G 45 -55.74 16.07 -2.72
CA MET G 45 -55.46 14.62 -2.61
C MET G 45 -55.93 13.90 -3.89
N LYS G 46 -55.98 14.59 -5.03
CA LYS G 46 -56.20 13.93 -6.35
C LYS G 46 -55.01 13.01 -6.57
N GLY G 47 -55.25 11.88 -7.24
CA GLY G 47 -54.24 10.84 -7.55
C GLY G 47 -53.47 10.41 -6.31
N ARG G 48 -54.02 10.64 -5.11
CA ARG G 48 -53.38 10.25 -3.82
C ARG G 48 -54.30 9.29 -3.08
N ASN G 49 -53.81 8.08 -2.77
CA ASN G 49 -54.44 7.08 -1.87
C ASN G 49 -54.23 7.56 -0.43
N HIS G 50 -54.92 8.64 -0.02
CA HIS G 50 -54.69 9.35 1.27
C HIS G 50 -55.65 8.82 2.34
N LYS G 51 -55.30 9.05 3.61
CA LYS G 51 -56.20 8.84 4.77
C LYS G 51 -56.20 10.13 5.60
N ASP G 52 -57.33 10.84 5.61
CA ASP G 52 -57.61 11.92 6.59
C ASP G 52 -57.99 11.26 7.91
N LEU G 53 -57.36 11.63 9.02
CA LEU G 53 -57.61 11.01 10.36
C LEU G 53 -58.76 11.73 11.06
N GLY G 54 -59.08 12.97 10.69
CA GLY G 54 -59.99 13.81 11.47
C GLY G 54 -59.45 13.90 12.88
N ASN G 55 -60.31 13.80 13.88
CA ASN G 55 -59.94 14.01 15.31
C ASN G 55 -59.23 12.75 15.85
N CYS G 56 -58.90 11.77 15.02
CA CYS G 56 -57.95 10.67 15.38
C CYS G 56 -56.50 11.16 15.28
N HIS G 57 -55.73 10.96 16.35
CA HIS G 57 -54.27 11.24 16.41
C HIS G 57 -53.53 9.96 16.03
N PRO G 58 -52.44 10.03 15.25
CA PRO G 58 -51.75 8.85 14.73
C PRO G 58 -51.51 7.74 15.77
N ILE G 59 -51.03 8.12 16.95
CA ILE G 59 -50.75 7.16 18.06
C ILE G 59 -52.02 6.34 18.32
N GLY G 60 -53.16 7.01 18.50
CA GLY G 60 -54.46 6.38 18.77
C GLY G 60 -54.74 5.20 17.86
N MET G 61 -54.24 5.23 16.61
CA MET G 61 -54.43 4.15 15.60
C MET G 61 -53.86 2.83 16.14
N LEU G 62 -52.72 2.85 16.82
CA LEU G 62 -51.97 1.64 17.24
C LEU G 62 -52.57 1.06 18.52
N ILE G 63 -53.25 1.88 19.32
CA ILE G 63 -53.86 1.47 20.61
C ILE G 63 -55.38 1.34 20.46
N GLY G 64 -55.99 2.08 19.52
CA GLY G 64 -57.41 1.93 19.15
C GLY G 64 -58.36 2.77 20.01
N THR G 65 -58.04 4.04 20.18
CA THR G 65 -58.93 5.07 20.79
C THR G 65 -60.28 5.05 20.08
N PRO G 66 -61.41 5.43 20.72
CA PRO G 66 -62.72 5.39 20.09
C PRO G 66 -62.70 6.05 18.70
N ALA G 67 -62.22 7.29 18.64
CA ALA G 67 -62.15 8.10 17.40
C ALA G 67 -61.47 7.28 16.28
N CYS G 68 -60.33 6.66 16.57
CA CYS G 68 -59.43 6.06 15.55
C CYS G 68 -60.00 4.73 15.03
N ASP G 69 -61.15 4.29 15.56
CA ASP G 69 -61.76 2.95 15.26
C ASP G 69 -61.75 2.69 13.75
N LEU G 70 -61.97 3.70 12.93
CA LEU G 70 -62.07 3.61 11.44
C LEU G 70 -60.66 3.43 10.84
N HIS G 71 -59.61 3.77 11.60
CA HIS G 71 -58.21 3.93 11.11
C HIS G 71 -57.28 2.95 11.83
N LEU G 72 -57.80 1.82 12.33
CA LEU G 72 -56.96 0.83 13.03
C LEU G 72 -55.97 0.23 12.03
N THR G 73 -56.39 -0.13 10.82
CA THR G 73 -55.47 -0.60 9.74
C THR G 73 -55.78 0.14 8.43
N GLY G 74 -55.03 -0.19 7.37
CA GLY G 74 -55.15 0.43 6.04
C GLY G 74 -53.79 0.69 5.42
N THR G 75 -53.78 1.03 4.12
CA THR G 75 -52.58 1.39 3.34
C THR G 75 -52.83 2.75 2.68
N TRP G 76 -51.82 3.62 2.64
CA TRP G 76 -51.93 4.97 2.04
C TRP G 76 -50.58 5.43 1.51
N ASP G 77 -50.59 6.62 0.91
CA ASP G 77 -49.37 7.35 0.44
C ASP G 77 -49.32 8.71 1.14
N THR G 78 -50.40 9.10 1.83
CA THR G 78 -50.50 10.41 2.53
C THR G 78 -51.33 10.34 3.82
N LEU G 79 -50.71 10.66 4.95
CA LEU G 79 -51.35 10.74 6.29
C LEU G 79 -51.62 12.20 6.63
N ILE G 80 -52.80 12.50 7.15
CA ILE G 80 -53.25 13.88 7.46
C ILE G 80 -53.69 13.97 8.92
N GLU G 81 -52.80 14.39 9.81
CA GLU G 81 -53.10 14.63 11.24
C GLU G 81 -53.86 15.95 11.34
N ARG G 82 -54.65 16.17 12.40
CA ARG G 82 -55.45 17.40 12.60
C ARG G 82 -55.15 17.99 13.97
N LYS G 83 -55.72 19.18 14.24
CA LYS G 83 -55.56 19.91 15.52
C LYS G 83 -56.38 19.23 16.61
N ASN G 84 -55.86 19.26 17.84
CA ASN G 84 -56.51 18.70 19.06
C ASN G 84 -56.82 17.22 18.85
N ALA G 85 -56.25 16.54 17.85
CA ALA G 85 -56.56 15.12 17.52
C ALA G 85 -56.43 14.26 18.79
N ILE G 86 -57.38 13.36 19.03
CA ILE G 86 -57.54 12.57 20.29
C ILE G 86 -56.77 11.25 20.12
N ALA G 87 -55.81 10.97 21.00
CA ALA G 87 -55.02 9.71 21.03
C ALA G 87 -55.31 8.93 22.33
N TYR G 88 -55.91 9.59 23.33
CA TYR G 88 -56.07 9.01 24.69
C TYR G 88 -57.46 9.32 25.23
N CYS G 89 -58.40 8.39 25.09
CA CYS G 89 -59.74 8.47 25.71
C CYS G 89 -59.56 8.52 27.23
N TYR G 90 -58.85 7.55 27.80
CA TYR G 90 -58.50 7.49 29.25
C TYR G 90 -57.23 8.29 29.49
N PRO G 91 -57.21 9.19 30.50
CA PRO G 91 -56.06 10.04 30.75
C PRO G 91 -54.74 9.24 30.82
N GLY G 92 -53.64 9.95 30.55
CA GLY G 92 -52.27 9.40 30.41
C GLY G 92 -51.61 9.90 29.15
N ALA G 93 -50.35 9.54 28.94
CA ALA G 93 -49.59 9.86 27.72
C ALA G 93 -48.59 8.73 27.43
N THR G 94 -48.19 8.60 26.17
CA THR G 94 -47.21 7.58 25.71
C THR G 94 -45.80 8.09 26.03
N VAL G 95 -44.96 7.24 26.64
CA VAL G 95 -43.50 7.54 26.84
C VAL G 95 -42.82 7.49 25.47
N ASN G 96 -42.05 8.52 25.16
CA ASN G 96 -41.35 8.70 23.87
C ASN G 96 -42.41 9.03 22.81
N GLU G 97 -43.38 9.89 23.15
CA GLU G 97 -44.62 10.16 22.36
C GLU G 97 -44.26 10.68 20.96
N GLU G 98 -43.48 11.76 20.89
CA GLU G 98 -43.25 12.50 19.63
C GLU G 98 -42.63 11.54 18.63
N ALA G 99 -41.59 10.83 19.05
CA ALA G 99 -40.87 9.84 18.20
C ALA G 99 -41.88 8.95 17.47
N LEU G 100 -42.89 8.46 18.21
CA LEU G 100 -43.90 7.51 17.68
C LEU G 100 -44.67 8.18 16.55
N ARG G 101 -45.33 9.32 16.83
CA ARG G 101 -46.12 10.08 15.81
C ARG G 101 -45.28 10.15 14.52
N GLN G 102 -44.06 10.68 14.63
CA GLN G 102 -43.17 10.95 13.47
C GLN G 102 -42.97 9.64 12.68
N LYS G 103 -42.84 8.51 13.40
CA LYS G 103 -42.62 7.17 12.79
C LYS G 103 -43.89 6.74 12.04
N ILE G 104 -45.04 6.99 12.66
CA ILE G 104 -46.40 6.70 12.10
C ILE G 104 -46.61 7.59 10.87
N MET G 105 -46.28 8.87 10.97
CA MET G 105 -46.54 9.85 9.87
C MET G 105 -45.62 9.57 8.68
N GLU G 106 -44.39 9.08 8.94
CA GLU G 106 -43.37 8.63 7.94
C GLU G 106 -43.91 7.38 7.22
N SER G 107 -44.71 6.57 7.91
CA SER G 107 -45.22 5.25 7.43
C SER G 107 -46.31 5.46 6.37
N GLY G 108 -46.43 4.49 5.46
CA GLY G 108 -47.42 4.50 4.37
C GLY G 108 -48.52 3.47 4.59
N GLY G 109 -48.76 3.05 5.83
CA GLY G 109 -49.82 2.09 6.15
C GLY G 109 -49.62 1.36 7.46
N ILE G 110 -50.67 0.67 7.94
CA ILE G 110 -50.64 -0.13 9.21
C ILE G 110 -51.30 -1.49 8.99
N SER G 111 -50.56 -2.57 9.28
CA SER G 111 -51.08 -3.94 9.52
C SER G 111 -51.26 -4.12 11.02
N LYS G 112 -52.23 -4.95 11.41
CA LYS G 112 -52.40 -5.40 12.81
C LYS G 112 -52.31 -6.93 12.81
N ILE G 113 -51.50 -7.48 13.72
CA ILE G 113 -51.42 -8.94 14.01
C ILE G 113 -51.84 -9.13 15.48
N ASN G 114 -52.53 -10.24 15.75
CA ASN G 114 -53.06 -10.58 17.10
C ASN G 114 -51.92 -11.17 17.94
N THR G 115 -51.85 -10.79 19.22
CA THR G 115 -50.88 -11.31 20.21
C THR G 115 -51.19 -12.79 20.50
N GLY G 116 -52.48 -13.13 20.59
CA GLY G 116 -52.99 -14.47 20.93
C GLY G 116 -53.12 -14.67 22.44
N PHE G 117 -52.58 -13.73 23.23
CA PHE G 117 -52.48 -13.80 24.71
C PHE G 117 -53.80 -14.25 25.33
N THR G 118 -53.76 -15.29 26.16
CA THR G 118 -54.91 -15.79 26.95
C THR G 118 -54.49 -15.89 28.43
N TYR G 119 -55.46 -15.80 29.34
CA TYR G 119 -55.26 -15.68 30.81
C TYR G 119 -56.27 -16.59 31.52
N GLY G 120 -55.87 -17.21 32.64
CA GLY G 120 -56.76 -17.98 33.54
C GLY G 120 -57.88 -17.09 34.07
N SER G 121 -59.03 -17.65 34.39
CA SER G 121 -60.30 -16.90 34.63
C SER G 121 -60.36 -16.30 36.05
N SER G 122 -59.25 -16.35 36.80
CA SER G 122 -59.01 -15.50 37.99
C SER G 122 -58.79 -14.03 37.55
N ILE G 123 -58.57 -13.83 36.24
CA ILE G 123 -58.28 -12.52 35.55
C ILE G 123 -59.48 -12.12 34.66
N ASN G 124 -59.80 -10.83 34.66
CA ASN G 124 -60.89 -10.19 33.87
C ASN G 124 -60.27 -9.28 32.80
N SER G 125 -60.14 -9.79 31.57
CA SER G 125 -59.49 -9.11 30.41
C SER G 125 -60.53 -8.29 29.62
N ALA G 126 -61.79 -8.33 30.04
CA ALA G 126 -62.91 -7.56 29.45
C ALA G 126 -63.09 -6.24 30.20
N GLY G 127 -62.07 -5.76 30.92
CA GLY G 127 -62.16 -4.60 31.83
C GLY G 127 -62.32 -3.30 31.06
N THR G 128 -63.47 -2.64 31.16
CA THR G 128 -63.84 -1.43 30.37
C THR G 128 -63.85 -0.20 31.27
N THR G 129 -64.14 0.98 30.72
CA THR G 129 -64.18 2.27 31.44
C THR G 129 -65.16 3.24 30.77
N LYS G 130 -65.55 4.30 31.50
CA LYS G 130 -66.47 5.37 31.03
C LYS G 130 -65.69 6.28 30.07
N ALA G 131 -64.38 6.43 30.27
CA ALA G 131 -63.51 7.38 29.53
C ALA G 131 -63.53 7.04 28.03
N CYS G 132 -63.53 5.74 27.67
CA CYS G 132 -63.53 5.26 26.26
C CYS G 132 -64.91 4.68 25.88
N MET G 133 -65.88 5.57 25.60
CA MET G 133 -67.28 5.21 25.27
C MET G 133 -67.33 4.56 23.87
N ARG G 134 -68.22 3.57 23.70
CA ARG G 134 -68.45 2.86 22.41
C ARG G 134 -69.84 2.23 22.43
N ASN G 135 -70.71 2.60 21.47
CA ASN G 135 -72.13 2.19 21.40
C ASN G 135 -72.84 2.57 22.70
N GLY G 136 -72.67 3.82 23.16
CA GLY G 136 -73.31 4.38 24.37
C GLY G 136 -73.08 3.52 25.61
N GLY G 137 -71.97 2.78 25.65
CA GLY G 137 -71.59 1.90 26.78
C GLY G 137 -70.09 1.93 27.01
N ASN G 138 -69.67 1.65 28.24
CA ASN G 138 -68.23 1.57 28.63
C ASN G 138 -67.48 0.61 27.70
N SER G 139 -66.27 0.98 27.30
CA SER G 139 -65.35 0.19 26.44
C SER G 139 -63.91 0.62 26.71
N PHE G 140 -62.95 0.10 25.93
CA PHE G 140 -61.51 0.32 26.11
C PHE G 140 -60.83 0.40 24.75
N TYR G 141 -59.55 0.78 24.76
CA TYR G 141 -58.63 0.76 23.59
C TYR G 141 -58.71 -0.61 22.92
N ALA G 142 -59.13 -0.65 21.66
CA ALA G 142 -59.45 -1.86 20.88
C ALA G 142 -58.25 -2.81 20.83
N GLU G 143 -57.03 -2.26 20.81
CA GLU G 143 -55.77 -3.04 20.59
C GLU G 143 -55.13 -3.41 21.92
N LEU G 144 -55.77 -3.04 23.04
CA LEU G 144 -55.30 -3.38 24.40
C LEU G 144 -56.44 -4.02 25.21
N LYS G 145 -56.07 -4.76 26.26
CA LYS G 145 -57.01 -5.39 27.23
C LYS G 145 -56.70 -4.81 28.61
N TRP G 146 -57.74 -4.44 29.38
CA TRP G 146 -57.58 -4.09 30.82
C TRP G 146 -57.65 -5.38 31.65
N LEU G 147 -56.50 -5.78 32.21
CA LEU G 147 -56.33 -6.97 33.08
C LEU G 147 -56.52 -6.55 34.55
N VAL G 148 -57.65 -6.97 35.14
CA VAL G 148 -58.01 -6.84 36.58
C VAL G 148 -58.45 -8.21 37.10
N SER G 149 -58.37 -8.43 38.42
CA SER G 149 -58.80 -9.70 39.08
C SER G 149 -60.33 -9.81 39.02
N LYS G 150 -60.84 -11.04 38.98
CA LYS G 150 -62.28 -11.34 38.77
C LYS G 150 -63.05 -10.96 40.04
N ASN G 151 -62.55 -11.35 41.22
CA ASN G 151 -63.19 -11.08 42.53
C ASN G 151 -62.58 -9.83 43.17
N LYS G 152 -63.41 -8.78 43.38
CA LYS G 152 -62.99 -7.45 43.90
C LYS G 152 -62.19 -7.63 45.19
N GLY G 153 -60.91 -7.27 45.19
CA GLY G 153 -60.03 -7.35 46.38
C GLY G 153 -59.08 -8.54 46.31
N GLN G 154 -59.42 -9.59 45.55
CA GLN G 154 -58.55 -10.78 45.32
C GLN G 154 -57.24 -10.32 44.67
N ASN G 155 -56.11 -10.88 45.09
CA ASN G 155 -54.76 -10.58 44.51
C ASN G 155 -54.71 -11.11 43.09
N PHE G 156 -54.19 -10.30 42.16
CA PHE G 156 -54.09 -10.61 40.70
C PHE G 156 -53.05 -11.73 40.52
N PRO G 157 -53.40 -12.81 39.79
CA PRO G 157 -52.48 -13.93 39.57
C PRO G 157 -51.24 -13.55 38.74
N GLN G 158 -50.07 -13.99 39.18
CA GLN G 158 -48.80 -13.99 38.40
C GLN G 158 -49.06 -14.63 37.03
N THR G 159 -48.88 -13.88 35.94
CA THR G 159 -49.05 -14.37 34.56
C THR G 159 -47.80 -14.03 33.74
N THR G 160 -47.54 -14.84 32.72
CA THR G 160 -46.48 -14.64 31.69
C THR G 160 -47.11 -14.83 30.31
N ASN G 161 -47.17 -13.74 29.52
CA ASN G 161 -47.65 -13.66 28.12
C ASN G 161 -46.47 -13.27 27.21
N THR G 162 -46.30 -13.96 26.08
CA THR G 162 -45.12 -13.81 25.19
C THR G 162 -45.56 -13.80 23.72
N TYR G 163 -45.29 -12.71 22.99
CA TYR G 163 -45.59 -12.57 21.54
C TYR G 163 -44.35 -12.90 20.71
N ARG G 164 -44.56 -13.68 19.65
CA ARG G 164 -43.55 -14.08 18.66
C ARG G 164 -43.84 -13.37 17.33
N ASN G 165 -42.86 -12.70 16.74
CA ASN G 165 -42.96 -12.05 15.41
C ASN G 165 -42.95 -13.12 14.32
N ALA G 166 -44.12 -13.53 13.84
CA ALA G 166 -44.33 -14.57 12.81
C ALA G 166 -43.92 -14.03 11.43
N ASP G 167 -44.23 -12.75 11.19
CA ASP G 167 -43.97 -11.99 9.94
C ASP G 167 -42.45 -11.84 9.75
N THR G 168 -42.03 -11.40 8.57
CA THR G 168 -40.60 -11.29 8.16
C THR G 168 -40.13 -9.83 8.20
N ALA G 169 -41.00 -8.89 8.56
CA ALA G 169 -40.66 -7.47 8.82
C ALA G 169 -41.04 -7.11 10.26
N GLU G 170 -40.32 -6.18 10.88
CA GLU G 170 -40.47 -5.83 12.32
C GLU G 170 -41.89 -5.31 12.62
N HIS G 171 -42.43 -5.65 13.79
CA HIS G 171 -43.75 -5.22 14.29
C HIS G 171 -43.56 -4.21 15.43
N LEU G 172 -44.57 -3.40 15.70
CA LEU G 172 -44.55 -2.36 16.78
C LEU G 172 -45.54 -2.78 17.86
N ILE G 173 -45.01 -3.30 18.96
CA ILE G 173 -45.83 -3.74 20.12
C ILE G 173 -45.99 -2.56 21.08
N MET G 174 -47.22 -2.25 21.43
CA MET G 174 -47.57 -1.19 22.39
C MET G 174 -48.25 -1.83 23.59
N TRP G 175 -48.03 -1.28 24.79
CA TRP G 175 -48.74 -1.67 26.04
C TRP G 175 -48.90 -0.49 26.98
N GLY G 176 -49.62 -0.69 28.08
CA GLY G 176 -49.93 0.35 29.08
C GLY G 176 -49.80 -0.13 30.51
N ILE G 177 -49.46 0.78 31.42
CA ILE G 177 -49.36 0.58 32.89
C ILE G 177 -50.48 1.42 33.50
N HIS G 178 -51.21 0.89 34.49
CA HIS G 178 -52.29 1.60 35.20
C HIS G 178 -51.80 2.10 36.55
N HIS G 179 -52.03 3.37 36.85
CA HIS G 179 -51.67 4.00 38.15
C HIS G 179 -52.97 4.30 38.91
N PRO G 180 -53.20 3.68 40.08
CA PRO G 180 -54.45 3.88 40.82
C PRO G 180 -54.46 5.22 41.56
N SER G 181 -55.62 5.87 41.57
CA SER G 181 -55.91 7.11 42.35
C SER G 181 -55.48 6.90 43.81
N SER G 182 -56.01 5.86 44.46
CA SER G 182 -55.73 5.50 45.89
C SER G 182 -55.60 3.97 46.03
N THR G 183 -55.07 3.50 47.16
CA THR G 183 -54.80 2.06 47.44
C THR G 183 -56.13 1.28 47.51
N GLN G 184 -57.26 1.96 47.83
CA GLN G 184 -58.63 1.39 47.81
C GLN G 184 -58.92 0.82 46.42
N GLU G 185 -58.70 1.64 45.38
CA GLU G 185 -58.85 1.30 43.94
C GLU G 185 -57.84 0.20 43.59
N LYS G 186 -56.59 0.36 44.03
CA LYS G 186 -55.44 -0.54 43.73
C LYS G 186 -55.77 -1.96 44.19
N ASN G 187 -56.25 -2.10 45.42
CA ASN G 187 -56.51 -3.41 46.09
C ASN G 187 -57.81 -4.02 45.53
N ASP G 188 -58.78 -3.20 45.13
CA ASP G 188 -60.10 -3.65 44.59
C ASP G 188 -59.91 -4.38 43.25
N LEU G 189 -58.80 -4.16 42.54
CA LEU G 189 -58.56 -4.68 41.17
C LEU G 189 -57.39 -5.67 41.16
N TYR G 190 -56.28 -5.35 41.84
CA TYR G 190 -55.00 -6.12 41.80
C TYR G 190 -54.64 -6.71 43.16
N GLY G 191 -55.25 -6.22 44.24
CA GLY G 191 -55.05 -6.76 45.60
C GLY G 191 -53.95 -6.03 46.35
N THR G 192 -53.76 -6.42 47.60
CA THR G 192 -52.84 -5.78 48.58
C THR G 192 -51.38 -5.96 48.11
N GLN G 193 -51.03 -7.13 47.55
CA GLN G 193 -49.65 -7.51 47.13
C GLN G 193 -49.03 -6.36 46.33
N SER G 194 -47.76 -6.02 46.54
CA SER G 194 -47.03 -5.03 45.69
C SER G 194 -46.81 -5.65 44.30
N LEU G 195 -46.92 -4.83 43.26
CA LEU G 195 -46.93 -5.25 41.83
C LEU G 195 -45.64 -4.81 41.14
N SER G 196 -45.16 -5.62 40.21
CA SER G 196 -43.97 -5.36 39.37
C SER G 196 -44.18 -5.98 38.00
N ILE G 197 -43.99 -5.18 36.94
CA ILE G 197 -44.29 -5.57 35.53
C ILE G 197 -42.99 -5.53 34.73
N SER G 198 -42.48 -6.69 34.32
CA SER G 198 -41.22 -6.84 33.56
C SER G 198 -41.53 -7.21 32.10
N VAL G 199 -40.96 -6.46 31.17
CA VAL G 199 -41.07 -6.72 29.71
C VAL G 199 -39.66 -6.98 29.16
N GLY G 200 -39.54 -8.00 28.31
CA GLY G 200 -38.25 -8.47 27.80
C GLY G 200 -38.35 -8.95 26.37
N SER G 201 -37.33 -8.63 25.56
CA SER G 201 -37.11 -9.11 24.18
C SER G 201 -35.61 -9.30 23.99
N SER G 202 -35.18 -9.72 22.80
CA SER G 202 -33.72 -9.83 22.48
C SER G 202 -33.06 -8.44 22.58
N THR G 203 -33.80 -7.36 22.29
CA THR G 203 -33.26 -5.98 22.18
C THR G 203 -33.91 -5.04 23.20
N TYR G 204 -34.85 -5.51 24.02
CA TYR G 204 -35.58 -4.67 25.00
C TYR G 204 -35.61 -5.34 26.38
N LYS G 205 -35.34 -4.54 27.43
CA LYS G 205 -35.43 -4.91 28.86
C LYS G 205 -35.99 -3.69 29.62
N ASN G 206 -36.99 -3.88 30.48
CA ASN G 206 -37.61 -2.76 31.24
C ASN G 206 -38.54 -3.30 32.34
N ASN G 207 -38.49 -2.67 33.52
CA ASN G 207 -39.33 -2.99 34.70
C ASN G 207 -40.18 -1.75 35.03
N PHE G 208 -41.47 -1.97 35.31
CA PHE G 208 -42.49 -0.91 35.56
C PHE G 208 -43.22 -1.19 36.87
N VAL G 209 -43.10 -0.26 37.83
CA VAL G 209 -43.82 -0.26 39.13
C VAL G 209 -44.96 0.75 39.05
N PRO G 210 -46.23 0.28 39.02
CA PRO G 210 -47.39 1.17 39.18
C PRO G 210 -47.31 2.00 40.46
N VAL G 211 -47.65 3.29 40.39
CA VAL G 211 -47.55 4.23 41.54
C VAL G 211 -48.98 4.67 41.91
N VAL G 212 -49.32 4.55 43.19
CA VAL G 212 -50.65 4.91 43.77
C VAL G 212 -50.53 6.31 44.38
N GLY G 213 -51.64 7.06 44.49
CA GLY G 213 -51.64 8.46 44.96
C GLY G 213 -52.34 9.35 43.94
N ALA G 214 -53.15 10.30 44.42
CA ALA G 214 -54.10 11.08 43.60
C ALA G 214 -53.35 12.14 42.78
N ARG G 215 -53.79 12.33 41.53
CA ARG G 215 -53.52 13.53 40.70
C ARG G 215 -54.81 14.35 40.68
N PRO G 216 -54.83 15.56 40.09
CA PRO G 216 -56.09 16.23 39.77
C PRO G 216 -56.99 15.37 38.86
N GLN G 217 -58.28 15.71 38.82
CA GLN G 217 -59.35 15.03 38.06
C GLN G 217 -59.24 15.40 36.56
N VAL G 218 -59.38 14.41 35.67
CA VAL G 218 -59.49 14.58 34.19
C VAL G 218 -60.52 13.56 33.67
N ASN G 219 -61.72 14.03 33.30
CA ASN G 219 -62.88 13.19 32.85
C ASN G 219 -63.44 12.37 34.03
N GLY G 220 -63.41 12.93 35.24
CA GLY G 220 -63.94 12.29 36.48
C GLY G 220 -62.93 11.36 37.15
N LEU G 221 -61.70 11.26 36.61
CA LEU G 221 -60.67 10.24 36.97
C LEU G 221 -59.35 10.93 37.35
N SER G 222 -58.77 10.60 38.51
CA SER G 222 -57.43 11.07 38.93
C SER G 222 -56.38 9.98 38.71
N SER G 223 -56.80 8.81 38.23
CA SER G 223 -55.94 7.65 37.85
C SER G 223 -55.45 7.83 36.41
N ARG G 224 -54.28 7.27 36.08
CA ARG G 224 -53.61 7.44 34.76
C ARG G 224 -53.33 6.07 34.12
N ILE G 225 -53.46 5.97 32.80
CA ILE G 225 -52.94 4.82 31.98
C ILE G 225 -51.93 5.39 30.98
N ASP G 226 -50.65 5.43 31.39
CA ASP G 226 -49.51 5.75 30.51
C ASP G 226 -49.19 4.50 29.67
N PHE G 227 -48.64 4.67 28.47
CA PHE G 227 -48.28 3.59 27.52
C PHE G 227 -46.79 3.68 27.20
N HIS G 228 -46.15 2.55 26.90
CA HIS G 228 -44.77 2.48 26.34
C HIS G 228 -44.82 1.65 25.07
N TRP G 229 -43.68 1.52 24.38
CA TRP G 229 -43.63 0.80 23.08
C TRP G 229 -42.19 0.41 22.74
N THR G 230 -42.06 -0.48 21.74
CA THR G 230 -40.77 -0.94 21.20
C THR G 230 -41.03 -1.71 19.90
N LEU G 231 -40.00 -1.84 19.06
CA LEU G 231 -40.04 -2.67 17.84
C LEU G 231 -39.61 -4.08 18.22
N VAL G 232 -40.38 -5.09 17.82
CA VAL G 232 -40.02 -6.53 18.02
C VAL G 232 -39.52 -7.09 16.69
N GLN G 233 -38.28 -7.58 16.64
CA GLN G 233 -37.59 -7.95 15.37
C GLN G 233 -38.16 -9.26 14.85
N PRO G 234 -38.13 -9.51 13.51
CA PRO G 234 -38.67 -10.73 12.93
C PRO G 234 -38.04 -11.99 13.54
N GLY G 235 -38.84 -13.05 13.70
CA GLY G 235 -38.45 -14.29 14.41
C GLY G 235 -37.88 -13.99 15.79
N ASP G 236 -38.63 -13.25 16.61
CA ASP G 236 -38.23 -12.87 17.99
C ASP G 236 -39.45 -12.92 18.91
N LYS G 237 -39.21 -13.03 20.22
CA LYS G 237 -40.25 -13.09 21.27
C LYS G 237 -40.13 -11.86 22.18
N ILE G 238 -41.26 -11.35 22.64
CA ILE G 238 -41.34 -10.34 23.74
C ILE G 238 -42.21 -10.95 24.84
N THR G 239 -41.68 -11.00 26.06
CA THR G 239 -42.27 -11.67 27.24
C THR G 239 -42.77 -10.62 28.24
N PHE G 240 -44.01 -10.78 28.71
CA PHE G 240 -44.70 -9.88 29.67
C PHE G 240 -44.86 -10.58 31.01
N SER G 241 -43.98 -10.25 31.96
CA SER G 241 -44.06 -10.65 33.39
C SER G 241 -44.85 -9.57 34.15
N HIS G 242 -45.98 -9.92 34.78
CA HIS G 242 -46.84 -8.95 35.52
C HIS G 242 -47.58 -9.61 36.70
N ASN G 243 -47.65 -8.88 37.83
CA ASN G 243 -48.42 -9.23 39.05
C ASN G 243 -49.82 -8.62 38.99
N GLY G 244 -50.11 -7.86 37.91
CA GLY G 244 -51.36 -7.08 37.73
C GLY G 244 -51.07 -5.61 37.52
N GLY G 245 -52.02 -4.88 36.92
CA GLY G 245 -51.86 -3.45 36.61
C GLY G 245 -51.15 -3.26 35.29
N LEU G 246 -51.06 -4.33 34.48
CA LEU G 246 -50.54 -4.27 33.08
C LEU G 246 -51.74 -4.24 32.13
N ILE G 247 -51.87 -3.16 31.34
CA ILE G 247 -52.82 -3.06 30.19
C ILE G 247 -52.10 -3.71 28.99
N ALA G 248 -52.51 -4.93 28.65
CA ALA G 248 -51.78 -5.82 27.72
C ALA G 248 -52.27 -5.60 26.30
N PRO G 249 -51.38 -5.75 25.29
CA PRO G 249 -51.80 -5.73 23.91
C PRO G 249 -52.60 -6.98 23.53
N SER G 250 -53.75 -6.79 22.87
CA SER G 250 -54.41 -7.83 22.04
C SER G 250 -53.82 -7.79 20.63
N ARG G 251 -53.24 -6.65 20.24
CA ARG G 251 -52.74 -6.43 18.85
C ARG G 251 -51.41 -5.66 18.83
N VAL G 252 -50.47 -6.23 18.08
CA VAL G 252 -49.21 -5.59 17.62
C VAL G 252 -49.54 -4.87 16.30
N SER G 253 -48.96 -3.68 16.10
CA SER G 253 -49.04 -2.86 14.86
C SER G 253 -47.79 -3.09 14.00
N LYS G 254 -47.91 -3.12 12.67
CA LYS G 254 -46.77 -3.17 11.70
C LYS G 254 -46.93 -2.02 10.69
N LEU G 255 -45.93 -1.15 10.57
CA LEU G 255 -45.93 0.02 9.65
C LEU G 255 -45.57 -0.44 8.24
N ILE G 256 -46.47 -0.22 7.27
CA ILE G 256 -46.31 -0.68 5.85
C ILE G 256 -45.70 0.46 5.05
N GLY G 257 -44.60 0.15 4.35
CA GLY G 257 -43.90 1.09 3.43
C GLY G 257 -43.65 2.44 4.07
N ARG G 258 -43.74 3.50 3.28
CA ARG G 258 -43.55 4.89 3.73
C ARG G 258 -44.59 5.76 3.02
N GLY G 259 -44.91 6.92 3.60
CA GLY G 259 -45.93 7.86 3.07
C GLY G 259 -45.74 9.26 3.61
N LEU G 260 -46.29 10.26 2.94
CA LEU G 260 -46.09 11.70 3.27
C LEU G 260 -47.08 12.10 4.38
N GLY G 261 -46.56 12.67 5.46
CA GLY G 261 -47.34 13.16 6.60
C GLY G 261 -47.59 14.66 6.52
N ILE G 262 -48.84 15.08 6.34
CA ILE G 262 -49.29 16.50 6.34
C ILE G 262 -49.99 16.84 7.65
N GLN G 263 -49.39 17.69 8.48
CA GLN G 263 -50.10 18.33 9.63
C GLN G 263 -50.80 19.58 9.07
N SER G 264 -52.13 19.55 8.92
CA SER G 264 -52.94 20.63 8.30
C SER G 264 -54.25 20.88 9.08
N GLU G 265 -54.87 22.04 8.84
CA GLU G 265 -56.21 22.41 9.38
C GLU G 265 -57.20 22.58 8.24
N ALA G 266 -56.76 22.43 6.98
CA ALA G 266 -57.55 22.69 5.77
C ALA G 266 -58.38 21.47 5.39
N PRO G 267 -59.55 21.63 4.72
CA PRO G 267 -60.33 20.48 4.22
C PRO G 267 -59.73 19.81 2.98
N ILE G 268 -60.10 18.56 2.72
CA ILE G 268 -59.64 17.76 1.53
C ILE G 268 -60.35 18.27 0.28
N ASP G 269 -59.81 17.93 -0.90
CA ASP G 269 -60.40 18.11 -2.26
C ASP G 269 -59.73 17.09 -3.19
N ASN G 270 -60.49 16.18 -3.80
CA ASN G 270 -59.94 15.09 -4.66
C ASN G 270 -60.02 15.49 -6.13
N SER G 271 -60.65 16.64 -6.44
CA SER G 271 -60.63 17.28 -7.79
C SER G 271 -59.24 17.87 -8.03
N CYS G 272 -58.64 18.40 -6.96
CA CYS G 272 -57.38 19.19 -6.91
C CYS G 272 -56.17 18.27 -6.67
N GLU G 273 -55.05 18.52 -7.36
CA GLU G 273 -53.76 17.78 -7.27
C GLU G 273 -52.64 18.73 -6.82
N SER G 274 -51.63 18.20 -6.11
CA SER G 274 -50.45 18.98 -5.63
C SER G 274 -49.33 18.03 -5.20
N LYS G 275 -48.11 18.57 -5.00
CA LYS G 275 -46.91 17.87 -4.48
C LYS G 275 -46.38 18.61 -3.24
N CYS G 276 -47.01 19.74 -2.90
CA CYS G 276 -46.57 20.67 -1.83
C CYS G 276 -47.76 20.95 -0.91
N PHE G 277 -47.52 20.95 0.41
CA PHE G 277 -48.54 21.23 1.44
C PHE G 277 -47.92 21.95 2.63
N TRP G 278 -48.75 22.73 3.32
CA TRP G 278 -48.41 23.40 4.60
C TRP G 278 -49.68 23.50 5.45
N ARG G 279 -49.57 24.08 6.64
CA ARG G 279 -50.74 24.26 7.57
C ARG G 279 -51.96 24.73 6.78
N GLY G 280 -51.80 25.79 5.98
CA GLY G 280 -52.86 26.56 5.29
C GLY G 280 -53.33 25.91 4.00
N GLY G 281 -52.70 24.81 3.58
CA GLY G 281 -53.22 23.94 2.49
C GLY G 281 -52.17 23.60 1.44
N SER G 282 -52.58 23.61 0.18
CA SER G 282 -51.77 23.19 -0.99
C SER G 282 -51.07 24.41 -1.61
N ILE G 283 -49.99 24.13 -2.36
CA ILE G 283 -49.19 25.11 -3.15
C ILE G 283 -48.87 24.44 -4.49
N ASN G 284 -49.34 25.01 -5.60
CA ASN G 284 -49.30 24.31 -6.92
C ASN G 284 -48.38 25.02 -7.90
N THR G 285 -47.85 26.20 -7.57
CA THR G 285 -47.18 27.10 -8.54
C THR G 285 -46.03 26.38 -9.24
N ARG G 286 -46.01 26.49 -10.56
CA ARG G 286 -44.85 26.16 -11.41
C ARG G 286 -43.68 27.03 -10.95
N LEU G 287 -43.96 28.18 -10.29
CA LEU G 287 -42.96 29.17 -9.80
C LEU G 287 -41.88 28.47 -8.97
N PRO G 288 -40.66 29.07 -8.88
CA PRO G 288 -39.53 28.46 -8.19
C PRO G 288 -39.37 28.83 -6.70
N PHE G 289 -40.16 29.80 -6.22
CA PHE G 289 -40.13 30.35 -4.83
C PHE G 289 -41.53 30.58 -4.28
N GLN G 290 -41.62 30.92 -2.99
CA GLN G 290 -42.90 31.19 -2.29
C GLN G 290 -42.60 31.84 -0.95
N ASN G 291 -43.53 32.67 -0.43
CA ASN G 291 -43.35 33.43 0.83
C ASN G 291 -44.51 33.13 1.79
N LEU G 292 -45.16 31.97 1.60
CA LEU G 292 -46.36 31.56 2.37
C LEU G 292 -45.93 31.07 3.76
N SER G 293 -44.99 30.13 3.82
CA SER G 293 -44.53 29.51 5.08
C SER G 293 -43.27 28.72 4.83
N PRO G 294 -42.28 28.80 5.76
CA PRO G 294 -41.08 27.96 5.69
C PRO G 294 -41.32 26.52 6.16
N ARG G 295 -42.53 26.21 6.63
CA ARG G 295 -42.96 24.84 6.97
C ARG G 295 -43.81 24.32 5.79
N THR G 296 -43.14 23.71 4.82
CA THR G 296 -43.73 23.01 3.66
C THR G 296 -43.31 21.55 3.73
N VAL G 297 -43.96 20.70 2.93
CA VAL G 297 -43.63 19.25 2.82
C VAL G 297 -43.95 18.77 1.40
N GLY G 298 -43.08 17.90 0.87
CA GLY G 298 -43.14 17.35 -0.50
C GLY G 298 -42.18 18.10 -1.42
N GLN G 299 -42.42 18.04 -2.73
CA GLN G 299 -41.61 18.78 -3.72
C GLN G 299 -42.12 20.22 -3.74
N CYS G 300 -41.31 21.19 -3.28
CA CYS G 300 -41.79 22.55 -2.92
C CYS G 300 -40.89 23.66 -3.44
N PRO G 301 -41.48 24.81 -3.85
CA PRO G 301 -40.75 26.05 -4.05
C PRO G 301 -40.06 26.50 -2.77
N LYS G 302 -38.88 27.09 -2.90
CA LYS G 302 -38.04 27.44 -1.73
C LYS G 302 -38.62 28.69 -1.06
N TYR G 303 -38.82 28.65 0.26
CA TYR G 303 -39.35 29.80 1.03
C TYR G 303 -38.28 30.89 0.96
N VAL G 304 -38.71 32.13 0.68
CA VAL G 304 -37.87 33.35 0.61
C VAL G 304 -38.54 34.45 1.43
N ASN G 305 -37.76 35.47 1.79
CA ASN G 305 -38.26 36.59 2.63
C ASN G 305 -38.65 37.75 1.73
N LYS G 306 -38.88 37.50 0.44
CA LYS G 306 -39.31 38.56 -0.52
C LYS G 306 -40.81 38.38 -0.80
N LYS G 307 -41.57 39.47 -0.67
CA LYS G 307 -42.97 39.63 -1.15
C LYS G 307 -43.00 39.27 -2.64
N SER G 308 -42.09 39.86 -3.43
CA SER G 308 -42.03 39.75 -4.90
C SER G 308 -40.60 39.83 -5.44
N LEU G 309 -40.24 38.96 -6.37
CA LEU G 309 -39.07 39.10 -7.29
C LEU G 309 -39.58 39.08 -8.74
N MET G 310 -39.60 40.26 -9.35
CA MET G 310 -40.11 40.47 -10.72
C MET G 310 -38.98 40.20 -11.70
N LEU G 311 -39.16 39.18 -12.54
CA LEU G 311 -38.18 38.74 -13.56
C LEU G 311 -38.59 39.34 -14.90
N ALA G 312 -37.70 40.13 -15.49
CA ALA G 312 -37.88 40.80 -16.80
C ALA G 312 -38.03 39.70 -17.84
N THR G 313 -39.14 39.77 -18.59
CA THR G 313 -39.47 38.88 -19.74
C THR G 313 -39.52 39.73 -21.02
N GLY G 314 -38.75 40.82 -21.07
CA GLY G 314 -38.77 41.80 -22.17
C GLY G 314 -37.76 42.91 -22.00
N MET G 315 -37.67 43.79 -23.01
CA MET G 315 -36.60 44.80 -23.14
C MET G 315 -36.92 46.01 -22.26
N ARG G 316 -36.00 46.98 -22.22
CA ARG G 316 -36.26 48.31 -21.61
C ARG G 316 -37.48 48.92 -22.32
N ASN G 317 -38.43 49.41 -21.55
CA ASN G 317 -39.59 50.15 -22.09
C ASN G 317 -39.20 51.63 -22.08
N VAL G 318 -39.14 52.26 -23.25
CA VAL G 318 -39.02 53.75 -23.34
C VAL G 318 -40.23 54.29 -24.07
N PRO G 319 -41.10 55.06 -23.39
CA PRO G 319 -42.37 55.48 -23.96
C PRO G 319 -42.24 56.77 -24.79
N GLU G 320 -43.31 57.18 -25.49
CA GLU G 320 -43.36 58.36 -26.38
C GLU G 320 -43.98 59.54 -25.61
N GLY H 1 -27.95 51.43 -23.26
CA GLY H 1 -27.54 50.27 -22.41
C GLY H 1 -26.07 49.93 -22.61
N LEU H 2 -25.71 48.65 -22.54
CA LEU H 2 -24.34 48.15 -22.87
C LEU H 2 -24.05 48.38 -24.35
N PHE H 3 -25.06 48.17 -25.19
CA PHE H 3 -24.91 48.17 -26.66
C PHE H 3 -25.32 49.53 -27.21
N GLY H 4 -25.94 50.37 -26.37
CA GLY H 4 -26.19 51.79 -26.67
C GLY H 4 -27.37 51.96 -27.59
N ALA H 5 -27.87 50.86 -28.15
CA ALA H 5 -28.95 50.84 -29.17
C ALA H 5 -30.23 51.31 -28.49
N ILE H 6 -30.66 50.61 -27.45
CA ILE H 6 -32.00 50.79 -26.83
C ILE H 6 -31.84 51.75 -25.66
N ALA H 7 -32.79 52.69 -25.53
CA ALA H 7 -32.68 53.81 -24.57
C ALA H 7 -31.32 54.49 -24.71
N GLY H 8 -30.68 54.35 -25.88
CA GLY H 8 -29.36 54.93 -26.19
C GLY H 8 -29.49 55.91 -27.34
N PHE H 9 -28.80 55.64 -28.46
CA PHE H 9 -28.87 56.48 -29.69
C PHE H 9 -30.26 56.44 -30.30
N ILE H 10 -31.05 55.38 -30.06
CA ILE H 10 -32.49 55.39 -30.43
C ILE H 10 -33.27 56.17 -29.38
N GLU H 11 -33.72 57.37 -29.78
CA GLU H 11 -34.55 58.33 -29.02
C GLU H 11 -35.54 57.58 -28.12
N ASN H 12 -36.31 56.64 -28.66
CA ASN H 12 -37.40 55.94 -27.94
C ASN H 12 -37.99 54.80 -28.79
N GLY H 13 -38.93 54.08 -28.22
CA GLY H 13 -39.56 52.89 -28.83
C GLY H 13 -40.91 53.26 -29.41
N TRP H 14 -41.58 52.29 -30.05
CA TRP H 14 -42.72 52.53 -30.96
C TRP H 14 -43.97 51.80 -30.43
N GLU H 15 -44.79 52.47 -29.61
CA GLU H 15 -46.06 51.91 -29.05
C GLU H 15 -46.89 51.36 -30.23
N GLY H 16 -46.82 52.07 -31.37
CA GLY H 16 -47.45 51.70 -32.65
C GLY H 16 -47.08 50.30 -33.12
N MET H 17 -45.87 49.82 -32.82
CA MET H 17 -45.33 48.57 -33.43
C MET H 17 -45.79 47.36 -32.62
N VAL H 18 -46.88 46.73 -33.03
CA VAL H 18 -47.58 45.68 -32.23
C VAL H 18 -47.45 44.32 -32.94
N ASP H 19 -46.63 44.25 -33.99
CA ASP H 19 -46.44 43.01 -34.78
C ASP H 19 -45.04 42.46 -34.51
N GLY H 20 -44.32 43.04 -33.53
CA GLY H 20 -42.94 42.62 -33.20
C GLY H 20 -42.29 43.51 -32.16
N TRP H 21 -40.97 43.35 -31.98
CA TRP H 21 -40.12 44.04 -30.98
C TRP H 21 -39.18 45.02 -31.68
N TYR H 22 -38.57 44.53 -32.77
CA TYR H 22 -37.58 45.25 -33.61
C TYR H 22 -38.17 45.39 -35.01
N GLY H 23 -38.12 46.61 -35.56
CA GLY H 23 -38.70 46.88 -36.89
C GLY H 23 -38.14 48.12 -37.54
N PHE H 24 -38.70 48.45 -38.70
CA PHE H 24 -38.26 49.54 -39.60
C PHE H 24 -39.38 50.57 -39.80
N ARG H 25 -38.96 51.78 -40.17
CA ARG H 25 -39.83 52.91 -40.59
C ARG H 25 -39.12 53.69 -41.70
N HIS H 26 -39.54 53.48 -42.93
CA HIS H 26 -39.05 54.19 -44.14
C HIS H 26 -40.00 55.36 -44.44
N GLN H 27 -39.47 56.47 -44.95
CA GLN H 27 -40.24 57.52 -45.66
C GLN H 27 -39.50 57.80 -46.97
N ASN H 28 -40.25 57.81 -48.08
CA ASN H 28 -39.67 57.92 -49.45
C ASN H 28 -40.64 58.71 -50.31
N ALA H 29 -40.38 58.74 -51.62
CA ALA H 29 -41.25 59.31 -52.67
C ALA H 29 -42.70 58.84 -52.44
N GLN H 30 -42.92 57.52 -52.41
CA GLN H 30 -44.25 56.87 -52.17
C GLN H 30 -44.89 57.48 -50.92
N GLY H 31 -44.10 57.57 -49.83
CA GLY H 31 -44.52 58.02 -48.49
C GLY H 31 -44.20 56.97 -47.44
N THR H 32 -44.71 57.18 -46.22
CA THR H 32 -44.32 56.46 -44.99
C THR H 32 -44.85 55.02 -44.99
N GLY H 33 -44.45 54.25 -43.98
CA GLY H 33 -44.78 52.82 -43.84
C GLY H 33 -43.91 52.16 -42.78
N GLN H 34 -44.53 51.31 -41.94
CA GLN H 34 -43.88 50.59 -40.81
C GLN H 34 -43.96 49.09 -41.09
N ALA H 35 -43.01 48.32 -40.56
CA ALA H 35 -42.97 46.84 -40.66
C ALA H 35 -41.90 46.29 -39.70
N ALA H 36 -42.24 45.21 -39.00
CA ALA H 36 -41.41 44.58 -37.95
C ALA H 36 -40.47 43.55 -38.59
N ASP H 37 -39.31 43.31 -37.97
CA ASP H 37 -38.34 42.27 -38.38
C ASP H 37 -38.50 41.05 -37.47
N TYR H 38 -39.01 39.96 -38.02
CA TYR H 38 -39.34 38.72 -37.25
C TYR H 38 -38.04 38.09 -36.76
N LYS H 39 -37.08 37.88 -37.65
CA LYS H 39 -35.88 37.05 -37.38
C LYS H 39 -35.18 37.50 -36.09
N SER H 40 -35.10 38.82 -35.87
CA SER H 40 -34.47 39.44 -34.68
C SER H 40 -35.46 39.40 -33.50
N THR H 41 -36.70 39.88 -33.70
CA THR H 41 -37.77 39.86 -32.68
C THR H 41 -37.87 38.44 -32.09
N GLN H 42 -37.75 37.41 -32.92
CA GLN H 42 -37.89 35.99 -32.48
C GLN H 42 -36.69 35.62 -31.60
N ALA H 43 -35.47 35.92 -32.06
CA ALA H 43 -34.22 35.58 -31.36
C ALA H 43 -34.27 36.03 -29.90
N ALA H 44 -34.81 37.22 -29.63
CA ALA H 44 -34.88 37.85 -28.29
C ALA H 44 -35.89 37.09 -27.42
N ILE H 45 -37.08 36.89 -27.97
CA ILE H 45 -38.15 36.05 -27.36
C ILE H 45 -37.58 34.65 -27.08
N ASP H 46 -37.21 33.89 -28.11
CA ASP H 46 -36.65 32.52 -27.98
C ASP H 46 -35.67 32.45 -26.80
N GLN H 47 -34.86 33.49 -26.60
CA GLN H 47 -33.83 33.56 -25.51
C GLN H 47 -34.54 33.74 -24.17
N ILE H 48 -35.54 34.63 -24.06
CA ILE H 48 -36.29 34.83 -22.79
C ILE H 48 -37.09 33.55 -22.50
N THR H 49 -37.81 33.01 -23.49
CA THR H 49 -38.49 31.69 -23.38
C THR H 49 -37.56 30.72 -22.64
N GLY H 50 -36.34 30.54 -23.15
CA GLY H 50 -35.33 29.61 -22.60
C GLY H 50 -34.98 29.94 -21.15
N LYS H 51 -34.87 31.23 -20.82
CA LYS H 51 -34.63 31.73 -19.44
C LYS H 51 -35.76 31.22 -18.56
N LEU H 52 -37.00 31.50 -18.94
CA LEU H 52 -38.20 31.07 -18.19
C LEU H 52 -38.17 29.56 -17.97
N ASN H 53 -37.87 28.77 -19.01
CA ASN H 53 -37.71 27.29 -18.91
C ASN H 53 -36.74 26.94 -17.77
N ARG H 54 -35.56 27.56 -17.74
CA ARG H 54 -34.52 27.36 -16.69
C ARG H 54 -35.07 27.79 -15.30
N ILE H 55 -35.63 28.99 -15.23
CA ILE H 55 -35.93 29.71 -13.95
C ILE H 55 -37.21 29.17 -13.32
N ILE H 56 -38.27 28.94 -14.11
CA ILE H 56 -39.63 28.62 -13.55
C ILE H 56 -39.69 27.12 -13.27
N LYS H 57 -39.10 26.73 -12.13
CA LYS H 57 -38.77 25.32 -11.78
C LYS H 57 -38.59 25.24 -10.26
N LYS H 58 -39.19 24.24 -9.62
CA LYS H 58 -38.87 23.83 -8.23
C LYS H 58 -38.12 22.50 -8.32
N THR H 59 -37.51 22.02 -7.23
CA THR H 59 -36.73 20.74 -7.22
C THR H 59 -37.73 19.57 -7.27
N ASN H 60 -37.22 18.34 -7.37
CA ASN H 60 -38.05 17.11 -7.22
C ASN H 60 -37.62 16.41 -5.94
N THR H 61 -37.23 17.18 -4.92
CA THR H 61 -36.85 16.72 -3.56
C THR H 61 -38.09 16.68 -2.67
N GLU H 62 -38.51 15.47 -2.28
CA GLU H 62 -39.60 15.25 -1.29
C GLU H 62 -39.05 15.60 0.09
N PHE H 63 -39.57 16.63 0.75
CA PHE H 63 -39.19 17.04 2.12
C PHE H 63 -40.24 16.51 3.12
N GLU H 64 -39.83 15.62 4.04
CA GLU H 64 -40.62 15.25 5.25
C GLU H 64 -40.59 16.46 6.19
N SER H 65 -41.63 16.63 7.01
CA SER H 65 -41.71 17.66 8.08
C SER H 65 -40.77 17.29 9.23
N ILE H 66 -39.94 18.22 9.69
CA ILE H 66 -39.07 18.00 10.89
C ILE H 66 -39.56 18.90 12.03
N GLU H 67 -40.66 19.63 11.83
CA GLU H 67 -41.31 20.47 12.88
C GLU H 67 -42.75 20.00 13.03
N SER H 68 -43.21 19.68 14.25
CA SER H 68 -44.64 19.41 14.53
C SER H 68 -45.40 20.75 14.61
N GLU H 69 -46.49 20.86 13.85
CA GLU H 69 -47.30 22.11 13.74
C GLU H 69 -48.22 22.17 14.98
N PHE H 70 -48.51 21.03 15.63
CA PHE H 70 -49.42 20.94 16.81
C PHE H 70 -48.61 20.70 18.10
N SER H 71 -47.78 19.65 18.12
CA SER H 71 -46.91 19.26 19.27
C SER H 71 -45.78 20.29 19.44
N GLU H 72 -45.14 20.34 20.62
CA GLU H 72 -43.90 21.12 20.87
C GLU H 72 -42.72 20.16 20.92
N ILE H 73 -41.70 20.41 20.09
CA ILE H 73 -40.45 19.58 19.97
C ILE H 73 -39.43 20.12 20.99
N ASP H 74 -38.47 19.30 21.41
CA ASP H 74 -37.40 19.64 22.39
C ASP H 74 -36.79 21.01 22.03
N HIS H 75 -36.54 21.89 23.01
CA HIS H 75 -36.11 23.30 22.77
C HIS H 75 -34.70 23.34 22.16
N GLN H 76 -33.77 22.47 22.59
CA GLN H 76 -32.37 22.44 22.09
C GLN H 76 -32.40 22.08 20.60
N ILE H 77 -32.99 20.93 20.26
CA ILE H 77 -33.08 20.45 18.84
C ILE H 77 -33.90 21.45 17.99
N GLY H 78 -35.04 21.92 18.51
CA GLY H 78 -35.91 22.90 17.82
C GLY H 78 -35.16 24.17 17.47
N ASN H 79 -34.35 24.69 18.39
CA ASN H 79 -33.53 25.92 18.19
C ASN H 79 -32.53 25.63 17.04
N VAL H 80 -31.89 24.46 17.03
CA VAL H 80 -30.96 24.03 15.92
C VAL H 80 -31.73 24.10 14.61
N ILE H 81 -32.86 23.40 14.52
CA ILE H 81 -33.71 23.37 13.30
C ILE H 81 -34.02 24.82 12.90
N ASN H 82 -34.57 25.65 13.81
CA ASN H 82 -34.91 27.06 13.49
C ASN H 82 -33.69 27.72 12.79
N TRP H 83 -32.50 27.59 13.37
CA TRP H 83 -31.25 28.17 12.80
C TRP H 83 -30.94 27.52 11.45
N THR H 84 -30.82 26.18 11.37
CA THR H 84 -30.56 25.43 10.10
C THR H 84 -31.49 26.00 9.02
N LYS H 85 -32.81 26.05 9.28
CA LYS H 85 -33.84 26.55 8.31
C LYS H 85 -33.53 28.00 7.95
N ASP H 86 -33.60 28.90 8.94
CA ASP H 86 -33.42 30.35 8.71
C ASP H 86 -32.14 30.60 7.88
N SER H 87 -31.07 29.82 8.07
CA SER H 87 -29.80 29.92 7.29
C SER H 87 -30.03 29.50 5.82
N ILE H 88 -30.82 28.44 5.61
CA ILE H 88 -31.18 27.90 4.27
C ILE H 88 -32.04 28.93 3.55
N THR H 89 -33.13 29.32 4.21
CA THR H 89 -34.09 30.40 3.82
C THR H 89 -33.33 31.68 3.50
N ASP H 90 -32.24 31.98 4.21
CA ASP H 90 -31.44 33.21 3.95
C ASP H 90 -30.67 33.04 2.65
N ILE H 91 -30.06 31.88 2.43
CA ILE H 91 -29.39 31.54 1.14
C ILE H 91 -30.38 31.72 -0.01
N TRP H 92 -31.48 30.95 -0.01
CA TRP H 92 -32.44 30.92 -1.15
C TRP H 92 -33.00 32.32 -1.44
N THR H 93 -33.27 33.11 -0.39
CA THR H 93 -33.64 34.52 -0.51
C THR H 93 -32.57 35.22 -1.37
N TYR H 94 -31.30 35.06 -1.01
CA TYR H 94 -30.15 35.69 -1.70
C TYR H 94 -29.97 35.08 -3.10
N GLN H 95 -29.82 33.75 -3.20
CA GLN H 95 -29.54 33.04 -4.48
C GLN H 95 -30.59 33.43 -5.52
N ALA H 96 -31.79 33.83 -5.07
CA ALA H 96 -32.95 34.24 -5.91
C ALA H 96 -32.87 35.73 -6.26
N GLU H 97 -32.69 36.58 -5.25
CA GLU H 97 -32.53 38.06 -5.45
C GLU H 97 -31.43 38.30 -6.50
N LEU H 98 -30.37 37.49 -6.46
CA LEU H 98 -29.28 37.50 -7.47
C LEU H 98 -29.77 36.92 -8.79
N LEU H 99 -30.31 35.69 -8.83
CA LEU H 99 -30.80 35.07 -10.11
C LEU H 99 -31.61 36.14 -10.85
N VAL H 100 -32.68 36.65 -10.23
CA VAL H 100 -33.60 37.58 -10.92
C VAL H 100 -32.79 38.79 -11.39
N ALA H 101 -32.09 39.45 -10.47
CA ALA H 101 -31.38 40.72 -10.77
C ALA H 101 -30.43 40.49 -11.95
N MET H 102 -29.64 39.41 -11.93
CA MET H 102 -28.64 39.14 -12.99
C MET H 102 -29.35 38.84 -14.31
N GLU H 103 -30.32 37.92 -14.28
CA GLU H 103 -31.05 37.52 -15.50
C GLU H 103 -31.77 38.76 -16.06
N ASN H 104 -32.27 39.65 -15.21
CA ASN H 104 -32.91 40.92 -15.66
C ASN H 104 -31.87 41.77 -16.40
N GLN H 105 -30.69 41.96 -15.82
CA GLN H 105 -29.61 42.77 -16.45
C GLN H 105 -29.30 42.18 -17.82
N HIS H 106 -29.12 40.85 -17.89
CA HIS H 106 -28.76 40.15 -19.14
C HIS H 106 -29.93 40.25 -20.13
N THR H 107 -31.17 40.03 -19.69
CA THR H 107 -32.38 40.10 -20.57
C THR H 107 -32.34 41.47 -21.28
N ILE H 108 -32.28 42.55 -20.51
CA ILE H 108 -32.27 43.96 -21.01
C ILE H 108 -31.20 44.15 -22.08
N ASP H 109 -29.96 43.84 -21.72
CA ASP H 109 -28.76 44.10 -22.55
C ASP H 109 -28.82 43.13 -23.73
N MET H 110 -29.38 41.93 -23.55
CA MET H 110 -29.51 40.96 -24.66
C MET H 110 -30.42 41.59 -25.72
N ALA H 111 -31.55 42.17 -25.32
CA ALA H 111 -32.45 42.89 -26.23
C ALA H 111 -31.66 44.01 -26.91
N ASP H 112 -31.04 44.87 -26.08
CA ASP H 112 -30.15 45.99 -26.48
C ASP H 112 -29.27 45.55 -27.65
N SER H 113 -28.59 44.40 -27.50
CA SER H 113 -27.70 43.80 -28.53
C SER H 113 -28.52 43.46 -29.79
N GLU H 114 -29.61 42.72 -29.67
CA GLU H 114 -30.35 42.20 -30.85
C GLU H 114 -30.84 43.37 -31.70
N MET H 115 -30.92 44.59 -31.13
CA MET H 115 -31.20 45.83 -31.89
C MET H 115 -29.94 46.22 -32.69
N LEU H 116 -28.86 46.58 -31.99
CA LEU H 116 -27.55 46.97 -32.59
C LEU H 116 -27.20 45.94 -33.67
N ASN H 117 -27.37 44.67 -33.36
CA ASN H 117 -27.13 43.53 -34.30
C ASN H 117 -27.89 43.77 -35.61
N LEU H 118 -29.14 44.24 -35.53
CA LEU H 118 -29.94 44.59 -36.74
C LEU H 118 -29.31 45.80 -37.45
N TYR H 119 -29.26 46.96 -36.79
CA TYR H 119 -28.64 48.22 -37.30
C TYR H 119 -27.35 47.89 -38.07
N GLU H 120 -26.43 47.16 -37.45
CA GLU H 120 -25.12 46.80 -38.05
C GLU H 120 -25.34 45.93 -39.30
N ARG H 121 -26.19 44.92 -39.22
CA ARG H 121 -26.55 44.06 -40.39
C ARG H 121 -26.96 44.96 -41.57
N VAL H 122 -27.84 45.94 -41.30
CA VAL H 122 -28.46 46.83 -42.33
C VAL H 122 -27.41 47.82 -42.84
N ARG H 123 -26.75 48.54 -41.95
CA ARG H 123 -25.63 49.46 -42.29
C ARG H 123 -24.71 48.79 -43.32
N LYS H 124 -24.36 47.52 -43.10
CA LYS H 124 -23.37 46.78 -43.91
C LYS H 124 -23.97 46.44 -45.29
N GLN H 125 -25.29 46.20 -45.35
CA GLN H 125 -26.07 46.09 -46.62
C GLN H 125 -26.01 47.40 -47.40
N LEU H 126 -26.39 48.51 -46.78
CA LEU H 126 -26.50 49.85 -47.44
C LEU H 126 -25.12 50.38 -47.83
N ARG H 127 -24.03 49.78 -47.33
CA ARG H 127 -22.63 50.08 -47.74
C ARG H 127 -22.42 51.60 -47.90
N GLN H 128 -22.09 52.12 -49.08
CA GLN H 128 -21.75 53.55 -49.31
C GLN H 128 -22.97 54.32 -49.84
N ASN H 129 -24.15 53.70 -49.86
CA ASN H 129 -25.34 54.26 -50.53
C ASN H 129 -26.25 54.97 -49.51
N ALA H 130 -25.80 55.07 -48.26
CA ALA H 130 -26.53 55.74 -47.16
C ALA H 130 -25.55 56.15 -46.04
N GLU H 131 -26.06 56.90 -45.07
CA GLU H 131 -25.28 57.52 -43.98
C GLU H 131 -26.06 57.40 -42.66
N GLU H 132 -25.35 57.22 -41.55
CA GLU H 132 -25.94 57.11 -40.20
C GLU H 132 -26.26 58.53 -39.69
N ASP H 133 -27.52 58.76 -39.29
CA ASP H 133 -28.04 60.08 -38.85
C ASP H 133 -27.85 60.25 -37.33
N GLY H 134 -27.50 59.17 -36.64
CA GLY H 134 -27.11 59.16 -35.22
C GLY H 134 -28.27 58.84 -34.31
N LYS H 135 -29.49 58.74 -34.86
CA LYS H 135 -30.73 58.42 -34.13
C LYS H 135 -31.28 57.07 -34.60
N GLY H 136 -30.43 56.24 -35.22
CA GLY H 136 -30.81 54.84 -35.53
C GLY H 136 -31.56 54.73 -36.85
N CYS H 137 -31.43 55.75 -37.70
CA CYS H 137 -31.90 55.75 -39.10
C CYS H 137 -30.71 55.89 -40.05
N PHE H 138 -30.93 55.43 -41.28
CA PHE H 138 -30.05 55.68 -42.44
C PHE H 138 -30.77 56.64 -43.40
N GLU H 139 -30.22 57.85 -43.56
CA GLU H 139 -30.52 58.70 -44.74
C GLU H 139 -29.96 57.96 -45.95
N ILE H 140 -30.85 57.45 -46.81
CA ILE H 140 -30.50 56.81 -48.10
C ILE H 140 -30.33 57.92 -49.13
N TYR H 141 -29.18 57.95 -49.80
CA TYR H 141 -28.81 59.01 -50.76
C TYR H 141 -29.14 58.53 -52.19
N HIS H 142 -30.24 57.80 -52.34
CA HIS H 142 -30.80 57.45 -53.66
C HIS H 142 -32.32 57.26 -53.53
N ALA H 143 -33.00 57.22 -54.66
CA ALA H 143 -34.45 56.94 -54.74
C ALA H 143 -34.67 55.50 -54.32
N CYS H 144 -35.51 55.28 -53.30
CA CYS H 144 -35.78 53.94 -52.71
C CYS H 144 -37.30 53.79 -52.51
N ASP H 145 -37.96 53.06 -53.42
CA ASP H 145 -39.42 52.79 -53.41
C ASP H 145 -39.71 51.67 -52.41
N ASP H 146 -41.00 51.40 -52.18
CA ASP H 146 -41.46 50.34 -51.25
C ASP H 146 -40.88 48.98 -51.71
N SER H 147 -40.53 48.83 -52.99
CA SER H 147 -39.79 47.66 -53.53
C SER H 147 -38.38 47.64 -52.94
N CYS H 148 -37.65 48.74 -53.08
CA CYS H 148 -36.25 48.93 -52.63
C CYS H 148 -36.18 48.80 -51.09
N MET H 149 -37.14 49.39 -50.37
CA MET H 149 -37.20 49.32 -48.88
C MET H 149 -37.38 47.87 -48.44
N GLU H 150 -38.42 47.19 -48.93
CA GLU H 150 -38.72 45.76 -48.62
C GLU H 150 -37.50 44.89 -48.98
N SER H 151 -36.64 45.35 -49.89
CA SER H 151 -35.39 44.63 -50.28
C SER H 151 -34.34 44.79 -49.19
N ILE H 152 -34.39 45.87 -48.41
CA ILE H 152 -33.49 46.08 -47.22
C ILE H 152 -33.95 45.16 -46.10
N ARG H 153 -35.21 45.31 -45.67
CA ARG H 153 -35.86 44.51 -44.58
C ARG H 153 -35.72 43.02 -44.88
N ASN H 154 -35.71 42.60 -46.15
CA ASN H 154 -35.64 41.19 -46.61
C ASN H 154 -34.17 40.74 -46.68
N ASN H 155 -33.22 41.66 -46.44
CA ASN H 155 -31.75 41.45 -46.59
C ASN H 155 -31.41 40.97 -48.00
N THR H 156 -32.00 41.61 -49.01
CA THR H 156 -31.77 41.30 -50.45
C THR H 156 -31.16 42.53 -51.15
N TYR H 157 -31.39 43.74 -50.64
CA TYR H 157 -30.88 45.04 -51.18
C TYR H 157 -29.42 44.87 -51.62
N ASP H 158 -29.11 45.29 -52.86
CA ASP H 158 -27.77 45.24 -53.49
C ASP H 158 -27.27 46.68 -53.68
N HIS H 159 -26.19 47.08 -53.00
CA HIS H 159 -25.60 48.44 -53.05
C HIS H 159 -25.17 48.78 -54.47
N SER H 160 -24.49 47.87 -55.17
CA SER H 160 -23.91 48.11 -56.53
C SER H 160 -25.01 48.58 -57.48
N GLN H 161 -26.23 48.04 -57.33
CA GLN H 161 -27.43 48.34 -58.16
C GLN H 161 -27.88 49.82 -58.01
N TYR H 162 -27.45 50.54 -56.98
CA TYR H 162 -27.78 51.98 -56.78
C TYR H 162 -26.51 52.80 -56.50
N ARG H 163 -25.34 52.16 -56.56
CA ARG H 163 -24.11 52.66 -55.91
C ARG H 163 -23.73 54.03 -56.49
N GLU H 164 -23.67 54.12 -57.82
CA GLU H 164 -23.24 55.34 -58.55
C GLU H 164 -24.25 56.43 -58.20
N GLU H 165 -25.54 56.17 -58.45
CA GLU H 165 -26.65 57.13 -58.16
C GLU H 165 -26.47 57.75 -56.77
N ALA H 166 -26.15 56.92 -55.78
CA ALA H 166 -26.02 57.30 -54.37
C ALA H 166 -24.76 58.16 -54.17
N LEU H 167 -23.60 57.63 -54.57
CA LEU H 167 -22.28 58.26 -54.35
C LEU H 167 -22.27 59.68 -54.91
N LEU H 168 -22.98 59.93 -56.01
CA LEU H 168 -23.03 61.24 -56.68
C LEU H 168 -23.88 62.19 -55.83
N ASN H 169 -25.10 61.78 -55.47
CA ASN H 169 -26.02 62.56 -54.58
C ASN H 169 -25.30 62.96 -53.29
N ARG H 170 -24.38 62.12 -52.82
CA ARG H 170 -23.65 62.27 -51.53
C ARG H 170 -22.61 63.39 -51.63
N LEU H 171 -21.78 63.38 -52.68
CA LEU H 171 -20.64 64.31 -52.87
C LEU H 171 -21.15 65.65 -53.42
N ASN H 172 -22.17 65.62 -54.30
CA ASN H 172 -22.98 66.78 -54.72
C ASN H 172 -22.11 67.82 -55.47
N ASP I 1 28.62 -26.70 -72.71
CA ASP I 1 29.32 -25.55 -73.38
C ASP I 1 30.19 -24.80 -72.36
N PRO I 2 29.66 -24.15 -71.28
CA PRO I 2 30.51 -23.54 -70.25
C PRO I 2 31.04 -24.55 -69.20
N ASP I 3 32.32 -24.43 -68.80
CA ASP I 3 32.95 -25.19 -67.68
C ASP I 3 32.09 -24.99 -66.43
N LYS I 4 31.96 -26.01 -65.57
CA LYS I 4 31.09 -25.98 -64.35
C LYS I 4 31.79 -26.73 -63.20
N ILE I 5 31.49 -26.32 -61.95
CA ILE I 5 31.96 -26.96 -60.68
C ILE I 5 30.76 -27.32 -59.83
N CYS I 6 30.70 -28.58 -59.38
CA CYS I 6 29.57 -29.14 -58.59
C CYS I 6 29.98 -29.36 -57.14
N LEU I 7 29.06 -29.09 -56.22
CA LEU I 7 29.20 -29.36 -54.77
C LEU I 7 28.22 -30.47 -54.39
N GLY I 8 28.58 -31.30 -53.41
CA GLY I 8 27.75 -32.44 -53.01
C GLY I 8 28.12 -33.03 -51.66
N HIS I 9 27.36 -34.05 -51.27
CA HIS I 9 27.52 -34.82 -50.02
C HIS I 9 27.68 -36.30 -50.40
N HIS I 10 28.32 -37.10 -49.54
CA HIS I 10 28.54 -38.54 -49.82
C HIS I 10 27.24 -39.30 -49.55
N ALA I 11 27.30 -40.63 -49.71
CA ALA I 11 26.23 -41.57 -49.38
C ALA I 11 26.79 -43.00 -49.22
N VAL I 12 25.89 -43.99 -49.09
CA VAL I 12 26.21 -45.45 -49.11
C VAL I 12 24.95 -46.18 -49.56
N ALA I 13 25.07 -47.48 -49.86
CA ALA I 13 23.96 -48.32 -50.37
C ALA I 13 23.23 -48.93 -49.19
N ASN I 14 23.97 -49.38 -48.17
CA ASN I 14 23.41 -49.97 -46.93
C ASN I 14 23.43 -48.89 -45.84
N GLY I 15 22.37 -48.06 -45.76
CA GLY I 15 22.25 -47.00 -44.73
C GLY I 15 21.28 -47.40 -43.63
N THR I 16 21.46 -46.86 -42.41
CA THR I 16 20.63 -47.19 -41.21
C THR I 16 19.47 -46.22 -41.07
N ILE I 17 18.38 -46.71 -40.44
CA ILE I 17 17.15 -45.93 -40.15
C ILE I 17 17.19 -45.49 -38.69
N VAL I 18 16.95 -44.20 -38.44
CA VAL I 18 16.85 -43.63 -37.06
C VAL I 18 15.56 -42.84 -36.94
N LYS I 19 15.27 -42.39 -35.72
CA LYS I 19 14.06 -41.58 -35.41
C LYS I 19 14.51 -40.18 -35.02
N THR I 20 13.80 -39.16 -35.54
CA THR I 20 13.91 -37.71 -35.20
C THR I 20 12.58 -37.20 -34.64
N LEU I 21 12.51 -35.91 -34.35
CA LEU I 21 11.30 -35.23 -33.78
C LEU I 21 10.16 -35.28 -34.81
N THR I 22 10.50 -35.29 -36.09
CA THR I 22 9.54 -35.26 -37.23
C THR I 22 9.40 -36.63 -37.86
N ASN I 23 10.52 -37.28 -38.19
CA ASN I 23 10.51 -38.53 -39.00
C ASN I 23 10.82 -39.72 -38.09
N GLU I 24 10.11 -40.83 -38.30
CA GLU I 24 10.28 -42.10 -37.56
C GLU I 24 10.99 -43.12 -38.44
N GLN I 25 11.30 -42.76 -39.68
CA GLN I 25 11.88 -43.66 -40.71
C GLN I 25 13.04 -42.96 -41.43
N GLU I 26 13.71 -42.02 -40.77
CA GLU I 26 14.77 -41.19 -41.40
C GLU I 26 16.03 -42.03 -41.62
N GLU I 27 16.46 -42.15 -42.88
CA GLU I 27 17.63 -42.96 -43.30
C GLU I 27 18.87 -42.06 -43.23
N VAL I 28 19.97 -42.54 -42.62
CA VAL I 28 21.23 -41.76 -42.46
C VAL I 28 22.43 -42.63 -42.85
N THR I 29 23.60 -42.01 -43.03
CA THR I 29 24.86 -42.67 -43.50
C THR I 29 25.31 -43.74 -42.49
N ASN I 30 25.73 -43.32 -41.30
CA ASN I 30 26.17 -44.20 -40.17
C ASN I 30 25.31 -43.84 -38.95
N ALA I 31 25.03 -44.80 -38.07
CA ALA I 31 24.39 -44.60 -36.74
C ALA I 31 24.99 -45.57 -35.73
N THR I 32 24.57 -45.48 -34.46
CA THR I 32 25.08 -46.34 -33.36
C THR I 32 23.98 -46.59 -32.33
N GLU I 33 24.10 -47.70 -31.60
CA GLU I 33 23.16 -48.10 -30.52
C GLU I 33 23.46 -47.29 -29.26
N THR I 34 22.44 -46.99 -28.45
CA THR I 34 22.54 -46.34 -27.11
C THR I 34 21.99 -47.25 -26.01
N VAL I 35 21.23 -48.29 -26.37
CA VAL I 35 20.64 -49.29 -25.43
C VAL I 35 21.41 -50.60 -25.55
N GLU I 36 22.07 -51.04 -24.47
CA GLU I 36 22.81 -52.34 -24.44
C GLU I 36 21.80 -53.46 -24.15
N SER I 37 21.74 -54.45 -25.05
CA SER I 37 20.79 -55.60 -25.01
C SER I 37 21.52 -56.87 -24.59
N THR I 38 22.86 -56.87 -24.62
CA THR I 38 23.71 -58.06 -24.37
C THR I 38 24.36 -57.94 -22.99
N SER I 39 24.38 -59.03 -22.23
CA SER I 39 24.98 -59.13 -20.88
C SER I 39 26.22 -60.03 -20.90
N LEU I 40 27.02 -60.00 -19.83
CA LEU I 40 28.03 -61.04 -19.52
C LEU I 40 27.42 -62.09 -18.57
N ASN I 41 27.67 -63.36 -18.85
CA ASN I 41 27.17 -64.51 -18.05
C ASN I 41 27.95 -64.60 -16.75
N ARG I 42 28.91 -63.68 -16.50
CA ARG I 42 29.85 -63.78 -15.36
C ARG I 42 29.89 -62.48 -14.54
N LEU I 43 30.30 -62.61 -13.28
CA LEU I 43 30.65 -61.49 -12.37
C LEU I 43 32.14 -61.14 -12.57
N CYS I 44 32.45 -59.86 -12.64
CA CYS I 44 33.77 -59.35 -13.08
C CYS I 44 34.50 -58.68 -11.90
N MET I 45 35.25 -59.49 -11.14
CA MET I 45 35.85 -59.09 -9.84
C MET I 45 37.34 -58.75 -10.02
N LYS I 46 37.76 -58.33 -11.22
CA LYS I 46 39.13 -57.78 -11.43
C LYS I 46 39.24 -56.52 -10.58
N GLY I 47 40.44 -56.28 -10.05
CA GLY I 47 40.76 -55.15 -9.16
C GLY I 47 39.77 -55.00 -8.02
N ARG I 48 39.05 -56.07 -7.66
CA ARG I 48 38.09 -56.09 -6.52
C ARG I 48 38.57 -57.12 -5.49
N ASN I 49 38.75 -56.67 -4.23
CA ASN I 49 38.95 -57.55 -3.04
C ASN I 49 37.57 -58.12 -2.65
N HIS I 50 37.05 -59.05 -3.46
CA HIS I 50 35.68 -59.60 -3.31
C HIS I 50 35.72 -60.89 -2.47
N LYS I 51 34.56 -61.25 -1.92
CA LYS I 51 34.34 -62.53 -1.20
C LYS I 51 33.08 -63.18 -1.77
N ASP I 52 33.24 -64.27 -2.50
CA ASP I 52 32.11 -65.15 -2.92
C ASP I 52 31.75 -66.04 -1.72
N LEU I 53 30.47 -66.07 -1.32
CA LEU I 53 30.02 -66.84 -0.13
C LEU I 53 29.71 -68.30 -0.53
N GLY I 54 29.45 -68.57 -1.80
CA GLY I 54 28.88 -69.86 -2.22
C GLY I 54 27.59 -70.08 -1.45
N ASN I 55 27.35 -71.29 -0.96
CA ASN I 55 26.06 -71.68 -0.31
C ASN I 55 26.02 -71.13 1.14
N CYS I 56 26.97 -70.30 1.56
CA CYS I 56 26.87 -69.47 2.80
C CYS I 56 25.98 -68.24 2.56
N HIS I 57 24.98 -68.05 3.41
CA HIS I 57 24.08 -66.87 3.41
C HIS I 57 24.67 -65.84 4.37
N PRO I 58 24.65 -64.54 4.03
CA PRO I 58 25.30 -63.51 4.86
C PRO I 58 25.04 -63.63 6.36
N ILE I 59 23.78 -63.84 6.75
CA ILE I 59 23.37 -63.96 8.18
C ILE I 59 24.24 -65.04 8.84
N GLY I 60 24.33 -66.21 8.22
CA GLY I 60 25.11 -67.37 8.69
C GLY I 60 26.50 -66.97 9.16
N MET I 61 27.11 -65.95 8.53
CA MET I 61 28.47 -65.46 8.87
C MET I 61 28.52 -65.00 10.33
N LEU I 62 27.46 -64.35 10.83
CA LEU I 62 27.45 -63.70 12.17
C LEU I 62 27.16 -64.73 13.27
N ILE I 63 26.50 -65.83 12.91
CA ILE I 63 26.12 -66.91 13.87
C ILE I 63 27.05 -68.12 13.68
N GLY I 64 27.61 -68.31 12.49
CA GLY I 64 28.65 -69.33 12.20
C GLY I 64 28.08 -70.69 11.84
N THR I 65 27.11 -70.73 10.93
CA THR I 65 26.59 -71.95 10.27
C THR I 65 27.74 -72.77 9.71
N PRO I 66 27.63 -74.11 9.60
CA PRO I 66 28.73 -74.93 9.09
C PRO I 66 29.29 -74.36 7.78
N ALA I 67 28.43 -74.11 6.79
CA ALA I 67 28.81 -73.58 5.46
C ALA I 67 29.71 -72.34 5.62
N CYS I 68 29.31 -71.40 6.47
CA CYS I 68 29.94 -70.04 6.54
C CYS I 68 31.28 -70.09 7.28
N ASP I 69 31.70 -71.28 7.77
CA ASP I 69 32.91 -71.47 8.60
C ASP I 69 34.10 -70.67 8.02
N LEU I 70 34.23 -70.64 6.69
CA LEU I 70 35.38 -69.97 6.00
C LEU I 70 35.17 -68.46 5.99
N HIS I 71 33.96 -67.97 6.29
CA HIS I 71 33.53 -66.55 6.11
C HIS I 71 33.12 -65.95 7.46
N LEU I 72 33.64 -66.45 8.58
CA LEU I 72 33.26 -65.93 9.92
C LEU I 72 33.72 -64.47 10.05
N THR I 73 34.95 -64.14 9.65
CA THR I 73 35.45 -62.73 9.59
C THR I 73 36.12 -62.46 8.23
N GLY I 74 36.66 -61.25 8.06
CA GLY I 74 37.39 -60.81 6.87
C GLY I 74 37.04 -59.37 6.50
N THR I 75 37.78 -58.82 5.55
CA THR I 75 37.56 -57.48 4.94
C THR I 75 37.51 -57.68 3.43
N TRP I 76 36.61 -56.95 2.76
CA TRP I 76 36.38 -57.00 1.29
C TRP I 76 35.84 -55.64 0.81
N ASP I 77 35.41 -55.58 -0.46
CA ASP I 77 34.74 -54.40 -1.05
C ASP I 77 33.49 -54.88 -1.78
N THR I 78 33.35 -56.18 -2.00
CA THR I 78 32.22 -56.80 -2.76
C THR I 78 31.79 -58.14 -2.15
N LEU I 79 30.54 -58.20 -1.68
CA LEU I 79 29.92 -59.41 -1.11
C LEU I 79 29.01 -60.03 -2.16
N ILE I 80 29.06 -61.36 -2.32
CA ILE I 80 28.33 -62.09 -3.38
C ILE I 80 27.48 -63.20 -2.74
N GLU I 81 26.21 -62.92 -2.49
CA GLU I 81 25.23 -63.89 -1.96
C GLU I 81 24.84 -64.81 -3.12
N ARG I 82 24.38 -66.04 -2.83
CA ARG I 82 23.96 -67.03 -3.86
C ARG I 82 22.56 -67.53 -3.55
N LYS I 83 21.99 -68.32 -4.46
CA LYS I 83 20.60 -68.84 -4.35
C LYS I 83 20.55 -69.98 -3.33
N ASN I 84 19.45 -70.09 -2.58
CA ASN I 84 19.21 -71.13 -1.56
C ASN I 84 20.35 -71.16 -0.53
N ALA I 85 21.17 -70.10 -0.43
CA ALA I 85 22.32 -70.00 0.49
C ALA I 85 21.83 -70.37 1.90
N ILE I 86 22.62 -71.16 2.64
CA ILE I 86 22.25 -71.76 3.96
C ILE I 86 22.73 -70.81 5.06
N ALA I 87 21.79 -70.35 5.90
CA ALA I 87 22.03 -69.47 7.06
C ALA I 87 21.67 -70.21 8.36
N TYR I 88 20.92 -71.30 8.27
CA TYR I 88 20.34 -72.00 9.43
C TYR I 88 20.49 -73.51 9.28
N CYS I 89 21.55 -74.08 9.86
CA CYS I 89 21.73 -75.55 9.95
C CYS I 89 20.55 -76.12 10.75
N TYR I 90 20.34 -75.61 11.96
CA TYR I 90 19.21 -75.99 12.86
C TYR I 90 18.00 -75.15 12.48
N PRO I 91 16.81 -75.78 12.28
CA PRO I 91 15.64 -75.05 11.80
C PRO I 91 15.34 -73.80 12.64
N GLY I 92 14.63 -72.86 12.03
CA GLY I 92 14.35 -71.53 12.60
C GLY I 92 14.55 -70.45 11.56
N ALA I 93 14.24 -69.20 11.91
CA ALA I 93 14.55 -68.00 11.11
C ALA I 93 14.89 -66.84 12.07
N THR I 94 15.64 -65.87 11.58
CA THR I 94 16.00 -64.63 12.31
C THR I 94 14.82 -63.67 12.29
N VAL I 95 14.43 -63.11 13.44
CA VAL I 95 13.40 -62.04 13.52
C VAL I 95 14.02 -60.76 12.94
N ASN I 96 13.29 -60.11 12.03
CA ASN I 96 13.74 -58.92 11.27
C ASN I 96 14.85 -59.37 10.30
N GLU I 97 14.66 -60.50 9.62
CA GLU I 97 15.69 -61.22 8.83
C GLU I 97 16.21 -60.31 7.70
N GLU I 98 15.32 -59.80 6.86
CA GLU I 98 15.70 -59.08 5.63
C GLU I 98 16.62 -57.92 6.00
N ALA I 99 16.19 -57.10 6.95
CA ALA I 99 16.95 -55.92 7.43
C ALA I 99 18.42 -56.32 7.66
N LEU I 100 18.64 -57.46 8.34
CA LEU I 100 20.00 -57.95 8.71
C LEU I 100 20.83 -58.17 7.45
N ARG I 101 20.35 -59.04 6.55
CA ARG I 101 21.05 -59.36 5.28
C ARG I 101 21.51 -58.04 4.64
N GLN I 102 20.55 -57.12 4.42
CA GLN I 102 20.78 -55.83 3.72
C GLN I 102 21.93 -55.09 4.44
N LYS I 103 21.98 -55.15 5.77
CA LYS I 103 22.99 -54.43 6.59
C LYS I 103 24.36 -55.09 6.38
N ILE I 104 24.35 -56.43 6.35
CA ILE I 104 25.57 -57.26 6.11
C ILE I 104 26.07 -57.01 4.68
N MET I 105 25.15 -56.99 3.71
CA MET I 105 25.53 -56.86 2.27
C MET I 105 26.05 -55.45 1.99
N GLU I 106 25.50 -54.43 2.69
CA GLU I 106 25.95 -53.00 2.63
C GLU I 106 27.35 -52.88 3.25
N SER I 107 27.68 -53.75 4.21
CA SER I 107 28.95 -53.73 4.96
C SER I 107 30.12 -54.19 4.09
N GLY I 108 31.31 -53.67 4.39
CA GLY I 108 32.55 -53.98 3.66
C GLY I 108 33.38 -55.03 4.34
N GLY I 109 33.00 -55.54 5.50
CA GLY I 109 33.83 -56.51 6.24
C GLY I 109 33.20 -56.87 7.58
N ILE I 110 33.74 -57.89 8.25
CA ILE I 110 33.25 -58.36 9.59
C ILE I 110 34.44 -58.59 10.52
N SER I 111 34.43 -57.91 11.67
CA SER I 111 35.24 -58.24 12.88
C SER I 111 34.38 -59.11 13.79
N LYS I 112 35.01 -60.00 14.55
CA LYS I 112 34.36 -60.75 15.65
C LYS I 112 35.10 -60.40 16.94
N ILE I 113 34.34 -60.03 17.98
CA ILE I 113 34.86 -59.81 19.36
C ILE I 113 34.16 -60.84 20.25
N ASN I 114 34.91 -61.36 21.24
CA ASN I 114 34.44 -62.41 22.17
C ASN I 114 33.60 -61.75 23.26
N THR I 115 32.48 -62.38 23.63
CA THR I 115 31.58 -61.93 24.72
C THR I 115 32.30 -62.11 26.06
N GLY I 116 33.06 -63.20 26.19
CA GLY I 116 33.78 -63.60 27.41
C GLY I 116 32.92 -64.44 28.32
N PHE I 117 31.60 -64.48 28.07
CA PHE I 117 30.56 -65.10 28.94
C PHE I 117 31.01 -66.49 29.41
N THR I 118 30.98 -66.70 30.73
CA THR I 118 31.25 -68.01 31.38
C THR I 118 30.07 -68.30 32.32
N TYR I 119 29.85 -69.59 32.61
CA TYR I 119 28.65 -70.11 33.33
C TYR I 119 29.11 -71.18 34.34
N GLY I 120 28.47 -71.24 35.52
CA GLY I 120 28.68 -72.30 36.52
C GLY I 120 28.36 -73.67 35.94
N SER I 121 29.02 -74.73 36.43
CA SER I 121 29.05 -76.06 35.76
C SER I 121 27.77 -76.88 36.05
N SER I 122 26.74 -76.26 36.64
CA SER I 122 25.33 -76.74 36.60
C SER I 122 24.76 -76.60 35.19
N ILE I 123 25.46 -75.84 34.32
CA ILE I 123 25.11 -75.50 32.90
C ILE I 123 26.09 -76.19 31.94
N ASN I 124 25.58 -76.68 30.80
CA ASN I 124 26.33 -77.35 29.71
C ASN I 124 26.31 -76.47 28.47
N SER I 125 27.38 -75.69 28.26
CA SER I 125 27.54 -74.68 27.18
C SER I 125 28.18 -75.33 25.94
N ALA I 126 28.53 -76.61 26.02
CA ALA I 126 29.11 -77.40 24.91
C ALA I 126 28.00 -78.10 24.13
N GLY I 127 26.73 -77.68 24.27
CA GLY I 127 25.55 -78.38 23.74
C GLY I 127 25.49 -78.36 22.22
N THR I 128 25.66 -79.52 21.57
CA THR I 128 25.74 -79.65 20.09
C THR I 128 24.46 -80.30 19.54
N THR I 129 24.36 -80.49 18.23
CA THR I 129 23.18 -81.08 17.54
C THR I 129 23.60 -81.77 16.24
N LYS I 130 22.72 -82.63 15.73
CA LYS I 130 22.90 -83.37 14.46
C LYS I 130 22.70 -82.40 13.29
N ALA I 131 21.84 -81.39 13.46
CA ALA I 131 21.44 -80.43 12.40
C ALA I 131 22.67 -79.69 11.84
N CYS I 132 23.63 -79.32 12.71
CA CYS I 132 24.87 -78.57 12.34
C CYS I 132 26.09 -79.49 12.42
N MET I 133 26.29 -80.35 11.42
CA MET I 133 27.40 -81.34 11.38
C MET I 133 28.72 -80.62 11.10
N ARG I 134 29.82 -81.09 11.71
CA ARG I 134 31.19 -80.54 11.53
C ARG I 134 32.20 -81.64 11.82
N ASN I 135 33.03 -82.00 10.83
CA ASN I 135 34.03 -83.10 10.89
C ASN I 135 33.32 -84.41 11.28
N GLY I 136 32.23 -84.73 10.57
CA GLY I 136 31.41 -85.95 10.76
C GLY I 136 31.02 -86.19 12.20
N GLY I 137 30.83 -85.11 12.96
CA GLY I 137 30.35 -85.13 14.37
C GLY I 137 29.37 -84.00 14.62
N ASN I 138 28.41 -84.18 15.52
CA ASN I 138 27.48 -83.12 16.01
C ASN I 138 28.27 -81.88 16.42
N SER I 139 27.74 -80.70 16.06
CA SER I 139 28.33 -79.37 16.37
C SER I 139 27.22 -78.32 16.37
N PHE I 140 27.58 -77.05 16.52
CA PHE I 140 26.64 -75.91 16.65
C PHE I 140 27.23 -74.68 15.98
N TYR I 141 26.41 -73.64 15.87
CA TYR I 141 26.78 -72.27 15.40
C TYR I 141 28.01 -71.81 16.19
N ALA I 142 29.12 -71.57 15.48
CA ALA I 142 30.46 -71.28 16.06
C ALA I 142 30.41 -70.05 16.98
N GLU I 143 29.52 -69.09 16.68
CA GLU I 143 29.47 -67.78 17.38
C GLU I 143 28.40 -67.80 18.47
N LEU I 144 27.76 -68.95 18.68
CA LEU I 144 26.75 -69.13 19.75
C LEU I 144 27.07 -70.39 20.56
N LYS I 145 26.55 -70.44 21.80
CA LYS I 145 26.65 -71.60 22.71
C LYS I 145 25.23 -72.10 23.00
N TRP I 146 25.01 -73.42 22.96
CA TRP I 146 23.74 -74.03 23.43
C TRP I 146 23.85 -74.27 24.93
N LEU I 147 23.10 -73.49 25.72
CA LEU I 147 23.02 -73.56 27.20
C LEU I 147 21.86 -74.47 27.60
N VAL I 148 22.20 -75.66 28.12
CA VAL I 148 21.29 -76.67 28.73
C VAL I 148 21.84 -77.06 30.10
N SER I 149 21.01 -77.58 31.00
CA SER I 149 21.42 -78.04 32.35
C SER I 149 22.26 -79.32 32.22
N LYS I 150 23.17 -79.54 33.16
CA LYS I 150 24.17 -80.65 33.14
C LYS I 150 23.44 -81.97 33.40
N ASN I 151 22.56 -82.02 34.40
CA ASN I 151 21.82 -83.25 34.81
C ASN I 151 20.43 -83.22 34.15
N LYS I 152 20.14 -84.19 33.28
CA LYS I 152 18.87 -84.30 32.48
C LYS I 152 17.67 -84.18 33.42
N GLY I 153 16.86 -83.13 33.28
CA GLY I 153 15.65 -82.93 34.10
C GLY I 153 15.84 -81.89 35.19
N GLN I 154 17.09 -81.65 35.63
CA GLN I 154 17.45 -80.60 36.62
C GLN I 154 17.02 -79.23 36.06
N ASN I 155 16.44 -78.36 36.90
CA ASN I 155 16.07 -76.98 36.48
C ASN I 155 17.33 -76.17 36.17
N PHE I 156 17.31 -75.41 35.07
CA PHE I 156 18.45 -74.60 34.58
C PHE I 156 18.66 -73.44 35.54
N PRO I 157 19.91 -73.22 36.03
CA PRO I 157 20.19 -72.15 36.98
C PRO I 157 19.99 -70.76 36.40
N GLN I 158 19.35 -69.88 37.17
CA GLN I 158 19.27 -68.42 36.91
C GLN I 158 20.69 -67.87 36.68
N THR I 159 20.96 -67.33 35.50
CA THR I 159 22.28 -66.74 35.14
C THR I 159 22.07 -65.34 34.58
N THR I 160 23.09 -64.49 34.72
CA THR I 160 23.17 -63.11 34.17
C THR I 160 24.54 -62.93 33.50
N ASN I 161 24.54 -62.83 32.17
CA ASN I 161 25.71 -62.56 31.30
C ASN I 161 25.54 -61.18 30.64
N THR I 162 26.59 -60.35 30.63
CA THR I 162 26.54 -58.94 30.19
C THR I 162 27.78 -58.62 29.34
N TYR I 163 27.57 -58.22 28.08
CA TYR I 163 28.65 -57.81 27.15
C TYR I 163 28.78 -56.28 27.16
N ARG I 164 30.02 -55.81 27.22
CA ARG I 164 30.41 -54.38 27.15
C ARG I 164 31.11 -54.12 25.81
N ASN I 165 30.67 -53.09 25.07
CA ASN I 165 31.29 -52.66 23.80
C ASN I 165 32.60 -51.93 24.12
N ALA I 166 33.73 -52.63 24.02
CA ALA I 166 35.10 -52.14 24.30
C ALA I 166 35.56 -51.17 23.21
N ASP I 167 35.21 -51.51 21.98
CA ASP I 167 35.53 -50.80 20.71
C ASP I 167 34.81 -49.45 20.72
N THR I 168 35.18 -48.57 19.76
CA THR I 168 34.69 -47.17 19.66
C THR I 168 33.65 -47.04 18.54
N ALA I 169 33.35 -48.13 17.83
CA ALA I 169 32.27 -48.22 16.81
C ALA I 169 31.30 -49.32 17.26
N GLU I 170 30.02 -49.19 16.91
CA GLU I 170 28.92 -50.09 17.36
C GLU I 170 29.17 -51.52 16.89
N HIS I 171 28.79 -52.49 17.73
CA HIS I 171 28.90 -53.95 17.45
C HIS I 171 27.49 -54.52 17.23
N LEU I 172 27.41 -55.68 16.56
CA LEU I 172 26.14 -56.36 16.26
C LEU I 172 26.10 -57.67 17.04
N ILE I 173 25.34 -57.66 18.14
CA ILE I 173 25.19 -58.84 19.02
C ILE I 173 23.99 -59.66 18.52
N MET I 174 24.21 -60.94 18.31
CA MET I 174 23.16 -61.88 17.86
C MET I 174 23.00 -62.93 18.93
N TRP I 175 21.77 -63.40 19.15
CA TRP I 175 21.46 -64.54 20.03
C TRP I 175 20.26 -65.33 19.51
N GLY I 176 19.95 -66.45 20.17
CA GLY I 176 18.87 -67.37 19.78
C GLY I 176 18.03 -67.80 20.98
N ILE I 177 16.75 -68.06 20.71
CA ILE I 177 15.77 -68.68 21.67
C ILE I 177 15.46 -70.08 21.14
N HIS I 178 15.41 -71.09 22.03
CA HIS I 178 15.10 -72.49 21.67
C HIS I 178 13.64 -72.78 22.04
N HIS I 179 12.88 -73.34 21.09
CA HIS I 179 11.48 -73.75 21.30
C HIS I 179 11.42 -75.27 21.28
N PRO I 180 11.02 -75.92 22.39
CA PRO I 180 11.01 -77.38 22.45
C PRO I 180 9.80 -77.98 21.71
N SER I 181 10.03 -79.09 21.02
CA SER I 181 8.98 -79.90 20.35
C SER I 181 7.85 -80.21 21.35
N SER I 182 8.19 -80.81 22.50
CA SER I 182 7.24 -81.17 23.59
C SER I 182 7.87 -80.86 24.97
N THR I 183 7.05 -80.88 26.03
CA THR I 183 7.48 -80.53 27.42
C THR I 183 8.48 -81.58 27.94
N GLN I 184 8.45 -82.81 27.39
CA GLN I 184 9.45 -83.89 27.68
C GLN I 184 10.86 -83.38 27.37
N GLU I 185 11.05 -82.84 26.15
CA GLU I 185 12.32 -82.22 25.67
C GLU I 185 12.64 -81.00 26.54
N LYS I 186 11.63 -80.15 26.80
CA LYS I 186 11.73 -78.87 27.55
C LYS I 186 12.32 -79.14 28.94
N ASN I 187 11.77 -80.13 29.65
CA ASN I 187 12.10 -80.45 31.06
C ASN I 187 13.45 -81.20 31.12
N ASP I 188 13.77 -81.98 30.07
CA ASP I 188 15.02 -82.79 30.00
C ASP I 188 16.26 -81.88 29.93
N LEU I 189 16.09 -80.61 29.51
CA LEU I 189 17.22 -79.67 29.27
C LEU I 189 17.17 -78.49 30.25
N TYR I 190 15.98 -77.92 30.49
CA TYR I 190 15.79 -76.66 31.27
C TYR I 190 14.95 -76.88 32.54
N GLY I 191 14.25 -78.02 32.62
CA GLY I 191 13.41 -78.35 33.78
C GLY I 191 11.94 -78.11 33.49
N THR I 192 11.12 -78.10 34.55
CA THR I 192 9.64 -78.12 34.53
C THR I 192 9.14 -76.67 34.69
N GLN I 193 9.76 -75.91 35.59
CA GLN I 193 9.41 -74.50 35.90
C GLN I 193 9.51 -73.70 34.61
N SER I 194 8.59 -72.73 34.40
CA SER I 194 8.54 -71.90 33.19
C SER I 194 9.76 -70.96 33.18
N LEU I 195 10.31 -70.72 31.98
CA LEU I 195 11.57 -69.96 31.77
C LEU I 195 11.23 -68.61 31.11
N SER I 196 11.92 -67.54 31.51
CA SER I 196 11.76 -66.17 30.98
C SER I 196 13.17 -65.61 30.70
N ILE I 197 13.36 -65.08 29.49
CA ILE I 197 14.67 -64.58 29.00
C ILE I 197 14.55 -63.07 28.72
N SER I 198 15.22 -62.25 29.54
CA SER I 198 15.19 -60.77 29.44
C SER I 198 16.54 -60.29 28.90
N VAL I 199 16.50 -59.48 27.85
CA VAL I 199 17.70 -58.84 27.25
C VAL I 199 17.53 -57.33 27.35
N GLY I 200 18.59 -56.63 27.76
CA GLY I 200 18.54 -55.19 28.05
C GLY I 200 19.83 -54.49 27.64
N SER I 201 19.70 -53.31 27.04
CA SER I 201 20.80 -52.37 26.73
C SER I 201 20.27 -50.95 26.97
N SER I 202 21.10 -49.93 26.76
CA SER I 202 20.67 -48.52 26.88
C SER I 202 19.61 -48.21 25.81
N THR I 203 19.61 -48.93 24.67
CA THR I 203 18.72 -48.66 23.52
C THR I 203 17.79 -49.86 23.22
N TYR I 204 17.89 -50.96 23.96
CA TYR I 204 17.11 -52.21 23.69
C TYR I 204 16.51 -52.77 24.98
N LYS I 205 15.24 -53.18 24.93
CA LYS I 205 14.52 -53.90 26.02
C LYS I 205 13.64 -54.97 25.35
N ASN I 206 13.66 -56.21 25.83
CA ASN I 206 12.88 -57.32 25.23
C ASN I 206 12.84 -58.54 26.16
N ASN I 207 11.67 -59.14 26.29
CA ASN I 207 11.43 -60.38 27.07
C ASN I 207 10.98 -61.49 26.11
N PHE I 208 11.55 -62.69 26.27
CA PHE I 208 11.32 -63.87 25.41
C PHE I 208 10.88 -65.07 26.26
N VAL I 209 9.67 -65.55 26.03
CA VAL I 209 9.11 -66.82 26.61
C VAL I 209 9.18 -67.90 25.53
N PRO I 210 10.09 -68.90 25.66
CA PRO I 210 10.11 -70.06 24.76
C PRO I 210 8.76 -70.78 24.76
N VAL I 211 8.30 -71.21 23.58
CA VAL I 211 6.96 -71.84 23.40
C VAL I 211 7.16 -73.32 23.05
N VAL I 212 6.48 -74.21 23.78
CA VAL I 212 6.52 -75.70 23.62
C VAL I 212 5.32 -76.11 22.76
N GLY I 213 5.41 -77.24 22.05
CA GLY I 213 4.37 -77.69 21.11
C GLY I 213 4.98 -77.96 19.75
N ALA I 214 4.55 -79.03 19.08
CA ALA I 214 5.19 -79.59 17.87
C ALA I 214 4.83 -78.72 16.65
N ARG I 215 5.82 -78.53 15.77
CA ARG I 215 5.66 -78.09 14.36
C ARG I 215 5.87 -79.32 13.49
N PRO I 216 5.68 -79.21 12.15
CA PRO I 216 6.19 -80.22 11.23
C PRO I 216 7.69 -80.50 11.42
N GLN I 217 8.13 -81.65 10.93
CA GLN I 217 9.53 -82.16 11.02
C GLN I 217 10.37 -81.46 9.94
N VAL I 218 11.59 -81.01 10.29
CA VAL I 218 12.61 -80.44 9.35
C VAL I 218 13.99 -80.96 9.79
N ASN I 219 14.57 -81.92 9.06
CA ASN I 219 15.86 -82.60 9.37
C ASN I 219 15.69 -83.50 10.61
N GLY I 220 14.51 -84.10 10.80
CA GLY I 220 14.21 -85.03 11.91
C GLY I 220 13.75 -84.31 13.18
N LEU I 221 13.62 -82.97 13.13
CA LEU I 221 13.41 -82.07 14.30
C LEU I 221 12.17 -81.20 14.09
N SER I 222 11.24 -81.18 15.05
CA SER I 222 10.05 -80.27 15.05
C SER I 222 10.27 -79.09 16.00
N SER I 223 11.43 -79.05 16.68
CA SER I 223 11.88 -77.93 17.55
C SER I 223 12.55 -76.86 16.70
N ARG I 224 12.51 -75.59 17.15
CA ARG I 224 13.01 -74.40 16.41
C ARG I 224 14.04 -73.64 17.25
N ILE I 225 15.09 -73.13 16.61
CA ILE I 225 16.01 -72.09 17.19
C ILE I 225 15.94 -70.85 16.31
N ASP I 226 15.00 -69.96 16.64
CA ASP I 226 14.86 -68.60 16.05
C ASP I 226 15.94 -67.72 16.69
N PHE I 227 16.42 -66.69 15.97
CA PHE I 227 17.46 -65.73 16.44
C PHE I 227 16.88 -64.32 16.41
N HIS I 228 17.35 -63.45 17.31
CA HIS I 228 17.09 -61.99 17.29
C HIS I 228 18.45 -61.28 17.32
N TRP I 229 18.44 -59.96 17.22
CA TRP I 229 19.68 -59.15 17.10
C TRP I 229 19.40 -57.70 17.45
N THR I 230 20.47 -56.95 17.67
CA THR I 230 20.44 -55.49 17.93
C THR I 230 21.87 -54.96 17.83
N LEU I 231 21.99 -53.66 17.61
CA LEU I 231 23.28 -52.94 17.65
C LEU I 231 23.52 -52.49 19.09
N VAL I 232 24.71 -52.76 19.63
CA VAL I 232 25.10 -52.32 21.00
C VAL I 232 26.07 -51.15 20.84
N GLN I 233 25.73 -49.99 21.39
CA GLN I 233 26.47 -48.72 21.14
C GLN I 233 27.81 -48.73 21.87
N PRO I 234 28.83 -48.01 21.37
CA PRO I 234 30.14 -47.98 21.99
C PRO I 234 30.08 -47.53 23.46
N GLY I 235 30.95 -48.12 24.31
CA GLY I 235 30.94 -47.93 25.77
C GLY I 235 29.55 -48.17 26.35
N ASP I 236 28.95 -49.33 26.05
CA ASP I 236 27.60 -49.70 26.53
C ASP I 236 27.58 -51.20 26.86
N LYS I 237 26.62 -51.61 27.69
CA LYS I 237 26.45 -53.00 28.15
C LYS I 237 25.12 -53.53 27.61
N ILE I 238 25.11 -54.81 27.27
CA ILE I 238 23.87 -55.59 27.00
C ILE I 238 23.85 -56.76 27.98
N THR I 239 22.76 -56.87 28.76
CA THR I 239 22.60 -57.83 29.89
C THR I 239 21.61 -58.93 29.47
N PHE I 240 21.99 -60.19 29.69
CA PHE I 240 21.18 -61.40 29.35
C PHE I 240 20.71 -62.07 30.64
N SER I 241 19.45 -61.83 31.00
CA SER I 241 18.71 -62.51 32.09
C SER I 241 18.01 -63.74 31.49
N HIS I 242 18.31 -64.95 31.96
CA HIS I 242 17.71 -66.20 31.43
C HIS I 242 17.60 -67.29 32.50
N ASN I 243 16.45 -68.01 32.50
CA ASN I 243 16.17 -69.20 33.34
C ASN I 243 16.51 -70.48 32.56
N GLY I 244 17.00 -70.33 31.33
CA GLY I 244 17.35 -71.44 30.41
C GLY I 244 16.59 -71.33 29.10
N GLY I 245 17.11 -71.98 28.04
CA GLY I 245 16.51 -71.94 26.70
C GLY I 245 16.99 -70.73 25.94
N LEU I 246 18.08 -70.11 26.41
CA LEU I 246 18.77 -69.00 25.71
C LEU I 246 20.01 -69.59 25.03
N ILE I 247 20.06 -69.50 23.69
CA ILE I 247 21.29 -69.78 22.88
C ILE I 247 22.11 -68.49 22.89
N ALA I 248 23.18 -68.47 23.67
CA ALA I 248 23.93 -67.24 24.01
C ALA I 248 25.05 -67.04 23.00
N PRO I 249 25.39 -65.76 22.71
CA PRO I 249 26.57 -65.46 21.89
C PRO I 249 27.88 -65.76 22.63
N SER I 250 28.81 -66.46 21.98
CA SER I 250 30.25 -66.45 22.33
C SER I 250 30.93 -65.28 21.62
N ARG I 251 30.32 -64.78 20.54
CA ARG I 251 30.90 -63.71 19.69
C ARG I 251 29.83 -62.69 19.22
N VAL I 252 30.16 -61.42 19.46
CA VAL I 252 29.53 -60.25 18.79
C VAL I 252 30.23 -60.05 17.45
N SER I 253 29.47 -59.63 16.43
CA SER I 253 29.98 -59.25 15.09
C SER I 253 30.08 -57.72 15.01
N LYS I 254 31.09 -57.18 14.33
CA LYS I 254 31.20 -55.73 13.98
C LYS I 254 31.37 -55.57 12.47
N LEU I 255 30.46 -54.84 11.81
CA LEU I 255 30.48 -54.60 10.35
C LEU I 255 31.49 -53.50 10.02
N ILE I 256 32.50 -53.82 9.20
CA ILE I 256 33.65 -52.89 8.90
C ILE I 256 33.32 -52.14 7.60
N GLY I 257 33.39 -50.80 7.65
CA GLY I 257 33.18 -49.91 6.50
C GLY I 257 31.92 -50.24 5.73
N ARG I 258 31.97 -50.13 4.41
CA ARG I 258 30.85 -50.42 3.49
C ARG I 258 31.42 -51.12 2.26
N GLY I 259 30.57 -51.90 1.56
CA GLY I 259 30.93 -52.68 0.37
C GLY I 259 29.72 -52.95 -0.51
N LEU I 260 29.96 -53.37 -1.75
CA LEU I 260 28.89 -53.58 -2.75
C LEU I 260 28.38 -55.01 -2.61
N GLY I 261 27.07 -55.18 -2.42
CA GLY I 261 26.40 -56.48 -2.33
C GLY I 261 25.76 -56.88 -3.65
N ILE I 262 26.27 -57.95 -4.27
CA ILE I 262 25.72 -58.54 -5.53
C ILE I 262 24.98 -59.85 -5.22
N GLN I 263 23.66 -59.86 -5.39
CA GLN I 263 22.87 -61.12 -5.38
C GLN I 263 22.88 -61.67 -6.80
N SER I 264 23.64 -62.74 -7.09
CA SER I 264 23.87 -63.29 -8.46
C SER I 264 23.86 -64.82 -8.46
N GLU I 265 23.71 -65.43 -9.64
CA GLU I 265 23.83 -66.90 -9.86
C GLU I 265 25.02 -67.21 -10.78
N ALA I 266 25.70 -66.17 -11.26
CA ALA I 266 26.79 -66.26 -12.27
C ALA I 266 28.13 -66.57 -11.60
N PRO I 267 29.07 -67.26 -12.29
CA PRO I 267 30.41 -67.50 -11.74
C PRO I 267 31.31 -66.26 -11.77
N ILE I 268 32.38 -66.29 -10.96
CA ILE I 268 33.39 -65.18 -10.87
C ILE I 268 34.29 -65.24 -12.10
N ASP I 269 35.00 -64.13 -12.37
CA ASP I 269 36.09 -64.00 -13.37
C ASP I 269 36.97 -62.81 -12.92
N ASN I 270 38.26 -63.04 -12.65
CA ASN I 270 39.17 -61.99 -12.12
C ASN I 270 39.99 -61.37 -13.28
N SER I 271 39.86 -61.93 -14.50
CA SER I 271 40.39 -61.33 -15.75
C SER I 271 39.55 -60.09 -16.12
N CYS I 272 38.23 -60.19 -15.87
CA CYS I 272 37.15 -59.25 -16.25
C CYS I 272 36.92 -58.19 -15.15
N GLU I 273 36.70 -56.92 -15.54
CA GLU I 273 36.42 -55.77 -14.64
C GLU I 273 35.04 -55.18 -14.97
N SER I 274 34.35 -54.59 -13.99
CA SER I 274 33.01 -53.95 -14.16
C SER I 274 32.68 -53.07 -12.95
N LYS I 275 31.66 -52.22 -13.09
CA LYS I 275 31.08 -51.34 -12.02
C LYS I 275 29.59 -51.62 -11.88
N CYS I 276 29.05 -52.48 -12.74
CA CYS I 276 27.60 -52.79 -12.85
C CYS I 276 27.41 -54.29 -12.78
N PHE I 277 26.40 -54.75 -12.04
CA PHE I 277 26.06 -56.19 -11.89
C PHE I 277 24.54 -56.36 -11.72
N TRP I 278 24.03 -57.54 -12.09
CA TRP I 278 22.62 -57.98 -11.90
C TRP I 278 22.61 -59.51 -11.76
N ARG I 279 21.43 -60.12 -11.60
CA ARG I 279 21.32 -61.59 -11.43
C ARG I 279 22.17 -62.31 -12.48
N GLY I 280 22.01 -61.90 -13.75
CA GLY I 280 22.57 -62.56 -14.95
C GLY I 280 24.05 -62.23 -15.20
N GLY I 281 24.64 -61.32 -14.41
CA GLY I 281 26.10 -61.11 -14.36
C GLY I 281 26.50 -59.65 -14.45
N SER I 282 27.57 -59.38 -15.20
CA SER I 282 28.18 -58.03 -15.34
C SER I 282 27.59 -57.29 -16.55
N ILE I 283 27.73 -55.96 -16.55
CA ILE I 283 27.34 -55.03 -17.65
C ILE I 283 28.47 -54.02 -17.79
N ASN I 284 29.13 -53.99 -18.94
CA ASN I 284 30.38 -53.22 -19.14
C ASN I 284 30.20 -52.06 -20.13
N THR I 285 29.05 -51.96 -20.81
CA THR I 285 28.86 -51.00 -21.93
C THR I 285 29.14 -49.57 -21.47
N ARG I 286 29.95 -48.89 -22.28
CA ARG I 286 30.15 -47.43 -22.21
C ARG I 286 28.78 -46.78 -22.47
N LEU I 287 27.85 -47.51 -23.11
CA LEU I 287 26.48 -47.04 -23.48
C LEU I 287 25.77 -46.45 -22.28
N PRO I 288 24.81 -45.51 -22.50
CA PRO I 288 24.14 -44.79 -21.43
C PRO I 288 22.83 -45.40 -20.91
N PHE I 289 22.35 -46.46 -21.57
CA PHE I 289 21.09 -47.17 -21.26
C PHE I 289 21.27 -48.69 -21.40
N GLN I 290 20.24 -49.45 -21.00
CA GLN I 290 20.23 -50.93 -21.07
C GLN I 290 18.80 -51.40 -20.83
N ASN I 291 18.44 -52.57 -21.38
CA ASN I 291 17.08 -53.17 -21.29
C ASN I 291 17.19 -54.60 -20.75
N LEU I 292 18.28 -54.90 -20.03
CA LEU I 292 18.57 -56.25 -19.46
C LEU I 292 17.70 -56.53 -18.24
N SER I 293 17.70 -55.62 -17.27
CA SER I 293 16.96 -55.78 -15.99
C SER I 293 16.95 -54.44 -15.26
N PRO I 294 15.81 -54.08 -14.64
CA PRO I 294 15.73 -52.90 -13.77
C PRO I 294 16.36 -53.12 -12.38
N ARG I 295 16.80 -54.34 -12.09
CA ARG I 295 17.53 -54.69 -10.85
C ARG I 295 19.02 -54.77 -11.20
N THR I 296 19.71 -53.63 -11.11
CA THR I 296 21.17 -53.46 -11.27
C THR I 296 21.75 -52.94 -9.97
N VAL I 297 23.08 -52.97 -9.83
CA VAL I 297 23.81 -52.44 -8.64
C VAL I 297 25.18 -51.90 -9.07
N GLY I 298 25.59 -50.77 -8.49
CA GLY I 298 26.84 -50.05 -8.80
C GLY I 298 26.58 -48.89 -9.73
N GLN I 299 27.61 -48.42 -10.44
CA GLN I 299 27.46 -47.34 -11.44
C GLN I 299 26.92 -47.99 -12.72
N CYS I 300 25.68 -47.67 -13.11
CA CYS I 300 24.93 -48.45 -14.13
C CYS I 300 24.20 -47.57 -15.14
N PRO I 301 24.13 -48.02 -16.42
CA PRO I 301 23.22 -47.46 -17.40
C PRO I 301 21.77 -47.58 -16.93
N LYS I 302 20.95 -46.60 -17.29
CA LYS I 302 19.55 -46.50 -16.81
C LYS I 302 18.70 -47.53 -17.58
N TYR I 303 17.93 -48.36 -16.86
CA TYR I 303 17.04 -49.35 -17.50
C TYR I 303 15.94 -48.55 -18.22
N VAL I 304 15.66 -48.93 -19.47
CA VAL I 304 14.66 -48.25 -20.35
C VAL I 304 13.87 -49.35 -21.05
N ASN I 305 12.64 -49.03 -21.49
CA ASN I 305 11.71 -50.03 -22.06
C ASN I 305 11.85 -50.03 -23.59
N LYS I 306 13.04 -49.73 -24.07
CA LYS I 306 13.31 -49.70 -25.54
C LYS I 306 14.28 -50.83 -25.86
N LYS I 307 13.92 -51.65 -26.87
CA LYS I 307 14.82 -52.68 -27.47
C LYS I 307 16.08 -51.97 -27.99
N SER I 308 15.90 -50.89 -28.74
CA SER I 308 16.98 -50.13 -29.44
C SER I 308 16.60 -48.64 -29.59
N LEU I 309 17.55 -47.75 -29.28
CA LEU I 309 17.54 -46.32 -29.70
C LEU I 309 18.79 -46.04 -30.53
N MET I 310 18.60 -45.91 -31.84
CA MET I 310 19.68 -45.69 -32.84
C MET I 310 19.95 -44.19 -32.93
N LEU I 311 21.17 -43.80 -32.57
CA LEU I 311 21.66 -42.40 -32.61
C LEU I 311 22.46 -42.18 -33.89
N ALA I 312 22.02 -41.25 -34.72
CA ALA I 312 22.67 -40.86 -36.00
C ALA I 312 24.08 -40.37 -35.69
N THR I 313 25.06 -40.98 -36.34
CA THR I 313 26.49 -40.62 -36.32
C THR I 313 26.93 -40.17 -37.72
N GLY I 314 25.99 -39.60 -38.49
CA GLY I 314 26.21 -39.17 -39.89
C GLY I 314 25.00 -38.48 -40.51
N MET I 315 25.15 -38.04 -41.75
CA MET I 315 24.17 -37.15 -42.44
C MET I 315 23.01 -37.98 -43.01
N ARG I 316 22.03 -37.30 -43.60
CA ARG I 316 20.96 -37.97 -44.39
C ARG I 316 21.63 -38.76 -45.51
N ASN I 317 21.28 -40.03 -45.66
CA ASN I 317 21.78 -40.88 -46.77
C ASN I 317 20.80 -40.75 -47.94
N VAL I 318 21.25 -40.23 -49.09
CA VAL I 318 20.42 -40.28 -50.32
C VAL I 318 21.18 -41.04 -51.38
N PRO I 319 20.66 -42.20 -51.84
CA PRO I 319 21.27 -42.93 -52.97
C PRO I 319 20.79 -42.41 -54.34
N GLU I 320 21.29 -42.97 -55.44
CA GLU I 320 21.03 -42.55 -56.83
C GLU I 320 19.89 -43.37 -57.46
N GLY J 1 16.40 -30.26 -46.07
CA GLY J 1 16.31 -30.15 -44.58
C GLY J 1 15.95 -28.73 -44.17
N LEU J 2 16.46 -28.27 -43.05
CA LEU J 2 16.34 -26.86 -42.57
C LEU J 2 17.07 -25.92 -43.53
N PHE J 3 18.22 -26.36 -44.03
CA PHE J 3 19.14 -25.51 -44.84
C PHE J 3 18.89 -25.79 -46.32
N GLY J 4 18.16 -26.87 -46.63
CA GLY J 4 17.70 -27.17 -48.00
C GLY J 4 18.82 -27.67 -48.88
N ALA J 5 20.05 -27.68 -48.37
CA ALA J 5 21.26 -28.10 -49.11
C ALA J 5 21.17 -29.59 -49.36
N ILE J 6 21.04 -30.39 -48.29
CA ILE J 6 21.11 -31.88 -48.34
C ILE J 6 19.68 -32.41 -48.45
N ALA J 7 19.49 -33.42 -49.30
CA ALA J 7 18.15 -33.92 -49.67
C ALA J 7 17.26 -32.74 -50.08
N GLY J 8 17.86 -31.63 -50.51
CA GLY J 8 17.15 -30.41 -50.94
C GLY J 8 17.46 -30.09 -52.39
N PHE J 9 18.05 -28.92 -52.67
CA PHE J 9 18.42 -28.50 -54.06
C PHE J 9 19.53 -29.40 -54.59
N ILE J 10 20.33 -30.03 -53.74
CA ILE J 10 21.28 -31.09 -54.18
C ILE J 10 20.48 -32.39 -54.36
N GLU J 11 20.31 -32.77 -55.63
CA GLU J 11 19.52 -33.96 -56.09
C GLU J 11 19.79 -35.15 -55.16
N ASN J 12 21.06 -35.44 -54.88
CA ASN J 12 21.45 -36.65 -54.10
C ASN J 12 22.94 -36.63 -53.76
N GLY J 13 23.39 -37.66 -53.03
CA GLY J 13 24.78 -37.81 -52.56
C GLY J 13 25.55 -38.72 -53.49
N TRP J 14 26.86 -38.88 -53.23
CA TRP J 14 27.86 -39.41 -54.18
C TRP J 14 28.51 -40.68 -53.62
N GLU J 15 27.95 -41.86 -53.93
CA GLU J 15 28.40 -43.18 -53.41
C GLU J 15 29.88 -43.30 -53.73
N GLY J 16 30.28 -42.76 -54.89
CA GLY J 16 31.69 -42.69 -55.35
C GLY J 16 32.61 -41.98 -54.35
N MET J 17 32.11 -41.02 -53.56
CA MET J 17 32.98 -40.12 -52.76
C MET J 17 33.27 -40.75 -51.41
N VAL J 18 34.40 -41.45 -51.31
CA VAL J 18 34.75 -42.31 -50.14
C VAL J 18 35.96 -41.71 -49.41
N ASP J 19 36.37 -40.49 -49.77
CA ASP J 19 37.54 -39.80 -49.17
C ASP J 19 37.05 -38.64 -48.30
N GLY J 20 35.73 -38.56 -48.07
CA GLY J 20 35.11 -37.46 -47.28
C GLY J 20 33.59 -37.52 -47.30
N TRP J 21 32.96 -36.43 -46.84
CA TRP J 21 31.48 -36.25 -46.69
C TRP J 21 30.96 -35.23 -47.71
N TYR J 22 31.68 -34.11 -47.80
CA TYR J 22 31.40 -32.94 -48.66
C TYR J 22 32.53 -32.79 -49.69
N GLY J 23 32.20 -32.61 -50.96
CA GLY J 23 33.22 -32.51 -52.01
C GLY J 23 32.76 -31.73 -53.23
N PHE J 24 33.64 -31.70 -54.24
CA PHE J 24 33.44 -31.02 -55.53
C PHE J 24 33.48 -32.00 -56.69
N ARG J 25 32.86 -31.59 -57.80
CA ARG J 25 32.91 -32.25 -59.13
C ARG J 25 32.92 -31.17 -60.20
N HIS J 26 34.10 -30.90 -60.78
CA HIS J 26 34.30 -29.97 -61.91
C HIS J 26 34.23 -30.75 -63.23
N GLN J 27 33.70 -30.14 -64.29
CA GLN J 27 33.91 -30.57 -65.69
C GLN J 27 34.30 -29.32 -66.49
N ASN J 28 35.38 -29.41 -67.26
CA ASN J 28 36.00 -28.29 -67.98
C ASN J 28 36.56 -28.80 -69.30
N ALA J 29 37.33 -27.96 -70.00
CA ALA J 29 38.11 -28.32 -71.21
C ALA J 29 38.85 -29.65 -70.99
N GLN J 30 39.69 -29.72 -69.95
CA GLN J 30 40.47 -30.93 -69.54
C GLN J 30 39.52 -32.14 -69.44
N GLY J 31 38.37 -31.96 -68.78
CA GLY J 31 37.35 -33.00 -68.54
C GLY J 31 37.03 -33.13 -67.05
N THR J 32 36.29 -34.18 -66.67
CA THR J 32 35.72 -34.39 -65.32
C THR J 32 36.82 -34.74 -64.30
N GLY J 33 36.44 -34.79 -63.01
CA GLY J 33 37.35 -35.00 -61.87
C GLY J 33 36.66 -34.67 -60.55
N GLN J 34 36.83 -35.53 -59.54
CA GLN J 34 36.18 -35.44 -58.21
C GLN J 34 37.26 -35.21 -57.14
N ALA J 35 36.91 -34.58 -56.02
CA ALA J 35 37.81 -34.31 -54.86
C ALA J 35 36.98 -33.82 -53.67
N ALA J 36 37.26 -34.36 -52.49
CA ALA J 36 36.51 -34.09 -51.25
C ALA J 36 37.10 -32.84 -50.56
N ASP J 37 36.26 -32.09 -49.82
CA ASP J 37 36.67 -30.90 -49.03
C ASP J 37 36.81 -31.32 -47.57
N TYR J 38 38.03 -31.36 -47.06
CA TYR J 38 38.36 -31.92 -45.73
C TYR J 38 37.82 -30.97 -44.67
N LYS J 39 38.13 -29.68 -44.79
CA LYS J 39 37.88 -28.66 -43.74
C LYS J 39 36.40 -28.71 -43.31
N SER J 40 35.47 -28.89 -44.25
CA SER J 40 34.01 -28.99 -43.96
C SER J 40 33.66 -30.40 -43.46
N THR J 41 34.08 -31.43 -44.19
CA THR J 41 33.88 -32.86 -43.82
C THR J 41 34.32 -33.06 -42.36
N GLN J 42 35.43 -32.43 -41.94
CA GLN J 42 35.99 -32.58 -40.58
C GLN J 42 35.04 -31.91 -39.56
N ALA J 43 34.64 -30.66 -39.84
CA ALA J 43 33.78 -29.86 -38.96
C ALA J 43 32.53 -30.66 -38.52
N ALA J 44 31.91 -31.41 -39.43
CA ALA J 44 30.68 -32.19 -39.21
C ALA J 44 30.98 -33.39 -38.31
N ILE J 45 32.03 -34.14 -38.66
CA ILE J 45 32.58 -35.25 -37.84
C ILE J 45 32.92 -34.71 -36.44
N ASP J 46 33.87 -33.78 -36.32
CA ASP J 46 34.29 -33.19 -35.03
C ASP J 46 33.07 -32.92 -34.14
N GLN J 47 31.97 -32.43 -34.72
CA GLN J 47 30.71 -32.09 -34.00
C GLN J 47 30.02 -33.37 -33.52
N ILE J 48 29.90 -34.39 -34.38
CA ILE J 48 29.27 -35.68 -33.98
C ILE J 48 30.17 -36.38 -32.95
N THR J 49 31.49 -36.43 -33.20
CA THR J 49 32.48 -36.92 -32.20
C THR J 49 32.09 -36.37 -30.84
N GLY J 50 31.98 -35.05 -30.73
CA GLY J 50 31.66 -34.34 -29.47
C GLY J 50 30.34 -34.79 -28.87
N LYS J 51 29.32 -35.00 -29.71
CA LYS J 51 27.98 -35.52 -29.31
C LYS J 51 28.21 -36.85 -28.61
N LEU J 52 28.86 -37.79 -29.30
CA LEU J 52 29.16 -39.14 -28.76
C LEU J 52 29.87 -39.03 -27.40
N ASN J 53 30.90 -38.18 -27.29
CA ASN J 53 31.62 -37.94 -26.02
C ASN J 53 30.63 -37.59 -24.91
N ARG J 54 29.71 -36.65 -25.16
CA ARG J 54 28.67 -36.21 -24.19
C ARG J 54 27.72 -37.39 -23.87
N ILE J 55 27.20 -38.05 -24.91
CA ILE J 55 26.01 -38.94 -24.83
C ILE J 55 26.43 -40.34 -24.38
N ILE J 56 27.55 -40.88 -24.82
CA ILE J 56 27.96 -42.29 -24.51
C ILE J 56 28.63 -42.31 -23.12
N LYS J 57 27.81 -42.26 -22.08
CA LYS J 57 28.24 -41.98 -20.68
C LYS J 57 27.15 -42.49 -19.73
N LYS J 58 27.56 -43.23 -18.70
CA LYS J 58 26.70 -43.55 -17.54
C LYS J 58 27.21 -42.74 -16.37
N THR J 59 26.42 -42.63 -15.28
CA THR J 59 26.81 -41.84 -14.07
C THR J 59 27.91 -42.62 -13.32
N ASN J 60 28.48 -42.01 -12.29
CA ASN J 60 29.40 -42.71 -11.36
C ASN J 60 28.69 -42.77 -10.01
N THR J 61 27.37 -42.90 -10.02
CA THR J 61 26.51 -43.09 -8.82
C THR J 61 26.38 -44.60 -8.55
N GLU J 62 26.98 -45.07 -7.45
CA GLU J 62 26.87 -46.46 -6.94
C GLU J 62 25.46 -46.60 -6.35
N PHE J 63 24.63 -47.46 -6.94
CA PHE J 63 23.28 -47.79 -6.41
C PHE J 63 23.35 -49.15 -5.70
N GLU J 64 23.08 -49.16 -4.38
CA GLU J 64 22.90 -50.39 -3.58
C GLU J 64 21.55 -51.00 -3.99
N SER J 65 21.42 -52.32 -3.87
CA SER J 65 20.18 -53.08 -4.16
C SER J 65 19.14 -52.79 -3.08
N ILE J 66 17.92 -52.45 -3.47
CA ILE J 66 16.79 -52.32 -2.50
C ILE J 66 15.77 -53.43 -2.75
N GLU J 67 16.04 -54.32 -3.72
CA GLU J 67 15.19 -55.50 -4.03
C GLU J 67 16.03 -56.77 -3.90
N SER J 68 15.61 -57.71 -3.05
CA SER J 68 16.31 -59.02 -2.90
C SER J 68 15.83 -59.93 -4.03
N GLU J 69 16.79 -60.51 -4.76
CA GLU J 69 16.54 -61.39 -5.94
C GLU J 69 16.15 -62.79 -5.41
N PHE J 70 16.56 -63.15 -4.19
CA PHE J 70 16.30 -64.48 -3.56
C PHE J 70 15.23 -64.38 -2.46
N SER J 71 15.43 -63.49 -1.49
CA SER J 71 14.51 -63.23 -0.34
C SER J 71 13.24 -62.52 -0.86
N GLU J 72 12.15 -62.54 -0.09
CA GLU J 72 10.89 -61.79 -0.39
C GLU J 72 10.82 -60.57 0.54
N ILE J 73 10.69 -59.37 -0.01
CA ILE J 73 10.65 -58.08 0.76
C ILE J 73 9.18 -57.78 1.06
N ASP J 74 8.92 -57.05 2.16
CA ASP J 74 7.57 -56.67 2.64
C ASP J 74 6.73 -56.13 1.47
N HIS J 75 5.45 -56.50 1.38
CA HIS J 75 4.52 -56.15 0.26
C HIS J 75 4.25 -54.63 0.24
N GLN J 76 4.11 -53.96 1.39
CA GLN J 76 3.79 -52.49 1.45
C GLN J 76 4.99 -51.73 0.86
N ILE J 77 6.18 -51.93 1.42
CA ILE J 77 7.44 -51.27 0.96
C ILE J 77 7.75 -51.68 -0.49
N GLY J 78 7.65 -52.97 -0.82
CA GLY J 78 7.92 -53.50 -2.16
C GLY J 78 7.03 -52.84 -3.20
N ASN J 79 5.72 -52.66 -2.92
CA ASN J 79 4.75 -51.98 -3.81
C ASN J 79 5.26 -50.55 -4.07
N VAL J 80 5.68 -49.83 -3.02
CA VAL J 80 6.24 -48.45 -3.12
C VAL J 80 7.43 -48.50 -4.09
N ILE J 81 8.42 -49.34 -3.79
CA ILE J 81 9.64 -49.50 -4.63
C ILE J 81 9.20 -49.75 -6.07
N ASN J 82 8.36 -50.76 -6.34
CA ASN J 82 7.91 -51.09 -7.72
C ASN J 82 7.43 -49.80 -8.39
N TRP J 83 6.57 -49.02 -7.73
CA TRP J 83 6.03 -47.75 -8.27
C TRP J 83 7.16 -46.75 -8.49
N THR J 84 7.91 -46.40 -7.43
CA THR J 84 9.07 -45.47 -7.49
C THR J 84 9.91 -45.84 -8.74
N LYS J 85 10.34 -47.10 -8.86
CA LYS J 85 11.19 -47.60 -9.99
C LYS J 85 10.45 -47.39 -11.30
N ASP J 86 9.32 -48.04 -11.49
CA ASP J 86 8.57 -47.99 -12.78
C ASP J 86 8.41 -46.52 -13.23
N SER J 87 8.22 -45.58 -12.29
CA SER J 87 8.10 -44.12 -12.59
C SER J 87 9.44 -43.56 -13.07
N ILE J 88 10.55 -43.98 -12.45
CA ILE J 88 11.95 -43.61 -12.81
C ILE J 88 12.24 -44.13 -14.22
N THR J 89 12.07 -45.45 -14.39
CA THR J 89 12.22 -46.22 -15.63
C THR J 89 11.37 -45.58 -16.73
N ASP J 90 10.19 -45.04 -16.39
CA ASP J 90 9.32 -44.38 -17.40
C ASP J 90 9.96 -43.07 -17.85
N ILE J 91 10.46 -42.27 -16.90
CA ILE J 91 11.20 -41.02 -17.18
C ILE J 91 12.37 -41.33 -18.11
N TRP J 92 13.32 -42.15 -17.65
CA TRP J 92 14.58 -42.44 -18.39
C TRP J 92 14.30 -42.94 -19.81
N THR J 93 13.28 -43.80 -19.95
CA THR J 93 12.79 -44.24 -21.27
C THR J 93 12.50 -42.98 -22.11
N TYR J 94 11.72 -42.06 -21.57
CA TYR J 94 11.32 -40.79 -22.25
C TYR J 94 12.53 -39.88 -22.45
N GLN J 95 13.24 -39.53 -21.37
CA GLN J 95 14.39 -38.58 -21.37
C GLN J 95 15.41 -39.02 -22.46
N ALA J 96 15.46 -40.31 -22.77
CA ALA J 96 16.37 -40.95 -23.75
C ALA J 96 15.77 -40.89 -25.16
N GLU J 97 14.52 -41.33 -25.30
CA GLU J 97 13.77 -41.26 -26.59
C GLU J 97 13.86 -39.83 -27.15
N LEU J 98 13.77 -38.83 -26.28
CA LEU J 98 13.95 -37.40 -26.60
C LEU J 98 15.43 -37.10 -26.89
N LEU J 99 16.38 -37.40 -25.98
CA LEU J 99 17.84 -37.11 -26.24
C LEU J 99 18.16 -37.58 -27.66
N VAL J 100 17.95 -38.86 -27.95
CA VAL J 100 18.37 -39.43 -29.26
C VAL J 100 17.62 -38.67 -30.36
N ALA J 101 16.31 -38.59 -30.28
CA ALA J 101 15.47 -37.97 -31.33
C ALA J 101 15.96 -36.55 -31.61
N MET J 102 16.19 -35.74 -30.57
CA MET J 102 16.63 -34.33 -30.72
C MET J 102 18.03 -34.29 -31.34
N GLU J 103 18.96 -35.05 -30.76
CA GLU J 103 20.37 -35.06 -31.25
C GLU J 103 20.37 -35.55 -32.71
N ASN J 104 19.50 -36.49 -33.07
CA ASN J 104 19.36 -36.96 -34.47
C ASN J 104 18.93 -35.80 -35.36
N GLN J 105 17.89 -35.07 -34.97
CA GLN J 105 17.37 -33.92 -35.76
C GLN J 105 18.52 -32.91 -35.96
N HIS J 106 19.23 -32.59 -34.88
CA HIS J 106 20.33 -31.60 -34.91
C HIS J 106 21.49 -32.14 -35.75
N THR J 107 21.87 -33.41 -35.58
CA THR J 107 22.99 -34.03 -36.36
C THR J 107 22.69 -33.79 -37.84
N ILE J 108 21.53 -34.23 -38.30
CA ILE J 108 21.09 -34.13 -39.73
C ILE J 108 21.23 -32.70 -40.25
N ASP J 109 20.57 -31.77 -39.56
CA ASP J 109 20.45 -30.37 -39.98
C ASP J 109 21.84 -29.73 -39.85
N MET J 110 22.64 -30.16 -38.88
CA MET J 110 24.01 -29.62 -38.71
C MET J 110 24.80 -29.96 -39.98
N ALA J 111 24.72 -31.19 -40.45
CA ALA J 111 25.36 -31.62 -41.72
C ALA J 111 24.83 -30.73 -42.85
N ASP J 112 23.50 -30.70 -42.97
CA ASP J 112 22.72 -29.88 -43.94
C ASP J 112 23.37 -28.49 -44.05
N SER J 113 23.60 -27.84 -42.90
CA SER J 113 24.24 -26.50 -42.80
C SER J 113 25.67 -26.55 -43.38
N GLU J 114 26.52 -27.48 -42.93
CA GLU J 114 27.96 -27.50 -43.30
C GLU J 114 28.10 -27.64 -44.82
N MET J 115 27.06 -28.13 -45.49
CA MET J 115 26.98 -28.15 -46.99
C MET J 115 26.72 -26.73 -47.49
N LEU J 116 25.54 -26.16 -47.18
CA LEU J 116 25.12 -24.79 -47.58
C LEU J 116 26.28 -23.84 -47.29
N ASN J 117 26.89 -23.98 -46.12
CA ASN J 117 28.07 -23.19 -45.69
C ASN J 117 29.15 -23.24 -46.76
N LEU J 118 29.41 -24.42 -47.34
CA LEU J 118 30.39 -24.57 -48.45
C LEU J 118 29.90 -23.84 -49.70
N TYR J 119 28.76 -24.25 -50.26
CA TYR J 119 28.11 -23.62 -51.44
C TYR J 119 28.23 -22.08 -51.35
N GLU J 120 27.81 -21.50 -50.24
CA GLU J 120 27.82 -20.03 -50.03
C GLU J 120 29.27 -19.51 -50.04
N ARG J 121 30.18 -20.17 -49.34
CA ARG J 121 31.64 -19.81 -49.33
C ARG J 121 32.13 -19.71 -50.78
N VAL J 122 31.80 -20.72 -51.61
CA VAL J 122 32.29 -20.85 -53.00
C VAL J 122 31.61 -19.80 -53.89
N ARG J 123 30.27 -19.74 -53.86
CA ARG J 123 29.47 -18.71 -54.59
C ARG J 123 30.14 -17.35 -54.42
N LYS J 124 30.54 -17.01 -53.20
CA LYS J 124 31.06 -15.66 -52.85
C LYS J 124 32.47 -15.49 -53.41
N GLN J 125 33.26 -16.57 -53.49
CA GLN J 125 34.56 -16.61 -54.22
C GLN J 125 34.35 -16.32 -55.71
N LEU J 126 33.47 -17.09 -56.37
CA LEU J 126 33.24 -17.00 -57.84
C LEU J 126 32.59 -15.66 -58.22
N ARG J 127 32.09 -14.90 -57.24
CA ARG J 127 31.55 -13.53 -57.43
C ARG J 127 30.69 -13.45 -58.69
N GLN J 128 31.08 -12.62 -59.69
CA GLN J 128 30.26 -12.36 -60.90
C GLN J 128 30.73 -13.21 -62.07
N ASN J 129 31.63 -14.16 -61.84
CA ASN J 129 32.30 -14.95 -62.90
C ASN J 129 31.59 -16.29 -63.10
N ALA J 130 30.48 -16.51 -62.40
CA ALA J 130 29.70 -17.77 -62.46
C ALA J 130 28.25 -17.53 -62.02
N GLU J 131 27.41 -18.54 -62.27
CA GLU J 131 25.96 -18.51 -61.96
C GLU J 131 25.52 -19.85 -61.39
N GLU J 132 24.53 -19.78 -60.50
CA GLU J 132 23.93 -20.94 -59.82
C GLU J 132 22.94 -21.60 -60.76
N ASP J 133 23.11 -22.91 -60.98
CA ASP J 133 22.26 -23.74 -61.88
C ASP J 133 21.05 -24.31 -61.14
N GLY J 134 21.02 -24.19 -59.81
CA GLY J 134 19.87 -24.56 -58.96
C GLY J 134 19.96 -25.99 -58.42
N LYS J 135 20.97 -26.74 -58.86
CA LYS J 135 21.24 -28.13 -58.40
C LYS J 135 22.58 -28.19 -57.65
N GLY J 136 23.08 -27.04 -57.19
CA GLY J 136 24.24 -26.99 -56.31
C GLY J 136 25.56 -27.03 -57.07
N CYS J 137 25.49 -26.66 -58.37
CA CYS J 137 26.68 -26.43 -59.24
C CYS J 137 26.72 -24.96 -59.67
N PHE J 138 27.93 -24.50 -59.96
CA PHE J 138 28.18 -23.19 -60.62
C PHE J 138 28.67 -23.43 -62.03
N GLU J 139 27.87 -23.05 -63.03
CA GLU J 139 28.34 -22.99 -64.42
C GLU J 139 29.33 -21.83 -64.46
N ILE J 140 30.64 -22.08 -64.58
CA ILE J 140 31.71 -21.04 -64.69
C ILE J 140 31.59 -20.44 -66.09
N TYR J 141 31.55 -19.12 -66.19
CA TYR J 141 31.40 -18.40 -67.49
C TYR J 141 32.78 -18.03 -68.04
N HIS J 142 33.82 -18.80 -67.72
CA HIS J 142 35.18 -18.60 -68.27
C HIS J 142 35.90 -19.95 -68.29
N ALA J 143 36.99 -20.00 -69.04
CA ALA J 143 37.91 -21.15 -69.14
C ALA J 143 38.56 -21.38 -67.77
N CYS J 144 38.36 -22.58 -67.22
CA CYS J 144 38.80 -22.96 -65.85
C CYS J 144 39.43 -24.37 -65.92
N ASP J 145 40.76 -24.41 -65.95
CA ASP J 145 41.58 -25.65 -66.04
C ASP J 145 41.70 -26.27 -64.64
N ASP J 146 42.29 -27.46 -64.56
CA ASP J 146 42.54 -28.19 -63.30
C ASP J 146 43.34 -27.30 -62.33
N SER J 147 44.12 -26.34 -62.83
CA SER J 147 44.80 -25.29 -62.02
C SER J 147 43.75 -24.37 -61.39
N CYS J 148 42.87 -23.80 -62.23
CA CYS J 148 41.79 -22.84 -61.85
C CYS J 148 40.81 -23.53 -60.90
N MET J 149 40.43 -24.79 -61.17
CA MET J 149 39.48 -25.58 -60.32
C MET J 149 40.10 -25.77 -58.93
N GLU J 150 41.30 -26.33 -58.85
CA GLU J 150 42.01 -26.57 -57.56
C GLU J 150 42.16 -25.24 -56.81
N SER J 151 42.12 -24.11 -57.51
CA SER J 151 42.20 -22.75 -56.90
C SER J 151 40.87 -22.40 -56.23
N ILE J 152 39.75 -22.97 -56.69
CA ILE J 152 38.40 -22.79 -56.06
C ILE J 152 38.35 -23.64 -54.78
N ARG J 153 38.57 -24.96 -54.93
CA ARG J 153 38.60 -25.95 -53.83
C ARG J 153 39.58 -25.53 -52.71
N ASN J 154 40.66 -24.82 -53.05
CA ASN J 154 41.73 -24.37 -52.11
C ASN J 154 41.34 -23.01 -51.51
N ASN J 155 40.21 -22.43 -51.94
CA ASN J 155 39.74 -21.06 -51.58
C ASN J 155 40.82 -20.02 -51.88
N THR J 156 41.43 -20.09 -53.06
CA THR J 156 42.49 -19.17 -53.54
C THR J 156 42.02 -18.44 -54.81
N TYR J 157 41.08 -19.03 -55.57
CA TYR J 157 40.51 -18.46 -56.83
C TYR J 157 40.23 -16.97 -56.64
N ASP J 158 40.69 -16.14 -57.58
CA ASP J 158 40.53 -14.66 -57.58
C ASP J 158 39.61 -14.26 -58.76
N HIS J 159 38.44 -13.70 -58.49
CA HIS J 159 37.43 -13.31 -59.51
C HIS J 159 38.01 -12.29 -60.50
N SER J 160 38.71 -11.26 -60.00
CA SER J 160 39.24 -10.12 -60.80
C SER J 160 40.13 -10.67 -61.93
N GLN J 161 40.87 -11.74 -61.64
CA GLN J 161 41.83 -12.43 -62.56
C GLN J 161 41.11 -13.07 -63.76
N TYR J 162 39.79 -13.27 -63.72
CA TYR J 162 38.99 -13.81 -64.86
C TYR J 162 37.78 -12.91 -65.16
N ARG J 163 37.65 -11.80 -64.43
CA ARG J 163 36.35 -11.09 -64.26
C ARG J 163 35.81 -10.62 -65.61
N GLU J 164 36.65 -9.93 -66.39
CA GLU J 164 36.27 -9.35 -67.71
C GLU J 164 35.85 -10.51 -68.61
N GLU J 165 36.75 -11.49 -68.79
CA GLU J 165 36.52 -12.70 -69.65
C GLU J 165 35.14 -13.29 -69.36
N ALA J 166 34.79 -13.40 -68.07
CA ALA J 166 33.54 -14.02 -67.58
C ALA J 166 32.35 -13.11 -67.91
N LEU J 167 32.40 -11.85 -67.47
CA LEU J 167 31.29 -10.87 -67.60
C LEU J 167 30.85 -10.74 -69.06
N LEU J 168 31.79 -10.87 -70.00
CA LEU J 168 31.51 -10.75 -71.45
C LEU J 168 30.78 -12.00 -71.93
N ASN J 169 31.32 -13.18 -71.63
CA ASN J 169 30.69 -14.49 -71.96
C ASN J 169 29.26 -14.56 -71.41
N ARG J 170 29.00 -13.87 -70.30
CA ARG J 170 27.70 -13.87 -69.58
C ARG J 170 26.65 -13.05 -70.35
N LEU J 171 27.00 -11.82 -70.76
CA LEU J 171 26.10 -10.86 -71.45
C LEU J 171 25.96 -11.21 -72.94
N ASN J 172 27.02 -11.74 -73.57
CA ASN J 172 26.95 -12.52 -74.85
C ASN J 172 26.57 -11.59 -76.00
N ASP K 1 -13.87 41.44 -58.85
CA ASP K 1 -13.02 42.54 -59.38
C ASP K 1 -12.02 43.01 -58.31
N PRO K 2 -12.43 43.61 -57.15
CA PRO K 2 -11.48 44.08 -56.14
C PRO K 2 -10.98 42.98 -55.18
N ASP K 3 -9.69 43.01 -54.84
CA ASP K 3 -9.02 42.19 -53.79
C ASP K 3 -9.84 42.29 -52.49
N LYS K 4 -9.91 41.21 -51.71
CA LYS K 4 -10.68 41.16 -50.43
C LYS K 4 -9.87 40.42 -49.35
N ILE K 5 -10.14 40.78 -48.08
CA ILE K 5 -9.63 40.11 -46.84
C ILE K 5 -10.82 39.73 -45.98
N CYS K 6 -10.87 38.46 -45.55
CA CYS K 6 -11.98 37.88 -44.75
C CYS K 6 -11.54 37.62 -43.32
N LEU K 7 -12.49 37.78 -42.39
CA LEU K 7 -12.34 37.42 -40.97
C LEU K 7 -13.25 36.22 -40.67
N GLY K 8 -12.84 35.36 -39.74
CA GLY K 8 -13.68 34.24 -39.28
C GLY K 8 -13.18 33.59 -38.01
N HIS K 9 -13.92 32.58 -37.57
CA HIS K 9 -13.68 31.79 -36.34
C HIS K 9 -13.57 30.32 -36.74
N HIS K 10 -12.89 29.51 -35.92
CA HIS K 10 -12.71 28.07 -36.20
C HIS K 10 -14.01 27.33 -35.88
N ALA K 11 -13.97 26.01 -36.09
CA ALA K 11 -15.11 25.08 -35.88
C ALA K 11 -14.59 23.64 -35.91
N VAL K 12 -15.51 22.68 -35.79
CA VAL K 12 -15.26 21.22 -35.93
C VAL K 12 -16.57 20.56 -36.38
N ALA K 13 -16.51 19.30 -36.78
CA ALA K 13 -17.68 18.49 -37.20
C ALA K 13 -18.29 17.84 -35.95
N ASN K 14 -17.45 17.38 -35.01
CA ASN K 14 -17.89 16.68 -33.78
C ASN K 14 -17.82 17.68 -32.62
N GLY K 15 -18.88 18.50 -32.43
CA GLY K 15 -18.94 19.52 -31.36
C GLY K 15 -19.86 19.08 -30.24
N THR K 16 -19.61 19.55 -29.00
CA THR K 16 -20.36 19.18 -27.78
C THR K 16 -21.52 20.14 -27.53
N ILE K 17 -22.57 19.63 -26.87
CA ILE K 17 -23.80 20.40 -26.49
C ILE K 17 -23.68 20.80 -25.02
N VAL K 18 -23.90 22.08 -24.71
CA VAL K 18 -23.93 22.59 -23.31
C VAL K 18 -25.21 23.38 -23.12
N LYS K 19 -25.45 23.77 -21.87
CA LYS K 19 -26.63 24.57 -21.47
C LYS K 19 -26.15 25.94 -21.01
N THR K 20 -26.85 26.97 -21.48
CA THR K 20 -26.71 28.40 -21.11
C THR K 20 -28.00 28.92 -20.47
N LEU K 21 -28.05 30.21 -20.15
CA LEU K 21 -29.21 30.88 -19.49
C LEU K 21 -30.41 30.83 -20.44
N THR K 22 -30.15 30.86 -21.75
CA THR K 22 -31.17 30.96 -22.82
C THR K 22 -31.35 29.60 -23.49
N ASN K 23 -30.26 28.95 -23.90
CA ASN K 23 -30.33 27.74 -24.75
C ASN K 23 -29.96 26.52 -23.91
N GLU K 24 -30.68 25.42 -24.10
CA GLU K 24 -30.45 24.14 -23.38
C GLU K 24 -29.82 23.12 -24.35
N GLN K 25 -29.60 23.52 -25.60
CA GLN K 25 -29.08 22.66 -26.70
C GLN K 25 -27.96 23.38 -27.46
N GLU K 26 -27.26 24.31 -26.81
CA GLU K 26 -26.23 25.15 -27.50
C GLU K 26 -24.99 24.32 -27.80
N GLU K 27 -24.61 24.23 -29.08
CA GLU K 27 -23.44 23.46 -29.56
C GLU K 27 -22.20 24.35 -29.50
N VAL K 28 -21.08 23.86 -28.96
CA VAL K 28 -19.81 24.62 -28.80
C VAL K 28 -18.62 23.78 -29.29
N THR K 29 -17.46 24.41 -29.48
CA THR K 29 -16.22 23.78 -30.01
C THR K 29 -15.74 22.68 -29.06
N ASN K 30 -15.27 23.05 -27.86
CA ASN K 30 -14.80 22.13 -26.78
C ASN K 30 -15.60 22.46 -25.51
N ALA K 31 -15.84 21.45 -24.66
CA ALA K 31 -16.43 21.60 -23.30
C ALA K 31 -15.79 20.57 -22.37
N THR K 32 -16.16 20.62 -21.08
CA THR K 32 -15.60 19.70 -20.04
C THR K 32 -16.67 19.41 -18.98
N GLU K 33 -16.52 18.27 -18.31
CA GLU K 33 -17.42 17.81 -17.22
C GLU K 33 -17.05 18.55 -15.94
N THR K 34 -18.04 18.84 -15.07
CA THR K 34 -17.85 19.43 -13.72
C THR K 34 -18.36 18.48 -12.63
N VAL K 35 -19.14 17.47 -12.99
CA VAL K 35 -19.70 16.44 -12.07
C VAL K 35 -18.96 15.13 -12.28
N GLU K 36 -18.25 14.64 -11.25
CA GLU K 36 -17.54 13.34 -11.29
C GLU K 36 -18.54 12.22 -11.00
N SER K 37 -18.67 11.25 -11.92
CA SER K 37 -19.62 10.12 -11.88
C SER K 37 -18.89 8.82 -11.54
N THR K 38 -17.56 8.82 -11.63
CA THR K 38 -16.70 7.62 -11.44
C THR K 38 -16.00 7.71 -10.09
N SER K 39 -15.97 6.59 -9.35
CA SER K 39 -15.32 6.45 -8.01
C SER K 39 -14.09 5.54 -8.13
N LEU K 40 -13.27 5.51 -7.08
CA LEU K 40 -12.28 4.42 -6.84
C LEU K 40 -12.88 3.36 -5.93
N ASN K 41 -12.68 2.09 -6.28
CA ASN K 41 -13.18 0.92 -5.51
C ASN K 41 -12.37 0.77 -4.22
N ARG K 42 -11.39 1.64 -3.96
CA ARG K 42 -10.40 1.47 -2.87
C ARG K 42 -10.29 2.73 -2.00
N LEU K 43 -9.85 2.54 -0.76
CA LEU K 43 -9.44 3.60 0.20
C LEU K 43 -7.96 3.93 -0.04
N CYS K 44 -7.61 5.21 -0.06
CA CYS K 44 -6.29 5.70 -0.53
C CYS K 44 -5.50 6.27 0.66
N MET K 45 -4.75 5.41 1.36
CA MET K 45 -4.08 5.74 2.64
C MET K 45 -2.59 6.05 2.43
N LYS K 46 -2.20 6.51 1.23
CA LYS K 46 -0.83 7.04 0.99
C LYS K 46 -0.69 8.28 1.86
N GLY K 47 0.52 8.52 2.38
CA GLY K 47 0.85 9.65 3.27
C GLY K 47 -0.10 9.76 4.44
N ARG K 48 -0.80 8.68 4.79
CA ARG K 48 -1.74 8.61 5.95
C ARG K 48 -1.23 7.56 6.93
N ASN K 49 -0.96 7.99 8.17
CA ASN K 49 -0.71 7.12 9.36
C ASN K 49 -2.06 6.56 9.84
N HIS K 50 -2.67 5.68 9.07
CA HIS K 50 -4.05 5.14 9.24
C HIS K 50 -4.01 3.83 10.03
N LYS K 51 -5.16 3.42 10.56
CA LYS K 51 -5.35 2.19 11.38
C LYS K 51 -6.62 1.48 10.89
N ASP K 52 -6.43 0.32 10.26
CA ASP K 52 -7.56 -0.51 9.78
C ASP K 52 -8.04 -1.38 10.95
N LEU K 53 -9.33 -1.38 11.30
CA LEU K 53 -9.85 -2.25 12.41
C LEU K 53 -10.24 -3.64 11.90
N GLY K 54 -10.50 -3.79 10.61
CA GLY K 54 -11.04 -5.06 10.09
C GLY K 54 -12.31 -5.44 10.83
N ASN K 55 -12.43 -6.69 11.29
CA ASN K 55 -13.61 -7.26 12.00
C ASN K 55 -13.97 -6.49 13.28
N CYS K 56 -12.97 -5.78 13.85
CA CYS K 56 -13.08 -5.03 15.12
C CYS K 56 -13.92 -3.74 14.95
N HIS K 57 -14.89 -3.55 15.83
CA HIS K 57 -15.72 -2.33 15.95
C HIS K 57 -15.04 -1.34 16.88
N PRO K 58 -15.10 -0.02 16.60
CA PRO K 58 -14.35 0.96 17.38
C PRO K 58 -14.56 0.82 18.89
N ILE K 59 -15.81 0.70 19.34
CA ILE K 59 -16.19 0.60 20.78
C ILE K 59 -15.37 -0.55 21.40
N GLY K 60 -15.40 -1.72 20.75
CA GLY K 60 -14.64 -2.92 21.14
C GLY K 60 -13.22 -2.60 21.59
N MET K 61 -12.58 -1.60 21.01
CA MET K 61 -11.17 -1.18 21.30
C MET K 61 -11.06 -0.77 22.76
N LEU K 62 -12.07 -0.08 23.32
CA LEU K 62 -12.01 0.51 24.68
C LEU K 62 -12.30 -0.56 25.74
N ILE K 63 -13.03 -1.62 25.37
CA ILE K 63 -13.42 -2.73 26.30
C ILE K 63 -12.53 -3.95 26.04
N GLY K 64 -12.05 -4.13 24.80
CA GLY K 64 -11.07 -5.17 24.45
C GLY K 64 -11.72 -6.50 24.07
N THR K 65 -12.71 -6.47 23.17
CA THR K 65 -13.30 -7.66 22.50
C THR K 65 -12.18 -8.48 21.86
N PRO K 66 -12.34 -9.81 21.70
CA PRO K 66 -11.31 -10.64 21.07
C PRO K 66 -10.77 -10.01 19.78
N ALA K 67 -11.67 -9.66 18.86
CA ALA K 67 -11.32 -9.08 17.54
C ALA K 67 -10.36 -7.91 17.72
N CYS K 68 -10.66 -6.99 18.64
CA CYS K 68 -9.99 -5.68 18.76
C CYS K 68 -8.62 -5.80 19.41
N ASP K 69 -8.23 -7.03 19.82
CA ASP K 69 -7.00 -7.29 20.62
C ASP K 69 -5.80 -6.52 20.02
N LEU K 70 -5.70 -6.45 18.68
CA LEU K 70 -4.52 -5.82 18.01
C LEU K 70 -4.66 -4.29 18.04
N HIS K 71 -5.85 -3.77 18.35
CA HIS K 71 -6.22 -2.32 18.23
C HIS K 71 -6.58 -1.72 19.59
N LEU K 72 -6.07 -2.28 20.68
CA LEU K 72 -6.40 -1.78 22.05
C LEU K 72 -5.85 -0.36 22.21
N THR K 73 -4.60 -0.10 21.81
CA THR K 73 -4.02 1.28 21.79
C THR K 73 -3.35 1.57 20.44
N GLY K 74 -2.81 2.77 20.29
CA GLY K 74 -2.14 3.25 19.07
C GLY K 74 -2.45 4.71 18.81
N THR K 75 -1.73 5.30 17.87
CA THR K 75 -1.93 6.69 17.37
C THR K 75 -2.04 6.59 15.84
N TRP K 76 -2.95 7.39 15.26
CA TRP K 76 -3.21 7.43 13.81
C TRP K 76 -3.73 8.82 13.40
N ASP K 77 -4.16 8.96 12.15
CA ASP K 77 -4.80 10.15 11.57
C ASP K 77 -6.07 9.73 10.86
N THR K 78 -6.28 8.43 10.62
CA THR K 78 -7.46 7.88 9.91
C THR K 78 -7.92 6.54 10.51
N LEU K 79 -9.15 6.49 11.01
CA LEU K 79 -9.78 5.28 11.59
C LEU K 79 -10.73 4.68 10.55
N ILE K 80 -10.71 3.37 10.35
CA ILE K 80 -11.47 2.69 9.27
C ILE K 80 -12.34 1.58 9.87
N GLU K 81 -13.60 1.89 10.16
CA GLU K 81 -14.61 0.92 10.66
C GLU K 81 -15.04 0.05 9.47
N ARG K 82 -15.55 -1.16 9.72
CA ARG K 82 -15.99 -2.12 8.67
C ARG K 82 -17.41 -2.59 8.99
N LYS K 83 -18.02 -3.34 8.06
CA LYS K 83 -19.43 -3.81 8.18
C LYS K 83 -19.50 -4.99 9.17
N ASN K 84 -20.59 -5.07 9.93
CA ASN K 84 -20.86 -6.15 10.91
C ASN K 84 -19.70 -6.27 11.91
N ALA K 85 -18.85 -5.25 12.04
CA ALA K 85 -17.67 -5.23 12.94
C ALA K 85 -18.13 -5.65 14.35
N ILE K 86 -17.34 -6.49 15.02
CA ILE K 86 -17.71 -7.13 16.33
C ILE K 86 -17.18 -6.25 17.47
N ALA K 87 -18.08 -5.79 18.35
CA ALA K 87 -17.78 -4.95 19.54
C ALA K 87 -18.17 -5.70 20.81
N TYR K 88 -18.97 -6.76 20.70
CA TYR K 88 -19.54 -7.46 21.88
C TYR K 88 -19.46 -8.97 21.66
N CYS K 89 -18.40 -9.60 22.18
CA CYS K 89 -18.26 -11.08 22.19
C CYS K 89 -19.43 -11.66 23.00
N TYR K 90 -19.60 -11.19 24.25
CA TYR K 90 -20.72 -11.58 25.14
C TYR K 90 -21.91 -10.67 24.84
N PRO K 91 -23.12 -11.23 24.64
CA PRO K 91 -24.30 -10.44 24.28
C PRO K 91 -24.49 -9.22 25.20
N GLY K 92 -25.19 -8.22 24.65
CA GLY K 92 -25.44 -6.90 25.28
C GLY K 92 -25.17 -5.78 24.30
N ALA K 93 -25.38 -4.53 24.72
CA ALA K 93 -25.03 -3.32 23.95
C ALA K 93 -24.63 -2.21 24.92
N THR K 94 -23.84 -1.24 24.45
CA THR K 94 -23.42 -0.04 25.21
C THR K 94 -24.57 0.97 25.24
N VAL K 95 -24.92 1.50 26.42
CA VAL K 95 -25.92 2.60 26.56
C VAL K 95 -25.27 3.87 26.01
N ASN K 96 -26.00 4.57 25.15
CA ASN K 96 -25.54 5.79 24.44
C ASN K 96 -24.49 5.35 23.42
N GLU K 97 -24.74 4.25 22.69
CA GLU K 97 -23.77 3.55 21.81
C GLU K 97 -23.28 4.50 20.71
N GLU K 98 -24.19 5.08 19.93
CA GLU K 98 -23.85 5.88 18.72
C GLU K 98 -22.86 6.97 19.13
N ALA K 99 -23.22 7.75 20.15
CA ALA K 99 -22.39 8.86 20.67
C ALA K 99 -20.93 8.38 20.82
N LEU K 100 -20.75 7.21 21.41
CA LEU K 100 -19.42 6.65 21.77
C LEU K 100 -18.60 6.46 20.48
N ARG K 101 -19.11 5.65 19.55
CA ARG K 101 -18.43 5.36 18.27
C ARG K 101 -17.99 6.70 17.66
N GLN K 102 -18.93 7.65 17.51
CA GLN K 102 -18.66 8.98 16.87
C GLN K 102 -17.46 9.64 17.57
N LYS K 103 -17.38 9.53 18.91
CA LYS K 103 -16.31 10.16 19.72
C LYS K 103 -14.98 9.45 19.44
N ILE K 104 -15.03 8.12 19.35
CA ILE K 104 -13.87 7.24 19.02
C ILE K 104 -13.41 7.54 17.59
N MET K 105 -14.34 7.65 16.65
CA MET K 105 -14.00 7.82 15.20
C MET K 105 -13.44 9.23 14.99
N GLU K 106 -13.92 10.25 15.74
CA GLU K 106 -13.45 11.66 15.73
C GLU K 106 -12.02 11.72 16.28
N SER K 107 -11.68 10.79 17.19
CA SER K 107 -10.37 10.74 17.90
C SER K 107 -9.27 10.28 16.94
N GLY K 108 -8.04 10.72 17.21
CA GLY K 108 -6.85 10.38 16.43
C GLY K 108 -6.02 9.29 17.05
N GLY K 109 -6.40 8.72 18.19
CA GLY K 109 -5.57 7.68 18.85
C GLY K 109 -6.17 7.27 20.19
N ILE K 110 -5.63 6.20 20.79
CA ILE K 110 -6.07 5.68 22.11
C ILE K 110 -4.84 5.36 22.98
N SER K 111 -4.77 5.97 24.18
CA SER K 111 -3.93 5.55 25.33
C SER K 111 -4.78 4.69 26.25
N LYS K 112 -4.16 3.76 26.97
CA LYS K 112 -4.83 2.99 28.06
C LYS K 112 -4.06 3.24 29.35
N ILE K 113 -4.77 3.57 30.43
CA ILE K 113 -4.20 3.69 31.80
C ILE K 113 -4.91 2.65 32.68
N ASN K 114 -4.18 2.05 33.62
CA ASN K 114 -4.67 0.98 34.52
C ASN K 114 -5.45 1.63 35.67
N THR K 115 -6.58 1.03 36.05
CA THR K 115 -7.42 1.45 37.21
C THR K 115 -6.66 1.19 38.51
N GLY K 116 -5.95 0.05 38.57
CA GLY K 116 -5.22 -0.43 39.75
C GLY K 116 -6.09 -1.25 40.67
N PHE K 117 -7.41 -1.23 40.45
CA PHE K 117 -8.46 -1.82 41.33
C PHE K 117 -8.07 -3.22 41.77
N THR K 118 -8.08 -3.46 43.09
CA THR K 118 -7.86 -4.79 43.72
C THR K 118 -9.03 -5.05 44.66
N TYR K 119 -9.31 -6.33 44.94
CA TYR K 119 -10.51 -6.82 45.67
C TYR K 119 -10.09 -7.92 46.65
N GLY K 120 -10.75 -8.02 47.81
CA GLY K 120 -10.60 -9.14 48.77
C GLY K 120 -10.90 -10.46 48.10
N SER K 121 -10.28 -11.58 48.52
CA SER K 121 -10.28 -12.86 47.75
C SER K 121 -11.57 -13.67 48.01
N SER K 122 -12.57 -13.07 48.67
CA SER K 122 -13.99 -13.51 48.64
C SER K 122 -14.59 -13.27 47.24
N ILE K 123 -13.89 -12.47 46.41
CA ILE K 123 -14.25 -12.06 45.02
C ILE K 123 -13.32 -12.72 43.99
N ASN K 124 -13.88 -13.15 42.85
CA ASN K 124 -13.17 -13.81 41.72
C ASN K 124 -13.19 -12.88 40.50
N SER K 125 -12.10 -12.13 40.30
CA SER K 125 -11.94 -11.10 39.24
C SER K 125 -11.35 -11.72 37.97
N ALA K 126 -11.05 -13.02 38.01
CA ALA K 126 -10.51 -13.78 36.86
C ALA K 126 -11.67 -14.43 36.07
N GLY K 127 -12.91 -13.97 36.27
CA GLY K 127 -14.14 -14.59 35.72
C GLY K 127 -14.20 -14.48 34.21
N THR K 128 -14.07 -15.61 33.49
CA THR K 128 -14.02 -15.67 32.01
C THR K 128 -15.34 -16.28 31.50
N THR K 129 -15.48 -16.40 30.17
CA THR K 129 -16.70 -16.93 29.51
C THR K 129 -16.32 -17.59 28.18
N LYS K 130 -17.25 -18.40 27.65
CA LYS K 130 -17.12 -19.11 26.36
C LYS K 130 -17.33 -18.07 25.23
N ALA K 131 -18.15 -17.04 25.46
CA ALA K 131 -18.55 -16.05 24.45
C ALA K 131 -17.32 -15.32 23.89
N CYS K 132 -16.35 -14.99 24.76
CA CYS K 132 -15.11 -14.25 24.41
C CYS K 132 -13.96 -15.22 24.63
N MET K 133 -13.59 -16.07 23.66
CA MET K 133 -12.40 -16.95 23.91
C MET K 133 -11.16 -16.46 23.17
N ARG K 134 -10.02 -16.50 23.88
CA ARG K 134 -8.65 -16.21 23.41
C ARG K 134 -7.84 -17.52 23.39
N ASN K 135 -7.25 -17.85 22.24
CA ASN K 135 -6.41 -19.06 22.02
C ASN K 135 -7.22 -20.31 22.38
N GLY K 136 -8.43 -20.42 21.83
CA GLY K 136 -9.33 -21.60 21.98
C GLY K 136 -9.57 -21.94 23.44
N GLY K 137 -9.52 -20.93 24.33
CA GLY K 137 -9.83 -21.04 25.77
C GLY K 137 -10.66 -19.85 26.23
N ASN K 138 -11.58 -20.05 27.19
CA ASN K 138 -12.47 -19.00 27.75
C ASN K 138 -11.65 -17.79 28.19
N SER K 139 -12.16 -16.60 27.90
CA SER K 139 -11.53 -15.29 28.20
C SER K 139 -12.63 -14.23 28.32
N PHE K 140 -12.23 -12.97 28.52
CA PHE K 140 -13.15 -11.83 28.72
C PHE K 140 -12.58 -10.60 28.03
N TYR K 141 -13.38 -9.53 28.01
CA TYR K 141 -12.96 -8.16 27.59
C TYR K 141 -11.68 -7.80 28.34
N ALA K 142 -10.57 -7.58 27.62
CA ALA K 142 -9.21 -7.37 28.16
C ALA K 142 -9.19 -6.19 29.14
N GLU K 143 -10.04 -5.18 28.91
CA GLU K 143 -10.02 -3.89 29.66
C GLU K 143 -11.06 -3.92 30.78
N LEU K 144 -11.74 -5.06 30.97
CA LEU K 144 -12.73 -5.25 32.06
C LEU K 144 -12.42 -6.56 32.81
N LYS K 145 -12.90 -6.65 34.06
CA LYS K 145 -12.82 -7.86 34.91
C LYS K 145 -14.25 -8.30 35.23
N TRP K 146 -14.54 -9.61 35.15
CA TRP K 146 -15.81 -10.19 35.64
C TRP K 146 -15.68 -10.49 37.14
N LEU K 147 -16.36 -9.71 37.98
CA LEU K 147 -16.42 -9.84 39.45
C LEU K 147 -17.60 -10.73 39.84
N VAL K 148 -17.28 -11.95 40.31
CA VAL K 148 -18.23 -12.95 40.90
C VAL K 148 -17.64 -13.41 42.24
N SER K 149 -18.48 -13.94 43.15
CA SER K 149 -18.05 -14.48 44.47
C SER K 149 -17.26 -15.78 44.25
N LYS K 150 -16.31 -16.06 45.16
CA LYS K 150 -15.35 -17.19 45.04
C LYS K 150 -16.11 -18.52 45.24
N ASN K 151 -16.96 -18.58 46.27
CA ASN K 151 -17.77 -19.79 46.63
C ASN K 151 -19.16 -19.65 46.00
N LYS K 152 -19.51 -20.55 45.07
CA LYS K 152 -20.80 -20.55 44.30
C LYS K 152 -21.98 -20.46 45.29
N GLY K 153 -22.75 -19.37 45.26
CA GLY K 153 -23.92 -19.19 46.12
C GLY K 153 -23.66 -18.23 47.27
N GLN K 154 -22.39 -18.06 47.68
CA GLN K 154 -21.96 -17.07 48.71
C GLN K 154 -22.36 -15.66 48.25
N ASN K 155 -22.86 -14.82 49.15
CA ASN K 155 -23.23 -13.40 48.84
C ASN K 155 -21.94 -12.63 48.52
N PHE K 156 -21.97 -11.82 47.46
CA PHE K 156 -20.82 -11.02 46.95
C PHE K 156 -20.54 -9.91 47.97
N PRO K 157 -19.27 -9.76 48.41
CA PRO K 157 -18.91 -8.75 49.40
C PRO K 157 -19.09 -7.31 48.88
N GLN K 158 -19.67 -6.44 49.72
CA GLN K 158 -19.68 -4.97 49.54
C GLN K 158 -18.25 -4.49 49.29
N THR K 159 -17.98 -3.90 48.12
CA THR K 159 -16.63 -3.37 47.75
C THR K 159 -16.79 -1.93 47.25
N THR K 160 -15.72 -1.15 47.39
CA THR K 160 -15.58 0.25 46.91
C THR K 160 -14.23 0.38 46.19
N ASN K 161 -14.29 0.57 44.86
CA ASN K 161 -13.13 0.80 43.94
C ASN K 161 -13.25 2.21 43.35
N THR K 162 -12.16 2.97 43.34
CA THR K 162 -12.14 4.42 42.96
C THR K 162 -10.92 4.70 42.10
N TYR K 163 -11.14 5.17 40.85
CA TYR K 163 -10.06 5.57 39.91
C TYR K 163 -9.87 7.09 39.98
N ARG K 164 -8.60 7.49 40.03
CA ARG K 164 -8.14 8.89 40.04
C ARG K 164 -7.46 9.19 38.70
N ASN K 165 -7.86 10.26 38.03
CA ASN K 165 -7.25 10.73 36.75
C ASN K 165 -5.89 11.38 37.08
N ALA K 166 -4.80 10.62 36.92
CA ALA K 166 -3.41 11.06 37.19
C ALA K 166 -2.93 12.03 36.11
N ASP K 167 -3.33 11.77 34.87
CA ASP K 167 -3.02 12.54 33.63
C ASP K 167 -3.67 13.93 33.74
N THR K 168 -3.30 14.84 32.84
CA THR K 168 -3.75 16.26 32.81
C THR K 168 -4.79 16.48 31.71
N ALA K 169 -5.16 15.44 30.96
CA ALA K 169 -6.26 15.43 29.97
C ALA K 169 -7.28 14.36 30.38
N GLU K 170 -8.56 14.58 30.07
CA GLU K 170 -9.70 13.71 30.50
C GLU K 170 -9.53 12.29 29.95
N HIS K 171 -9.91 11.28 30.73
CA HIS K 171 -9.89 9.84 30.37
C HIS K 171 -11.33 9.36 30.16
N LEU K 172 -11.50 8.25 29.42
CA LEU K 172 -12.83 7.65 29.14
C LEU K 172 -12.91 6.30 29.86
N ILE K 173 -13.62 6.28 30.98
CA ILE K 173 -13.81 5.07 31.81
C ILE K 173 -15.06 4.34 31.32
N MET K 174 -14.90 3.05 31.03
CA MET K 174 -16.01 2.18 30.60
C MET K 174 -16.20 1.09 31.64
N TRP K 175 -17.45 0.68 31.87
CA TRP K 175 -17.78 -0.49 32.73
C TRP K 175 -19.03 -1.21 32.21
N GLY K 176 -19.38 -2.34 32.83
CA GLY K 176 -20.51 -3.19 32.46
C GLY K 176 -21.33 -3.63 33.66
N ILE K 177 -22.64 -3.82 33.43
CA ILE K 177 -23.61 -4.42 34.39
C ILE K 177 -23.99 -5.80 33.83
N HIS K 178 -24.06 -6.82 34.67
CA HIS K 178 -24.46 -8.20 34.27
C HIS K 178 -25.92 -8.45 34.67
N HIS K 179 -26.72 -8.92 33.73
CA HIS K 179 -28.15 -9.28 33.98
C HIS K 179 -28.27 -10.79 33.90
N PRO K 180 -28.68 -11.46 35.01
CA PRO K 180 -28.76 -12.91 35.02
C PRO K 180 -30.02 -13.42 34.30
N SER K 181 -29.87 -14.51 33.55
CA SER K 181 -30.97 -15.24 32.88
C SER K 181 -32.08 -15.54 33.90
N SER K 182 -31.74 -16.19 35.03
CA SER K 182 -32.67 -16.55 36.14
C SER K 182 -31.99 -16.33 37.50
N THR K 183 -32.77 -16.35 38.59
CA THR K 183 -32.29 -16.08 39.97
C THR K 183 -31.32 -17.21 40.40
N GLN K 184 -31.42 -18.41 39.80
CA GLN K 184 -30.48 -19.55 40.01
C GLN K 184 -29.05 -19.09 39.67
N GLU K 185 -28.87 -18.50 38.49
CA GLU K 185 -27.60 -17.91 37.99
C GLU K 185 -27.20 -16.74 38.88
N LYS K 186 -28.15 -15.87 39.22
CA LYS K 186 -27.95 -14.62 40.01
C LYS K 186 -27.34 -14.97 41.37
N ASN K 187 -27.90 -15.99 42.05
CA ASN K 187 -27.51 -16.40 43.43
C ASN K 187 -26.21 -17.20 43.37
N ASP K 188 -25.95 -17.94 42.28
CA ASP K 188 -24.74 -18.79 42.10
C ASP K 188 -23.47 -17.92 42.02
N LEU K 189 -23.60 -16.63 41.68
CA LEU K 189 -22.44 -15.72 41.44
C LEU K 189 -22.40 -14.61 42.51
N TYR K 190 -23.55 -14.00 42.82
CA TYR K 190 -23.67 -12.79 43.68
C TYR K 190 -24.46 -13.06 44.96
N GLY K 191 -25.22 -14.14 45.01
CA GLY K 191 -25.96 -14.57 46.22
C GLY K 191 -27.38 -14.05 46.23
N THR K 192 -28.13 -14.44 47.26
CA THR K 192 -29.59 -14.17 47.43
C THR K 192 -29.82 -12.65 47.59
N GLN K 193 -28.96 -11.97 48.36
CA GLN K 193 -29.16 -10.56 48.78
C GLN K 193 -29.34 -9.70 47.51
N SER K 194 -30.26 -8.74 47.53
CA SER K 194 -30.55 -7.85 46.37
C SER K 194 -29.36 -6.91 46.17
N LEU K 195 -29.02 -6.59 44.92
CA LEU K 195 -27.78 -5.87 44.51
C LEU K 195 -28.13 -4.46 44.02
N SER K 196 -27.22 -3.52 44.30
CA SER K 196 -27.29 -2.11 43.85
C SER K 196 -25.86 -1.61 43.57
N ILE K 197 -25.65 -1.03 42.39
CA ILE K 197 -24.31 -0.60 41.90
C ILE K 197 -24.36 0.92 41.68
N SER K 198 -23.65 1.67 42.51
CA SER K 198 -23.60 3.16 42.45
C SER K 198 -22.23 3.60 41.91
N VAL K 199 -22.26 4.44 40.87
CA VAL K 199 -21.05 5.03 40.26
C VAL K 199 -21.14 6.55 40.41
N GLY K 200 -20.05 7.17 40.83
CA GLY K 200 -20.01 8.59 41.18
C GLY K 200 -18.69 9.22 40.77
N SER K 201 -18.77 10.43 40.21
CA SER K 201 -17.64 11.35 39.97
C SER K 201 -18.09 12.76 40.36
N SER K 202 -17.24 13.76 40.20
CA SER K 202 -17.63 15.17 40.43
C SER K 202 -18.74 15.57 39.44
N THR K 203 -18.80 14.97 38.25
CA THR K 203 -19.70 15.35 37.14
C THR K 203 -20.66 14.21 36.75
N TYR K 204 -20.56 13.04 37.40
CA TYR K 204 -21.39 11.85 37.07
C TYR K 204 -21.99 11.24 38.35
N LYS K 205 -23.28 10.91 38.29
CA LYS K 205 -24.03 10.19 39.36
C LYS K 205 -24.97 9.21 38.67
N ASN K 206 -24.99 7.93 39.09
CA ASN K 206 -25.85 6.90 38.46
C ASN K 206 -25.92 5.64 39.33
N ASN K 207 -27.12 5.09 39.48
CA ASN K 207 -27.39 3.84 40.22
C ASN K 207 -27.93 2.79 39.25
N PHE K 208 -27.42 1.56 39.35
CA PHE K 208 -27.73 0.43 38.42
C PHE K 208 -28.18 -0.78 39.25
N VAL K 209 -29.44 -1.20 39.07
CA VAL K 209 -30.02 -2.45 39.66
C VAL K 209 -30.07 -3.49 38.55
N PRO K 210 -29.19 -4.54 38.58
CA PRO K 210 -29.27 -5.64 37.62
C PRO K 210 -30.65 -6.30 37.62
N VAL K 211 -31.15 -6.67 36.44
CA VAL K 211 -32.51 -7.24 36.27
C VAL K 211 -32.39 -8.71 35.85
N VAL K 212 -33.09 -9.60 36.57
CA VAL K 212 -33.13 -11.07 36.36
C VAL K 212 -34.38 -11.39 35.54
N GLY K 213 -34.37 -12.49 34.79
CA GLY K 213 -35.45 -12.84 33.85
C GLY K 213 -34.88 -13.10 32.47
N ALA K 214 -35.38 -14.13 31.78
CA ALA K 214 -34.80 -14.68 30.54
C ALA K 214 -35.13 -13.77 29.35
N ARG K 215 -34.15 -13.62 28.46
CA ARG K 215 -34.31 -13.13 27.05
C ARG K 215 -34.21 -14.35 26.15
N PRO K 216 -34.42 -14.20 24.82
CA PRO K 216 -34.01 -15.23 23.87
C PRO K 216 -32.52 -15.60 23.99
N GLN K 217 -32.17 -16.80 23.52
CA GLN K 217 -30.80 -17.38 23.61
C GLN K 217 -29.93 -16.78 22.49
N VAL K 218 -28.68 -16.40 22.81
CA VAL K 218 -27.67 -15.93 21.82
C VAL K 218 -26.31 -16.55 22.21
N ASN K 219 -25.89 -17.60 21.49
CA ASN K 219 -24.63 -18.37 21.71
C ASN K 219 -24.73 -19.18 23.02
N GLY K 220 -25.94 -19.70 23.32
CA GLY K 220 -26.22 -20.54 24.50
C GLY K 220 -26.54 -19.73 25.75
N LEU K 221 -26.61 -18.39 25.62
CA LEU K 221 -26.71 -17.43 26.77
C LEU K 221 -27.94 -16.53 26.57
N SER K 222 -28.88 -16.48 27.53
CA SER K 222 -30.02 -15.53 27.55
C SER K 222 -29.73 -14.37 28.51
N SER K 223 -28.57 -14.39 29.18
CA SER K 223 -28.03 -13.33 30.06
C SER K 223 -27.33 -12.26 29.23
N ARG K 224 -27.32 -11.01 29.71
CA ARG K 224 -26.77 -9.83 28.99
C ARG K 224 -25.69 -9.14 29.83
N ILE K 225 -24.63 -8.64 29.18
CA ILE K 225 -23.66 -7.66 29.77
C ILE K 225 -23.72 -6.38 28.95
N ASP K 226 -24.60 -5.46 29.35
CA ASP K 226 -24.70 -4.07 28.83
C ASP K 226 -23.55 -3.27 29.46
N PHE K 227 -23.05 -2.24 28.77
CA PHE K 227 -21.95 -1.36 29.23
C PHE K 227 -22.46 0.09 29.29
N HIS K 228 -21.92 0.89 30.19
CA HIS K 228 -22.09 2.37 30.23
C HIS K 228 -20.70 3.00 30.24
N TRP K 229 -20.66 4.33 30.18
CA TRP K 229 -19.39 5.08 30.07
C TRP K 229 -19.59 6.53 30.49
N THR K 230 -18.47 7.22 30.69
CA THR K 230 -18.41 8.66 31.03
C THR K 230 -16.97 9.13 30.92
N LEU K 231 -16.77 10.45 30.79
CA LEU K 231 -15.44 11.09 30.82
C LEU K 231 -15.14 11.43 32.29
N VAL K 232 -13.95 11.07 32.78
CA VAL K 232 -13.48 11.42 34.15
C VAL K 232 -12.47 12.56 34.02
N GLN K 233 -12.74 13.71 34.65
CA GLN K 233 -11.98 14.96 34.42
C GLN K 233 -10.62 14.85 35.12
N PRO K 234 -9.57 15.56 34.61
CA PRO K 234 -8.24 15.50 35.20
C PRO K 234 -8.25 15.89 36.69
N GLY K 235 -7.40 15.24 37.49
CA GLY K 235 -7.35 15.37 38.96
C GLY K 235 -8.74 15.17 39.55
N ASP K 236 -9.39 14.05 39.23
CA ASP K 236 -10.75 13.72 39.74
C ASP K 236 -10.82 12.21 40.00
N LYS K 237 -11.76 11.81 40.85
CA LYS K 237 -11.99 10.41 41.24
C LYS K 237 -13.36 9.97 40.72
N ILE K 238 -13.45 8.71 40.30
CA ILE K 238 -14.74 8.02 40.02
C ILE K 238 -14.79 6.80 40.93
N THR K 239 -15.85 6.69 41.72
CA THR K 239 -16.04 5.70 42.82
C THR K 239 -17.09 4.68 42.38
N PHE K 240 -16.77 3.39 42.54
CA PHE K 240 -17.64 2.23 42.18
C PHE K 240 -18.11 1.56 43.48
N SER K 241 -19.35 1.85 43.88
CA SER K 241 -20.09 1.16 44.97
C SER K 241 -20.88 0.00 44.35
N HIS K 242 -20.61 -1.25 44.76
CA HIS K 242 -21.29 -2.45 44.19
C HIS K 242 -21.44 -3.58 45.23
N ASN K 243 -22.60 -4.24 45.22
CA ASN K 243 -22.95 -5.46 46.01
C ASN K 243 -22.62 -6.71 45.19
N GLY K 244 -22.16 -6.54 43.96
CA GLY K 244 -21.90 -7.61 42.98
C GLY K 244 -22.70 -7.36 41.70
N GLY K 245 -22.26 -7.99 40.60
CA GLY K 245 -22.90 -7.90 39.28
C GLY K 245 -22.37 -6.70 38.54
N LEU K 246 -21.24 -6.13 39.00
CA LEU K 246 -20.51 -5.05 38.32
C LEU K 246 -19.32 -5.68 37.56
N ILE K 247 -19.30 -5.53 36.22
CA ILE K 247 -18.11 -5.83 35.37
C ILE K 247 -17.24 -4.58 35.39
N ALA K 248 -16.14 -4.64 36.14
CA ALA K 248 -15.32 -3.47 36.50
C ALA K 248 -14.21 -3.26 35.48
N PRO K 249 -13.84 -1.99 35.21
CA PRO K 249 -12.68 -1.71 34.38
C PRO K 249 -11.36 -2.10 35.06
N SER K 250 -10.48 -2.79 34.34
CA SER K 250 -9.03 -2.86 34.65
C SER K 250 -8.32 -1.68 33.96
N ARG K 251 -8.94 -1.11 32.93
CA ARG K 251 -8.34 -0.03 32.11
C ARG K 251 -9.36 1.06 31.71
N VAL K 252 -8.98 2.30 31.99
CA VAL K 252 -9.57 3.53 31.40
C VAL K 252 -8.90 3.75 30.05
N SER K 253 -9.66 4.25 29.07
CA SER K 253 -9.18 4.66 27.72
C SER K 253 -9.01 6.19 27.70
N LYS K 254 -7.98 6.71 27.01
CA LYS K 254 -7.80 8.17 26.74
C LYS K 254 -7.68 8.39 25.23
N LEU K 255 -8.57 9.21 24.65
CA LEU K 255 -8.61 9.52 23.19
C LEU K 255 -7.55 10.58 22.88
N ILE K 256 -6.62 10.27 21.98
CA ILE K 256 -5.46 11.16 21.65
C ILE K 256 -5.83 11.99 20.42
N GLY K 257 -5.69 13.32 20.52
CA GLY K 257 -5.92 14.28 19.42
C GLY K 257 -7.21 14.03 18.67
N ARG K 258 -7.19 14.21 17.35
CA ARG K 258 -8.38 14.01 16.47
C ARG K 258 -7.90 13.33 15.19
N GLY K 259 -8.81 12.62 14.48
CA GLY K 259 -8.51 11.86 13.26
C GLY K 259 -9.75 11.67 12.40
N LEU K 260 -9.57 11.30 11.14
CA LEU K 260 -10.69 11.18 10.17
C LEU K 260 -11.24 9.76 10.25
N GLY K 261 -12.55 9.62 10.48
CA GLY K 261 -13.24 8.33 10.54
C GLY K 261 -13.92 7.97 9.22
N ILE K 262 -13.45 6.91 8.56
CA ILE K 262 -14.04 6.36 7.30
C ILE K 262 -14.81 5.07 7.58
N GLN K 263 -16.14 5.10 7.46
CA GLN K 263 -16.98 3.88 7.43
C GLN K 263 -17.02 3.39 5.98
N SER K 264 -16.31 2.31 5.64
CA SER K 264 -16.15 1.81 4.24
C SER K 264 -16.19 0.28 4.18
N GLU K 265 -16.40 -0.27 2.98
CA GLU K 265 -16.33 -1.73 2.69
C GLU K 265 -15.18 -2.03 1.72
N ALA K 266 -14.47 -1.00 1.26
CA ALA K 266 -13.43 -1.07 0.21
C ALA K 266 -12.08 -1.46 0.81
N PRO K 267 -11.19 -2.14 0.06
CA PRO K 267 -9.84 -2.43 0.51
C PRO K 267 -8.89 -1.22 0.53
N ILE K 268 -7.81 -1.30 1.32
CA ILE K 268 -6.78 -0.21 1.43
C ILE K 268 -5.90 -0.25 0.17
N ASP K 269 -5.18 0.85 -0.08
CA ASP K 269 -4.12 0.99 -1.12
C ASP K 269 -3.19 2.14 -0.65
N ASN K 270 -1.91 1.87 -0.42
CA ASN K 270 -0.94 2.87 0.11
C ASN K 270 -0.15 3.50 -1.05
N SER K 271 -0.33 3.02 -2.28
CA SER K 271 0.17 3.66 -3.54
C SER K 271 -0.64 4.94 -3.80
N CYS K 272 -1.95 4.87 -3.50
CA CYS K 272 -3.01 5.87 -3.80
C CYS K 272 -3.17 6.88 -2.65
N GLU K 273 -3.36 8.16 -2.96
CA GLU K 273 -3.59 9.28 -1.98
C GLU K 273 -4.95 9.93 -2.25
N SER K 274 -5.63 10.48 -1.23
CA SER K 274 -6.94 11.17 -1.34
C SER K 274 -7.22 12.00 -0.09
N LYS K 275 -8.22 12.89 -0.15
CA LYS K 275 -8.75 13.71 0.99
C LYS K 275 -10.25 13.48 1.13
N CYS K 276 -10.83 12.68 0.24
CA CYS K 276 -12.28 12.40 0.17
C CYS K 276 -12.51 10.89 0.18
N PHE K 277 -13.50 10.42 0.94
CA PHE K 277 -13.87 9.00 1.04
C PHE K 277 -15.39 8.85 1.25
N TRP K 278 -15.94 7.70 0.85
CA TRP K 278 -17.35 7.29 1.07
C TRP K 278 -17.41 5.76 1.14
N ARG K 279 -18.61 5.18 1.32
CA ARG K 279 -18.78 3.71 1.41
C ARG K 279 -17.96 3.02 0.31
N GLY K 280 -18.12 3.47 -0.93
CA GLY K 280 -17.62 2.86 -2.18
C GLY K 280 -16.14 3.16 -2.45
N GLY K 281 -15.51 4.01 -1.63
CA GLY K 281 -14.04 4.18 -1.62
C GLY K 281 -13.60 5.63 -1.65
N SER K 282 -12.56 5.93 -2.44
CA SER K 282 -11.91 7.26 -2.55
C SER K 282 -12.52 8.06 -3.70
N ILE K 283 -12.37 9.38 -3.65
CA ILE K 283 -12.78 10.35 -4.71
C ILE K 283 -11.65 11.36 -4.85
N ASN K 284 -11.02 11.42 -6.04
CA ASN K 284 -9.78 12.20 -6.24
C ASN K 284 -10.01 13.39 -7.18
N THR K 285 -11.19 13.52 -7.82
CA THR K 285 -11.41 14.50 -8.92
C THR K 285 -11.07 15.91 -8.46
N ARG K 286 -10.27 16.58 -9.29
CA ARG K 286 -10.03 18.03 -9.22
C ARG K 286 -11.38 18.72 -9.41
N LEU K 287 -12.36 18.03 -10.03
CA LEU K 287 -13.73 18.55 -10.33
C LEU K 287 -14.38 19.12 -9.08
N PRO K 288 -15.34 20.06 -9.23
CA PRO K 288 -15.95 20.77 -8.09
C PRO K 288 -17.23 20.14 -7.52
N PHE K 289 -17.76 19.11 -8.20
CA PHE K 289 -19.01 18.39 -7.86
C PHE K 289 -18.84 16.89 -8.05
N GLN K 290 -19.86 16.12 -7.65
CA GLN K 290 -19.92 14.65 -7.76
C GLN K 290 -21.34 14.20 -7.47
N ASN K 291 -21.76 13.07 -8.05
CA ASN K 291 -23.13 12.50 -7.90
C ASN K 291 -23.03 11.06 -7.41
N LEU K 292 -21.93 10.71 -6.73
CA LEU K 292 -21.62 9.35 -6.23
C LEU K 292 -22.46 9.06 -4.98
N SER K 293 -22.40 9.93 -3.98
CA SER K 293 -23.09 9.76 -2.68
C SER K 293 -23.04 11.06 -1.89
N PRO K 294 -24.14 11.43 -1.22
CA PRO K 294 -24.17 12.58 -0.31
C PRO K 294 -23.50 12.31 1.05
N ARG K 295 -23.08 11.05 1.28
CA ARG K 295 -22.29 10.65 2.45
C ARG K 295 -20.83 10.56 2.03
N THR K 296 -20.12 11.68 2.13
CA THR K 296 -18.66 11.82 1.92
C THR K 296 -18.03 12.27 3.23
N VAL K 297 -16.69 12.20 3.33
CA VAL K 297 -15.92 12.66 4.52
C VAL K 297 -14.55 13.17 4.07
N GLY K 298 -14.12 14.28 4.68
CA GLY K 298 -12.86 14.99 4.35
C GLY K 298 -13.14 16.19 3.46
N GLN K 299 -12.12 16.66 2.74
CA GLN K 299 -12.27 17.78 1.78
C GLN K 299 -12.85 17.19 0.49
N CYS K 300 -14.09 17.55 0.12
CA CYS K 300 -14.87 16.81 -0.91
C CYS K 300 -15.63 17.74 -1.87
N PRO K 301 -15.75 17.33 -3.16
CA PRO K 301 -16.69 17.94 -4.09
C PRO K 301 -18.12 17.83 -3.57
N LYS K 302 -18.94 18.85 -3.85
CA LYS K 302 -20.32 18.95 -3.32
C LYS K 302 -21.21 17.97 -4.09
N TYR K 303 -21.98 17.16 -3.37
CA TYR K 303 -22.93 16.21 -4.00
C TYR K 303 -24.02 17.05 -4.67
N VAL K 304 -24.36 16.68 -5.90
CA VAL K 304 -25.43 17.30 -6.73
C VAL K 304 -26.32 16.20 -7.29
N ASN K 305 -27.51 16.57 -7.76
CA ASN K 305 -28.52 15.61 -8.24
C ASN K 305 -28.39 15.46 -9.76
N LYS K 306 -27.33 16.01 -10.38
CA LYS K 306 -27.21 15.95 -11.86
C LYS K 306 -26.14 14.91 -12.25
N LYS K 307 -26.50 14.07 -13.23
CA LYS K 307 -25.61 13.14 -13.96
C LYS K 307 -24.39 13.91 -14.49
N SER K 308 -24.62 15.03 -15.19
CA SER K 308 -23.57 15.81 -15.91
C SER K 308 -23.93 17.30 -15.98
N LEU K 309 -22.96 18.18 -15.70
CA LEU K 309 -22.97 19.62 -16.06
C LEU K 309 -21.77 19.91 -16.95
N MET K 310 -22.04 20.11 -18.25
CA MET K 310 -21.00 20.35 -19.27
C MET K 310 -20.72 21.85 -19.33
N LEU K 311 -19.47 22.22 -19.00
CA LEU K 311 -19.00 23.62 -18.99
C LEU K 311 -18.22 23.89 -20.27
N ALA K 312 -18.70 24.86 -21.06
CA ALA K 312 -18.09 25.31 -22.32
C ALA K 312 -16.66 25.78 -22.04
N THR K 313 -15.71 25.18 -22.78
CA THR K 313 -14.27 25.54 -22.80
C THR K 313 -13.91 26.04 -24.20
N GLY K 314 -14.87 26.65 -24.90
CA GLY K 314 -14.71 27.11 -26.29
C GLY K 314 -15.94 27.82 -26.84
N MET K 315 -15.85 28.32 -28.07
CA MET K 315 -16.85 29.24 -28.66
C MET K 315 -18.03 28.44 -29.23
N ARG K 316 -19.05 29.15 -29.75
CA ARG K 316 -20.13 28.52 -30.53
C ARG K 316 -19.51 27.78 -31.71
N ASN K 317 -19.88 26.52 -31.92
CA ASN K 317 -19.43 25.71 -33.07
C ASN K 317 -20.46 25.91 -34.20
N VAL K 318 -20.06 26.49 -35.33
CA VAL K 318 -20.93 26.52 -36.53
C VAL K 318 -20.24 25.79 -37.66
N PRO K 319 -20.79 24.64 -38.11
CA PRO K 319 -20.07 23.77 -39.05
C PRO K 319 -20.36 24.17 -40.50
N GLU K 320 -19.67 23.54 -41.46
CA GLU K 320 -19.89 23.71 -42.92
C GLU K 320 -20.81 22.60 -43.44
N GLY L 1 -24.70 36.39 -31.79
CA GLY L 1 -24.75 36.44 -30.30
C GLY L 1 -25.06 37.84 -29.80
N LEU L 2 -24.48 38.22 -28.66
CA LEU L 2 -24.55 39.60 -28.10
C LEU L 2 -23.83 40.57 -29.04
N PHE L 3 -22.71 40.14 -29.61
CA PHE L 3 -21.81 41.00 -30.41
C PHE L 3 -22.11 40.81 -31.90
N GLY L 4 -22.88 39.77 -32.23
CA GLY L 4 -23.40 39.56 -33.60
C GLY L 4 -22.33 39.03 -34.54
N ALA L 5 -21.09 38.97 -34.08
CA ALA L 5 -19.92 38.54 -34.89
C ALA L 5 -20.08 37.06 -35.20
N ILE L 6 -20.18 36.23 -34.17
CA ILE L 6 -20.15 34.74 -34.29
C ILE L 6 -21.59 34.24 -34.34
N ALA L 7 -21.85 33.27 -35.22
CA ALA L 7 -23.23 32.83 -35.53
C ALA L 7 -24.10 34.05 -35.86
N GLY L 8 -23.48 35.16 -36.28
CA GLY L 8 -24.18 36.42 -36.63
C GLY L 8 -23.92 36.79 -38.08
N PHE L 9 -23.32 37.96 -38.33
CA PHE L 9 -23.00 38.43 -39.72
C PHE L 9 -21.93 37.52 -40.35
N ILE L 10 -21.12 36.82 -39.55
CA ILE L 10 -20.23 35.76 -40.09
C ILE L 10 -21.06 34.49 -40.28
N GLU L 11 -21.36 34.16 -41.56
CA GLU L 11 -22.18 33.01 -41.99
C GLU L 11 -21.81 31.76 -41.17
N ASN L 12 -20.53 31.48 -41.00
CA ASN L 12 -20.06 30.23 -40.33
C ASN L 12 -18.56 30.26 -40.04
N GLY L 13 -18.09 29.22 -39.37
CA GLY L 13 -16.70 29.06 -38.93
C GLY L 13 -15.94 28.17 -39.89
N TRP L 14 -14.64 27.99 -39.64
CA TRP L 14 -13.66 27.47 -40.63
C TRP L 14 -13.02 26.16 -40.14
N GLU L 15 -13.62 25.00 -40.46
CA GLU L 15 -13.15 23.67 -40.00
C GLU L 15 -11.68 23.53 -40.39
N GLY L 16 -11.33 24.11 -41.54
CA GLY L 16 -9.94 24.18 -42.06
C GLY L 16 -8.97 24.82 -41.08
N MET L 17 -9.43 25.77 -40.25
CA MET L 17 -8.52 26.61 -39.42
C MET L 17 -8.20 25.89 -38.11
N VAL L 18 -7.08 25.17 -38.07
CA VAL L 18 -6.72 24.26 -36.96
C VAL L 18 -5.48 24.80 -36.23
N ASP L 19 -5.04 26.02 -36.57
CA ASP L 19 -3.81 26.64 -36.01
C ASP L 19 -4.22 27.78 -35.06
N GLY L 20 -5.52 27.90 -34.76
CA GLY L 20 -6.07 28.97 -33.92
C GLY L 20 -7.60 28.97 -33.91
N TRP L 21 -8.20 30.04 -33.38
CA TRP L 21 -9.66 30.23 -33.16
C TRP L 21 -10.21 31.31 -34.11
N TYR L 22 -9.48 32.42 -34.20
CA TYR L 22 -9.77 33.62 -35.01
C TYR L 22 -8.67 33.81 -36.06
N GLY L 23 -9.05 34.04 -37.32
CA GLY L 23 -8.07 34.15 -38.41
C GLY L 23 -8.56 34.96 -39.59
N PHE L 24 -7.73 35.00 -40.63
CA PHE L 24 -7.96 35.75 -41.89
C PHE L 24 -7.98 34.82 -43.09
N ARG L 25 -8.63 35.29 -44.15
CA ARG L 25 -8.64 34.66 -45.51
C ARG L 25 -8.66 35.77 -46.55
N HIS L 26 -7.51 36.03 -47.16
CA HIS L 26 -7.32 37.00 -48.28
C HIS L 26 -7.44 36.27 -49.62
N GLN L 27 -7.98 36.92 -50.64
CA GLN L 27 -7.79 36.53 -52.06
C GLN L 27 -7.43 37.81 -52.83
N ASN L 28 -6.37 37.74 -53.63
CA ASN L 28 -5.79 38.89 -54.36
C ASN L 28 -5.27 38.40 -55.71
N ALA L 29 -4.51 39.24 -56.41
CA ALA L 29 -3.72 38.91 -57.62
C ALA L 29 -2.98 37.57 -57.41
N GLN L 30 -2.15 37.47 -56.36
CA GLN L 30 -1.38 36.24 -56.01
C GLN L 30 -2.33 35.04 -55.92
N GLY L 31 -3.48 35.20 -55.25
CA GLY L 31 -4.50 34.16 -55.05
C GLY L 31 -4.85 34.00 -53.58
N THR L 32 -5.55 32.91 -53.22
CA THR L 32 -6.08 32.66 -51.86
C THR L 32 -4.95 32.28 -50.89
N GLY L 33 -5.29 32.18 -49.60
CA GLY L 33 -4.36 31.90 -48.50
C GLY L 33 -5.01 32.20 -47.15
N GLN L 34 -4.81 31.32 -46.17
CA GLN L 34 -5.39 31.39 -44.80
C GLN L 34 -4.27 31.57 -43.78
N ALA L 35 -4.57 32.19 -42.63
CA ALA L 35 -3.64 32.35 -41.48
C ALA L 35 -4.42 32.81 -40.25
N ALA L 36 -4.12 32.21 -39.10
CA ALA L 36 -4.81 32.47 -37.82
C ALA L 36 -4.16 33.66 -37.11
N ASP L 37 -4.93 34.40 -36.31
CA ASP L 37 -4.45 35.56 -35.49
C ASP L 37 -4.26 35.08 -34.06
N TYR L 38 -3.01 35.00 -33.60
CA TYR L 38 -2.63 34.42 -32.30
C TYR L 38 -3.15 35.34 -31.19
N LYS L 39 -2.82 36.63 -31.29
CA LYS L 39 -3.03 37.62 -30.20
C LYS L 39 -4.50 37.56 -29.70
N SER L 40 -5.47 37.41 -30.61
CA SER L 40 -6.92 37.34 -30.28
C SER L 40 -7.27 35.92 -29.82
N THR L 41 -6.89 34.90 -30.60
CA THR L 41 -7.09 33.47 -30.27
C THR L 41 -6.60 33.21 -28.83
N GLN L 42 -5.47 33.81 -28.43
CA GLN L 42 -4.88 33.61 -27.08
C GLN L 42 -5.79 34.27 -26.03
N ALA L 43 -6.18 35.52 -26.25
CA ALA L 43 -7.01 36.31 -25.31
C ALA L 43 -8.26 35.51 -24.87
N ALA L 44 -8.90 34.79 -25.79
CA ALA L 44 -10.13 33.99 -25.53
C ALA L 44 -9.80 32.77 -24.68
N ILE L 45 -8.77 32.03 -25.10
CA ILE L 45 -8.19 30.89 -24.34
C ILE L 45 -7.81 31.40 -22.92
N ASP L 46 -6.86 32.32 -22.81
CA ASP L 46 -6.38 32.88 -21.51
C ASP L 46 -7.57 33.13 -20.57
N GLN L 47 -8.70 33.62 -21.10
CA GLN L 47 -9.93 33.94 -20.33
C GLN L 47 -10.60 32.64 -19.87
N ILE L 48 -10.74 31.65 -20.75
CA ILE L 48 -11.36 30.34 -20.38
C ILE L 48 -10.41 29.62 -19.39
N THR L 49 -9.11 29.57 -19.69
CA THR L 49 -8.08 29.05 -18.76
C THR L 49 -8.40 29.56 -17.35
N GLY L 50 -8.52 30.88 -17.20
CA GLY L 50 -8.79 31.53 -15.91
C GLY L 50 -10.08 31.04 -15.27
N LYS L 51 -11.13 30.86 -16.07
CA LYS L 51 -12.45 30.32 -15.64
C LYS L 51 -12.19 28.94 -15.01
N LEU L 52 -11.55 28.06 -15.76
CA LEU L 52 -11.23 26.68 -15.30
C LEU L 52 -10.44 26.73 -13.98
N ASN L 53 -9.42 27.60 -13.87
CA ASN L 53 -8.65 27.79 -12.61
C ASN L 53 -9.59 28.08 -11.45
N ARG L 54 -10.52 29.03 -11.63
CA ARG L 54 -11.53 29.39 -10.59
C ARG L 54 -12.46 28.20 -10.29
N ILE L 55 -13.01 27.58 -11.34
CA ILE L 55 -14.16 26.65 -11.27
C ILE L 55 -13.70 25.25 -10.85
N ILE L 56 -12.57 24.75 -11.39
CA ILE L 56 -12.12 23.33 -11.15
C ILE L 56 -11.37 23.28 -9.82
N LYS L 57 -12.12 23.29 -8.73
CA LYS L 57 -11.62 23.52 -7.36
C LYS L 57 -12.67 23.03 -6.36
N LYS L 58 -12.25 22.27 -5.34
CA LYS L 58 -13.08 21.88 -4.18
C LYS L 58 -12.61 22.69 -2.98
N THR L 59 -13.37 22.70 -1.87
CA THR L 59 -12.99 23.49 -0.65
C THR L 59 -11.85 22.75 0.06
N ASN L 60 -11.29 23.34 1.12
CA ASN L 60 -10.32 22.65 2.00
C ASN L 60 -10.99 22.43 3.36
N THR L 61 -12.32 22.24 3.36
CA THR L 61 -13.15 21.96 4.56
C THR L 61 -13.24 20.44 4.75
N GLU L 62 -12.61 19.91 5.81
CA GLU L 62 -12.67 18.50 6.22
C GLU L 62 -14.05 18.27 6.84
N PHE L 63 -14.90 17.44 6.23
CA PHE L 63 -16.24 17.10 6.78
C PHE L 63 -16.22 15.74 7.51
N GLU L 64 -16.52 15.75 8.82
CA GLU L 64 -16.78 14.54 9.65
C GLU L 64 -18.09 13.90 9.16
N SER L 65 -18.22 12.58 9.28
CA SER L 65 -19.48 11.84 8.99
C SER L 65 -20.50 12.11 10.10
N ILE L 66 -21.73 12.50 9.77
CA ILE L 66 -22.83 12.64 10.77
C ILE L 66 -23.89 11.57 10.50
N GLU L 67 -23.66 10.69 9.53
CA GLU L 67 -24.55 9.53 9.25
C GLU L 67 -23.71 8.24 9.36
N SER L 68 -24.12 7.31 10.23
CA SER L 68 -23.48 5.98 10.34
C SER L 68 -23.97 5.10 9.21
N GLU L 69 -23.06 4.51 8.43
CA GLU L 69 -23.39 3.66 7.26
C GLU L 69 -23.77 2.27 7.78
N PHE L 70 -23.30 1.87 8.97
CA PHE L 70 -23.49 0.53 9.57
C PHE L 70 -24.50 0.58 10.73
N SER L 71 -24.31 1.48 11.70
CA SER L 71 -25.25 1.72 12.84
C SER L 71 -26.52 2.40 12.31
N GLU L 72 -27.62 2.35 13.06
CA GLU L 72 -28.87 3.13 12.79
C GLU L 72 -28.92 4.30 13.78
N ILE L 73 -29.03 5.53 13.28
CA ILE L 73 -29.01 6.79 14.10
C ILE L 73 -30.47 7.09 14.51
N ASP L 74 -30.68 7.78 15.64
CA ASP L 74 -32.02 8.16 16.17
C ASP L 74 -32.87 8.73 15.02
N HIS L 75 -34.16 8.36 14.93
CA HIS L 75 -35.06 8.73 13.79
C HIS L 75 -35.35 10.24 13.80
N GLN L 76 -35.51 10.87 14.97
CA GLN L 76 -35.81 12.34 15.05
C GLN L 76 -34.62 13.13 14.51
N ILE L 77 -33.43 12.91 15.07
CA ILE L 77 -32.17 13.59 14.63
C ILE L 77 -31.87 13.22 13.18
N GLY L 78 -31.96 11.94 12.81
CA GLY L 78 -31.71 11.46 11.44
C GLY L 78 -32.60 12.16 10.43
N ASN L 79 -33.89 12.35 10.73
CA ASN L 79 -34.87 13.06 9.87
C ASN L 79 -34.35 14.50 9.68
N VAL L 80 -33.92 15.18 10.75
CA VAL L 80 -33.34 16.57 10.69
C VAL L 80 -32.17 16.54 9.72
N ILE L 81 -31.18 15.67 9.96
CA ILE L 81 -29.98 15.53 9.10
C ILE L 81 -30.44 15.35 7.66
N ASN L 82 -31.29 14.36 7.37
CA ASN L 82 -31.77 14.09 5.99
C ASN L 82 -32.24 15.41 5.37
N TRP L 83 -33.10 16.17 6.07
CA TRP L 83 -33.64 17.46 5.59
C TRP L 83 -32.50 18.46 5.40
N THR L 84 -31.72 18.76 6.46
CA THR L 84 -30.56 19.69 6.41
C THR L 84 -29.75 19.36 5.14
N LYS L 85 -29.31 18.11 4.97
CA LYS L 85 -28.50 17.65 3.81
C LYS L 85 -29.26 17.89 2.52
N ASP L 86 -30.41 17.25 2.32
CA ASP L 86 -31.18 17.34 1.06
C ASP L 86 -31.35 18.82 0.66
N SER L 87 -31.52 19.74 1.63
CA SER L 87 -31.64 21.21 1.38
C SER L 87 -30.30 21.78 0.89
N ILE L 88 -29.19 21.33 1.46
CA ILE L 88 -27.79 21.73 1.09
C ILE L 88 -27.53 21.24 -0.33
N THR L 89 -27.71 19.93 -0.54
CA THR L 89 -27.58 19.20 -1.82
C THR L 89 -28.48 19.88 -2.88
N ASP L 90 -29.65 20.40 -2.49
CA ASP L 90 -30.54 21.10 -3.45
C ASP L 90 -29.92 22.43 -3.87
N ILE L 91 -29.38 23.18 -2.91
CA ILE L 91 -28.64 24.45 -3.18
C ILE L 91 -27.49 24.14 -4.14
N TRP L 92 -26.54 23.30 -3.75
CA TRP L 92 -25.30 23.01 -4.55
C TRP L 92 -25.65 22.54 -5.96
N THR L 93 -26.68 21.73 -6.09
CA THR L 93 -27.25 21.34 -7.41
C THR L 93 -27.54 22.62 -8.19
N TYR L 94 -28.28 23.56 -7.58
CA TYR L 94 -28.69 24.85 -8.21
C TYR L 94 -27.46 25.74 -8.41
N GLN L 95 -26.69 26.02 -7.35
CA GLN L 95 -25.52 26.95 -7.36
C GLN L 95 -24.57 26.56 -8.50
N ALA L 96 -24.56 25.27 -8.87
CA ALA L 96 -23.71 24.65 -9.91
C ALA L 96 -24.37 24.79 -11.28
N GLU L 97 -25.63 24.35 -11.40
CA GLU L 97 -26.41 24.43 -12.66
C GLU L 97 -26.37 25.87 -13.17
N LEU L 98 -26.43 26.83 -12.26
CA LEU L 98 -26.32 28.27 -12.58
C LEU L 98 -24.85 28.64 -12.88
N LEU L 99 -23.87 28.33 -12.02
CA LEU L 99 -22.42 28.63 -12.32
C LEU L 99 -22.16 28.23 -13.76
N VAL L 100 -22.35 26.96 -14.09
CA VAL L 100 -21.99 26.44 -15.44
C VAL L 100 -22.79 27.22 -16.47
N ALA L 101 -24.10 27.27 -16.35
CA ALA L 101 -24.98 27.92 -17.36
C ALA L 101 -24.52 29.34 -17.60
N MET L 102 -24.27 30.12 -16.55
CA MET L 102 -23.85 31.56 -16.67
C MET L 102 -22.47 31.62 -17.33
N GLU L 103 -21.50 30.87 -16.81
CA GLU L 103 -20.11 30.89 -17.33
C GLU L 103 -20.17 30.46 -18.80
N ASN L 104 -21.03 29.51 -19.16
CA ASN L 104 -21.20 29.07 -20.57
C ASN L 104 -21.69 30.26 -21.41
N GLN L 105 -22.72 30.97 -20.96
CA GLN L 105 -23.27 32.13 -21.70
C GLN L 105 -22.16 33.16 -21.90
N HIS L 106 -21.41 33.45 -20.84
CA HIS L 106 -20.32 34.45 -20.86
C HIS L 106 -19.19 33.95 -21.77
N THR L 107 -18.78 32.68 -21.66
CA THR L 107 -17.71 32.08 -22.50
C THR L 107 -18.08 32.36 -23.96
N ILE L 108 -19.26 31.94 -24.40
CA ILE L 108 -19.75 32.10 -25.81
C ILE L 108 -19.64 33.56 -26.27
N ASP L 109 -20.26 34.45 -25.52
CA ASP L 109 -20.38 35.88 -25.87
C ASP L 109 -18.99 36.49 -25.77
N MET L 110 -18.16 36.02 -24.85
CA MET L 110 -16.77 36.54 -24.72
C MET L 110 -16.04 36.26 -26.02
N ALA L 111 -16.15 35.03 -26.55
CA ALA L 111 -15.57 34.67 -27.85
C ALA L 111 -16.14 35.59 -28.91
N ASP L 112 -17.47 35.66 -28.98
CA ASP L 112 -18.27 36.53 -29.88
C ASP L 112 -17.62 37.91 -29.95
N SER L 113 -17.32 38.52 -28.80
CA SER L 113 -16.66 39.84 -28.66
C SER L 113 -15.26 39.79 -29.30
N GLU L 114 -14.41 38.83 -28.91
CA GLU L 114 -12.98 38.84 -29.33
C GLU L 114 -12.89 38.72 -30.86
N MET L 115 -13.97 38.29 -31.51
CA MET L 115 -14.11 38.31 -33.00
C MET L 115 -14.37 39.76 -33.46
N LEU L 116 -15.52 40.33 -33.08
CA LEU L 116 -15.92 41.72 -33.41
C LEU L 116 -14.73 42.64 -33.13
N ASN L 117 -14.09 42.44 -31.97
CA ASN L 117 -12.88 43.20 -31.56
C ASN L 117 -11.83 43.16 -32.67
N LEU L 118 -11.61 42.00 -33.30
CA LEU L 118 -10.67 41.86 -34.43
C LEU L 118 -11.19 42.65 -35.65
N TYR L 119 -12.36 42.28 -36.18
CA TYR L 119 -13.04 42.97 -37.32
C TYR L 119 -12.87 44.49 -37.17
N GLU L 120 -13.24 45.06 -36.02
CA GLU L 120 -13.19 46.52 -35.78
C GLU L 120 -11.75 47.01 -35.81
N ARG L 121 -10.82 46.30 -35.17
CA ARG L 121 -9.36 46.62 -35.21
C ARG L 121 -8.93 46.78 -36.68
N VAL L 122 -9.31 45.82 -37.52
CA VAL L 122 -8.87 45.73 -38.95
C VAL L 122 -9.57 46.82 -39.76
N ARG L 123 -10.90 46.89 -39.69
CA ARG L 123 -11.71 47.95 -40.35
C ARG L 123 -11.01 49.30 -40.15
N LYS L 124 -10.57 49.60 -38.93
CA LYS L 124 -10.02 50.92 -38.55
C LYS L 124 -8.62 51.09 -39.16
N GLN L 125 -7.86 50.01 -39.33
CA GLN L 125 -6.58 49.98 -40.10
C GLN L 125 -6.86 50.33 -41.57
N LEU L 126 -7.77 49.61 -42.21
CA LEU L 126 -8.07 49.75 -43.67
C LEU L 126 -8.72 51.10 -43.97
N ARG L 127 -9.18 51.83 -42.95
CA ARG L 127 -9.70 53.22 -43.04
C ARG L 127 -10.63 53.36 -44.27
N GLN L 128 -10.28 54.21 -45.24
CA GLN L 128 -11.14 54.53 -46.41
C GLN L 128 -10.72 53.71 -47.63
N ASN L 129 -9.79 52.76 -47.46
CA ASN L 129 -9.16 52.01 -48.57
C ASN L 129 -9.87 50.68 -48.79
N ALA L 130 -10.97 50.43 -48.07
CA ALA L 130 -11.80 49.20 -48.17
C ALA L 130 -13.21 49.47 -47.66
N GLU L 131 -14.10 48.49 -47.88
CA GLU L 131 -15.54 48.57 -47.52
C GLU L 131 -16.02 47.22 -46.97
N GLU L 132 -16.97 47.27 -46.06
CA GLU L 132 -17.55 46.09 -45.37
C GLU L 132 -18.59 45.48 -46.30
N ASP L 133 -18.46 44.17 -46.58
CA ASP L 133 -19.34 43.39 -47.50
C ASP L 133 -20.54 42.81 -46.75
N GLY L 134 -20.53 42.87 -45.42
CA GLY L 134 -21.65 42.51 -44.55
C GLY L 134 -21.55 41.07 -44.05
N LYS L 135 -20.58 40.31 -44.55
CA LYS L 135 -20.35 38.88 -44.18
C LYS L 135 -18.98 38.74 -43.51
N GLY L 136 -18.43 39.84 -42.99
CA GLY L 136 -17.23 39.77 -42.14
C GLY L 136 -15.94 39.79 -42.96
N CYS L 137 -16.04 40.24 -44.21
CA CYS L 137 -14.89 40.51 -45.11
C CYS L 137 -14.85 41.99 -45.47
N PHE L 138 -13.66 42.45 -45.85
CA PHE L 138 -13.42 43.77 -46.46
C PHE L 138 -13.03 43.56 -47.93
N GLU L 139 -13.87 44.05 -48.84
CA GLU L 139 -13.44 44.33 -50.23
C GLU L 139 -12.43 45.47 -50.15
N ILE L 140 -11.16 45.16 -50.43
CA ILE L 140 -10.05 46.16 -50.53
C ILE L 140 -10.09 46.75 -51.93
N TYR L 141 -10.13 48.08 -52.02
CA TYR L 141 -10.28 48.82 -53.29
C TYR L 141 -8.89 49.21 -53.84
N HIS L 142 -7.88 48.38 -53.58
CA HIS L 142 -6.54 48.54 -54.18
C HIS L 142 -5.86 47.17 -54.31
N ALA L 143 -4.79 47.14 -55.08
CA ALA L 143 -3.91 45.97 -55.26
C ALA L 143 -3.22 45.68 -53.92
N CYS L 144 -3.38 44.47 -53.40
CA CYS L 144 -2.84 44.05 -52.08
C CYS L 144 -2.21 42.66 -52.22
N ASP L 145 -0.88 42.59 -52.29
CA ASP L 145 -0.08 41.32 -52.42
C ASP L 145 0.05 40.65 -51.06
N ASP L 146 0.61 39.44 -51.03
CA ASP L 146 0.88 38.67 -49.80
C ASP L 146 1.74 39.50 -48.85
N SER L 147 2.53 40.45 -49.33
CA SER L 147 3.25 41.47 -48.52
C SER L 147 2.24 42.40 -47.83
N CYS L 148 1.35 43.00 -48.62
CA CYS L 148 0.30 43.97 -48.16
C CYS L 148 -0.67 43.26 -47.21
N MET L 149 -1.08 42.02 -47.50
CA MET L 149 -2.01 41.22 -46.65
C MET L 149 -1.35 40.96 -45.29
N GLU L 150 -0.15 40.37 -45.27
CA GLU L 150 0.61 40.08 -44.03
C GLU L 150 0.81 41.39 -43.24
N SER L 151 0.77 42.55 -43.90
CA SER L 151 0.88 43.88 -43.24
C SER L 151 -0.42 44.22 -42.51
N ILE L 152 -1.57 43.68 -42.96
CA ILE L 152 -2.88 43.84 -42.27
C ILE L 152 -2.88 42.95 -41.02
N ARG L 153 -2.69 41.64 -41.22
CA ARG L 153 -2.64 40.60 -40.16
C ARG L 153 -1.62 40.99 -39.07
N ASN L 154 -0.54 41.68 -39.42
CA ASN L 154 0.57 42.09 -38.51
C ASN L 154 0.21 43.43 -37.84
N ASN L 155 -0.91 44.04 -38.22
CA ASN L 155 -1.36 45.39 -37.80
C ASN L 155 -0.27 46.44 -38.09
N THR L 156 0.29 46.39 -39.29
CA THR L 156 1.35 47.33 -39.77
C THR L 156 0.83 48.11 -41.00
N TYR L 157 -0.14 47.57 -41.74
CA TYR L 157 -0.77 48.19 -42.94
C TYR L 157 -1.03 49.67 -42.68
N ASP L 158 -0.59 50.52 -43.60
CA ASP L 158 -0.73 52.01 -43.58
C ASP L 158 -1.68 52.43 -44.70
N HIS L 159 -2.84 53.00 -44.37
CA HIS L 159 -3.89 53.44 -45.35
C HIS L 159 -3.32 54.48 -46.31
N SER L 160 -2.59 55.49 -45.80
CA SER L 160 -2.07 56.64 -46.59
C SER L 160 -1.22 56.12 -47.76
N GLN L 161 -0.49 55.04 -47.54
CA GLN L 161 0.44 54.37 -48.51
C GLN L 161 -0.35 53.79 -49.71
N TYR L 162 -1.66 53.60 -49.63
CA TYR L 162 -2.50 53.11 -50.76
C TYR L 162 -3.73 54.00 -50.96
N ARG L 163 -3.81 55.10 -50.20
CA ARG L 163 -5.08 55.84 -49.96
C ARG L 163 -5.61 56.37 -51.30
N GLU L 164 -4.74 57.03 -52.09
CA GLU L 164 -5.12 57.65 -53.38
C GLU L 164 -5.61 56.53 -54.30
N GLU L 165 -4.78 55.51 -54.53
CA GLU L 165 -5.10 54.34 -55.39
C GLU L 165 -6.52 53.82 -55.07
N ALA L 166 -6.82 53.70 -53.78
CA ALA L 166 -8.10 53.14 -53.27
C ALA L 166 -9.24 54.11 -53.54
N LEU L 167 -9.10 55.36 -53.07
CA LEU L 167 -10.16 56.41 -53.14
C LEU L 167 -10.65 56.58 -54.58
N LEU L 168 -9.76 56.42 -55.55
CA LEU L 168 -10.07 56.61 -57.00
C LEU L 168 -10.89 55.40 -57.47
N ASN L 169 -10.39 54.18 -57.22
CA ASN L 169 -11.10 52.92 -57.56
C ASN L 169 -12.52 52.92 -56.98
N ARG L 170 -12.71 53.59 -55.84
CA ARG L 170 -13.98 53.63 -55.06
C ARG L 170 -15.00 54.53 -55.76
N LEU L 171 -14.60 55.75 -56.15
CA LEU L 171 -15.50 56.78 -56.76
C LEU L 171 -15.73 56.48 -58.25
N ASN L 172 -14.72 55.95 -58.95
CA ASN L 172 -14.86 55.26 -60.26
C ASN L 172 -15.30 56.26 -61.33
#